data_5X2O
#
_entry.id   5X2O
#
_cell.length_a   98.905
_cell.length_b   113.677
_cell.length_c   128.636
_cell.angle_alpha   90.00
_cell.angle_beta   92.23
_cell.angle_gamma   90.00
#
_symmetry.space_group_name_H-M   'P 1 21 1'
#
loop_
_entity.id
_entity.type
_entity.pdbx_description
1 polymer 'Taste receptor, type 1, member 2a'
2 polymer 'Taste receptor, type 1, member 3'
3 polymer 'Fab16A Heavy chain'
4 polymer 'Fab16A Light chain'
5 non-polymer 2-acetamido-2-deoxy-beta-D-glucopyranose
6 non-polymer ARGININE
7 non-polymer 'SODIUM ION'
8 non-polymer 'CHLORIDE ION'
9 non-polymer 'CALCIUM ION'
10 water water
#
loop_
_entity_poly.entity_id
_entity_poly.type
_entity_poly.pdbx_seq_one_letter_code
_entity_poly.pdbx_strand_id
1 'polypeptide(L)'
;QSTDQTSEFHLRGDYLIGGLFNIHYVAAANFQRPQAIDCSSKLFILPNYRRFQMMRFSVEEINNSSSLLPNVSLGYQMFD
HCSDIHSFPGIFKLLSVNDLIRPWEDASTGLPNAIGVVGPFTSTHALSIAPIFMTNLFPMVSYGCSGSVFSKENLYPSFL
RTVHSNKDVINAIVGIILNFNWRWVAFLYSDDDFGKDGLEQFKNKIEDSEICLAFYKAINVNTDYLQVFKQIEEQNIKVI
VVFAPKVYAEAVVESAVQLNVTNKVWIADDGWSLNKKLPSMNGIQNIGTVLGVAQPVVTIPGFTDFIYSAISQTDGGDTE
QKMFCNQKCNCSNLSVKSLLNADPSFSFPVYAAVYAIAHALHNTLRCGSDRCPKNITVHPHMILEELKKSNFTLLNQTVQ
FDENGDPKFGSLSVVFWNSSGNAEEVGSYHFQSSIHLSINKTKIKWFTNGEVPTSSGIEGR
;
A,C
2 'polypeptide(L)'
;SPNWFNNISTDLFSMPGDIKLGGLFPIKEQSNEVSNDLTKLNSVSCDSLNKDGLGRALVMKYAVEEINANSQLLPGVKLG
YKIYNTCRHSAVIVRPALSFLTEKSNGTLSVECNYTDYETDMVAVIGPQSSEMVTVIGKLLGFFLMPQISFGATSDKFSD
SLVYPSFFRTVPSDIRQVDAMVQLIKKFNWNWVAVVGSEEEYGQQGVQQFSKKAEDMGVCVAYQGLIPIYDDPKPAIQTI
INNIQTTEVKVVVVFSLVSPAVSFFEEVIKKNLTGVWIASSSWAISDKVYSLPNIDSIGTVIGFIDETETLELLSPFTEV
LFKKIHEASPTEKPEDPYNPCPECWSLSPANVSLVKEESVQRTAFSVYAAVYTVAHALHKLLECNSAACKWSSSTRLYPW
KLLEVLKEFSVNISNTSLKFDQNGNPNIGYSVIQRIWENQSLSSVGSYRSANLSINETLFKWYTNNSEKPESSGIEGR
;
B,D
3 'polypeptide(L)'
;EVQLQQSGPELVKPGASMKISCKASGYSFTGYSMNWVKQSHGKNLEWIGLINPYNGDTTYKQKFKGKATLTVDRSSSTAY
MELLRLTSEDSAVYYCARSGRGAPTTTTAWFTYWGQGTLVTVSAAKTTPPSVYPLAPGSAAQTNSMVTLGCLVKGYFPEP
VTVTWNSGSLSSGVHTFPAVLQSDLYTLSSSVTVPSSTWPSETVTCNVAHPASSTKVDKKIVPRD
;
H,J
4 'polypeptide(L)'
;DIVLTQSPASLAVSLGQRATISCRASESVDSYGNSFMHWYQQKPGQPPILLISRASNLESGIPARFSGSGSRTDFTLTIN
PVEADDFATYYCQQTNEDPRTFGGGTKLEIKRADAAPTVSIFPPSSEQLTSGGASVVCFLNNFYPKDINVKWKIDGSERQ
NGVLNSWTDQDSKDSTYSMSSTLTLTKDEYERHNSYTCEATHKTSTSPIVKSFNRNE
;
L,K
#
loop_
_chem_comp.id
_chem_comp.type
_chem_comp.name
_chem_comp.formula
CA non-polymer 'CALCIUM ION' 'Ca 2'
CL non-polymer 'CHLORIDE ION' 'Cl -1'
NA non-polymer 'SODIUM ION' 'Na 1'
NAG D-saccharide, beta linking 2-acetamido-2-deoxy-beta-D-glucopyranose 'C8 H15 N O6'
#
# COMPACT_ATOMS: atom_id res chain seq x y z
N THR A 6 -51.44 -32.29 -40.51
CA THR A 6 -50.10 -31.74 -40.27
C THR A 6 -50.13 -30.23 -40.17
N SER A 7 -50.29 -29.75 -38.94
CA SER A 7 -50.37 -28.31 -38.66
C SER A 7 -49.00 -27.67 -38.61
N GLU A 8 -48.99 -26.38 -38.94
CA GLU A 8 -47.78 -25.57 -38.85
C GLU A 8 -47.30 -25.36 -37.43
N PHE A 9 -48.25 -25.42 -36.49
CA PHE A 9 -48.01 -25.08 -35.10
C PHE A 9 -47.43 -26.24 -34.33
N HIS A 10 -47.56 -27.43 -34.89
CA HIS A 10 -47.11 -28.62 -34.19
C HIS A 10 -46.11 -29.31 -35.10
N LEU A 11 -45.27 -30.13 -34.49
CA LEU A 11 -44.22 -30.91 -35.15
C LEU A 11 -43.60 -31.83 -34.09
N ARG A 12 -43.80 -33.13 -34.25
CA ARG A 12 -43.26 -34.08 -33.27
C ARG A 12 -41.74 -34.15 -33.28
N GLY A 13 -41.17 -34.65 -32.19
CA GLY A 13 -39.73 -34.72 -32.08
C GLY A 13 -39.31 -35.39 -30.79
N ASP A 14 -38.04 -35.72 -30.70
CA ASP A 14 -37.52 -36.38 -29.53
C ASP A 14 -37.49 -35.40 -28.36
N TYR A 15 -37.29 -34.13 -28.65
CA TYR A 15 -37.39 -33.09 -27.61
C TYR A 15 -38.17 -31.91 -28.16
N LEU A 16 -39.08 -31.40 -27.34
CA LEU A 16 -39.94 -30.30 -27.74
C LEU A 16 -39.43 -28.95 -27.23
N ILE A 17 -39.41 -27.98 -28.12
CA ILE A 17 -39.18 -26.60 -27.75
C ILE A 17 -40.48 -25.85 -27.96
N GLY A 18 -40.85 -24.98 -27.02
CA GLY A 18 -42.06 -24.17 -27.18
C GLY A 18 -41.82 -22.97 -28.09
N GLY A 19 -42.91 -22.39 -28.58
CA GLY A 19 -42.81 -21.21 -29.43
C GLY A 19 -43.95 -20.24 -29.17
N LEU A 20 -43.62 -19.09 -28.57
CA LEU A 20 -44.65 -18.09 -28.25
C LEU A 20 -44.67 -16.92 -29.20
N PHE A 21 -45.75 -16.79 -29.96
CA PHE A 21 -45.85 -15.75 -30.96
C PHE A 21 -47.22 -15.11 -30.85
N ASN A 22 -47.31 -13.85 -31.21
CA ASN A 22 -48.61 -13.25 -31.38
C ASN A 22 -48.73 -12.90 -32.85
N ILE A 23 -49.38 -13.81 -33.58
CA ILE A 23 -49.53 -13.73 -35.03
C ILE A 23 -50.72 -12.85 -35.33
N HIS A 24 -51.70 -12.88 -34.43
CA HIS A 24 -52.86 -11.99 -34.54
C HIS A 24 -52.84 -10.90 -33.49
N TYR A 25 -53.59 -9.82 -33.75
CA TYR A 25 -53.71 -8.74 -32.78
C TYR A 25 -55.17 -8.46 -32.42
N VAL A 26 -55.40 -8.14 -31.15
CA VAL A 26 -56.71 -7.70 -30.71
C VAL A 26 -56.55 -6.83 -29.47
N ALA A 27 -57.21 -5.68 -29.46
CA ALA A 27 -57.12 -4.82 -28.30
C ALA A 27 -57.82 -5.48 -27.12
N ALA A 28 -57.36 -5.18 -25.92
CA ALA A 28 -57.91 -5.79 -24.72
C ALA A 28 -59.39 -5.44 -24.59
N ALA A 29 -60.15 -6.36 -24.01
CA ALA A 29 -61.59 -6.21 -23.90
C ALA A 29 -62.11 -7.05 -22.74
N ASN A 30 -63.15 -6.57 -22.08
CA ASN A 30 -63.74 -7.29 -20.96
C ASN A 30 -64.27 -8.64 -21.38
N PHE A 31 -64.11 -9.64 -20.53
CA PHE A 31 -64.59 -10.99 -20.85
C PHE A 31 -65.23 -11.63 -19.63
N GLN A 32 -66.29 -12.40 -19.84
CA GLN A 32 -67.10 -12.92 -18.73
C GLN A 32 -66.89 -14.40 -18.49
N ARG A 33 -66.05 -15.04 -19.31
CA ARG A 33 -65.83 -16.47 -19.21
C ARG A 33 -64.34 -16.83 -19.17
N PRO A 34 -64.00 -17.91 -18.44
CA PRO A 34 -62.65 -18.41 -18.23
C PRO A 34 -62.20 -19.40 -19.30
N GLN A 35 -61.79 -18.86 -20.45
CA GLN A 35 -61.57 -19.68 -21.63
C GLN A 35 -60.72 -18.90 -22.61
N ALA A 36 -60.08 -19.61 -23.54
CA ALA A 36 -59.21 -18.97 -24.53
C ALA A 36 -59.97 -18.08 -25.50
N ILE A 37 -59.20 -17.26 -26.21
CA ILE A 37 -59.68 -16.37 -27.26
C ILE A 37 -59.47 -16.99 -28.64
N ASP A 38 -60.46 -16.84 -29.51
CA ASP A 38 -60.28 -17.18 -30.93
C ASP A 38 -59.44 -16.12 -31.65
N CYS A 39 -58.12 -16.27 -31.61
CA CYS A 39 -57.25 -15.26 -32.20
C CYS A 39 -57.33 -15.33 -33.70
N SER A 40 -57.66 -16.50 -34.20
CA SER A 40 -57.68 -16.75 -35.64
C SER A 40 -58.64 -15.83 -36.38
N SER A 41 -59.64 -15.29 -35.70
CA SER A 41 -60.59 -14.40 -36.39
C SER A 41 -60.26 -12.95 -36.16
N LYS A 42 -59.03 -12.71 -35.73
CA LYS A 42 -58.58 -11.36 -35.40
C LYS A 42 -57.65 -10.78 -36.47
N LEU A 43 -57.01 -9.66 -36.17
CA LEU A 43 -56.16 -8.99 -37.17
C LEU A 43 -54.80 -9.64 -37.33
N PHE A 44 -54.60 -10.24 -38.49
CA PHE A 44 -53.34 -10.86 -38.88
C PHE A 44 -52.16 -9.88 -38.84
N ILE A 45 -51.00 -10.35 -38.43
CA ILE A 45 -49.78 -9.57 -38.51
C ILE A 45 -48.78 -10.28 -39.41
N LEU A 46 -48.50 -9.67 -40.56
CA LEU A 46 -47.61 -10.27 -41.53
C LEU A 46 -46.17 -10.38 -40.98
N PRO A 47 -45.62 -9.30 -40.37
CA PRO A 47 -44.25 -9.51 -39.83
C PRO A 47 -44.12 -10.53 -38.69
N ASN A 48 -45.16 -10.73 -37.89
CA ASN A 48 -45.08 -11.69 -36.79
C ASN A 48 -45.14 -13.15 -37.26
N TYR A 49 -46.05 -13.40 -38.19
CA TYR A 49 -46.15 -14.69 -38.86
C TYR A 49 -44.81 -15.02 -39.54
N ARG A 50 -44.14 -14.00 -40.05
CA ARG A 50 -42.84 -14.23 -40.64
C ARG A 50 -41.84 -14.71 -39.60
N ARG A 51 -41.76 -14.04 -38.45
CA ARG A 51 -40.88 -14.50 -37.37
C ARG A 51 -41.28 -15.89 -36.93
N PHE A 52 -42.60 -16.12 -36.91
CA PHE A 52 -43.22 -17.43 -36.65
C PHE A 52 -42.59 -18.47 -37.55
N GLN A 53 -42.55 -18.17 -38.84
CA GLN A 53 -41.98 -19.09 -39.80
C GLN A 53 -40.49 -19.29 -39.59
N MET A 54 -39.81 -18.24 -39.11
CA MET A 54 -38.38 -18.29 -38.86
C MET A 54 -38.07 -19.36 -37.83
N MET A 55 -38.94 -19.50 -36.83
CA MET A 55 -38.72 -20.55 -35.85
C MET A 55 -38.83 -21.92 -36.52
N ARG A 56 -39.85 -22.08 -37.35
CA ARG A 56 -40.11 -23.35 -38.00
C ARG A 56 -38.96 -23.72 -38.94
N PHE A 57 -38.38 -22.69 -39.53
CA PHE A 57 -37.23 -22.85 -40.42
C PHE A 57 -35.99 -23.23 -39.61
N SER A 58 -35.83 -22.63 -38.44
CA SER A 58 -34.63 -22.89 -37.67
C SER A 58 -34.66 -24.33 -37.23
N VAL A 59 -35.84 -24.80 -36.80
CA VAL A 59 -35.94 -26.17 -36.32
C VAL A 59 -35.69 -27.15 -37.48
N GLU A 60 -36.27 -26.86 -38.63
CA GLU A 60 -36.08 -27.72 -39.79
C GLU A 60 -34.61 -27.75 -40.25
N GLU A 61 -33.99 -26.59 -40.27
CA GLU A 61 -32.60 -26.52 -40.66
C GLU A 61 -31.73 -27.36 -39.71
N ILE A 62 -31.91 -27.20 -38.40
CA ILE A 62 -31.19 -28.04 -37.43
C ILE A 62 -31.56 -29.54 -37.59
N ASN A 63 -32.84 -29.83 -37.84
CA ASN A 63 -33.26 -31.21 -38.10
C ASN A 63 -32.54 -31.75 -39.34
N ASN A 64 -32.30 -30.91 -40.34
CA ASN A 64 -31.50 -31.30 -41.51
C ASN A 64 -30.02 -31.53 -41.22
N SER A 65 -29.56 -31.23 -40.02
CA SER A 65 -28.13 -31.25 -39.76
C SER A 65 -27.68 -32.49 -38.99
N SER A 66 -26.66 -33.16 -39.52
CA SER A 66 -26.00 -34.29 -38.85
C SER A 66 -24.89 -33.78 -37.93
N SER A 67 -24.75 -32.46 -37.87
CA SER A 67 -23.73 -31.84 -37.06
C SER A 67 -24.29 -31.42 -35.70
N LEU A 68 -25.38 -30.66 -35.72
CA LEU A 68 -26.10 -30.25 -34.53
C LEU A 68 -27.23 -31.24 -34.18
N LEU A 69 -27.17 -31.77 -32.97
CA LEU A 69 -28.12 -32.81 -32.55
C LEU A 69 -28.26 -33.92 -33.63
N PRO A 70 -27.19 -34.71 -33.83
CA PRO A 70 -27.23 -35.85 -34.76
C PRO A 70 -28.16 -36.97 -34.33
N ASN A 71 -29.13 -37.25 -35.19
CA ASN A 71 -30.13 -38.28 -34.95
C ASN A 71 -30.91 -38.02 -33.66
N VAL A 72 -31.09 -36.75 -33.35
CA VAL A 72 -32.03 -36.30 -32.33
C VAL A 72 -32.89 -35.22 -32.95
N SER A 73 -34.12 -35.58 -33.26
CA SER A 73 -35.10 -34.67 -33.84
C SER A 73 -35.51 -33.61 -32.83
N LEU A 74 -35.74 -32.39 -33.31
CA LEU A 74 -36.34 -31.35 -32.49
C LEU A 74 -37.79 -31.18 -32.89
N GLY A 75 -38.67 -31.16 -31.91
CA GLY A 75 -40.06 -30.84 -32.16
C GLY A 75 -40.44 -29.51 -31.55
N TYR A 76 -41.70 -29.13 -31.73
CA TYR A 76 -42.21 -27.91 -31.11
C TYR A 76 -43.74 -27.88 -30.93
N GLN A 77 -44.18 -27.16 -29.90
CA GLN A 77 -45.56 -26.73 -29.76
C GLN A 77 -45.57 -25.22 -29.88
N MET A 78 -46.20 -24.69 -30.92
CA MET A 78 -46.22 -23.24 -31.11
C MET A 78 -47.59 -22.63 -30.86
N PHE A 79 -47.60 -21.36 -30.48
CA PHE A 79 -48.87 -20.70 -30.13
C PHE A 79 -48.95 -19.29 -30.69
N ASP A 80 -50.19 -18.91 -31.00
CA ASP A 80 -50.57 -17.55 -31.34
C ASP A 80 -51.44 -17.00 -30.20
N HIS A 81 -50.79 -16.21 -29.36
CA HIS A 81 -51.41 -15.63 -28.19
C HIS A 81 -51.59 -14.15 -28.39
N CYS A 82 -52.65 -13.77 -29.09
CA CYS A 82 -53.00 -12.37 -29.31
C CYS A 82 -53.30 -11.63 -28.03
N SER A 83 -53.65 -12.37 -26.97
CA SER A 83 -53.88 -11.79 -25.65
C SER A 83 -52.99 -12.45 -24.59
N ASP A 84 -52.25 -11.66 -23.82
CA ASP A 84 -51.38 -12.24 -22.78
C ASP A 84 -52.21 -12.87 -21.65
N ILE A 85 -53.36 -12.28 -21.33
CA ILE A 85 -54.27 -12.84 -20.33
C ILE A 85 -54.67 -14.27 -20.65
N HIS A 86 -54.85 -14.56 -21.93
CA HIS A 86 -55.46 -15.82 -22.33
C HIS A 86 -54.49 -16.88 -22.84
N SER A 87 -53.20 -16.62 -22.64
CA SER A 87 -52.13 -17.48 -23.11
C SER A 87 -51.88 -18.74 -22.26
N PHE A 88 -52.39 -18.73 -21.04
CA PHE A 88 -52.07 -19.76 -20.06
C PHE A 88 -52.39 -21.22 -20.45
N PRO A 89 -53.42 -21.47 -21.28
CA PRO A 89 -53.61 -22.87 -21.66
C PRO A 89 -52.43 -23.48 -22.44
N GLY A 90 -51.80 -22.69 -23.31
CA GLY A 90 -50.67 -23.18 -24.09
C GLY A 90 -49.41 -23.21 -23.25
N ILE A 91 -49.28 -22.22 -22.37
CA ILE A 91 -48.29 -22.24 -21.30
C ILE A 91 -48.38 -23.55 -20.50
N PHE A 92 -49.58 -23.86 -19.99
CA PHE A 92 -49.81 -25.07 -19.20
C PHE A 92 -49.43 -26.29 -20.03
N LYS A 93 -49.59 -26.18 -21.35
CA LYS A 93 -49.28 -27.27 -22.24
C LYS A 93 -47.80 -27.61 -22.19
N LEU A 94 -46.97 -26.58 -22.28
CA LEU A 94 -45.54 -26.77 -22.37
C LEU A 94 -44.93 -27.26 -21.05
N LEU A 95 -45.57 -26.93 -19.93
CA LEU A 95 -45.03 -27.22 -18.59
C LEU A 95 -45.66 -28.45 -17.95
N SER A 96 -46.60 -29.06 -18.66
CA SER A 96 -47.38 -30.18 -18.14
C SER A 96 -46.69 -31.53 -18.30
N VAL A 97 -46.99 -32.44 -17.37
CA VAL A 97 -46.56 -33.84 -17.51
C VAL A 97 -47.78 -34.72 -17.76
N ASN A 98 -47.92 -35.17 -19.00
CA ASN A 98 -49.14 -35.82 -19.47
C ASN A 98 -50.34 -34.92 -19.22
N ASP A 99 -50.25 -33.69 -19.73
CA ASP A 99 -51.33 -32.69 -19.62
C ASP A 99 -51.97 -32.63 -18.24
N LEU A 100 -51.14 -32.75 -17.21
CA LEU A 100 -51.52 -32.41 -15.84
C LEU A 100 -50.52 -31.40 -15.30
N ILE A 101 -50.97 -30.38 -14.59
CA ILE A 101 -50.02 -29.51 -13.88
C ILE A 101 -49.96 -29.91 -12.43
N ARG A 102 -48.76 -30.28 -11.98
CA ARG A 102 -48.59 -30.59 -10.58
C ARG A 102 -47.67 -29.57 -9.92
N PRO A 103 -48.29 -28.58 -9.27
CA PRO A 103 -47.72 -27.38 -8.64
C PRO A 103 -46.67 -27.63 -7.55
N TRP A 104 -46.67 -28.80 -6.93
CA TRP A 104 -45.78 -29.03 -5.81
C TRP A 104 -44.46 -29.78 -6.09
N GLU A 105 -44.28 -30.31 -7.30
CA GLU A 105 -43.13 -31.19 -7.58
C GLU A 105 -41.82 -30.43 -7.84
N LEU A 111 -40.37 -34.49 -15.67
CA LEU A 111 -39.92 -34.15 -17.02
C LEU A 111 -41.08 -33.67 -17.88
N PRO A 112 -41.11 -32.37 -18.14
CA PRO A 112 -42.21 -31.72 -18.84
C PRO A 112 -42.23 -32.02 -20.33
N ASN A 113 -43.34 -31.67 -20.96
CA ASN A 113 -43.52 -31.80 -22.39
C ASN A 113 -42.37 -31.16 -23.18
N ALA A 114 -42.00 -29.94 -22.83
CA ALA A 114 -40.99 -29.19 -23.55
C ALA A 114 -39.74 -28.96 -22.68
N ILE A 115 -38.57 -28.75 -23.32
CA ILE A 115 -37.32 -28.56 -22.59
C ILE A 115 -36.97 -27.09 -22.46
N GLY A 116 -37.63 -26.27 -23.26
CA GLY A 116 -37.42 -24.83 -23.23
C GLY A 116 -38.41 -24.12 -24.12
N VAL A 117 -38.38 -22.79 -24.10
CA VAL A 117 -39.32 -22.05 -24.93
C VAL A 117 -38.68 -20.83 -25.61
N VAL A 118 -39.00 -20.68 -26.89
CA VAL A 118 -38.59 -19.52 -27.66
C VAL A 118 -39.73 -18.55 -27.61
N GLY A 119 -39.42 -17.31 -27.24
CA GLY A 119 -40.43 -16.30 -27.01
C GLY A 119 -40.57 -15.98 -25.53
N PRO A 120 -41.54 -15.13 -25.20
CA PRO A 120 -42.42 -14.47 -26.17
C PRO A 120 -41.82 -13.23 -26.82
N PHE A 121 -42.62 -12.60 -27.67
CA PHE A 121 -42.23 -11.38 -28.37
C PHE A 121 -42.29 -10.15 -27.48
N THR A 122 -43.26 -10.12 -26.58
CA THR A 122 -43.65 -8.89 -25.92
C THR A 122 -43.33 -8.91 -24.43
N SER A 123 -42.78 -7.80 -23.91
CA SER A 123 -42.51 -7.67 -22.47
C SER A 123 -43.77 -7.97 -21.66
N THR A 124 -44.90 -7.46 -22.14
CA THR A 124 -46.19 -7.70 -21.51
C THR A 124 -46.52 -9.18 -21.51
N HIS A 125 -46.35 -9.87 -22.64
CA HIS A 125 -46.53 -11.33 -22.61
C HIS A 125 -45.57 -11.96 -21.61
N ALA A 126 -44.34 -11.44 -21.54
CA ALA A 126 -43.30 -12.05 -20.71
C ALA A 126 -43.60 -11.92 -19.20
N LEU A 127 -43.89 -10.70 -18.75
CA LEU A 127 -44.16 -10.45 -17.33
C LEU A 127 -45.34 -11.27 -16.80
N SER A 128 -46.22 -11.69 -17.70
CA SER A 128 -47.47 -12.37 -17.34
C SER A 128 -47.26 -13.84 -17.04
N ILE A 129 -46.27 -14.43 -17.68
CA ILE A 129 -46.11 -15.87 -17.69
C ILE A 129 -44.75 -16.30 -17.12
N ALA A 130 -43.72 -15.47 -17.31
CA ALA A 130 -42.35 -15.81 -16.87
C ALA A 130 -42.20 -16.35 -15.43
N PRO A 131 -42.90 -15.76 -14.43
CA PRO A 131 -42.80 -16.30 -13.06
C PRO A 131 -43.07 -17.81 -12.96
N ILE A 132 -43.98 -18.32 -13.79
CA ILE A 132 -44.37 -19.72 -13.76
C ILE A 132 -43.28 -20.58 -14.37
N PHE A 133 -42.60 -20.00 -15.34
CA PHE A 133 -41.46 -20.64 -15.96
C PHE A 133 -40.22 -20.62 -15.02
N MET A 134 -40.02 -19.51 -14.31
CA MET A 134 -38.79 -19.34 -13.53
C MET A 134 -38.69 -20.34 -12.41
N THR A 135 -39.86 -20.70 -11.88
CA THR A 135 -39.99 -21.52 -10.69
C THR A 135 -39.17 -22.79 -10.75
N ASN A 136 -39.11 -23.41 -11.92
CA ASN A 136 -38.33 -24.62 -12.06
C ASN A 136 -37.18 -24.45 -12.98
N LEU A 137 -36.73 -23.20 -13.08
CA LEU A 137 -35.63 -22.83 -13.97
C LEU A 137 -35.89 -23.43 -15.35
N PHE A 138 -37.13 -23.27 -15.80
CA PHE A 138 -37.49 -23.63 -17.16
C PHE A 138 -37.04 -22.48 -18.05
N PRO A 139 -36.15 -22.77 -18.98
CA PRO A 139 -35.54 -21.72 -19.79
C PRO A 139 -36.51 -21.08 -20.78
N MET A 140 -36.65 -19.76 -20.70
CA MET A 140 -37.29 -19.02 -21.76
C MET A 140 -36.22 -18.25 -22.53
N VAL A 141 -36.25 -18.31 -23.87
CA VAL A 141 -35.38 -17.43 -24.64
C VAL A 141 -36.25 -16.54 -25.48
N SER A 142 -36.35 -15.28 -25.08
CA SER A 142 -37.13 -14.31 -25.85
C SER A 142 -36.37 -13.80 -27.07
N TYR A 143 -37.09 -13.62 -28.17
CA TYR A 143 -36.55 -13.04 -29.38
C TYR A 143 -36.94 -11.56 -29.48
N GLY A 144 -37.67 -11.06 -28.49
CA GLY A 144 -38.23 -9.72 -28.61
C GLY A 144 -38.34 -8.88 -27.36
N CYS A 145 -38.49 -9.51 -26.21
CA CYS A 145 -38.79 -8.75 -24.99
C CYS A 145 -37.60 -7.91 -24.55
N SER A 146 -37.82 -6.59 -24.43
CA SER A 146 -36.70 -5.69 -24.22
C SER A 146 -36.74 -4.97 -22.88
N GLY A 147 -37.76 -5.27 -22.08
CA GLY A 147 -37.92 -4.66 -20.77
C GLY A 147 -36.69 -4.86 -19.92
N SER A 148 -36.11 -3.77 -19.45
CA SER A 148 -34.83 -3.80 -18.76
C SER A 148 -34.94 -4.51 -17.41
N VAL A 149 -36.16 -4.72 -16.92
CA VAL A 149 -36.36 -5.46 -15.68
C VAL A 149 -35.91 -6.90 -15.86
N PHE A 150 -35.78 -7.34 -17.10
CA PHE A 150 -35.42 -8.74 -17.32
C PHE A 150 -33.92 -9.02 -17.20
N SER A 151 -33.11 -7.98 -17.08
CA SER A 151 -31.69 -8.17 -16.78
C SER A 151 -31.42 -8.50 -15.31
N LYS A 152 -32.40 -8.28 -14.43
CA LYS A 152 -32.20 -8.62 -13.02
C LYS A 152 -32.39 -10.12 -12.84
N GLU A 153 -31.28 -10.84 -12.73
CA GLU A 153 -31.27 -12.29 -12.84
C GLU A 153 -31.90 -13.03 -11.66
N ASN A 154 -31.86 -12.45 -10.46
CA ASN A 154 -32.56 -13.06 -9.32
C ASN A 154 -34.08 -13.09 -9.55
N LEU A 155 -34.57 -12.06 -10.24
CA LEU A 155 -35.99 -11.96 -10.59
C LEU A 155 -36.37 -12.96 -11.69
N TYR A 156 -35.54 -13.03 -12.73
CA TYR A 156 -35.77 -13.89 -13.88
C TYR A 156 -34.58 -14.81 -14.15
N PRO A 157 -34.38 -15.82 -13.28
CA PRO A 157 -33.24 -16.75 -13.29
C PRO A 157 -33.12 -17.64 -14.54
N SER A 158 -34.22 -18.14 -15.06
CA SER A 158 -34.10 -18.99 -16.23
C SER A 158 -34.44 -18.25 -17.51
N PHE A 159 -34.41 -16.92 -17.42
CA PHE A 159 -34.75 -16.08 -18.56
C PHE A 159 -33.50 -15.57 -19.29
N LEU A 160 -33.58 -15.62 -20.62
CA LEU A 160 -32.52 -15.11 -21.47
C LEU A 160 -33.14 -14.42 -22.67
N ARG A 161 -32.34 -13.71 -23.46
CA ARG A 161 -32.90 -13.12 -24.67
C ARG A 161 -31.86 -12.88 -25.75
N THR A 162 -32.34 -12.57 -26.93
CA THR A 162 -31.48 -12.41 -28.10
C THR A 162 -31.63 -11.03 -28.68
N VAL A 163 -32.44 -10.19 -28.04
CA VAL A 163 -32.42 -8.74 -28.32
C VAL A 163 -31.93 -8.03 -27.07
N HIS A 164 -31.32 -6.87 -27.27
CA HIS A 164 -30.80 -6.08 -26.15
C HIS A 164 -31.90 -5.44 -25.30
N SER A 165 -31.55 -5.09 -24.06
CA SER A 165 -32.39 -4.24 -23.23
C SER A 165 -32.75 -2.89 -23.87
N ASN A 166 -33.93 -2.38 -23.54
CA ASN A 166 -34.31 -0.99 -23.78
C ASN A 166 -33.22 0.06 -23.44
N LYS A 167 -32.39 -0.19 -22.43
CA LYS A 167 -31.33 0.74 -22.06
C LYS A 167 -30.43 1.05 -23.26
N ASP A 168 -30.04 0.00 -23.98
CA ASP A 168 -29.11 0.10 -25.11
C ASP A 168 -29.71 0.83 -26.30
N VAL A 169 -30.93 0.46 -26.65
CA VAL A 169 -31.58 1.10 -27.76
C VAL A 169 -31.84 2.56 -27.44
N ILE A 170 -32.25 2.83 -26.19
CA ILE A 170 -32.52 4.19 -25.76
C ILE A 170 -31.24 5.02 -25.84
N ASN A 171 -30.11 4.41 -25.51
CA ASN A 171 -28.82 5.08 -25.66
C ASN A 171 -28.52 5.44 -27.09
N ALA A 172 -28.78 4.50 -28.00
CA ALA A 172 -28.57 4.78 -29.40
C ALA A 172 -29.46 5.94 -29.86
N ILE A 173 -30.72 5.93 -29.45
CA ILE A 173 -31.63 6.98 -29.85
C ILE A 173 -31.07 8.31 -29.38
N VAL A 174 -30.60 8.36 -28.14
CA VAL A 174 -30.00 9.56 -27.55
C VAL A 174 -28.71 9.96 -28.27
N GLY A 175 -27.92 8.97 -28.69
CA GLY A 175 -26.81 9.23 -29.58
C GLY A 175 -27.24 10.01 -30.81
N ILE A 176 -28.29 9.54 -31.49
CA ILE A 176 -28.83 10.23 -32.65
C ILE A 176 -29.20 11.68 -32.31
N ILE A 177 -29.92 11.88 -31.22
CA ILE A 177 -30.33 13.21 -30.79
C ILE A 177 -29.10 14.10 -30.56
N LEU A 178 -28.07 13.53 -29.95
CA LEU A 178 -26.91 14.34 -29.62
C LEU A 178 -26.07 14.68 -30.83
N ASN A 179 -26.13 13.85 -31.87
CA ASN A 179 -25.36 14.04 -33.09
C ASN A 179 -25.89 15.22 -33.90
N PHE A 180 -26.96 15.84 -33.41
CA PHE A 180 -27.52 17.00 -34.06
C PHE A 180 -27.76 18.12 -33.07
N ASN A 181 -28.53 19.12 -33.49
CA ASN A 181 -28.59 20.39 -32.78
C ASN A 181 -29.88 20.67 -32.02
N TRP A 182 -30.85 19.75 -32.11
CA TRP A 182 -32.12 19.93 -31.39
C TRP A 182 -32.06 19.35 -29.99
N ARG A 183 -32.64 20.07 -29.03
CA ARG A 183 -32.51 19.69 -27.62
C ARG A 183 -33.87 19.70 -26.88
N TRP A 184 -34.93 20.15 -27.53
CA TRP A 184 -36.30 19.88 -27.06
C TRP A 184 -36.82 18.62 -27.75
N VAL A 185 -37.40 17.70 -27.00
CA VAL A 185 -37.90 16.46 -27.61
C VAL A 185 -39.27 16.06 -27.08
N ALA A 186 -40.12 15.56 -27.99
CA ALA A 186 -41.31 14.82 -27.61
C ALA A 186 -41.01 13.33 -27.65
N PHE A 187 -41.40 12.63 -26.60
CA PHE A 187 -41.22 11.20 -26.54
C PHE A 187 -42.61 10.56 -26.48
N LEU A 188 -43.06 10.00 -27.60
CA LEU A 188 -44.35 9.30 -27.66
C LEU A 188 -44.11 7.81 -27.45
N TYR A 189 -44.78 7.24 -26.47
CA TYR A 189 -44.53 5.85 -26.17
C TYR A 189 -45.80 5.01 -25.95
N SER A 190 -45.72 3.76 -26.38
CA SER A 190 -46.82 2.83 -26.27
C SER A 190 -47.25 2.67 -24.81
N ASP A 191 -48.56 2.55 -24.64
CA ASP A 191 -49.18 2.46 -23.33
C ASP A 191 -49.09 1.06 -22.74
N ASP A 192 -47.92 0.43 -22.88
CA ASP A 192 -47.64 -0.86 -22.22
C ASP A 192 -46.30 -0.85 -21.48
N ASP A 193 -45.91 -2.01 -20.96
CA ASP A 193 -44.69 -2.12 -20.19
C ASP A 193 -43.45 -1.75 -21.03
N PHE A 194 -43.47 -2.15 -22.30
CA PHE A 194 -42.40 -1.82 -23.25
C PHE A 194 -42.24 -0.31 -23.36
N GLY A 195 -43.31 0.35 -23.77
CA GLY A 195 -43.31 1.79 -23.92
C GLY A 195 -42.90 2.47 -22.63
N LYS A 196 -43.41 1.96 -21.50
CA LYS A 196 -43.17 2.59 -20.20
C LYS A 196 -41.70 2.51 -19.80
N ASP A 197 -41.15 1.31 -19.87
CA ASP A 197 -39.72 1.10 -19.63
C ASP A 197 -38.86 2.03 -20.48
N GLY A 198 -39.29 2.26 -21.72
CA GLY A 198 -38.58 3.13 -22.65
C GLY A 198 -38.61 4.55 -22.14
N LEU A 199 -39.77 4.99 -21.66
CA LEU A 199 -39.89 6.27 -21.02
C LEU A 199 -38.94 6.38 -19.82
N GLU A 200 -38.92 5.37 -18.96
CA GLU A 200 -38.04 5.42 -17.80
C GLU A 200 -36.58 5.52 -18.19
N GLN A 201 -36.15 4.65 -19.10
CA GLN A 201 -34.78 4.65 -19.55
C GLN A 201 -34.40 5.94 -20.27
N PHE A 202 -35.32 6.47 -21.07
CA PHE A 202 -35.03 7.71 -21.78
C PHE A 202 -34.76 8.85 -20.77
N LYS A 203 -35.65 9.00 -19.80
CA LYS A 203 -35.46 9.95 -18.70
C LYS A 203 -34.13 9.75 -17.97
N ASN A 204 -33.85 8.51 -17.56
CA ASN A 204 -32.62 8.18 -16.85
C ASN A 204 -31.37 8.60 -17.61
N LYS A 205 -31.44 8.53 -18.94
CA LYS A 205 -30.27 8.74 -19.80
C LYS A 205 -29.96 10.21 -20.09
N ILE A 206 -31.02 11.03 -20.19
CA ILE A 206 -30.86 12.44 -20.53
C ILE A 206 -30.90 13.42 -19.37
N GLU A 207 -30.97 12.91 -18.14
CA GLU A 207 -31.13 13.78 -16.97
C GLU A 207 -29.94 14.72 -16.86
N ASP A 208 -28.77 14.17 -17.04
CA ASP A 208 -27.57 14.98 -17.02
C ASP A 208 -27.14 15.21 -18.45
N SER A 209 -27.82 16.14 -19.11
CA SER A 209 -27.72 16.33 -20.54
C SER A 209 -28.39 17.60 -21.02
N GLU A 210 -27.89 18.12 -22.13
CA GLU A 210 -28.47 19.25 -22.80
C GLU A 210 -29.86 18.92 -23.39
N ILE A 211 -30.22 17.63 -23.43
CA ILE A 211 -31.53 17.22 -23.94
C ILE A 211 -32.59 17.46 -22.89
N CYS A 212 -33.65 18.15 -23.29
CA CYS A 212 -34.73 18.44 -22.38
C CYS A 212 -35.99 17.71 -22.86
N LEU A 213 -36.49 16.75 -22.09
CA LEU A 213 -37.77 16.13 -22.45
C LEU A 213 -38.91 17.13 -22.29
N ALA A 214 -39.41 17.66 -23.42
CA ALA A 214 -40.38 18.77 -23.40
C ALA A 214 -41.82 18.29 -23.44
N PHE A 215 -42.02 17.04 -23.80
CA PHE A 215 -43.38 16.51 -23.88
C PHE A 215 -43.33 15.03 -23.90
N TYR A 216 -44.26 14.39 -23.22
CA TYR A 216 -44.46 12.97 -23.44
C TYR A 216 -45.86 12.54 -23.06
N LYS A 217 -46.20 11.34 -23.49
CA LYS A 217 -47.57 10.85 -23.44
C LYS A 217 -47.58 9.37 -23.78
N ALA A 218 -48.19 8.55 -22.92
CA ALA A 218 -48.47 7.17 -23.28
C ALA A 218 -49.50 7.24 -24.39
N ILE A 219 -49.33 6.38 -25.40
CA ILE A 219 -50.25 6.40 -26.52
C ILE A 219 -50.85 5.03 -26.79
N ASN A 220 -52.09 5.05 -27.23
CA ASN A 220 -52.72 3.85 -27.71
C ASN A 220 -53.47 4.18 -29.02
N VAL A 221 -54.13 3.19 -29.60
CA VAL A 221 -54.78 3.36 -30.89
C VAL A 221 -55.91 4.39 -30.80
N ASN A 222 -56.44 4.60 -29.59
CA ASN A 222 -57.53 5.55 -29.35
C ASN A 222 -57.09 6.84 -28.64
N THR A 223 -55.82 7.20 -28.78
CA THR A 223 -55.29 8.47 -28.27
C THR A 223 -55.84 9.67 -29.04
N ASP A 224 -56.27 10.71 -28.34
CA ASP A 224 -56.64 11.94 -29.03
C ASP A 224 -55.40 12.55 -29.66
N TYR A 225 -54.98 11.98 -30.79
CA TYR A 225 -53.78 12.48 -31.45
C TYR A 225 -53.93 13.92 -31.93
N LEU A 226 -55.15 14.41 -32.01
CA LEU A 226 -55.30 15.77 -32.50
C LEU A 226 -54.72 16.73 -31.46
N GLN A 227 -54.93 16.42 -30.18
CA GLN A 227 -54.54 17.33 -29.11
C GLN A 227 -53.10 17.08 -28.65
N VAL A 228 -52.65 15.83 -28.74
CA VAL A 228 -51.25 15.52 -28.52
C VAL A 228 -50.37 16.37 -29.46
N PHE A 229 -50.84 16.59 -30.69
CA PHE A 229 -50.06 17.33 -31.68
C PHE A 229 -50.23 18.86 -31.60
N LYS A 230 -51.36 19.36 -31.11
CA LYS A 230 -51.44 20.80 -30.81
C LYS A 230 -50.50 21.22 -29.69
N GLN A 231 -50.47 20.45 -28.60
CA GLN A 231 -49.54 20.77 -27.52
C GLN A 231 -48.10 20.79 -28.03
N ILE A 232 -47.72 19.72 -28.70
CA ILE A 232 -46.39 19.58 -29.29
C ILE A 232 -46.02 20.79 -30.17
N GLU A 233 -46.99 21.27 -30.97
CA GLU A 233 -46.75 22.44 -31.80
C GLU A 233 -46.64 23.71 -30.96
N GLU A 234 -47.61 23.93 -30.06
CA GLU A 234 -47.62 25.18 -29.30
C GLU A 234 -46.38 25.23 -28.43
N GLN A 235 -45.88 24.06 -28.05
CA GLN A 235 -44.62 24.02 -27.33
C GLN A 235 -43.42 23.96 -28.29
N ASN A 236 -43.66 24.20 -29.57
CA ASN A 236 -42.62 24.39 -30.59
C ASN A 236 -41.58 23.29 -30.66
N ILE A 237 -42.00 22.05 -30.47
CA ILE A 237 -41.10 20.91 -30.48
C ILE A 237 -40.89 20.39 -31.91
N LYS A 238 -39.65 20.14 -32.31
CA LYS A 238 -39.41 19.65 -33.66
C LYS A 238 -39.02 18.17 -33.64
N VAL A 239 -38.44 17.70 -32.54
CA VAL A 239 -38.00 16.33 -32.45
C VAL A 239 -39.01 15.51 -31.70
N ILE A 240 -39.55 14.52 -32.40
CA ILE A 240 -40.56 13.63 -31.86
C ILE A 240 -40.06 12.19 -31.90
N VAL A 241 -39.54 11.72 -30.78
CA VAL A 241 -39.16 10.32 -30.68
C VAL A 241 -40.40 9.47 -30.43
N VAL A 242 -40.58 8.41 -31.20
CA VAL A 242 -41.73 7.53 -30.99
C VAL A 242 -41.29 6.13 -30.59
N PHE A 243 -41.40 5.82 -29.30
CA PHE A 243 -40.97 4.53 -28.79
C PHE A 243 -42.16 3.60 -28.72
N ALA A 244 -42.43 2.92 -29.82
CA ALA A 244 -43.66 2.16 -29.93
C ALA A 244 -43.52 1.02 -30.95
N PRO A 245 -44.26 -0.08 -30.72
CA PRO A 245 -44.30 -1.19 -31.69
C PRO A 245 -45.29 -0.90 -32.83
N LYS A 246 -45.25 -1.75 -33.85
CA LYS A 246 -45.99 -1.59 -35.11
C LYS A 246 -47.36 -0.89 -35.02
N VAL A 247 -48.31 -1.50 -34.32
CA VAL A 247 -49.68 -0.99 -34.22
C VAL A 247 -49.75 0.44 -33.72
N TYR A 248 -49.05 0.69 -32.62
CA TYR A 248 -49.05 1.99 -31.99
C TYR A 248 -48.31 2.97 -32.86
N ALA A 249 -47.22 2.51 -33.46
CA ALA A 249 -46.46 3.35 -34.38
C ALA A 249 -47.32 3.82 -35.55
N GLU A 250 -48.05 2.90 -36.16
CA GLU A 250 -48.86 3.27 -37.31
C GLU A 250 -49.98 4.21 -36.88
N ALA A 251 -50.59 3.96 -35.74
CA ALA A 251 -51.52 4.92 -35.12
C ALA A 251 -50.98 6.36 -35.09
N VAL A 252 -49.83 6.56 -34.45
CA VAL A 252 -49.21 7.87 -34.38
C VAL A 252 -48.98 8.46 -35.75
N VAL A 253 -48.21 7.73 -36.55
CA VAL A 253 -47.72 8.28 -37.80
C VAL A 253 -48.88 8.48 -38.75
N GLU A 254 -49.80 7.54 -38.83
CA GLU A 254 -50.94 7.72 -39.73
C GLU A 254 -51.76 8.94 -39.32
N SER A 255 -51.87 9.16 -38.02
CA SER A 255 -52.63 10.30 -37.53
C SER A 255 -51.87 11.59 -37.80
N ALA A 256 -50.54 11.49 -37.81
CA ALA A 256 -49.69 12.63 -38.12
C ALA A 256 -49.93 13.17 -39.55
N VAL A 257 -50.10 12.26 -40.50
CA VAL A 257 -50.40 12.66 -41.87
C VAL A 257 -51.82 13.23 -42.03
N GLN A 258 -52.79 12.71 -41.29
CA GLN A 258 -54.18 13.19 -41.41
C GLN A 258 -54.41 14.56 -40.75
N LEU A 259 -53.39 15.10 -40.10
CA LEU A 259 -53.54 16.32 -39.32
C LEU A 259 -52.51 17.44 -39.70
N ASN A 260 -52.09 17.47 -40.95
CA ASN A 260 -50.97 18.30 -41.48
C ASN A 260 -49.87 18.66 -40.47
N VAL A 261 -49.49 17.66 -39.67
CA VAL A 261 -48.27 17.70 -38.88
C VAL A 261 -47.09 17.76 -39.84
N THR A 262 -46.24 18.76 -39.67
CA THR A 262 -45.24 19.01 -40.69
C THR A 262 -43.92 19.50 -40.08
N ASN A 263 -42.83 19.29 -40.82
CA ASN A 263 -41.50 19.74 -40.44
C ASN A 263 -41.11 19.29 -39.03
N LYS A 264 -41.24 18.00 -38.76
CA LYS A 264 -40.76 17.46 -37.50
C LYS A 264 -39.61 16.51 -37.81
N VAL A 265 -38.76 16.25 -36.82
CA VAL A 265 -37.81 15.17 -36.95
C VAL A 265 -38.29 13.99 -36.11
N TRP A 266 -38.68 12.91 -36.78
CA TRP A 266 -39.14 11.71 -36.10
C TRP A 266 -37.99 10.71 -35.89
N ILE A 267 -37.76 10.33 -34.64
CA ILE A 267 -36.83 9.26 -34.40
C ILE A 267 -37.56 7.99 -34.01
N ALA A 268 -37.32 6.95 -34.79
CA ALA A 268 -37.88 5.63 -34.62
C ALA A 268 -36.98 4.74 -33.79
N ASP A 269 -37.57 3.82 -33.05
CA ASP A 269 -36.79 2.72 -32.49
C ASP A 269 -36.92 1.55 -33.44
N ASP A 270 -36.25 0.46 -33.12
CA ASP A 270 -36.10 -0.64 -34.07
C ASP A 270 -37.37 -1.49 -34.24
N GLY A 271 -38.43 -1.11 -33.55
CA GLY A 271 -39.71 -1.80 -33.67
C GLY A 271 -40.56 -1.23 -34.78
N TRP A 272 -40.22 -0.03 -35.26
CA TRP A 272 -40.91 0.50 -36.45
C TRP A 272 -40.03 1.23 -37.46
N SER A 273 -38.70 1.28 -37.26
CA SER A 273 -37.85 1.93 -38.27
C SER A 273 -37.81 1.21 -39.63
N LEU A 274 -38.05 -0.11 -39.63
CA LEU A 274 -38.14 -0.89 -40.86
C LEU A 274 -39.57 -1.32 -41.20
N ASN A 275 -40.54 -0.63 -40.59
CA ASN A 275 -41.95 -0.73 -40.96
C ASN A 275 -42.17 -0.57 -42.45
N LYS A 276 -43.13 -1.30 -43.02
CA LYS A 276 -43.30 -1.29 -44.48
C LYS A 276 -44.55 -0.57 -44.94
N LYS A 277 -45.56 -0.49 -44.09
CA LYS A 277 -46.76 0.23 -44.48
C LYS A 277 -46.50 1.73 -44.56
N LEU A 278 -45.91 2.29 -43.52
CA LEU A 278 -45.73 3.75 -43.42
C LEU A 278 -44.89 4.43 -44.51
N PRO A 279 -43.75 3.82 -44.92
CA PRO A 279 -42.94 4.48 -45.96
C PRO A 279 -43.64 4.63 -47.31
N SER A 280 -44.52 3.68 -47.64
CA SER A 280 -45.18 3.70 -48.94
C SER A 280 -46.53 4.41 -48.90
N MET A 281 -46.83 4.99 -47.75
CA MET A 281 -48.09 5.67 -47.48
C MET A 281 -48.22 7.06 -48.12
N ASN A 282 -49.40 7.36 -48.66
CA ASN A 282 -49.64 8.66 -49.28
C ASN A 282 -49.51 9.82 -48.32
N GLY A 283 -48.56 10.72 -48.57
CA GLY A 283 -48.41 11.90 -47.75
C GLY A 283 -47.35 11.82 -46.66
N ILE A 284 -46.75 10.65 -46.48
CA ILE A 284 -45.76 10.46 -45.42
C ILE A 284 -44.65 11.51 -45.48
N GLN A 285 -44.22 11.89 -46.68
CA GLN A 285 -43.11 12.83 -46.82
C GLN A 285 -43.46 14.23 -46.30
N ASN A 286 -44.73 14.48 -46.00
CA ASN A 286 -45.17 15.81 -45.57
C ASN A 286 -44.99 16.10 -44.10
N ILE A 287 -44.64 15.08 -43.33
CA ILE A 287 -44.61 15.24 -41.89
C ILE A 287 -43.19 15.50 -41.40
N GLY A 288 -42.26 15.64 -42.35
CA GLY A 288 -40.88 15.93 -42.01
C GLY A 288 -39.99 14.79 -42.42
N THR A 289 -39.13 14.36 -41.51
CA THR A 289 -38.09 13.41 -41.83
C THR A 289 -38.04 12.30 -40.78
N VAL A 290 -37.93 11.04 -41.24
CA VAL A 290 -37.96 9.90 -40.33
C VAL A 290 -36.56 9.31 -40.13
N LEU A 291 -36.07 9.33 -38.88
CA LEU A 291 -34.81 8.67 -38.53
C LEU A 291 -35.08 7.54 -37.58
N GLY A 292 -34.12 6.62 -37.47
CA GLY A 292 -34.29 5.59 -36.48
C GLY A 292 -33.08 4.70 -36.29
N VAL A 293 -33.11 3.93 -35.21
CA VAL A 293 -32.19 2.84 -35.04
C VAL A 293 -32.87 1.62 -35.64
N ALA A 294 -32.13 0.79 -36.36
CA ALA A 294 -32.71 -0.42 -36.92
C ALA A 294 -31.80 -1.62 -36.69
N GLN A 295 -32.42 -2.78 -36.52
CA GLN A 295 -31.67 -4.01 -36.63
C GLN A 295 -31.18 -4.11 -38.06
N PRO A 296 -29.86 -4.27 -38.24
CA PRO A 296 -29.31 -4.34 -39.60
C PRO A 296 -29.76 -5.64 -40.25
N VAL A 297 -30.16 -5.56 -41.52
CA VAL A 297 -30.79 -6.71 -42.15
C VAL A 297 -29.77 -7.82 -42.29
N VAL A 298 -30.09 -8.93 -41.64
CA VAL A 298 -29.25 -10.09 -41.64
C VAL A 298 -29.84 -11.11 -42.59
N THR A 299 -29.01 -11.61 -43.50
CA THR A 299 -29.42 -12.61 -44.47
C THR A 299 -29.47 -14.00 -43.85
N ILE A 300 -30.61 -14.66 -44.04
CA ILE A 300 -30.76 -16.02 -43.57
C ILE A 300 -30.92 -16.95 -44.75
N PRO A 301 -29.79 -17.51 -45.22
CA PRO A 301 -29.77 -18.38 -46.40
C PRO A 301 -30.83 -19.44 -46.29
N GLY A 302 -31.66 -19.57 -47.31
CA GLY A 302 -32.61 -20.66 -47.38
C GLY A 302 -34.01 -20.36 -46.88
N PHE A 303 -34.20 -19.18 -46.27
CA PHE A 303 -35.51 -18.81 -45.73
C PHE A 303 -36.51 -18.55 -46.85
N THR A 304 -36.01 -17.97 -47.93
CA THR A 304 -36.85 -17.63 -49.06
C THR A 304 -37.47 -18.90 -49.65
N ASP A 305 -36.65 -19.91 -49.89
CA ASP A 305 -37.14 -21.16 -50.46
C ASP A 305 -38.11 -21.80 -49.49
N PHE A 306 -37.74 -21.76 -48.22
CA PHE A 306 -38.57 -22.30 -47.16
C PHE A 306 -39.99 -21.71 -47.23
N ILE A 307 -40.09 -20.39 -47.34
CA ILE A 307 -41.38 -19.71 -47.32
C ILE A 307 -42.29 -20.16 -48.47
N TYR A 308 -41.73 -20.19 -49.68
CA TYR A 308 -42.43 -20.72 -50.85
C TYR A 308 -43.02 -22.12 -50.61
N SER A 309 -42.29 -22.92 -49.83
CA SER A 309 -42.72 -24.26 -49.52
C SER A 309 -43.85 -24.32 -48.51
N ALA A 310 -43.97 -23.29 -47.68
CA ALA A 310 -44.89 -23.31 -46.55
C ALA A 310 -46.26 -22.73 -46.92
N ILE A 311 -46.26 -21.61 -47.62
CA ILE A 311 -47.49 -21.01 -48.15
C ILE A 311 -48.30 -22.05 -48.91
N SER A 312 -47.60 -22.76 -49.78
CA SER A 312 -47.98 -24.09 -50.23
C SER A 312 -48.54 -24.96 -49.11
N MET A 323 -58.52 -28.54 -33.33
CA MET A 323 -57.27 -28.64 -32.59
C MET A 323 -57.26 -27.81 -31.30
N PHE A 324 -56.18 -27.95 -30.54
CA PHE A 324 -55.90 -27.15 -29.35
C PHE A 324 -55.99 -25.67 -29.70
N CYS A 325 -56.38 -24.82 -28.75
CA CYS A 325 -56.59 -23.40 -29.04
C CYS A 325 -55.31 -22.68 -29.45
N ASN A 326 -55.48 -21.51 -30.04
CA ASN A 326 -54.37 -20.66 -30.47
C ASN A 326 -53.30 -21.42 -31.28
N GLN A 327 -53.74 -22.32 -32.16
CA GLN A 327 -52.83 -23.10 -33.00
C GLN A 327 -53.41 -23.25 -34.41
N LYS A 328 -54.01 -22.15 -34.89
CA LYS A 328 -54.67 -22.07 -36.19
C LYS A 328 -54.38 -20.69 -36.73
N CYS A 329 -53.92 -20.60 -37.98
CA CYS A 329 -53.51 -19.31 -38.51
C CYS A 329 -54.63 -18.56 -39.21
N ASN A 330 -55.54 -19.33 -39.81
CA ASN A 330 -56.59 -18.74 -40.65
C ASN A 330 -55.98 -17.73 -41.61
N CYS A 331 -55.00 -18.16 -42.38
CA CYS A 331 -54.32 -17.18 -43.23
C CYS A 331 -53.95 -17.72 -44.60
N SER A 332 -54.86 -18.46 -45.22
CA SER A 332 -54.63 -18.91 -46.57
C SER A 332 -54.95 -17.78 -47.56
N ASN A 333 -54.61 -18.01 -48.82
CA ASN A 333 -54.62 -16.97 -49.83
C ASN A 333 -53.70 -15.85 -49.37
N LEU A 334 -52.54 -16.24 -48.87
CA LEU A 334 -51.50 -15.30 -48.45
C LEU A 334 -50.40 -15.19 -49.50
N SER A 335 -50.03 -13.97 -49.85
CA SER A 335 -49.04 -13.73 -50.90
C SER A 335 -47.62 -14.02 -50.42
N VAL A 336 -46.94 -14.92 -51.13
CA VAL A 336 -45.59 -15.32 -50.75
C VAL A 336 -44.60 -14.14 -50.72
N LYS A 337 -44.79 -13.16 -51.59
CA LYS A 337 -43.84 -12.05 -51.65
C LYS A 337 -44.16 -10.90 -50.68
N SER A 338 -45.43 -10.81 -50.25
CA SER A 338 -45.80 -9.92 -49.16
C SER A 338 -45.03 -10.33 -47.92
N LEU A 339 -45.21 -11.61 -47.58
CA LEU A 339 -44.49 -12.30 -46.52
C LEU A 339 -43.00 -12.02 -46.51
N LEU A 340 -42.35 -12.29 -47.64
CA LEU A 340 -40.90 -12.16 -47.74
C LEU A 340 -40.43 -10.72 -47.60
N ASN A 341 -41.21 -9.76 -48.08
CA ASN A 341 -40.83 -8.35 -48.00
C ASN A 341 -41.29 -7.65 -46.73
N ALA A 342 -42.02 -8.37 -45.88
CA ALA A 342 -42.45 -7.81 -44.60
C ALA A 342 -41.23 -7.44 -43.73
N ASP A 343 -41.41 -6.46 -42.85
CA ASP A 343 -40.36 -6.03 -41.93
C ASP A 343 -39.65 -7.25 -41.36
N PRO A 344 -38.35 -7.37 -41.64
CA PRO A 344 -37.55 -8.55 -41.33
C PRO A 344 -36.84 -8.47 -39.97
N SER A 345 -37.06 -7.39 -39.23
CA SER A 345 -36.45 -7.25 -37.91
C SER A 345 -36.82 -8.45 -37.02
N PHE A 346 -35.99 -8.71 -36.02
CA PHE A 346 -36.12 -9.85 -35.08
C PHE A 346 -35.86 -11.24 -35.69
N SER A 347 -35.50 -11.30 -36.98
CA SER A 347 -35.16 -12.56 -37.67
C SER A 347 -34.06 -13.35 -36.99
N PHE A 348 -32.88 -12.74 -36.96
CA PHE A 348 -31.75 -13.36 -36.30
C PHE A 348 -32.00 -13.62 -34.80
N PRO A 349 -32.69 -12.69 -34.10
CA PRO A 349 -33.05 -13.06 -32.73
C PRO A 349 -33.85 -14.36 -32.62
N VAL A 350 -34.87 -14.58 -33.44
CA VAL A 350 -35.53 -15.89 -33.45
C VAL A 350 -34.54 -17.01 -33.83
N TYR A 351 -33.79 -16.76 -34.90
CA TYR A 351 -32.82 -17.74 -35.42
C TYR A 351 -31.87 -18.16 -34.32
N ALA A 352 -31.22 -17.19 -33.70
CA ALA A 352 -30.25 -17.46 -32.65
C ALA A 352 -30.91 -18.06 -31.40
N ALA A 353 -32.21 -17.80 -31.22
CA ALA A 353 -32.94 -18.37 -30.07
C ALA A 353 -33.03 -19.87 -30.17
N VAL A 354 -33.52 -20.35 -31.31
CA VAL A 354 -33.69 -21.77 -31.49
C VAL A 354 -32.32 -22.43 -31.46
N TYR A 355 -31.35 -21.83 -32.15
CA TYR A 355 -30.03 -22.44 -32.21
C TYR A 355 -29.41 -22.48 -30.84
N ALA A 356 -29.67 -21.44 -30.05
CA ALA A 356 -29.16 -21.38 -28.66
C ALA A 356 -29.62 -22.59 -27.86
N ILE A 357 -30.92 -22.83 -27.89
CA ILE A 357 -31.48 -23.95 -27.15
C ILE A 357 -31.03 -25.28 -27.69
N ALA A 358 -30.93 -25.41 -29.02
CA ALA A 358 -30.48 -26.64 -29.64
C ALA A 358 -29.06 -27.00 -29.18
N HIS A 359 -28.18 -26.01 -29.26
CA HIS A 359 -26.80 -26.15 -28.78
C HIS A 359 -26.74 -26.54 -27.30
N ALA A 360 -27.62 -25.94 -26.49
CA ALA A 360 -27.64 -26.26 -25.06
C ALA A 360 -28.03 -27.72 -24.83
N LEU A 361 -29.01 -28.21 -25.59
CA LEU A 361 -29.42 -29.60 -25.49
C LEU A 361 -28.34 -30.55 -26.04
N HIS A 362 -27.69 -30.12 -27.11
CA HIS A 362 -26.65 -30.90 -27.74
C HIS A 362 -25.52 -31.19 -26.75
N ASN A 363 -25.29 -30.22 -25.88
CA ASN A 363 -24.20 -30.30 -24.92
C ASN A 363 -24.63 -30.99 -23.63
N THR A 364 -25.93 -31.01 -23.34
CA THR A 364 -26.41 -31.66 -22.12
C THR A 364 -26.49 -33.14 -22.37
N LEU A 365 -26.76 -33.52 -23.61
CA LEU A 365 -26.68 -34.93 -23.97
C LEU A 365 -25.21 -35.31 -24.19
N ARG A 366 -24.36 -34.30 -24.28
CA ARG A 366 -22.94 -34.48 -24.60
C ARG A 366 -22.75 -35.16 -25.96
N CYS A 367 -23.54 -34.77 -26.93
CA CYS A 367 -23.38 -35.26 -28.29
C CYS A 367 -22.01 -34.89 -28.79
N GLY A 368 -21.41 -35.78 -29.58
CA GLY A 368 -20.31 -35.41 -30.44
C GLY A 368 -20.82 -34.57 -31.61
N SER A 369 -20.38 -34.90 -32.82
CA SER A 369 -20.96 -34.35 -34.04
C SER A 369 -21.06 -35.47 -35.05
N ASP A 370 -21.12 -36.68 -34.52
CA ASP A 370 -21.45 -37.88 -35.26
C ASP A 370 -22.73 -38.51 -34.72
N ARG A 371 -22.93 -38.46 -33.39
CA ARG A 371 -24.03 -39.19 -32.71
C ARG A 371 -24.35 -38.63 -31.29
N CYS A 372 -25.50 -38.98 -30.71
CA CYS A 372 -25.84 -38.55 -29.33
C CYS A 372 -26.20 -39.71 -28.38
N PRO A 373 -25.56 -39.79 -27.20
CA PRO A 373 -25.96 -40.78 -26.18
C PRO A 373 -27.35 -40.54 -25.59
N THR A 377 -31.92 -38.49 -20.12
CA THR A 377 -32.92 -37.76 -19.35
C THR A 377 -32.56 -36.28 -19.26
N VAL A 378 -33.36 -35.43 -19.90
CA VAL A 378 -33.07 -34.01 -19.91
C VAL A 378 -34.09 -33.18 -19.13
N HIS A 379 -33.65 -32.66 -17.97
CA HIS A 379 -34.42 -31.69 -17.19
C HIS A 379 -34.18 -30.29 -17.73
N PRO A 380 -35.25 -29.48 -17.88
CA PRO A 380 -35.12 -28.17 -18.53
C PRO A 380 -34.11 -27.23 -17.86
N HIS A 381 -33.77 -27.46 -16.59
CA HIS A 381 -32.76 -26.64 -15.91
C HIS A 381 -31.37 -27.04 -16.34
N MET A 382 -31.20 -28.29 -16.74
CA MET A 382 -29.93 -28.72 -17.34
C MET A 382 -29.71 -27.98 -18.66
N ILE A 383 -30.81 -27.71 -19.37
CA ILE A 383 -30.76 -26.90 -20.57
C ILE A 383 -30.34 -25.49 -20.17
N LEU A 384 -30.84 -25.02 -19.03
CA LEU A 384 -30.56 -23.64 -18.61
C LEU A 384 -29.05 -23.36 -18.43
N GLU A 385 -28.30 -24.31 -17.87
CA GLU A 385 -26.90 -24.06 -17.53
C GLU A 385 -26.05 -24.01 -18.80
N GLU A 386 -26.37 -24.85 -19.76
CA GLU A 386 -25.69 -24.81 -21.05
C GLU A 386 -26.11 -23.59 -21.87
N LEU A 387 -27.38 -23.21 -21.75
CA LEU A 387 -27.86 -21.96 -22.35
C LEU A 387 -27.06 -20.74 -21.91
N LYS A 388 -26.66 -20.73 -20.65
CA LYS A 388 -25.94 -19.59 -20.09
C LYS A 388 -24.52 -19.59 -20.63
N LYS A 389 -23.93 -20.78 -20.64
CA LYS A 389 -22.60 -21.01 -21.18
C LYS A 389 -22.53 -20.94 -22.72
N SER A 390 -23.65 -20.62 -23.38
CA SER A 390 -23.71 -20.54 -24.84
C SER A 390 -22.51 -19.85 -25.46
N ASN A 391 -21.86 -20.53 -26.40
CA ASN A 391 -20.72 -19.99 -27.15
C ASN A 391 -20.48 -20.76 -28.46
N PHE A 392 -21.05 -20.24 -29.56
CA PHE A 392 -21.01 -20.90 -30.88
C PHE A 392 -21.23 -19.87 -31.99
N THR A 393 -20.77 -20.15 -33.22
CA THR A 393 -20.94 -19.19 -34.31
C THR A 393 -22.21 -19.46 -35.14
N LEU A 394 -22.79 -18.39 -35.68
CA LEU A 394 -24.01 -18.46 -36.46
C LEU A 394 -24.02 -17.30 -37.43
N LEU A 395 -24.00 -17.64 -38.73
CA LEU A 395 -23.87 -16.63 -39.78
C LEU A 395 -22.75 -15.69 -39.38
N ASN A 396 -21.60 -16.30 -39.06
CA ASN A 396 -20.37 -15.58 -38.72
C ASN A 396 -20.57 -14.63 -37.53
N GLN A 397 -21.67 -14.77 -36.81
CA GLN A 397 -21.81 -14.04 -35.55
C GLN A 397 -21.54 -14.98 -34.41
N THR A 398 -20.96 -14.44 -33.34
CA THR A 398 -20.74 -15.23 -32.15
C THR A 398 -21.96 -15.09 -31.26
N VAL A 399 -22.53 -16.19 -30.81
CA VAL A 399 -23.70 -16.09 -29.93
C VAL A 399 -23.35 -16.48 -28.51
N GLN A 400 -23.42 -15.49 -27.62
CA GLN A 400 -23.20 -15.64 -26.18
C GLN A 400 -24.11 -14.72 -25.39
N PHE A 401 -24.16 -14.94 -24.08
CA PHE A 401 -24.95 -14.11 -23.20
C PHE A 401 -24.11 -13.65 -22.01
N ASP A 402 -24.45 -12.52 -21.40
CA ASP A 402 -23.79 -12.11 -20.17
C ASP A 402 -24.46 -12.79 -18.98
N GLU A 403 -23.93 -12.60 -17.77
CA GLU A 403 -24.44 -13.32 -16.59
C GLU A 403 -25.86 -12.93 -16.22
N ASN A 404 -26.42 -11.95 -16.93
CA ASN A 404 -27.82 -11.57 -16.81
C ASN A 404 -28.76 -12.28 -17.80
N GLY A 405 -28.21 -12.73 -18.92
CA GLY A 405 -29.04 -13.34 -19.95
C GLY A 405 -29.24 -12.46 -21.17
N ASP A 406 -28.56 -11.32 -21.17
CA ASP A 406 -28.66 -10.39 -22.28
C ASP A 406 -27.60 -10.72 -23.32
N PRO A 407 -27.88 -10.41 -24.58
CA PRO A 407 -27.05 -10.97 -25.65
C PRO A 407 -25.80 -10.14 -25.88
N LYS A 408 -24.69 -10.81 -26.14
CA LYS A 408 -23.46 -10.10 -26.40
C LYS A 408 -23.28 -9.96 -27.91
N PHE A 409 -24.37 -9.94 -28.64
CA PHE A 409 -24.30 -9.85 -30.10
C PHE A 409 -25.45 -9.04 -30.67
N GLY A 410 -25.25 -8.51 -31.87
CA GLY A 410 -26.21 -7.63 -32.50
C GLY A 410 -25.71 -6.19 -32.46
N SER A 411 -26.17 -5.40 -33.41
CA SER A 411 -25.85 -4.00 -33.44
C SER A 411 -27.03 -3.22 -33.97
N LEU A 412 -26.88 -1.91 -34.06
CA LEU A 412 -27.92 -1.07 -34.62
C LEU A 412 -27.32 -0.28 -35.75
N SER A 413 -28.08 -0.16 -36.82
CA SER A 413 -27.79 0.79 -37.87
C SER A 413 -28.66 2.02 -37.68
N VAL A 414 -28.18 3.15 -38.14
CA VAL A 414 -28.97 4.36 -38.16
C VAL A 414 -29.55 4.53 -39.55
N VAL A 415 -30.87 4.47 -39.68
CA VAL A 415 -31.47 4.63 -40.99
C VAL A 415 -32.22 5.93 -41.13
N PHE A 416 -32.44 6.30 -42.39
CA PHE A 416 -33.18 7.49 -42.78
C PHE A 416 -34.14 7.07 -43.90
N TRP A 417 -35.42 7.39 -43.75
CA TRP A 417 -36.42 7.07 -44.77
C TRP A 417 -36.28 7.99 -45.97
N ASN A 418 -35.86 7.45 -47.12
CA ASN A 418 -35.62 8.30 -48.29
C ASN A 418 -36.79 8.32 -49.30
N SER A 419 -36.56 8.89 -50.49
CA SER A 419 -37.63 9.12 -51.48
C SER A 419 -38.07 7.87 -52.24
N SER A 420 -37.43 6.75 -51.97
CA SER A 420 -37.72 5.52 -52.67
C SER A 420 -38.50 4.59 -51.75
N GLY A 421 -38.88 5.12 -50.59
CA GLY A 421 -39.61 4.34 -49.60
C GLY A 421 -38.69 3.44 -48.80
N ASN A 422 -37.40 3.72 -48.86
CA ASN A 422 -36.45 2.88 -48.19
C ASN A 422 -35.82 3.52 -46.99
N ALA A 423 -35.62 2.68 -45.98
CA ALA A 423 -34.82 2.98 -44.81
C ALA A 423 -33.33 2.91 -45.16
N GLU A 424 -32.82 3.97 -45.78
CA GLU A 424 -31.41 4.02 -46.17
C GLU A 424 -30.55 4.09 -44.91
N GLU A 425 -29.54 3.23 -44.85
CA GLU A 425 -28.59 3.20 -43.75
C GLU A 425 -27.60 4.38 -43.81
N VAL A 426 -27.57 5.22 -42.78
CA VAL A 426 -26.69 6.39 -42.82
C VAL A 426 -25.65 6.43 -41.71
N GLY A 427 -25.68 5.44 -40.83
CA GLY A 427 -24.74 5.36 -39.73
C GLY A 427 -24.94 4.09 -38.92
N SER A 428 -24.27 3.97 -37.79
CA SER A 428 -24.37 2.75 -37.02
C SER A 428 -24.00 2.96 -35.57
N TYR A 429 -24.50 2.07 -34.72
CA TYR A 429 -24.20 2.12 -33.30
C TYR A 429 -23.71 0.73 -32.85
N HIS A 430 -22.66 0.72 -32.04
CA HIS A 430 -22.12 -0.52 -31.48
C HIS A 430 -22.05 -0.41 -29.95
N PHE A 431 -22.60 -1.41 -29.26
CA PHE A 431 -22.95 -1.28 -27.85
C PHE A 431 -21.77 -1.16 -26.89
N GLN A 432 -20.59 -1.63 -27.30
CA GLN A 432 -19.37 -1.24 -26.58
C GLN A 432 -18.30 -0.79 -27.56
N SER A 433 -18.07 0.52 -27.61
CA SER A 433 -17.01 1.08 -28.45
C SER A 433 -16.55 2.43 -27.93
N LEU A 437 -21.66 5.40 -31.82
CA LEU A 437 -22.31 6.03 -32.95
C LEU A 437 -21.37 6.73 -33.94
N SER A 438 -21.69 6.57 -35.21
CA SER A 438 -21.20 7.38 -36.30
C SER A 438 -22.37 7.68 -37.25
N ILE A 439 -22.46 8.91 -37.78
CA ILE A 439 -23.49 9.25 -38.76
C ILE A 439 -22.94 10.11 -39.91
N ASN A 440 -23.22 9.69 -41.13
CA ASN A 440 -22.92 10.46 -42.34
C ASN A 440 -24.13 11.34 -42.64
N LYS A 441 -24.07 12.60 -42.24
CA LYS A 441 -25.25 13.44 -42.23
C LYS A 441 -25.62 13.93 -43.62
N THR A 442 -24.68 13.83 -44.56
CA THR A 442 -24.92 14.32 -45.91
C THR A 442 -26.01 13.48 -46.57
N LYS A 443 -26.02 12.19 -46.22
CA LYS A 443 -26.95 11.23 -46.77
C LYS A 443 -28.41 11.54 -46.43
N ILE A 444 -28.63 12.15 -45.28
CA ILE A 444 -29.98 12.53 -44.89
C ILE A 444 -30.43 13.75 -45.68
N LYS A 445 -31.52 13.59 -46.43
CA LYS A 445 -32.14 14.67 -47.19
C LYS A 445 -33.39 15.14 -46.46
N TRP A 446 -33.32 16.34 -45.91
CA TRP A 446 -34.36 16.77 -44.98
C TRP A 446 -35.56 17.35 -45.72
N PHE A 447 -36.77 16.99 -45.27
CA PHE A 447 -37.99 17.60 -45.82
C PHE A 447 -38.31 18.91 -45.10
N PRO B 2 -68.54 -14.28 21.39
CA PRO B 2 -67.61 -14.54 22.50
C PRO B 2 -67.86 -15.87 23.21
N ASN B 3 -68.86 -16.63 22.78
CA ASN B 3 -69.08 -17.99 23.30
C ASN B 3 -68.88 -19.03 22.20
N TRP B 4 -68.93 -18.58 20.95
CA TRP B 4 -68.47 -19.40 19.83
C TRP B 4 -66.94 -19.45 19.83
N PHE B 5 -66.35 -18.70 20.75
CA PHE B 5 -64.91 -18.69 20.95
C PHE B 5 -64.26 -20.03 21.38
N ASN B 6 -65.00 -20.94 22.01
CA ASN B 6 -64.33 -22.14 22.50
C ASN B 6 -64.63 -23.39 21.65
N ASN B 7 -64.95 -23.18 20.38
CA ASN B 7 -65.32 -24.22 19.44
C ASN B 7 -64.47 -24.03 18.20
N ILE B 8 -63.86 -22.85 18.13
CA ILE B 8 -62.95 -22.54 17.06
C ILE B 8 -61.79 -23.55 17.06
N SER B 9 -61.50 -24.10 15.88
CA SER B 9 -60.49 -25.14 15.78
C SER B 9 -59.08 -24.58 15.92
N THR B 10 -58.17 -25.42 16.38
CA THR B 10 -56.74 -25.09 16.47
C THR B 10 -56.08 -24.96 15.11
N ASP B 11 -56.63 -25.63 14.10
CA ASP B 11 -56.06 -25.59 12.75
C ASP B 11 -55.84 -24.13 12.29
N LEU B 12 -54.57 -23.78 12.10
CA LEU B 12 -54.16 -22.38 11.97
C LEU B 12 -54.15 -21.86 10.53
N PHE B 13 -53.60 -22.67 9.62
CA PHE B 13 -53.43 -22.27 8.23
C PHE B 13 -54.35 -23.03 7.28
N SER B 14 -54.79 -24.19 7.70
CA SER B 14 -55.62 -25.04 6.87
C SER B 14 -56.88 -25.42 7.65
N MET B 15 -58.03 -25.02 7.14
CA MET B 15 -59.29 -25.32 7.79
C MET B 15 -60.30 -25.88 6.79
N PRO B 16 -60.72 -27.12 7.01
CA PRO B 16 -61.73 -27.80 6.19
C PRO B 16 -63.04 -27.04 6.11
N GLY B 17 -63.70 -27.10 4.95
CA GLY B 17 -65.02 -26.50 4.80
C GLY B 17 -65.71 -26.99 3.54
N ASP B 18 -66.88 -26.45 3.24
CA ASP B 18 -67.59 -26.85 2.04
C ASP B 18 -67.17 -25.99 0.86
N ILE B 19 -67.00 -24.71 1.12
CA ILE B 19 -66.42 -23.82 0.12
C ILE B 19 -65.10 -23.27 0.65
N LYS B 20 -64.09 -23.20 -0.20
CA LYS B 20 -62.77 -22.83 0.31
C LYS B 20 -62.20 -21.52 -0.24
N LEU B 21 -61.61 -20.72 0.67
CA LEU B 21 -60.79 -19.55 0.32
C LEU B 21 -59.30 -19.85 0.33
N GLY B 22 -58.60 -19.45 -0.72
CA GLY B 22 -57.16 -19.47 -0.70
C GLY B 22 -56.58 -18.22 -0.04
N GLY B 23 -55.66 -18.43 0.91
CA GLY B 23 -54.99 -17.32 1.54
C GLY B 23 -53.53 -17.19 1.16
N LEU B 24 -53.11 -15.95 0.84
CA LEU B 24 -51.71 -15.65 0.57
C LEU B 24 -51.12 -14.58 1.48
N PHE B 25 -50.27 -15.00 2.42
CA PHE B 25 -49.70 -14.06 3.38
C PHE B 25 -48.20 -14.17 3.45
N PRO B 26 -47.51 -13.02 3.63
CA PRO B 26 -46.06 -13.04 3.83
C PRO B 26 -45.74 -13.44 5.26
N ILE B 27 -45.58 -14.75 5.49
CA ILE B 27 -45.44 -15.29 6.84
C ILE B 27 -43.98 -15.50 7.22
N LYS B 28 -43.20 -16.09 6.31
CA LYS B 28 -41.76 -16.17 6.54
C LYS B 28 -40.95 -15.87 5.26
N GLU B 29 -40.16 -14.80 5.32
CA GLU B 29 -39.38 -14.36 4.17
C GLU B 29 -37.90 -14.74 4.28
N GLN B 30 -37.07 -14.15 3.42
CA GLN B 30 -35.63 -14.36 3.53
C GLN B 30 -34.99 -13.15 4.21
N SER B 31 -34.09 -13.42 5.15
CA SER B 31 -33.45 -12.41 6.02
C SER B 31 -32.88 -11.19 5.29
N SER B 43 -31.39 -23.58 -2.56
CA SER B 43 -32.41 -23.11 -3.50
C SER B 43 -32.93 -21.74 -3.08
N VAL B 44 -34.11 -21.71 -2.49
CA VAL B 44 -34.66 -20.47 -1.91
C VAL B 44 -34.99 -20.67 -0.43
N SER B 45 -34.33 -19.93 0.44
CA SER B 45 -34.55 -20.14 1.86
C SER B 45 -35.40 -19.04 2.49
N CYS B 46 -36.45 -19.43 3.20
CA CYS B 46 -37.32 -18.45 3.86
C CYS B 46 -37.20 -18.51 5.37
N ASP B 47 -36.20 -17.80 5.88
CA ASP B 47 -35.71 -17.94 7.26
C ASP B 47 -36.53 -17.18 8.28
N SER B 48 -36.87 -15.94 7.95
CA SER B 48 -37.34 -14.97 8.94
C SER B 48 -38.86 -14.80 9.02
N LEU B 49 -39.38 -14.89 10.24
CA LEU B 49 -40.79 -14.64 10.53
C LEU B 49 -41.19 -13.19 10.28
N ASN B 50 -42.22 -12.98 9.47
CA ASN B 50 -42.92 -11.70 9.45
C ASN B 50 -44.07 -11.74 10.45
N LYS B 51 -43.92 -11.00 11.55
CA LYS B 51 -44.93 -10.97 12.61
C LYS B 51 -46.23 -10.23 12.24
N ASP B 52 -46.13 -9.18 11.44
CA ASP B 52 -47.34 -8.47 10.99
C ASP B 52 -48.17 -9.36 10.05
N GLY B 53 -47.49 -10.04 9.13
CA GLY B 53 -48.11 -10.94 8.17
C GLY B 53 -48.71 -12.20 8.76
N LEU B 54 -48.11 -12.69 9.85
CA LEU B 54 -48.69 -13.78 10.60
C LEU B 54 -49.98 -13.31 11.24
N GLY B 55 -49.97 -12.04 11.66
CA GLY B 55 -51.12 -11.45 12.30
C GLY B 55 -52.29 -11.28 11.35
N ARG B 56 -52.01 -10.74 10.16
CA ARG B 56 -53.06 -10.58 9.15
C ARG B 56 -53.66 -11.94 8.81
N ALA B 57 -52.81 -12.98 8.80
CA ALA B 57 -53.24 -14.36 8.59
C ALA B 57 -54.15 -14.81 9.72
N LEU B 58 -53.88 -14.30 10.91
CA LEU B 58 -54.71 -14.61 12.05
C LEU B 58 -56.07 -13.95 11.91
N VAL B 59 -56.11 -12.75 11.33
CA VAL B 59 -57.38 -12.05 11.13
C VAL B 59 -58.32 -12.85 10.22
N MET B 60 -57.79 -13.38 9.12
CA MET B 60 -58.57 -14.21 8.20
C MET B 60 -59.04 -15.47 8.91
N LYS B 61 -58.21 -16.04 9.77
CA LYS B 61 -58.63 -17.14 10.63
C LYS B 61 -59.84 -16.74 11.51
N TYR B 62 -59.70 -15.60 12.20
CA TYR B 62 -60.77 -15.07 13.04
C TYR B 62 -62.04 -14.80 12.26
N ALA B 63 -61.89 -14.14 11.10
CA ALA B 63 -63.02 -13.81 10.26
C ALA B 63 -63.78 -15.06 9.81
N VAL B 64 -63.05 -16.06 9.33
CA VAL B 64 -63.67 -17.29 8.87
C VAL B 64 -64.36 -18.02 10.00
N GLU B 65 -63.65 -18.22 11.11
CA GLU B 65 -64.26 -18.79 12.31
C GLU B 65 -65.56 -18.10 12.71
N GLU B 66 -65.56 -16.78 12.65
CA GLU B 66 -66.72 -16.01 13.10
C GLU B 66 -67.89 -16.14 12.11
N ILE B 67 -67.59 -16.07 10.83
CA ILE B 67 -68.62 -16.26 9.79
C ILE B 67 -69.35 -17.60 9.93
N ASN B 68 -68.57 -18.66 10.14
CA ASN B 68 -69.14 -19.97 10.28
C ASN B 68 -69.95 -20.08 11.55
N ALA B 69 -69.48 -19.41 12.61
CA ALA B 69 -70.18 -19.38 13.90
C ALA B 69 -71.47 -18.56 13.82
N ASN B 70 -71.50 -17.60 12.91
CA ASN B 70 -72.75 -16.96 12.58
C ASN B 70 -73.62 -17.98 11.88
N SER B 71 -74.72 -18.34 12.51
CA SER B 71 -75.64 -19.34 11.99
C SER B 71 -76.48 -18.86 10.79
N GLN B 72 -76.47 -17.56 10.51
CA GLN B 72 -77.39 -17.03 9.50
C GLN B 72 -76.73 -16.27 8.34
N LEU B 73 -75.41 -16.39 8.19
CA LEU B 73 -74.70 -15.71 7.11
C LEU B 73 -74.41 -16.66 5.96
N LEU B 74 -73.90 -17.85 6.24
CA LEU B 74 -73.92 -18.88 5.22
C LEU B 74 -74.53 -20.09 5.87
N PRO B 75 -75.85 -20.04 6.12
CA PRO B 75 -76.51 -21.14 6.85
C PRO B 75 -76.35 -22.48 6.12
N GLY B 76 -75.94 -23.50 6.87
CA GLY B 76 -75.81 -24.83 6.32
C GLY B 76 -74.53 -25.08 5.57
N VAL B 77 -73.69 -24.04 5.44
CA VAL B 77 -72.46 -24.14 4.66
C VAL B 77 -71.23 -23.61 5.41
N LYS B 78 -70.22 -24.47 5.53
CA LYS B 78 -69.00 -24.13 6.28
C LYS B 78 -67.90 -23.54 5.40
N LEU B 79 -67.41 -22.37 5.80
CA LEU B 79 -66.34 -21.71 5.07
C LEU B 79 -65.02 -22.33 5.47
N GLY B 80 -64.21 -22.67 4.47
CA GLY B 80 -62.94 -23.30 4.74
C GLY B 80 -61.84 -22.56 4.02
N TYR B 81 -60.58 -22.92 4.26
CA TYR B 81 -59.49 -22.19 3.63
C TYR B 81 -58.13 -22.89 3.66
N LYS B 82 -57.25 -22.44 2.76
CA LYS B 82 -55.84 -22.81 2.80
C LYS B 82 -55.01 -21.53 2.73
N ILE B 83 -54.22 -21.29 3.76
CA ILE B 83 -53.33 -20.14 3.76
C ILE B 83 -51.92 -20.60 3.39
N TYR B 84 -51.25 -19.85 2.52
CA TYR B 84 -49.87 -20.23 2.18
C TYR B 84 -48.92 -19.05 2.30
N ASN B 85 -47.69 -19.37 2.68
CA ASN B 85 -46.62 -18.39 2.68
C ASN B 85 -46.22 -17.93 1.30
N THR B 86 -46.11 -16.62 1.14
CA THR B 86 -45.72 -16.06 -0.16
C THR B 86 -44.22 -15.84 -0.21
N CYS B 87 -43.62 -15.61 0.96
CA CYS B 87 -42.19 -15.30 1.10
C CYS B 87 -41.78 -14.05 0.32
N ARG B 88 -42.77 -13.29 -0.15
CA ARG B 88 -42.56 -12.26 -1.17
C ARG B 88 -41.51 -12.69 -2.19
N HIS B 89 -41.80 -13.75 -2.93
CA HIS B 89 -40.89 -14.34 -3.92
C HIS B 89 -41.67 -15.15 -4.96
N SER B 90 -41.44 -14.84 -6.23
CA SER B 90 -42.02 -15.54 -7.37
C SER B 90 -42.14 -17.04 -7.21
N ALA B 91 -41.02 -17.72 -6.98
CA ALA B 91 -40.99 -19.18 -7.05
C ALA B 91 -41.78 -19.82 -5.92
N VAL B 92 -41.90 -19.08 -4.83
CA VAL B 92 -42.56 -19.63 -3.69
C VAL B 92 -44.07 -19.46 -3.86
N ILE B 93 -44.49 -18.28 -4.33
CA ILE B 93 -45.91 -17.95 -4.40
C ILE B 93 -46.71 -18.53 -5.59
N VAL B 94 -46.05 -18.90 -6.69
CA VAL B 94 -46.82 -19.41 -7.82
C VAL B 94 -47.26 -20.83 -7.54
N ARG B 95 -46.53 -21.50 -6.66
CA ARG B 95 -46.89 -22.87 -6.32
C ARG B 95 -48.30 -22.94 -5.67
N PRO B 96 -48.55 -22.19 -4.57
CA PRO B 96 -49.90 -22.23 -4.00
C PRO B 96 -50.96 -21.58 -4.86
N ALA B 97 -50.59 -20.57 -5.65
CA ALA B 97 -51.53 -19.96 -6.58
C ALA B 97 -52.04 -21.00 -7.56
N LEU B 98 -51.13 -21.66 -8.26
CA LEU B 98 -51.47 -22.82 -9.07
C LEU B 98 -52.30 -23.86 -8.29
N SER B 99 -52.00 -24.07 -7.01
CA SER B 99 -52.74 -25.08 -6.20
C SER B 99 -54.21 -24.69 -5.99
N PHE B 100 -54.52 -23.40 -6.03
CA PHE B 100 -55.90 -22.96 -5.92
C PHE B 100 -56.70 -23.35 -7.15
N LEU B 101 -56.00 -23.63 -8.25
CA LEU B 101 -56.66 -23.86 -9.52
C LEU B 101 -56.79 -25.35 -9.84
N THR B 102 -56.33 -26.22 -8.95
CA THR B 102 -56.54 -27.65 -9.18
C THR B 102 -58.01 -27.97 -8.97
N GLU B 103 -58.56 -28.87 -9.76
CA GLU B 103 -59.97 -29.21 -9.62
C GLU B 103 -60.26 -29.75 -8.22
N LYS B 104 -61.34 -29.27 -7.62
CA LYS B 104 -61.77 -29.70 -6.31
C LYS B 104 -61.68 -31.22 -6.17
N SER B 105 -62.29 -31.93 -7.12
CA SER B 105 -62.41 -33.38 -7.04
C SER B 105 -61.10 -34.14 -7.19
N ASN B 106 -60.30 -33.77 -8.18
CA ASN B 106 -59.16 -34.61 -8.59
C ASN B 106 -57.79 -34.15 -8.08
N GLY B 107 -57.76 -33.02 -7.39
CA GLY B 107 -56.54 -32.48 -6.84
C GLY B 107 -55.43 -32.24 -7.83
N THR B 108 -55.81 -32.04 -9.10
CA THR B 108 -54.85 -31.78 -10.18
C THR B 108 -55.35 -30.68 -11.10
N LEU B 109 -54.42 -30.10 -11.83
CA LEU B 109 -54.73 -29.10 -12.83
C LEU B 109 -54.62 -29.72 -14.22
N SER B 110 -55.74 -29.85 -14.89
CA SER B 110 -55.71 -30.35 -16.25
C SER B 110 -55.43 -29.18 -17.21
N VAL B 111 -54.76 -29.49 -18.31
CA VAL B 111 -54.53 -28.53 -19.35
C VAL B 111 -55.74 -28.47 -20.24
N GLU B 112 -56.38 -27.32 -20.30
CA GLU B 112 -57.56 -27.16 -21.13
C GLU B 112 -57.77 -25.73 -21.65
N CYS B 113 -58.62 -25.62 -22.66
CA CYS B 113 -58.86 -24.35 -23.33
C CYS B 113 -60.11 -23.66 -22.85
N ASN B 114 -61.00 -24.39 -22.21
CA ASN B 114 -62.24 -23.83 -21.70
C ASN B 114 -62.45 -24.27 -20.25
N TYR B 115 -62.30 -23.35 -19.31
CA TYR B 115 -62.41 -23.66 -17.88
C TYR B 115 -63.76 -23.27 -17.30
N THR B 116 -64.75 -23.07 -18.15
CA THR B 116 -66.06 -22.62 -17.68
C THR B 116 -66.77 -23.65 -16.79
N ASP B 117 -66.65 -24.92 -17.14
CA ASP B 117 -67.25 -26.01 -16.37
C ASP B 117 -66.25 -26.64 -15.41
N TYR B 118 -65.17 -25.93 -15.12
CA TYR B 118 -64.09 -26.47 -14.28
C TYR B 118 -64.27 -26.01 -12.82
N GLU B 119 -64.40 -26.96 -11.90
CA GLU B 119 -64.60 -26.61 -10.49
C GLU B 119 -63.24 -26.58 -9.75
N THR B 120 -62.77 -25.36 -9.47
CA THR B 120 -61.52 -25.18 -8.73
C THR B 120 -61.71 -25.54 -7.23
N ASP B 121 -60.58 -25.72 -6.55
CA ASP B 121 -60.57 -26.06 -5.13
C ASP B 121 -60.96 -24.85 -4.27
N MET B 122 -60.46 -23.67 -4.65
CA MET B 122 -60.86 -22.42 -4.01
C MET B 122 -61.82 -21.63 -4.90
N VAL B 123 -62.74 -20.91 -4.28
CA VAL B 123 -63.70 -20.12 -5.02
C VAL B 123 -63.21 -18.67 -5.14
N ALA B 124 -62.31 -18.28 -4.24
CA ALA B 124 -61.74 -16.92 -4.22
C ALA B 124 -60.39 -16.96 -3.53
N VAL B 125 -59.66 -15.85 -3.62
CA VAL B 125 -58.33 -15.74 -3.04
C VAL B 125 -58.25 -14.48 -2.18
N ILE B 126 -57.79 -14.63 -0.94
CA ILE B 126 -57.48 -13.50 -0.10
C ILE B 126 -55.98 -13.29 -0.05
N GLY B 127 -55.51 -12.08 -0.36
CA GLY B 127 -54.09 -11.83 -0.55
C GLY B 127 -53.75 -11.74 -2.02
N PRO B 128 -52.48 -11.50 -2.37
CA PRO B 128 -51.36 -11.38 -1.44
C PRO B 128 -51.28 -10.00 -0.82
N GLN B 129 -50.32 -9.80 0.08
CA GLN B 129 -50.11 -8.53 0.78
C GLN B 129 -49.47 -7.48 -0.11
N SER B 130 -48.50 -7.91 -0.92
CA SER B 130 -47.65 -6.98 -1.67
C SER B 130 -47.98 -6.88 -3.16
N SER B 131 -47.89 -5.66 -3.67
CA SER B 131 -48.06 -5.40 -5.10
C SER B 131 -47.05 -6.11 -5.99
N GLU B 132 -45.88 -6.46 -5.46
CA GLU B 132 -44.94 -7.26 -6.23
C GLU B 132 -45.55 -8.62 -6.50
N MET B 133 -46.11 -9.23 -5.46
CA MET B 133 -46.68 -10.57 -5.57
C MET B 133 -47.92 -10.64 -6.48
N VAL B 134 -48.70 -9.56 -6.49
CA VAL B 134 -49.89 -9.48 -7.34
C VAL B 134 -49.52 -9.50 -8.83
N THR B 135 -48.39 -8.89 -9.17
CA THR B 135 -47.91 -8.88 -10.54
C THR B 135 -47.43 -10.27 -10.94
N VAL B 136 -47.18 -11.14 -9.96
CA VAL B 136 -46.76 -12.54 -10.19
C VAL B 136 -47.95 -13.48 -10.45
N ILE B 137 -49.06 -13.26 -9.77
CA ILE B 137 -50.15 -14.21 -9.89
C ILE B 137 -51.44 -13.58 -10.42
N GLY B 138 -51.39 -12.29 -10.68
CA GLY B 138 -52.60 -11.54 -11.03
C GLY B 138 -53.24 -12.01 -12.32
N LYS B 139 -52.42 -12.17 -13.35
CA LYS B 139 -52.98 -12.48 -14.65
C LYS B 139 -53.36 -13.96 -14.76
N LEU B 140 -52.57 -14.84 -14.16
CA LEU B 140 -52.96 -16.24 -14.02
C LEU B 140 -54.36 -16.35 -13.42
N LEU B 141 -54.51 -15.82 -12.21
CA LEU B 141 -55.78 -15.85 -11.50
C LEU B 141 -56.85 -15.10 -12.26
N GLY B 142 -56.46 -13.98 -12.87
CA GLY B 142 -57.38 -13.21 -13.70
C GLY B 142 -57.94 -13.97 -14.89
N PHE B 143 -57.08 -14.70 -15.59
CA PHE B 143 -57.55 -15.58 -16.66
C PHE B 143 -58.65 -16.53 -16.18
N PHE B 144 -58.44 -17.14 -15.02
CA PHE B 144 -59.44 -18.04 -14.45
C PHE B 144 -60.65 -17.29 -13.88
N LEU B 145 -60.58 -15.95 -13.95
CA LEU B 145 -61.64 -15.10 -13.41
C LEU B 145 -61.85 -15.44 -11.95
N MET B 146 -60.76 -15.82 -11.29
CA MET B 146 -60.85 -16.14 -9.87
C MET B 146 -60.83 -14.84 -9.05
N PRO B 147 -61.85 -14.61 -8.21
CA PRO B 147 -61.84 -13.41 -7.34
C PRO B 147 -60.63 -13.42 -6.41
N GLN B 148 -59.84 -12.35 -6.45
CA GLN B 148 -58.78 -12.15 -5.48
C GLN B 148 -58.96 -10.80 -4.80
N ILE B 149 -59.03 -10.81 -3.47
CA ILE B 149 -59.05 -9.57 -2.72
C ILE B 149 -57.73 -9.38 -2.00
N SER B 150 -57.09 -8.24 -2.26
CA SER B 150 -55.91 -7.91 -1.49
C SER B 150 -56.30 -7.03 -0.33
N PHE B 151 -55.91 -7.48 0.86
CA PHE B 151 -55.94 -6.68 2.06
C PHE B 151 -54.79 -5.66 2.10
N GLY B 152 -53.84 -5.74 1.17
CA GLY B 152 -52.61 -4.96 1.29
C GLY B 152 -52.07 -4.22 0.09
N ALA B 153 -52.11 -4.84 -1.09
CA ALA B 153 -51.47 -4.31 -2.30
C ALA B 153 -52.14 -3.04 -2.82
N THR B 154 -51.40 -1.94 -2.85
CA THR B 154 -51.99 -0.62 -3.05
C THR B 154 -51.71 0.02 -4.41
N SER B 155 -50.78 -0.58 -5.15
CA SER B 155 -50.36 -0.04 -6.45
C SER B 155 -51.53 0.24 -7.41
N ASP B 156 -51.48 1.36 -8.13
CA ASP B 156 -52.55 1.77 -9.06
C ASP B 156 -52.57 0.95 -10.37
N LYS B 157 -51.54 0.15 -10.61
CA LYS B 157 -51.48 -0.75 -11.77
C LYS B 157 -52.66 -1.72 -11.78
N PHE B 158 -53.17 -2.05 -10.61
CA PHE B 158 -54.19 -3.07 -10.49
C PHE B 158 -55.60 -2.51 -10.63
N SER B 159 -55.66 -1.21 -10.87
CA SER B 159 -56.95 -0.56 -11.02
C SER B 159 -57.51 -0.74 -12.42
N ASP B 160 -56.80 -1.46 -13.28
CA ASP B 160 -57.32 -1.67 -14.62
C ASP B 160 -57.92 -3.08 -14.73
N SER B 161 -59.24 -3.13 -14.85
CA SER B 161 -59.94 -4.40 -14.96
C SER B 161 -59.62 -5.11 -16.27
N LEU B 162 -59.18 -4.36 -17.28
CA LEU B 162 -58.73 -4.94 -18.54
C LEU B 162 -57.38 -5.65 -18.41
N VAL B 163 -56.59 -5.30 -17.40
CA VAL B 163 -55.27 -5.91 -17.20
C VAL B 163 -55.32 -6.91 -16.02
N TYR B 164 -56.19 -6.65 -15.05
CA TYR B 164 -56.30 -7.53 -13.90
C TYR B 164 -57.78 -7.74 -13.62
N PRO B 165 -58.39 -8.67 -14.39
CA PRO B 165 -59.84 -8.82 -14.52
C PRO B 165 -60.57 -9.27 -13.28
N SER B 166 -59.89 -9.86 -12.30
CA SER B 166 -60.60 -10.24 -11.10
C SER B 166 -59.96 -9.66 -9.84
N PHE B 167 -59.35 -8.48 -9.95
CA PHE B 167 -58.71 -7.86 -8.78
C PHE B 167 -59.61 -6.92 -7.96
N PHE B 168 -59.61 -7.17 -6.65
CA PHE B 168 -60.27 -6.31 -5.68
C PHE B 168 -59.30 -6.00 -4.56
N ARG B 169 -59.73 -5.08 -3.71
CA ARG B 169 -58.85 -4.38 -2.81
C ARG B 169 -59.64 -3.82 -1.66
N THR B 170 -59.25 -4.12 -0.43
CA THR B 170 -59.91 -3.52 0.72
C THR B 170 -59.28 -2.20 1.13
N VAL B 171 -58.05 -1.97 0.68
CA VAL B 171 -57.40 -0.68 0.92
C VAL B 171 -57.34 0.08 -0.39
N PRO B 172 -57.40 1.42 -0.32
CA PRO B 172 -57.37 2.38 -1.45
C PRO B 172 -56.16 2.26 -2.40
N SER B 173 -56.32 2.87 -3.58
CA SER B 173 -55.26 2.92 -4.57
C SER B 173 -54.24 4.03 -4.25
N ASP B 174 -52.97 3.77 -4.58
CA ASP B 174 -51.89 4.67 -4.21
C ASP B 174 -51.92 5.96 -5.02
N ILE B 175 -52.70 5.94 -6.09
CA ILE B 175 -52.89 7.15 -6.88
C ILE B 175 -53.52 8.20 -5.99
N ARG B 176 -54.29 7.72 -5.02
CA ARG B 176 -54.99 8.60 -4.10
C ARG B 176 -54.14 9.01 -2.93
N GLN B 177 -53.27 8.11 -2.44
CA GLN B 177 -52.39 8.43 -1.34
C GLN B 177 -51.37 9.47 -1.75
N VAL B 178 -50.88 9.38 -2.98
CA VAL B 178 -49.94 10.41 -3.42
C VAL B 178 -50.67 11.74 -3.64
N ASP B 179 -51.95 11.68 -3.97
CA ASP B 179 -52.76 12.90 -4.04
C ASP B 179 -52.86 13.47 -2.64
N ALA B 180 -53.03 12.58 -1.66
CA ALA B 180 -53.13 12.99 -0.26
C ALA B 180 -51.81 13.64 0.19
N MET B 181 -50.69 13.04 -0.21
CA MET B 181 -49.36 13.54 0.15
C MET B 181 -49.08 14.91 -0.45
N VAL B 182 -49.41 15.09 -1.72
CA VAL B 182 -49.12 16.32 -2.44
C VAL B 182 -50.02 17.47 -2.00
N GLN B 183 -51.27 17.17 -1.62
CA GLN B 183 -52.16 18.20 -1.10
C GLN B 183 -51.67 18.75 0.24
N LEU B 184 -51.19 17.83 1.10
CA LEU B 184 -50.59 18.20 2.38
C LEU B 184 -49.41 19.13 2.16
N ILE B 185 -48.51 18.70 1.28
CA ILE B 185 -47.30 19.43 0.94
C ILE B 185 -47.65 20.83 0.40
N LYS B 186 -48.67 20.93 -0.45
CA LYS B 186 -49.13 22.23 -0.92
C LYS B 186 -49.65 23.07 0.25
N LYS B 187 -50.43 22.44 1.13
CA LYS B 187 -50.99 23.11 2.32
C LYS B 187 -49.92 23.75 3.20
N PHE B 188 -48.73 23.13 3.24
CA PHE B 188 -47.65 23.60 4.08
C PHE B 188 -46.63 24.48 3.36
N ASN B 189 -46.97 24.90 2.14
CA ASN B 189 -46.17 25.84 1.33
C ASN B 189 -44.76 25.32 1.01
N TRP B 190 -44.65 24.01 0.83
CA TRP B 190 -43.40 23.35 0.43
C TRP B 190 -43.41 23.02 -1.07
N ASN B 191 -42.48 23.61 -1.84
CA ASN B 191 -42.43 23.42 -3.29
C ASN B 191 -41.16 22.75 -3.80
N TRP B 192 -40.35 22.26 -2.87
CA TRP B 192 -39.04 21.73 -3.20
C TRP B 192 -38.74 20.51 -2.33
N VAL B 193 -39.18 19.34 -2.81
CA VAL B 193 -39.05 18.09 -2.05
C VAL B 193 -38.29 17.03 -2.84
N ALA B 194 -38.01 15.91 -2.18
CA ALA B 194 -37.43 14.74 -2.84
C ALA B 194 -38.31 13.50 -2.63
N VAL B 195 -38.21 12.53 -3.54
CA VAL B 195 -38.97 11.29 -3.41
C VAL B 195 -38.06 10.06 -3.36
N VAL B 196 -38.23 9.23 -2.35
CA VAL B 196 -37.51 7.96 -2.24
C VAL B 196 -38.49 6.77 -2.26
N GLY B 197 -38.07 5.66 -2.85
CA GLY B 197 -38.88 4.47 -2.82
C GLY B 197 -38.06 3.21 -2.84
N SER B 198 -38.70 2.08 -2.53
CA SER B 198 -38.07 0.77 -2.69
C SER B 198 -38.08 0.32 -4.16
N GLU B 199 -37.03 -0.37 -4.57
CA GLU B 199 -36.90 -0.79 -5.96
C GLU B 199 -37.71 -2.06 -6.25
N GLU B 200 -39.03 -1.87 -6.39
CA GLU B 200 -39.99 -2.92 -6.73
C GLU B 200 -41.32 -2.22 -7.01
N GLU B 201 -42.29 -2.95 -7.55
CA GLU B 201 -43.58 -2.38 -7.98
C GLU B 201 -44.19 -1.25 -7.11
N TYR B 202 -44.28 -1.47 -5.79
CA TYR B 202 -44.86 -0.49 -4.86
C TYR B 202 -44.14 0.85 -4.87
N GLY B 203 -42.88 0.85 -4.47
CA GLY B 203 -42.10 2.07 -4.45
C GLY B 203 -41.87 2.69 -5.83
N GLN B 204 -41.66 1.84 -6.83
CA GLN B 204 -41.45 2.30 -8.19
C GLN B 204 -42.72 3.01 -8.67
N GLN B 205 -43.87 2.44 -8.36
CA GLN B 205 -45.12 3.01 -8.83
C GLN B 205 -45.45 4.30 -8.09
N GLY B 206 -45.22 4.32 -6.77
CA GLY B 206 -45.51 5.48 -5.96
C GLY B 206 -44.65 6.68 -6.34
N VAL B 207 -43.37 6.42 -6.57
CA VAL B 207 -42.42 7.47 -6.97
C VAL B 207 -42.83 8.15 -8.27
N GLN B 208 -43.24 7.33 -9.24
CA GLN B 208 -43.76 7.85 -10.50
C GLN B 208 -45.09 8.56 -10.27
N GLN B 209 -45.99 7.92 -9.51
CA GLN B 209 -47.29 8.52 -9.22
C GLN B 209 -47.13 9.86 -8.49
N PHE B 210 -46.24 9.90 -7.50
CA PHE B 210 -45.97 11.12 -6.77
C PHE B 210 -45.32 12.18 -7.64
N SER B 211 -44.33 11.78 -8.42
CA SER B 211 -43.58 12.72 -9.26
C SER B 211 -44.50 13.41 -10.26
N LYS B 212 -45.28 12.61 -10.97
CA LYS B 212 -46.28 13.09 -11.93
C LYS B 212 -47.33 13.97 -11.25
N LYS B 213 -47.83 13.54 -10.10
CA LYS B 213 -48.83 14.31 -9.38
C LYS B 213 -48.23 15.56 -8.75
N ALA B 214 -46.96 15.51 -8.37
CA ALA B 214 -46.28 16.65 -7.72
C ALA B 214 -46.16 17.87 -8.63
N GLU B 215 -45.67 17.66 -9.85
CA GLU B 215 -45.46 18.78 -10.76
C GLU B 215 -46.77 19.20 -11.45
N ASP B 216 -47.74 18.30 -11.51
CA ASP B 216 -49.07 18.69 -11.95
C ASP B 216 -49.65 19.70 -10.97
N MET B 217 -49.25 19.55 -9.72
CA MET B 217 -49.62 20.47 -8.64
C MET B 217 -48.50 21.48 -8.34
N GLY B 218 -47.52 21.58 -9.22
CA GLY B 218 -46.48 22.58 -9.08
C GLY B 218 -45.41 22.34 -8.04
N VAL B 219 -45.26 21.11 -7.57
CA VAL B 219 -44.19 20.77 -6.63
C VAL B 219 -42.96 20.24 -7.37
N CYS B 220 -41.93 21.08 -7.49
CA CYS B 220 -40.71 20.66 -8.15
C CYS B 220 -39.98 19.58 -7.36
N VAL B 221 -39.98 18.35 -7.91
CA VAL B 221 -39.24 17.26 -7.31
C VAL B 221 -37.76 17.39 -7.62
N ALA B 222 -36.95 17.70 -6.60
CA ALA B 222 -35.51 17.92 -6.78
C ALA B 222 -34.75 16.64 -7.05
N TYR B 223 -35.30 15.49 -6.63
CA TYR B 223 -34.57 14.23 -6.70
C TYR B 223 -35.46 13.03 -6.46
N GLN B 224 -35.19 11.94 -7.17
CA GLN B 224 -35.91 10.67 -7.01
C GLN B 224 -34.92 9.56 -6.75
N GLY B 225 -35.36 8.47 -6.14
CA GLY B 225 -34.41 7.43 -5.83
C GLY B 225 -34.94 6.12 -5.30
N LEU B 226 -34.25 5.05 -5.67
CA LEU B 226 -34.73 3.70 -5.43
C LEU B 226 -33.77 2.91 -4.55
N ILE B 227 -34.33 2.16 -3.59
CA ILE B 227 -33.53 1.40 -2.65
C ILE B 227 -33.63 -0.11 -2.95
N PRO B 228 -32.50 -0.73 -3.32
CA PRO B 228 -32.45 -2.15 -3.70
C PRO B 228 -32.98 -3.09 -2.62
N ILE B 229 -33.71 -4.12 -3.06
CA ILE B 229 -34.24 -5.11 -2.16
C ILE B 229 -33.46 -6.39 -2.36
N TYR B 230 -32.53 -6.34 -3.31
CA TYR B 230 -31.60 -7.43 -3.54
C TYR B 230 -30.17 -6.89 -3.55
N ASP B 231 -29.26 -7.64 -2.93
CA ASP B 231 -27.86 -7.20 -2.76
C ASP B 231 -27.80 -6.03 -1.75
N ASP B 232 -26.66 -5.35 -1.72
CA ASP B 232 -26.40 -4.28 -0.77
C ASP B 232 -27.19 -3.01 -1.06
N PRO B 233 -28.14 -2.64 -0.20
CA PRO B 233 -28.79 -1.37 -0.49
C PRO B 233 -27.93 -0.17 -0.09
N LYS B 234 -26.98 -0.36 0.83
CA LYS B 234 -26.21 0.75 1.44
C LYS B 234 -25.49 1.69 0.46
N PRO B 235 -24.87 1.17 -0.62
CA PRO B 235 -24.21 2.14 -1.49
C PRO B 235 -25.21 2.98 -2.29
N ALA B 236 -26.28 2.37 -2.77
CA ALA B 236 -27.35 3.14 -3.41
C ALA B 236 -27.92 4.15 -2.42
N ILE B 237 -27.92 3.79 -1.13
CA ILE B 237 -28.51 4.63 -0.12
C ILE B 237 -27.67 5.89 0.18
N GLN B 238 -26.35 5.79 0.15
CA GLN B 238 -25.53 6.99 0.37
C GLN B 238 -25.69 8.03 -0.75
N THR B 239 -25.75 7.56 -2.01
CA THR B 239 -25.96 8.43 -3.16
C THR B 239 -27.28 9.17 -3.00
N ILE B 240 -28.25 8.46 -2.44
CA ILE B 240 -29.56 9.03 -2.20
C ILE B 240 -29.43 10.18 -1.22
N ILE B 241 -28.77 9.91 -0.09
CA ILE B 241 -28.70 10.89 0.98
C ILE B 241 -27.80 12.07 0.59
N ASN B 242 -26.79 11.82 -0.25
CA ASN B 242 -25.96 12.91 -0.74
C ASN B 242 -26.75 13.85 -1.64
N ASN B 243 -27.60 13.28 -2.48
CA ASN B 243 -28.46 14.08 -3.34
C ASN B 243 -29.47 14.85 -2.51
N ILE B 244 -29.92 14.25 -1.43
CA ILE B 244 -30.82 14.91 -0.50
C ILE B 244 -30.12 16.12 0.14
N GLN B 245 -28.87 15.95 0.54
CA GLN B 245 -28.14 17.03 1.17
C GLN B 245 -27.81 18.11 0.16
N THR B 246 -27.37 17.72 -1.04
CA THR B 246 -26.87 18.72 -2.00
C THR B 246 -28.00 19.50 -2.66
N THR B 247 -29.19 18.90 -2.70
CA THR B 247 -30.38 19.63 -3.17
C THR B 247 -30.84 20.59 -2.07
N GLU B 248 -30.42 20.27 -0.85
CA GLU B 248 -30.78 21.02 0.35
C GLU B 248 -32.30 21.04 0.51
N VAL B 249 -32.89 19.86 0.67
CA VAL B 249 -34.32 19.71 0.77
C VAL B 249 -34.68 19.43 2.22
N LYS B 250 -35.77 20.00 2.70
CA LYS B 250 -36.21 19.75 4.07
C LYS B 250 -37.19 18.62 4.14
N VAL B 251 -37.88 18.41 3.03
CA VAL B 251 -38.97 17.44 2.99
C VAL B 251 -38.67 16.28 2.04
N VAL B 252 -38.59 15.09 2.62
CA VAL B 252 -38.36 13.89 1.83
C VAL B 252 -39.52 12.92 1.99
N VAL B 253 -40.13 12.56 0.87
CA VAL B 253 -41.19 11.57 0.86
C VAL B 253 -40.53 10.21 0.72
N VAL B 254 -40.79 9.30 1.66
CA VAL B 254 -40.24 7.95 1.58
C VAL B 254 -41.36 6.96 1.27
N PHE B 255 -41.59 6.73 -0.02
CA PHE B 255 -42.61 5.80 -0.49
C PHE B 255 -42.01 4.42 -0.65
N SER B 256 -41.85 3.70 0.45
CA SER B 256 -41.01 2.51 0.43
C SER B 256 -41.54 1.34 1.26
N LEU B 257 -41.17 0.13 0.88
CA LEU B 257 -41.42 -1.02 1.73
C LEU B 257 -40.65 -0.89 3.05
N VAL B 258 -41.04 -1.68 4.04
CA VAL B 258 -40.48 -1.55 5.38
C VAL B 258 -38.98 -1.89 5.46
N SER B 259 -38.57 -3.02 4.89
CA SER B 259 -37.20 -3.46 5.12
C SER B 259 -36.14 -2.50 4.57
N PRO B 260 -36.33 -1.98 3.34
CA PRO B 260 -35.34 -1.01 2.85
C PRO B 260 -35.42 0.33 3.56
N ALA B 261 -36.61 0.74 3.96
CA ALA B 261 -36.76 1.97 4.71
C ALA B 261 -35.94 1.95 6.01
N VAL B 262 -35.84 0.78 6.65
CA VAL B 262 -35.01 0.66 7.84
C VAL B 262 -33.57 0.91 7.47
N SER B 263 -33.09 0.23 6.43
CA SER B 263 -31.75 0.46 5.89
C SER B 263 -31.51 1.94 5.58
N PHE B 264 -32.53 2.58 5.03
CA PHE B 264 -32.47 4.00 4.66
C PHE B 264 -32.26 4.92 5.87
N PHE B 265 -33.11 4.78 6.87
CA PHE B 265 -33.10 5.71 7.99
C PHE B 265 -31.89 5.43 8.88
N GLU B 266 -31.48 4.17 8.93
CA GLU B 266 -30.22 3.79 9.56
C GLU B 266 -29.10 4.75 9.16
N GLU B 267 -29.05 5.05 7.87
CA GLU B 267 -28.01 5.90 7.33
C GLU B 267 -28.39 7.37 7.48
N VAL B 268 -29.69 7.65 7.47
CA VAL B 268 -30.16 9.02 7.68
C VAL B 268 -29.85 9.48 9.10
N ILE B 269 -30.11 8.61 10.07
CA ILE B 269 -29.67 8.81 11.45
C ILE B 269 -28.15 8.94 11.54
N LYS B 270 -27.45 8.14 10.74
CA LYS B 270 -25.98 8.11 10.77
C LYS B 270 -25.34 9.46 10.40
N LYS B 271 -26.03 10.27 9.60
CA LYS B 271 -25.48 11.56 9.16
C LYS B 271 -26.12 12.74 9.88
N ASN B 272 -26.74 12.45 11.02
CA ASN B 272 -27.48 13.42 11.84
C ASN B 272 -28.28 14.43 11.04
N LEU B 273 -28.81 13.98 9.89
CA LEU B 273 -29.68 14.78 9.06
C LEU B 273 -31.04 14.95 9.72
N THR B 274 -31.69 16.09 9.49
CA THR B 274 -33.06 16.25 9.92
C THR B 274 -33.93 16.85 8.82
N GLY B 275 -35.17 17.12 9.17
CA GLY B 275 -36.15 17.67 8.25
C GLY B 275 -37.51 17.03 8.48
N VAL B 276 -38.43 17.31 7.56
CA VAL B 276 -39.74 16.72 7.59
C VAL B 276 -39.73 15.42 6.77
N TRP B 277 -40.43 14.40 7.25
CA TRP B 277 -40.48 13.14 6.55
C TRP B 277 -41.92 12.72 6.31
N ILE B 278 -42.25 12.49 5.04
CA ILE B 278 -43.59 12.02 4.66
C ILE B 278 -43.60 10.49 4.59
N ALA B 279 -44.50 9.86 5.35
CA ALA B 279 -44.54 8.39 5.43
C ALA B 279 -45.70 7.75 4.63
N SER B 280 -45.38 6.71 3.88
CA SER B 280 -46.41 5.95 3.19
C SER B 280 -46.91 4.86 4.13
N SER B 281 -48.13 4.38 3.84
CA SER B 281 -48.84 3.44 4.70
C SER B 281 -47.94 2.31 5.17
N SER B 282 -47.09 1.83 4.26
CA SER B 282 -46.31 0.62 4.51
C SER B 282 -45.34 0.75 5.68
N TRP B 283 -44.84 1.95 5.95
CA TRP B 283 -43.92 2.10 7.08
C TRP B 283 -44.34 3.17 8.08
N ALA B 284 -45.39 3.91 7.77
CA ALA B 284 -45.86 4.99 8.63
C ALA B 284 -46.08 4.55 10.08
N ILE B 285 -46.31 3.26 10.31
CA ILE B 285 -46.54 2.74 11.66
C ILE B 285 -45.72 1.49 11.93
N SER B 286 -44.54 1.39 11.34
CA SER B 286 -43.69 0.25 11.59
C SER B 286 -42.77 0.46 12.80
N ASP B 287 -42.93 -0.41 13.80
CA ASP B 287 -42.04 -0.46 14.97
C ASP B 287 -40.57 -0.63 14.55
N LYS B 288 -40.35 -1.31 13.43
CA LYS B 288 -39.00 -1.54 12.91
C LYS B 288 -38.29 -0.23 12.62
N VAL B 289 -39.03 0.72 12.05
CA VAL B 289 -38.48 2.04 11.79
C VAL B 289 -38.24 2.83 13.09
N TYR B 290 -39.27 2.90 13.92
CA TYR B 290 -39.24 3.82 15.06
C TYR B 290 -38.40 3.33 16.23
N SER B 291 -38.11 2.04 16.26
CA SER B 291 -37.26 1.51 17.33
C SER B 291 -35.78 1.62 16.95
N LEU B 292 -35.50 2.19 15.77
CA LEU B 292 -34.13 2.46 15.37
C LEU B 292 -33.50 3.41 16.38
N PRO B 293 -32.40 2.98 17.02
CA PRO B 293 -31.73 3.86 17.96
C PRO B 293 -31.46 5.21 17.32
N ASN B 294 -32.04 6.26 17.89
CA ASN B 294 -31.89 7.65 17.50
C ASN B 294 -32.67 8.08 16.27
N ILE B 295 -33.80 7.42 16.02
CA ILE B 295 -34.66 7.80 14.93
C ILE B 295 -35.42 9.08 15.29
N ASP B 296 -35.48 9.39 16.58
CA ASP B 296 -36.20 10.59 17.01
C ASP B 296 -35.42 11.83 16.64
N SER B 297 -34.15 11.65 16.32
CA SER B 297 -33.28 12.77 15.97
C SER B 297 -33.54 13.26 14.55
N ILE B 298 -34.18 12.42 13.74
CA ILE B 298 -34.36 12.74 12.32
C ILE B 298 -35.38 13.85 12.10
N GLY B 299 -36.18 14.15 13.13
CA GLY B 299 -37.10 15.27 13.07
C GLY B 299 -38.56 14.90 13.00
N THR B 300 -39.28 15.48 12.06
CA THR B 300 -40.73 15.32 12.02
C THR B 300 -41.19 14.31 10.99
N VAL B 301 -42.06 13.39 11.41
CA VAL B 301 -42.58 12.35 10.54
C VAL B 301 -44.10 12.47 10.43
N ILE B 302 -44.58 12.82 9.24
CA ILE B 302 -46.02 12.86 8.98
C ILE B 302 -46.45 11.67 8.12
N GLY B 303 -47.51 11.00 8.52
CA GLY B 303 -47.87 9.73 7.91
C GLY B 303 -49.25 9.60 7.30
N PHE B 304 -49.41 8.55 6.51
CA PHE B 304 -50.69 8.23 5.91
C PHE B 304 -51.02 6.76 6.15
N ILE B 305 -52.16 6.50 6.78
CA ILE B 305 -52.64 5.13 6.89
C ILE B 305 -54.07 5.00 6.36
N ASP B 306 -54.46 3.78 6.01
CA ASP B 306 -55.84 3.55 5.62
C ASP B 306 -56.72 3.74 6.85
N GLU B 307 -57.81 4.50 6.70
CA GLU B 307 -58.79 4.67 7.77
C GLU B 307 -59.57 3.36 7.97
N THR B 308 -59.32 2.73 9.11
CA THR B 308 -59.89 1.42 9.38
C THR B 308 -60.67 1.39 10.69
N GLU B 309 -61.54 0.40 10.84
CA GLU B 309 -62.16 0.14 12.13
C GLU B 309 -61.16 -0.57 13.02
N THR B 310 -61.46 -0.68 14.30
CA THR B 310 -60.67 -1.48 15.21
C THR B 310 -61.42 -2.77 15.54
N LEU B 311 -60.88 -3.91 15.14
CA LEU B 311 -61.54 -5.18 15.39
C LEU B 311 -61.48 -5.47 16.88
N GLU B 312 -62.59 -5.16 17.55
CA GLU B 312 -62.70 -5.25 19.00
C GLU B 312 -62.45 -6.66 19.54
N LEU B 313 -62.76 -7.67 18.73
CA LEU B 313 -62.73 -9.06 19.19
C LEU B 313 -61.48 -9.83 18.77
N LEU B 314 -60.63 -9.20 17.94
CA LEU B 314 -59.41 -9.83 17.47
C LEU B 314 -58.57 -10.40 18.62
N SER B 315 -58.10 -9.51 19.50
CA SER B 315 -57.22 -9.89 20.61
C SER B 315 -57.81 -10.95 21.56
N PRO B 316 -59.10 -10.85 21.95
CA PRO B 316 -59.66 -11.95 22.74
C PRO B 316 -59.66 -13.27 21.98
N PHE B 317 -60.05 -13.24 20.70
CA PHE B 317 -60.10 -14.42 19.84
C PHE B 317 -58.73 -15.10 19.86
N THR B 318 -57.71 -14.30 19.59
CA THR B 318 -56.36 -14.79 19.52
C THR B 318 -55.94 -15.48 20.81
N GLU B 319 -56.36 -14.90 21.93
CA GLU B 319 -56.02 -15.41 23.25
C GLU B 319 -56.63 -16.78 23.57
N VAL B 320 -57.91 -16.96 23.26
CA VAL B 320 -58.52 -18.27 23.42
C VAL B 320 -57.88 -19.22 22.43
N LEU B 321 -57.66 -18.73 21.21
CA LEU B 321 -57.05 -19.56 20.15
C LEU B 321 -55.68 -20.01 20.58
N PHE B 322 -54.83 -19.07 20.98
CA PHE B 322 -53.46 -19.38 21.37
C PHE B 322 -53.38 -20.26 22.60
N LYS B 323 -54.34 -20.16 23.50
CA LYS B 323 -54.40 -21.13 24.56
C LYS B 323 -54.65 -22.48 23.89
N LYS B 324 -55.73 -22.58 23.14
CA LYS B 324 -56.10 -23.83 22.48
C LYS B 324 -54.93 -24.42 21.68
N ILE B 325 -54.13 -23.56 21.06
CA ILE B 325 -52.98 -24.01 20.28
C ILE B 325 -51.88 -24.59 21.18
N HIS B 326 -51.57 -23.89 22.27
CA HIS B 326 -50.69 -24.44 23.27
C HIS B 326 -51.25 -25.78 23.81
N GLU B 327 -52.57 -25.84 24.04
CA GLU B 327 -53.22 -27.07 24.53
C GLU B 327 -53.07 -28.22 23.51
N ALA B 328 -53.21 -27.91 22.23
CA ALA B 328 -53.29 -28.91 21.16
C ALA B 328 -51.95 -29.56 20.85
N SER B 329 -50.98 -28.71 20.48
CA SER B 329 -49.60 -29.13 20.35
C SER B 329 -49.21 -29.88 21.62
N PRO B 330 -48.27 -30.83 21.52
CA PRO B 330 -47.43 -31.16 20.36
C PRO B 330 -48.13 -31.99 19.29
N THR B 331 -48.04 -31.49 18.06
CA THR B 331 -48.51 -32.22 16.88
C THR B 331 -47.54 -31.90 15.72
N GLU B 332 -47.79 -32.45 14.53
CA GLU B 332 -46.83 -32.39 13.43
C GLU B 332 -46.71 -31.00 12.79
N PRO B 340 -46.45 -23.57 6.55
CA PRO B 340 -46.28 -22.14 6.30
C PRO B 340 -45.40 -21.51 7.35
N CYS B 341 -45.66 -21.88 8.60
CA CYS B 341 -44.92 -21.37 9.75
C CYS B 341 -44.48 -22.53 10.65
N PRO B 342 -43.31 -23.12 10.36
CA PRO B 342 -42.73 -24.27 11.05
C PRO B 342 -42.86 -24.21 12.56
N GLU B 343 -42.54 -23.05 13.14
CA GLU B 343 -42.49 -22.90 14.59
C GLU B 343 -43.81 -22.40 15.20
N CYS B 344 -44.86 -22.28 14.40
CA CYS B 344 -46.08 -21.65 14.87
C CYS B 344 -46.83 -22.48 15.91
N TRP B 345 -46.91 -23.79 15.72
CA TRP B 345 -47.66 -24.60 16.68
C TRP B 345 -46.80 -24.90 17.90
N SER B 346 -46.18 -23.82 18.36
CA SER B 346 -45.47 -23.77 19.63
C SER B 346 -45.82 -22.42 20.27
N LEU B 347 -46.71 -21.68 19.60
CA LEU B 347 -47.20 -20.41 20.12
C LEU B 347 -48.17 -20.59 21.29
N SER B 348 -48.52 -19.47 21.94
CA SER B 348 -49.12 -19.54 23.27
C SER B 348 -49.67 -18.17 23.68
N PRO B 349 -50.47 -18.13 24.78
CA PRO B 349 -51.06 -16.86 25.24
C PRO B 349 -50.06 -15.73 25.49
N ALA B 350 -48.78 -16.02 25.52
CA ALA B 350 -47.79 -14.96 25.62
C ALA B 350 -47.65 -14.27 24.27
N ASN B 351 -48.01 -14.96 23.20
CA ASN B 351 -47.75 -14.48 21.85
C ASN B 351 -48.84 -13.57 21.28
N VAL B 352 -49.68 -13.00 22.13
CA VAL B 352 -50.80 -12.21 21.62
C VAL B 352 -50.35 -10.81 21.24
N SER B 353 -49.11 -10.49 21.61
CA SER B 353 -48.42 -9.33 21.07
C SER B 353 -48.58 -9.24 19.54
N LEU B 354 -48.55 -10.39 18.86
CA LEU B 354 -48.70 -10.47 17.41
C LEU B 354 -49.90 -9.72 16.83
N VAL B 355 -51.09 -9.96 17.37
CA VAL B 355 -52.28 -9.31 16.85
C VAL B 355 -52.53 -7.95 17.49
N LYS B 356 -51.80 -7.66 18.57
CA LYS B 356 -52.04 -6.44 19.32
C LYS B 356 -51.05 -5.35 18.94
N GLU B 357 -50.12 -5.67 18.03
CA GLU B 357 -49.23 -4.66 17.47
C GLU B 357 -50.07 -3.61 16.74
N GLU B 358 -49.63 -2.36 16.82
CA GLU B 358 -50.35 -1.26 16.18
C GLU B 358 -50.39 -1.43 14.65
N SER B 359 -49.31 -1.99 14.08
CA SER B 359 -49.24 -2.27 12.64
C SER B 359 -50.38 -3.17 12.19
N VAL B 360 -50.67 -4.15 13.03
CA VAL B 360 -51.67 -5.16 12.73
C VAL B 360 -53.07 -4.63 13.06
N GLN B 361 -53.22 -4.04 14.24
CA GLN B 361 -54.51 -3.54 14.70
C GLN B 361 -55.16 -2.55 13.73
N ARG B 362 -54.35 -1.65 13.19
CA ARG B 362 -54.86 -0.61 12.30
C ARG B 362 -55.01 -1.05 10.82
N THR B 363 -54.53 -2.24 10.48
CA THR B 363 -54.74 -2.78 9.13
C THR B 363 -55.56 -4.06 9.17
N ALA B 364 -55.80 -4.57 10.37
CA ALA B 364 -56.51 -5.82 10.56
C ALA B 364 -57.85 -5.83 9.88
N PHE B 365 -58.50 -4.67 9.84
CA PHE B 365 -59.85 -4.58 9.28
C PHE B 365 -59.88 -4.92 7.80
N SER B 366 -58.84 -4.51 7.08
CA SER B 366 -58.69 -4.85 5.67
C SER B 366 -58.81 -6.35 5.39
N VAL B 367 -58.14 -7.18 6.19
CA VAL B 367 -58.19 -8.62 6.04
C VAL B 367 -59.59 -9.11 6.32
N TYR B 368 -60.21 -8.49 7.32
CA TYR B 368 -61.52 -8.87 7.84
C TYR B 368 -62.60 -8.62 6.80
N ALA B 369 -62.53 -7.46 6.18
CA ALA B 369 -63.52 -7.03 5.19
C ALA B 369 -63.38 -7.84 3.91
N ALA B 370 -62.15 -8.19 3.56
CA ALA B 370 -61.88 -9.03 2.39
C ALA B 370 -62.62 -10.35 2.49
N VAL B 371 -62.45 -11.04 3.61
CA VAL B 371 -63.09 -12.31 3.83
C VAL B 371 -64.62 -12.17 3.93
N TYR B 372 -65.10 -11.15 4.62
CA TYR B 372 -66.55 -10.96 4.72
C TYR B 372 -67.15 -10.58 3.38
N THR B 373 -66.39 -9.84 2.58
CA THR B 373 -66.88 -9.41 1.27
C THR B 373 -67.13 -10.65 0.43
N VAL B 374 -66.16 -11.57 0.41
CA VAL B 374 -66.36 -12.84 -0.29
C VAL B 374 -67.53 -13.58 0.35
N ALA B 375 -67.53 -13.69 1.67
CA ALA B 375 -68.54 -14.44 2.39
C ALA B 375 -69.96 -14.01 2.01
N HIS B 376 -70.16 -12.70 1.95
CA HIS B 376 -71.48 -12.15 1.66
C HIS B 376 -71.86 -12.36 0.21
N ALA B 377 -70.88 -12.25 -0.67
CA ALA B 377 -71.11 -12.50 -2.10
C ALA B 377 -71.62 -13.92 -2.33
N LEU B 378 -70.96 -14.87 -1.69
CA LEU B 378 -71.33 -16.27 -1.74
C LEU B 378 -72.77 -16.47 -1.26
N HIS B 379 -73.11 -15.82 -0.15
CA HIS B 379 -74.47 -15.81 0.36
C HIS B 379 -75.44 -15.39 -0.73
N LYS B 380 -75.07 -14.32 -1.45
CA LYS B 380 -75.89 -13.82 -2.54
C LYS B 380 -75.88 -14.76 -3.73
N LEU B 381 -74.73 -15.40 -3.99
CA LEU B 381 -74.64 -16.35 -5.10
C LEU B 381 -75.57 -17.54 -4.84
N LEU B 382 -75.55 -18.09 -3.63
CA LEU B 382 -76.35 -19.26 -3.28
C LEU B 382 -77.77 -18.89 -2.85
N GLU B 383 -78.18 -17.65 -3.15
CA GLU B 383 -79.54 -17.15 -2.85
C GLU B 383 -80.02 -17.47 -1.44
N CYS B 384 -79.13 -17.32 -0.47
CA CYS B 384 -79.45 -17.61 0.93
C CYS B 384 -80.25 -16.51 1.60
N ASN B 385 -81.27 -16.92 2.36
CA ASN B 385 -81.80 -16.06 3.40
C ASN B 385 -81.19 -16.50 4.71
N SER B 386 -81.85 -16.20 5.83
CA SER B 386 -81.24 -16.39 7.15
C SER B 386 -81.26 -17.84 7.67
N ALA B 387 -81.97 -18.76 7.01
CA ALA B 387 -81.96 -20.15 7.48
C ALA B 387 -81.45 -21.16 6.44
N ALA B 388 -81.68 -20.89 5.15
CA ALA B 388 -81.22 -21.83 4.12
C ALA B 388 -80.56 -21.18 2.91
N CYS B 389 -79.51 -21.84 2.43
CA CYS B 389 -78.79 -21.47 1.23
C CYS B 389 -79.14 -22.44 0.08
N LYS B 390 -79.40 -21.93 -1.13
CA LYS B 390 -79.65 -22.80 -2.28
C LYS B 390 -78.37 -23.60 -2.61
N TRP B 391 -78.18 -24.68 -1.87
CA TRP B 391 -76.91 -25.40 -1.90
C TRP B 391 -77.04 -26.84 -1.39
N SER B 392 -76.26 -27.73 -1.99
CA SER B 392 -76.15 -29.12 -1.57
C SER B 392 -74.76 -29.61 -1.94
N SER B 393 -74.52 -30.91 -1.79
CA SER B 393 -73.23 -31.53 -2.09
C SER B 393 -72.95 -31.64 -3.60
N SER B 394 -73.98 -31.50 -4.43
CA SER B 394 -73.80 -31.53 -5.88
C SER B 394 -73.64 -30.12 -6.46
N THR B 395 -73.82 -29.11 -5.62
CA THR B 395 -73.63 -27.73 -6.05
C THR B 395 -72.17 -27.52 -6.42
N ARG B 396 -71.95 -27.08 -7.65
CA ARG B 396 -70.60 -26.76 -8.10
C ARG B 396 -70.43 -25.25 -8.21
N LEU B 397 -69.33 -24.75 -7.65
CA LEU B 397 -69.09 -23.32 -7.70
C LEU B 397 -67.93 -23.03 -8.61
N TYR B 398 -68.17 -22.19 -9.60
CA TYR B 398 -67.12 -21.70 -10.47
C TYR B 398 -66.81 -20.29 -10.07
N PRO B 399 -65.52 -19.95 -9.99
CA PRO B 399 -65.10 -18.61 -9.62
C PRO B 399 -65.71 -17.54 -10.50
N TRP B 400 -65.72 -17.72 -11.82
CA TRP B 400 -66.29 -16.69 -12.71
C TRP B 400 -67.74 -16.27 -12.38
N LYS B 401 -68.53 -17.15 -11.75
CA LYS B 401 -69.89 -16.81 -11.32
C LYS B 401 -69.85 -15.92 -10.06
N LEU B 402 -68.91 -16.21 -9.18
CA LEU B 402 -68.75 -15.41 -7.99
C LEU B 402 -68.32 -14.01 -8.39
N LEU B 403 -67.35 -13.94 -9.31
CA LEU B 403 -66.90 -12.65 -9.84
C LEU B 403 -68.05 -11.77 -10.34
N GLU B 404 -69.02 -12.38 -11.01
CA GLU B 404 -70.15 -11.67 -11.59
C GLU B 404 -70.97 -10.97 -10.50
N VAL B 405 -71.02 -11.59 -9.32
CA VAL B 405 -71.67 -11.05 -8.13
C VAL B 405 -70.87 -9.90 -7.50
N LEU B 406 -69.60 -10.17 -7.21
CA LEU B 406 -68.65 -9.19 -6.69
C LEU B 406 -68.45 -7.93 -7.52
N LYS B 407 -68.94 -7.91 -8.76
CA LYS B 407 -68.78 -6.73 -9.61
C LYS B 407 -69.50 -5.52 -9.00
N GLU B 408 -68.73 -4.53 -8.58
CA GLU B 408 -69.23 -3.28 -7.97
C GLU B 408 -70.13 -3.56 -6.78
N PHE B 409 -69.65 -4.43 -5.91
CA PHE B 409 -70.41 -5.01 -4.81
C PHE B 409 -70.51 -4.02 -3.65
N SER B 410 -71.72 -3.91 -3.10
CA SER B 410 -71.96 -3.07 -1.94
C SER B 410 -72.28 -3.96 -0.76
N VAL B 411 -71.69 -3.66 0.38
CA VAL B 411 -71.83 -4.51 1.54
C VAL B 411 -71.49 -3.78 2.85
N ASN B 412 -72.37 -3.84 3.84
CA ASN B 412 -72.04 -3.29 5.15
C ASN B 412 -71.36 -4.32 6.01
N ILE B 413 -70.11 -4.04 6.34
CA ILE B 413 -69.29 -4.89 7.16
C ILE B 413 -69.01 -4.12 8.45
N SER B 414 -69.34 -4.72 9.58
CA SER B 414 -69.24 -4.07 10.88
C SER B 414 -69.94 -2.70 10.86
N ASN B 415 -69.16 -1.61 10.95
CA ASN B 415 -69.74 -0.26 10.87
C ASN B 415 -69.51 0.41 9.51
N THR B 416 -68.75 -0.25 8.65
CA THR B 416 -68.34 0.32 7.36
C THR B 416 -69.29 -0.03 6.21
N SER B 417 -69.67 1.00 5.46
CA SER B 417 -70.40 0.82 4.22
C SER B 417 -69.43 0.71 3.05
N LEU B 418 -69.28 -0.50 2.53
CA LEU B 418 -68.22 -0.80 1.59
C LEU B 418 -68.69 -0.90 0.15
N LYS B 419 -68.28 0.08 -0.66
CA LYS B 419 -68.55 0.09 -2.10
C LYS B 419 -67.28 -0.14 -2.91
N PHE B 420 -67.25 -1.20 -3.70
CA PHE B 420 -66.17 -1.43 -4.65
C PHE B 420 -66.48 -0.76 -5.98
N ASP B 421 -65.57 0.06 -6.49
CA ASP B 421 -65.82 0.66 -7.80
C ASP B 421 -65.50 -0.37 -8.92
N GLN B 422 -65.72 0.02 -10.17
CA GLN B 422 -65.53 -0.90 -11.30
C GLN B 422 -64.06 -1.18 -11.61
N ASN B 423 -63.16 -0.58 -10.84
CA ASN B 423 -61.73 -0.87 -10.95
C ASN B 423 -61.33 -1.94 -9.92
N GLY B 424 -62.27 -2.25 -9.04
CA GLY B 424 -62.00 -3.10 -7.91
C GLY B 424 -61.52 -2.29 -6.69
N ASN B 425 -61.55 -0.96 -6.78
CA ASN B 425 -61.12 -0.14 -5.66
C ASN B 425 -62.25 0.15 -4.67
N PRO B 426 -61.92 0.29 -3.38
CA PRO B 426 -62.87 0.53 -2.30
C PRO B 426 -63.05 2.01 -1.95
N ASN B 427 -64.08 2.31 -1.17
CA ASN B 427 -64.32 3.68 -0.75
C ASN B 427 -63.67 3.96 0.59
N ILE B 428 -62.48 3.40 0.79
CA ILE B 428 -61.72 3.64 2.01
C ILE B 428 -60.69 4.75 1.81
N GLY B 429 -60.74 5.79 2.64
CA GLY B 429 -59.78 6.88 2.55
C GLY B 429 -58.65 6.73 3.57
N TYR B 430 -57.99 7.84 3.92
CA TYR B 430 -56.84 7.77 4.83
C TYR B 430 -57.02 8.56 6.14
N SER B 431 -56.18 8.24 7.13
CA SER B 431 -56.03 9.09 8.32
C SER B 431 -54.60 9.64 8.42
N VAL B 432 -54.50 10.97 8.43
CA VAL B 432 -53.22 11.64 8.46
C VAL B 432 -52.68 11.62 9.87
N ILE B 433 -51.52 11.02 10.05
CA ILE B 433 -50.97 10.88 11.39
C ILE B 433 -49.58 11.47 11.49
N GLN B 434 -49.10 11.64 12.72
CA GLN B 434 -47.78 12.20 12.97
C GLN B 434 -47.10 11.38 14.05
N ARG B 435 -45.79 11.23 13.95
CA ARG B 435 -45.06 10.47 14.96
C ARG B 435 -44.66 11.37 16.11
N ILE B 436 -45.10 11.00 17.30
CA ILE B 436 -44.79 11.75 18.52
C ILE B 436 -43.72 11.03 19.35
N TRP B 437 -42.52 11.60 19.42
CA TRP B 437 -41.34 10.86 19.90
C TRP B 437 -41.26 10.69 21.42
N GLU B 438 -41.55 11.75 22.18
CA GLU B 438 -41.35 11.68 23.63
C GLU B 438 -42.36 10.72 24.26
N ASN B 439 -43.46 10.49 23.54
CA ASN B 439 -44.46 9.52 23.96
C ASN B 439 -44.16 8.19 23.22
N GLN B 440 -43.58 8.27 22.03
CA GLN B 440 -43.39 7.12 21.13
C GLN B 440 -44.76 6.68 20.63
N SER B 441 -45.54 7.65 20.17
CA SER B 441 -46.89 7.41 19.70
C SER B 441 -47.26 8.14 18.42
N LEU B 442 -48.51 7.96 18.01
CA LEU B 442 -49.02 8.58 16.80
C LEU B 442 -50.28 9.37 17.11
N SER B 443 -50.38 10.59 16.59
CA SER B 443 -51.56 11.39 16.85
C SER B 443 -52.42 11.55 15.61
N SER B 444 -53.63 12.07 15.79
CA SER B 444 -54.54 12.29 14.68
C SER B 444 -54.59 13.75 14.29
N VAL B 445 -54.06 14.07 13.11
CA VAL B 445 -53.95 15.45 12.66
C VAL B 445 -54.85 15.80 11.47
N GLY B 446 -55.62 14.82 10.99
CA GLY B 446 -56.51 15.08 9.87
C GLY B 446 -56.92 13.86 9.07
N SER B 447 -57.65 14.08 7.99
CA SER B 447 -58.17 12.97 7.19
C SER B 447 -58.02 13.18 5.68
N TYR B 448 -58.16 12.08 4.94
CA TYR B 448 -58.30 12.13 3.48
C TYR B 448 -59.40 11.18 3.03
N ARG B 449 -60.53 11.76 2.63
CA ARG B 449 -61.69 11.02 2.12
C ARG B 449 -62.05 11.59 0.76
N SER B 450 -62.29 10.71 -0.21
CA SER B 450 -62.46 11.11 -1.61
C SER B 450 -61.18 11.77 -2.13
N ALA B 451 -61.27 13.03 -2.55
CA ALA B 451 -60.07 13.78 -2.94
C ALA B 451 -59.92 15.00 -2.07
N ASN B 452 -60.77 15.08 -1.04
CA ASN B 452 -60.70 16.16 -0.07
C ASN B 452 -59.79 15.75 1.09
N LEU B 453 -58.63 16.37 1.16
CA LEU B 453 -57.74 16.24 2.31
C LEU B 453 -58.17 17.24 3.36
N SER B 454 -58.55 16.75 4.53
CA SER B 454 -58.97 17.62 5.61
C SER B 454 -58.00 17.49 6.80
N ILE B 455 -57.09 18.46 6.95
CA ILE B 455 -56.17 18.46 8.10
C ILE B 455 -56.35 19.69 8.98
N ASN B 456 -55.95 19.56 10.24
CA ASN B 456 -55.95 20.68 11.18
C ASN B 456 -54.52 21.12 11.43
N GLU B 457 -54.13 22.19 10.74
CA GLU B 457 -52.79 22.77 10.85
C GLU B 457 -52.30 22.92 12.31
N THR B 458 -53.20 23.26 13.23
CA THR B 458 -52.78 23.58 14.60
C THR B 458 -52.29 22.34 15.34
N LEU B 459 -52.87 21.20 15.03
CA LEU B 459 -52.56 19.96 15.74
C LEU B 459 -51.19 19.40 15.37
N PHE B 460 -50.51 20.04 14.42
CA PHE B 460 -49.20 19.57 13.97
C PHE B 460 -48.12 20.01 14.96
N LYS B 461 -47.27 19.07 15.35
CA LYS B 461 -46.10 19.34 16.18
C LYS B 461 -44.83 19.31 15.32
N TRP B 462 -43.94 20.28 15.52
CA TRP B 462 -42.81 20.46 14.63
C TRP B 462 -41.45 20.29 15.31
N TYR B 463 -40.87 19.11 15.17
CA TYR B 463 -39.57 18.81 15.78
C TYR B 463 -38.49 19.64 15.13
N THR B 464 -38.37 20.87 15.60
CA THR B 464 -37.42 21.83 15.07
C THR B 464 -36.74 22.59 16.21
N ASN B 465 -35.80 23.47 15.85
CA ASN B 465 -35.07 24.22 16.86
C ASN B 465 -35.99 24.98 17.82
N ASN B 466 -36.99 25.66 17.26
CA ASN B 466 -37.86 26.51 18.05
C ASN B 466 -39.31 26.07 17.99
N SER B 467 -39.50 24.82 17.56
CA SER B 467 -40.82 24.17 17.46
C SER B 467 -41.76 24.77 16.41
N GLU B 468 -41.29 25.75 15.63
CA GLU B 468 -42.08 26.26 14.51
C GLU B 468 -41.96 25.31 13.33
N LYS B 469 -42.68 25.60 12.27
CA LYS B 469 -42.69 24.76 11.09
C LYS B 469 -41.55 25.17 10.14
N PRO B 470 -40.90 24.17 9.52
CA PRO B 470 -39.90 24.44 8.46
C PRO B 470 -40.51 25.28 7.33
N GLU B 471 -39.71 26.22 6.80
CA GLU B 471 -40.23 27.34 6.02
C GLU B 471 -41.34 28.11 6.72
N THR C 6 -18.30 -7.25 18.46
CA THR C 6 -17.06 -6.62 18.92
C THR C 6 -15.99 -7.64 19.25
N SER C 7 -14.95 -7.72 18.42
CA SER C 7 -13.85 -8.60 18.74
C SER C 7 -12.80 -7.85 19.52
N GLU C 8 -11.99 -8.59 20.24
CA GLU C 8 -10.80 -8.05 20.90
C GLU C 8 -9.82 -7.40 19.91
N PHE C 9 -9.97 -7.78 18.63
CA PHE C 9 -8.95 -7.53 17.60
C PHE C 9 -9.24 -6.27 16.83
N HIS C 10 -10.45 -5.79 16.95
CA HIS C 10 -10.89 -4.62 16.20
C HIS C 10 -11.61 -3.64 17.13
N LEU C 11 -11.36 -2.35 16.89
CA LEU C 11 -11.96 -1.27 17.67
C LEU C 11 -12.07 -0.01 16.81
N ARG C 12 -13.29 0.47 16.58
CA ARG C 12 -13.46 1.63 15.74
C ARG C 12 -12.90 2.89 16.40
N GLY C 13 -12.43 3.81 15.58
CA GLY C 13 -11.98 5.10 16.09
C GLY C 13 -11.90 6.07 14.95
N ASP C 14 -11.43 7.27 15.23
CA ASP C 14 -11.20 8.25 14.18
C ASP C 14 -9.99 7.91 13.36
N TYR C 15 -9.02 7.28 14.03
CA TYR C 15 -7.76 6.89 13.41
C TYR C 15 -7.46 5.49 13.89
N LEU C 16 -6.98 4.64 12.98
CA LEU C 16 -6.69 3.26 13.32
C LEU C 16 -5.21 3.02 13.42
N ILE C 17 -4.82 2.32 14.48
CA ILE C 17 -3.45 1.86 14.64
C ILE C 17 -3.42 0.36 14.33
N GLY C 18 -2.42 -0.06 13.57
CA GLY C 18 -2.29 -1.47 13.30
C GLY C 18 -1.61 -2.09 14.48
N GLY C 19 -1.89 -3.36 14.74
CA GLY C 19 -1.21 -4.09 15.78
C GLY C 19 -0.82 -5.44 15.20
N LEU C 20 0.46 -5.75 15.22
CA LEU C 20 0.96 -7.01 14.68
C LEU C 20 1.48 -7.86 15.84
N PHE C 21 0.86 -9.02 16.05
CA PHE C 21 1.19 -9.87 17.19
C PHE C 21 1.19 -11.32 16.73
N ASN C 22 1.74 -12.19 17.55
CA ASN C 22 1.61 -13.61 17.23
C ASN C 22 1.21 -14.38 18.49
N ILE C 23 -0.08 -14.63 18.64
CA ILE C 23 -0.61 -15.20 19.88
C ILE C 23 -0.65 -16.73 19.80
N HIS C 24 -0.27 -17.26 18.64
CA HIS C 24 -0.16 -18.71 18.48
C HIS C 24 1.16 -19.10 17.82
N TYR C 25 1.62 -20.30 18.09
CA TYR C 25 2.86 -20.78 17.52
C TYR C 25 2.55 -21.96 16.61
N VAL C 26 3.21 -22.01 15.46
CA VAL C 26 3.07 -23.15 14.54
C VAL C 26 4.39 -23.40 13.82
N ALA C 27 4.78 -24.67 13.72
CA ALA C 27 5.97 -25.03 12.94
C ALA C 27 5.73 -24.73 11.46
N ALA C 28 6.81 -24.40 10.75
CA ALA C 28 6.74 -24.29 9.30
C ALA C 28 6.24 -25.59 8.67
N ALA C 29 5.50 -25.44 7.58
CA ALA C 29 4.87 -26.57 6.96
C ALA C 29 4.50 -26.21 5.54
N ASN C 30 4.60 -27.17 4.64
CA ASN C 30 4.15 -26.95 3.28
C ASN C 30 2.70 -26.49 3.22
N PHE C 31 2.39 -25.70 2.22
CA PHE C 31 1.03 -25.30 2.00
C PHE C 31 0.82 -25.23 0.49
N GLN C 32 -0.39 -25.51 0.04
CA GLN C 32 -0.67 -25.68 -1.40
C GLN C 32 -1.71 -24.69 -1.93
N ARG C 33 -2.32 -23.91 -1.05
CA ARG C 33 -3.22 -22.86 -1.48
C ARG C 33 -2.74 -21.49 -1.00
N PRO C 34 -2.95 -20.44 -1.82
CA PRO C 34 -2.61 -19.05 -1.52
C PRO C 34 -3.62 -18.47 -0.55
N GLN C 35 -3.45 -18.73 0.74
CA GLN C 35 -4.44 -18.34 1.74
C GLN C 35 -3.88 -18.25 3.14
N ALA C 36 -4.60 -17.53 4.00
CA ALA C 36 -4.18 -17.37 5.39
C ALA C 36 -4.36 -18.63 6.23
N ILE C 37 -3.49 -18.79 7.23
CA ILE C 37 -3.52 -19.91 8.15
C ILE C 37 -4.54 -19.70 9.27
N ASP C 38 -5.11 -20.81 9.73
CA ASP C 38 -5.93 -20.82 10.92
C ASP C 38 -5.02 -20.93 12.16
N CYS C 39 -4.52 -19.79 12.59
CA CYS C 39 -3.66 -19.71 13.75
C CYS C 39 -4.37 -20.10 15.03
N SER C 40 -5.66 -19.78 15.13
CA SER C 40 -6.42 -20.06 16.34
C SER C 40 -6.44 -21.55 16.73
N SER C 41 -6.14 -22.43 15.78
CA SER C 41 -6.13 -23.87 16.03
C SER C 41 -4.77 -24.37 16.48
N LYS C 42 -3.82 -23.46 16.63
CA LYS C 42 -2.47 -23.84 17.00
C LYS C 42 -2.19 -23.69 18.50
N LEU C 43 -0.90 -23.78 18.86
CA LEU C 43 -0.43 -23.66 20.24
C LEU C 43 -0.47 -22.23 20.76
N PHE C 44 -1.37 -21.99 21.71
CA PHE C 44 -1.54 -20.70 22.34
C PHE C 44 -0.28 -20.32 23.11
N ILE C 45 0.21 -19.09 22.93
CA ILE C 45 1.34 -18.58 23.72
C ILE C 45 0.90 -17.52 24.71
N LEU C 46 0.94 -17.86 25.99
CA LEU C 46 0.40 -17.00 27.02
C LEU C 46 1.07 -15.62 27.06
N PRO C 47 2.41 -15.57 27.11
CA PRO C 47 2.97 -14.21 27.25
C PRO C 47 2.86 -13.30 26.01
N ASN C 48 2.60 -13.87 24.84
CA ASN C 48 2.36 -13.04 23.66
C ASN C 48 0.96 -12.46 23.74
N TYR C 49 0.00 -13.27 24.21
CA TYR C 49 -1.34 -12.79 24.45
C TYR C 49 -1.27 -11.64 25.41
N ARG C 50 -0.41 -11.79 26.41
CA ARG C 50 -0.22 -10.74 27.40
C ARG C 50 0.17 -9.45 26.71
N ARG C 51 1.19 -9.51 25.86
CA ARG C 51 1.59 -8.32 25.10
C ARG C 51 0.43 -7.77 24.24
N PHE C 52 -0.36 -8.68 23.65
CA PHE C 52 -1.55 -8.35 22.85
C PHE C 52 -2.53 -7.56 23.74
N GLN C 53 -2.75 -8.01 24.97
CA GLN C 53 -3.68 -7.29 25.84
C GLN C 53 -3.13 -5.95 26.24
N MET C 54 -1.80 -5.86 26.39
CA MET C 54 -1.15 -4.63 26.80
C MET C 54 -1.46 -3.54 25.78
N MET C 55 -1.41 -3.89 24.49
CA MET C 55 -1.78 -2.93 23.46
C MET C 55 -3.23 -2.49 23.56
N ARG C 56 -4.15 -3.44 23.80
CA ARG C 56 -5.59 -3.12 23.87
C ARG C 56 -5.84 -2.23 25.08
N PHE C 57 -5.07 -2.50 26.12
CA PHE C 57 -5.12 -1.72 27.33
C PHE C 57 -4.59 -0.31 27.06
N SER C 58 -3.54 -0.22 26.26
CA SER C 58 -2.91 1.05 26.03
C SER C 58 -3.85 1.97 25.28
N VAL C 59 -4.56 1.43 24.28
CA VAL C 59 -5.41 2.29 23.45
C VAL C 59 -6.58 2.81 24.30
N GLU C 60 -7.08 1.94 25.17
CA GLU C 60 -8.21 2.27 26.02
C GLU C 60 -7.83 3.31 27.08
N GLU C 61 -6.61 3.25 27.57
CA GLU C 61 -6.13 4.25 28.52
C GLU C 61 -6.10 5.61 27.87
N ILE C 62 -5.59 5.65 26.65
CA ILE C 62 -5.55 6.90 25.87
C ILE C 62 -6.96 7.43 25.51
N ASN C 63 -7.84 6.54 25.06
CA ASN C 63 -9.22 6.90 24.82
C ASN C 63 -9.91 7.41 26.11
N ASN C 64 -9.50 6.91 27.27
CA ASN C 64 -10.03 7.39 28.56
C ASN C 64 -9.54 8.77 28.98
N SER C 65 -8.51 9.27 28.31
CA SER C 65 -7.88 10.54 28.67
C SER C 65 -8.51 11.73 27.95
N SER C 66 -8.64 12.84 28.66
CA SER C 66 -9.06 14.10 28.03
C SER C 66 -7.84 14.94 27.80
N SER C 67 -6.73 14.52 28.41
CA SER C 67 -5.44 15.17 28.21
C SER C 67 -4.89 14.86 26.83
N LEU C 68 -4.71 13.56 26.57
CA LEU C 68 -4.14 13.02 25.34
C LEU C 68 -5.20 12.70 24.28
N LEU C 69 -5.02 13.22 23.08
CA LEU C 69 -6.01 13.06 22.04
C LEU C 69 -7.39 13.29 22.63
N PRO C 70 -7.73 14.55 22.93
CA PRO C 70 -9.04 14.93 23.45
C PRO C 70 -10.13 14.83 22.42
N ASN C 71 -11.15 14.03 22.70
CA ASN C 71 -12.25 13.83 21.77
C ASN C 71 -11.77 13.31 20.40
N VAL C 72 -10.64 12.61 20.41
CA VAL C 72 -10.25 11.86 19.23
C VAL C 72 -10.01 10.43 19.70
N SER C 73 -10.93 9.55 19.34
CA SER C 73 -10.82 8.13 19.67
C SER C 73 -9.76 7.44 18.83
N LEU C 74 -8.98 6.58 19.48
CA LEU C 74 -8.06 5.71 18.80
C LEU C 74 -8.75 4.38 18.63
N GLY C 75 -8.63 3.80 17.44
CA GLY C 75 -9.03 2.42 17.25
C GLY C 75 -7.88 1.58 16.72
N TYR C 76 -8.15 0.29 16.49
CA TYR C 76 -7.10 -0.60 16.01
C TYR C 76 -7.56 -1.81 15.20
N GLN C 77 -6.66 -2.26 14.32
CA GLN C 77 -6.79 -3.49 13.57
C GLN C 77 -5.65 -4.42 14.00
N MET C 78 -5.98 -5.47 14.73
CA MET C 78 -4.93 -6.29 15.30
C MET C 78 -4.95 -7.68 14.70
N PHE C 79 -3.77 -8.25 14.55
CA PHE C 79 -3.67 -9.55 13.91
C PHE C 79 -2.79 -10.51 14.66
N ASP C 80 -3.10 -11.79 14.46
CA ASP C 80 -2.41 -12.92 15.06
C ASP C 80 -1.77 -13.67 13.91
N HIS C 81 -0.52 -13.32 13.64
CA HIS C 81 0.18 -13.90 12.51
C HIS C 81 1.15 -14.96 12.97
N CYS C 82 0.63 -16.16 13.22
CA CYS C 82 1.46 -17.27 13.67
C CYS C 82 2.48 -17.61 12.60
N SER C 83 2.20 -17.20 11.35
CA SER C 83 3.15 -17.39 10.26
C SER C 83 3.40 -16.12 9.47
N ASP C 84 4.67 -15.68 9.43
CA ASP C 84 5.03 -14.47 8.69
C ASP C 84 4.71 -14.62 7.19
N ILE C 85 4.96 -15.81 6.67
CA ILE C 85 4.58 -16.14 5.31
C ILE C 85 3.14 -15.73 5.02
N HIS C 86 2.27 -15.87 6.01
CA HIS C 86 0.84 -15.76 5.76
C HIS C 86 0.21 -14.54 6.39
N SER C 87 1.06 -13.63 6.82
CA SER C 87 0.64 -12.42 7.52
C SER C 87 0.12 -11.37 6.57
N PHE C 88 0.49 -11.52 5.30
CA PHE C 88 0.24 -10.48 4.30
C PHE C 88 -1.22 -9.96 4.19
N PRO C 89 -2.22 -10.85 4.29
CA PRO C 89 -3.60 -10.32 4.30
C PRO C 89 -3.83 -9.18 5.30
N GLY C 90 -3.40 -9.36 6.54
CA GLY C 90 -3.50 -8.33 7.56
C GLY C 90 -2.71 -7.11 7.13
N ILE C 91 -1.47 -7.34 6.70
CA ILE C 91 -0.60 -6.30 6.18
C ILE C 91 -1.34 -5.43 5.15
N PHE C 92 -1.97 -6.07 4.18
CA PHE C 92 -2.68 -5.35 3.14
C PHE C 92 -3.86 -4.58 3.73
N LYS C 93 -4.51 -5.14 4.74
CA LYS C 93 -5.64 -4.47 5.38
C LYS C 93 -5.23 -3.09 5.92
N LEU C 94 -4.11 -3.04 6.63
CA LEU C 94 -3.64 -1.81 7.25
C LEU C 94 -3.29 -0.74 6.23
N LEU C 95 -2.83 -1.18 5.06
CA LEU C 95 -2.32 -0.27 4.05
C LEU C 95 -3.37 0.09 3.01
N SER C 96 -4.49 -0.63 3.07
CA SER C 96 -5.49 -0.55 2.02
C SER C 96 -6.25 0.75 2.05
N VAL C 97 -6.78 1.11 0.89
CA VAL C 97 -7.53 2.35 0.75
C VAL C 97 -9.05 2.07 0.63
N ASN C 98 -9.42 0.88 0.21
CA ASN C 98 -10.83 0.53 0.01
C ASN C 98 -10.81 -1.00 0.08
N ASP C 99 -10.03 -1.49 1.03
CA ASP C 99 -9.53 -2.87 0.95
C ASP C 99 -8.86 -3.10 -0.44
N LEU C 100 -8.33 -2.01 -1.00
CA LEU C 100 -7.66 -2.02 -2.29
C LEU C 100 -6.20 -1.56 -2.15
N ILE C 101 -5.30 -2.26 -2.83
CA ILE C 101 -3.92 -1.80 -2.88
C ILE C 101 -3.56 -1.30 -4.26
N ARG C 102 -3.09 -0.07 -4.32
CA ARG C 102 -2.59 0.48 -5.57
C ARG C 102 -1.08 0.62 -5.45
N PRO C 103 -0.35 -0.38 -5.98
CA PRO C 103 1.09 -0.57 -5.75
C PRO C 103 1.97 0.61 -6.19
N TRP C 104 1.46 1.48 -7.06
CA TRP C 104 2.25 2.63 -7.50
C TRP C 104 1.84 3.94 -6.81
N GLU C 105 0.88 3.88 -5.89
CA GLU C 105 0.50 5.04 -5.05
C GLU C 105 1.65 5.52 -4.16
N ASP C 106 1.77 6.84 -3.95
CA ASP C 106 2.85 7.38 -3.14
C ASP C 106 2.44 7.86 -1.74
N ALA C 107 1.17 7.68 -1.38
CA ALA C 107 0.65 7.88 0.00
C ALA C 107 0.74 9.32 0.57
N SER C 108 1.55 10.18 -0.03
CA SER C 108 1.49 11.61 0.26
C SER C 108 0.17 12.10 -0.31
N THR C 109 -0.28 11.43 -1.37
CA THR C 109 -1.64 11.59 -1.88
C THR C 109 -2.39 10.30 -1.64
N GLY C 110 -2.28 9.78 -0.41
CA GLY C 110 -2.88 8.51 -0.04
C GLY C 110 -3.29 8.45 1.41
N LEU C 111 -4.51 7.97 1.64
CA LEU C 111 -5.05 7.85 2.98
C LEU C 111 -5.37 6.40 3.32
N PRO C 112 -4.34 5.65 3.75
CA PRO C 112 -4.49 4.24 4.15
C PRO C 112 -5.49 4.05 5.28
N ASN C 113 -5.87 2.80 5.52
CA ASN C 113 -6.85 2.47 6.53
C ASN C 113 -6.31 2.75 7.93
N ALA C 114 -5.00 2.62 8.10
CA ALA C 114 -4.38 2.92 9.38
C ALA C 114 -3.35 4.04 9.19
N ILE C 115 -2.96 4.70 10.28
CA ILE C 115 -1.95 5.77 10.27
C ILE C 115 -0.59 5.29 10.78
N GLY C 116 -0.56 4.09 11.32
CA GLY C 116 0.67 3.55 11.88
C GLY C 116 0.44 2.16 12.42
N VAL C 117 1.50 1.52 12.89
CA VAL C 117 1.38 0.13 13.29
C VAL C 117 2.36 -0.26 14.40
N VAL C 118 1.85 -0.99 15.37
CA VAL C 118 2.65 -1.53 16.45
C VAL C 118 3.05 -2.96 16.12
N GLY C 119 4.34 -3.23 16.17
CA GLY C 119 4.87 -4.54 15.86
C GLY C 119 5.67 -4.57 14.58
N PRO C 120 5.99 -5.77 14.10
CA PRO C 120 5.73 -7.06 14.75
C PRO C 120 6.66 -7.32 15.94
N PHE C 121 6.58 -8.54 16.47
CA PHE C 121 7.38 -8.97 17.60
C PHE C 121 8.77 -9.45 17.17
N THR C 122 8.81 -10.06 16.00
CA THR C 122 9.91 -10.92 15.55
C THR C 122 10.68 -10.35 14.36
N SER C 123 12.01 -10.43 14.39
CA SER C 123 12.80 -9.88 13.28
C SER C 123 12.44 -10.56 11.96
N THR C 124 12.20 -11.87 12.02
CA THR C 124 11.77 -12.60 10.87
C THR C 124 10.50 -11.95 10.31
N HIS C 125 9.51 -11.75 11.17
CA HIS C 125 8.28 -11.06 10.78
C HIS C 125 8.57 -9.70 10.16
N ALA C 126 9.48 -8.95 10.77
CA ALA C 126 9.74 -7.58 10.31
C ALA C 126 10.39 -7.57 8.93
N LEU C 127 11.29 -8.51 8.69
CA LEU C 127 11.95 -8.57 7.39
C LEU C 127 10.95 -8.97 6.26
N SER C 128 10.01 -9.87 6.54
CA SER C 128 9.02 -10.31 5.55
C SER C 128 8.20 -9.13 5.00
N ILE C 129 7.88 -8.16 5.87
CA ILE C 129 6.83 -7.22 5.56
C ILE C 129 7.27 -5.74 5.56
N ALA C 130 8.36 -5.40 6.24
CA ALA C 130 8.72 -3.96 6.38
C ALA C 130 8.90 -3.20 5.05
N PRO C 131 9.51 -3.83 4.04
CA PRO C 131 9.61 -3.12 2.77
C PRO C 131 8.29 -2.59 2.20
N ILE C 132 7.17 -3.24 2.46
CA ILE C 132 5.90 -2.74 1.93
C ILE C 132 5.49 -1.46 2.69
N PHE C 133 5.83 -1.45 3.97
CA PHE C 133 5.65 -0.26 4.80
C PHE C 133 6.70 0.85 4.54
N MET C 134 7.99 0.49 4.50
CA MET C 134 9.04 1.49 4.33
C MET C 134 8.80 2.32 3.09
N THR C 135 8.23 1.68 2.08
CA THR C 135 8.11 2.28 0.76
C THR C 135 7.32 3.58 0.72
N ASN C 136 6.31 3.67 1.57
CA ASN C 136 5.48 4.87 1.62
C ASN C 136 5.68 5.65 2.91
N LEU C 137 6.78 5.37 3.60
CA LEU C 137 7.08 5.99 4.89
C LEU C 137 5.93 5.78 5.87
N PHE C 138 5.28 4.63 5.77
CA PHE C 138 4.29 4.26 6.74
C PHE C 138 5.04 3.83 8.00
N PRO C 139 4.77 4.49 9.14
CA PRO C 139 5.57 4.24 10.35
C PRO C 139 5.21 2.92 11.00
N MET C 140 6.19 2.04 11.17
CA MET C 140 6.04 0.87 12.04
C MET C 140 6.76 1.22 13.32
N VAL C 141 6.22 0.85 14.46
CA VAL C 141 6.94 1.04 15.72
C VAL C 141 6.96 -0.32 16.38
N SER C 142 8.08 -1.02 16.28
CA SER C 142 8.11 -2.40 16.74
C SER C 142 8.29 -2.46 18.22
N TYR C 143 7.66 -3.44 18.86
CA TYR C 143 7.83 -3.61 20.31
C TYR C 143 8.80 -4.73 20.69
N GLY C 144 9.34 -5.45 19.71
CA GLY C 144 10.24 -6.55 20.01
C GLY C 144 11.40 -6.82 19.06
N CYS C 145 11.28 -6.39 17.82
CA CYS C 145 12.26 -6.76 16.80
CA CYS C 145 12.27 -6.73 16.78
C CYS C 145 13.64 -6.12 17.07
N SER C 146 14.62 -6.97 17.33
CA SER C 146 15.92 -6.47 17.76
C SER C 146 17.07 -6.60 16.76
N GLY C 147 16.79 -7.08 15.54
CA GLY C 147 17.80 -7.16 14.50
C GLY C 147 18.60 -5.86 14.41
N SER C 148 19.92 -5.96 14.29
CA SER C 148 20.74 -4.75 14.23
C SER C 148 20.57 -3.99 12.90
N VAL C 149 20.08 -4.67 11.87
CA VAL C 149 19.90 -4.06 10.56
C VAL C 149 18.80 -2.99 10.54
N PHE C 150 17.94 -2.95 11.56
CA PHE C 150 16.84 -1.97 11.57
C PHE C 150 17.31 -0.58 12.07
N SER C 151 18.56 -0.50 12.51
CA SER C 151 19.19 0.77 12.81
C SER C 151 19.70 1.45 11.53
N LYS C 152 19.53 0.81 10.38
CA LYS C 152 19.96 1.45 9.12
C LYS C 152 18.80 2.20 8.44
N GLU C 153 18.78 3.52 8.62
CA GLU C 153 17.73 4.38 8.10
C GLU C 153 17.59 4.22 6.58
N ASN C 154 18.74 4.12 5.89
CA ASN C 154 18.79 3.90 4.44
C ASN C 154 17.92 2.71 3.99
N LEU C 155 17.94 1.65 4.80
CA LEU C 155 17.13 0.46 4.56
C LEU C 155 15.70 0.55 5.18
N TYR C 156 15.60 1.05 6.40
CA TYR C 156 14.31 1.12 7.09
C TYR C 156 13.93 2.54 7.54
N PRO C 157 13.57 3.41 6.57
CA PRO C 157 13.45 4.84 6.90
C PRO C 157 12.22 5.23 7.71
N SER C 158 11.33 4.28 8.01
CA SER C 158 10.09 4.60 8.77
C SER C 158 9.87 3.53 9.84
N PHE C 159 10.96 2.91 10.25
CA PHE C 159 10.94 1.86 11.23
C PHE C 159 11.53 2.33 12.54
N LEU C 160 10.73 2.32 13.58
CA LEU C 160 11.21 2.61 14.92
C LEU C 160 10.93 1.41 15.81
N ARG C 161 11.60 1.37 16.96
CA ARG C 161 11.33 0.34 17.94
C ARG C 161 11.53 0.85 19.38
N THR C 162 10.96 0.12 20.32
CA THR C 162 10.98 0.51 21.72
C THR C 162 11.80 -0.48 22.52
N VAL C 163 12.32 -1.51 21.85
CA VAL C 163 13.36 -2.36 22.43
C VAL C 163 14.72 -2.09 21.76
N HIS C 164 15.78 -2.54 22.39
CA HIS C 164 17.12 -2.20 21.92
C HIS C 164 17.64 -3.19 20.90
N SER C 165 18.49 -2.71 20.01
CA SER C 165 19.23 -3.57 19.08
C SER C 165 19.91 -4.75 19.80
N ASN C 166 20.08 -5.86 19.08
CA ASN C 166 20.93 -6.94 19.52
C ASN C 166 22.35 -6.49 19.92
N LYS C 167 22.84 -5.41 19.30
CA LYS C 167 24.16 -4.88 19.63
C LYS C 167 24.28 -4.55 21.11
N ASP C 168 23.24 -3.91 21.66
CA ASP C 168 23.28 -3.51 23.05
C ASP C 168 23.15 -4.69 24.02
N VAL C 169 22.28 -5.66 23.72
CA VAL C 169 22.08 -6.77 24.63
C VAL C 169 23.29 -7.72 24.61
N ILE C 170 23.85 -7.92 23.43
CA ILE C 170 25.10 -8.65 23.30
C ILE C 170 26.23 -8.06 24.17
N ASN C 171 26.35 -6.72 24.20
CA ASN C 171 27.37 -6.09 25.05
C ASN C 171 27.15 -6.38 26.52
N ALA C 172 25.90 -6.41 26.93
CA ALA C 172 25.53 -6.77 28.29
C ALA C 172 25.89 -8.23 28.58
N ILE C 173 25.51 -9.12 27.65
CA ILE C 173 25.84 -10.53 27.76
C ILE C 173 27.35 -10.69 27.96
N VAL C 174 28.13 -9.98 27.15
CA VAL C 174 29.59 -10.01 27.22
C VAL C 174 30.15 -9.48 28.55
N GLY C 175 29.58 -8.38 29.04
CA GLY C 175 29.96 -7.85 30.33
C GLY C 175 29.86 -8.85 31.46
N ILE C 176 28.84 -9.70 31.40
CA ILE C 176 28.69 -10.76 32.39
C ILE C 176 29.84 -11.75 32.26
N ILE C 177 30.12 -12.23 31.05
CA ILE C 177 31.22 -13.14 30.83
C ILE C 177 32.51 -12.51 31.39
N LEU C 178 32.76 -11.26 31.01
CA LEU C 178 33.98 -10.62 31.42
C LEU C 178 34.06 -10.41 32.94
N ASN C 179 32.92 -10.35 33.62
CA ASN C 179 32.90 -10.23 35.08
C ASN C 179 33.36 -11.53 35.78
N PHE C 180 33.39 -12.65 35.07
CA PHE C 180 33.88 -13.89 35.65
C PHE C 180 35.13 -14.43 34.93
N ASN C 181 35.60 -15.60 35.34
CA ASN C 181 36.92 -16.05 34.93
C ASN C 181 37.01 -16.92 33.68
N TRP C 182 35.88 -17.46 33.18
CA TRP C 182 35.87 -18.33 32.00
C TRP C 182 35.95 -17.58 30.67
N ARG C 183 36.82 -18.03 29.77
CA ARG C 183 37.04 -17.35 28.50
C ARG C 183 36.76 -18.27 27.30
N TRP C 184 36.30 -19.47 27.59
CA TRP C 184 35.75 -20.34 26.56
C TRP C 184 34.24 -20.41 26.75
N VAL C 185 33.51 -19.91 25.77
CA VAL C 185 32.05 -19.94 25.81
C VAL C 185 31.45 -20.63 24.59
N ALA C 186 30.26 -21.17 24.77
CA ALA C 186 29.47 -21.67 23.67
C ALA C 186 28.32 -20.71 23.42
N PHE C 187 28.00 -20.52 22.14
CA PHE C 187 26.91 -19.64 21.74
C PHE C 187 25.85 -20.42 20.98
N LEU C 188 24.80 -20.85 21.67
CA LEU C 188 23.66 -21.48 21.01
C LEU C 188 22.66 -20.39 20.65
N TYR C 189 22.28 -20.32 19.37
CA TYR C 189 21.35 -19.29 18.90
C TYR C 189 20.23 -19.87 18.03
N SER C 190 19.05 -19.29 18.10
CA SER C 190 17.91 -19.72 17.31
C SER C 190 18.19 -19.53 15.83
N ASP C 191 17.75 -20.51 15.04
CA ASP C 191 18.03 -20.54 13.61
C ASP C 191 17.06 -19.63 12.86
N ASP C 192 17.02 -18.36 13.24
CA ASP C 192 16.24 -17.37 12.53
C ASP C 192 17.06 -16.06 12.50
N ASP C 193 16.50 -15.02 11.92
CA ASP C 193 17.23 -13.77 11.76
C ASP C 193 17.60 -13.13 13.08
N PHE C 194 16.76 -13.34 14.08
CA PHE C 194 17.03 -12.82 15.42
C PHE C 194 18.35 -13.37 15.94
N GLY C 195 18.48 -14.70 15.95
CA GLY C 195 19.67 -15.35 16.46
C GLY C 195 20.90 -15.20 15.57
N LYS C 196 20.71 -15.21 14.25
CA LYS C 196 21.85 -15.03 13.35
C LYS C 196 22.49 -13.67 13.58
N ASP C 197 21.68 -12.61 13.70
CA ASP C 197 22.24 -11.28 13.96
C ASP C 197 22.84 -11.26 15.35
N GLY C 198 22.30 -12.08 16.25
CA GLY C 198 22.89 -12.22 17.58
C GLY C 198 24.31 -12.73 17.47
N LEU C 199 24.48 -13.87 16.80
CA LEU C 199 25.78 -14.48 16.60
C LEU C 199 26.79 -13.51 15.99
N GLU C 200 26.38 -12.78 14.97
CA GLU C 200 27.31 -11.84 14.36
C GLU C 200 27.73 -10.75 15.34
N GLN C 201 26.85 -10.31 16.24
CA GLN C 201 27.22 -9.21 17.10
C GLN C 201 28.15 -9.70 18.19
N PHE C 202 27.87 -10.91 18.65
CA PHE C 202 28.70 -11.56 19.65
C PHE C 202 30.15 -11.62 19.15
N LYS C 203 30.30 -12.09 17.91
CA LYS C 203 31.62 -12.22 17.29
C LYS C 203 32.27 -10.85 17.15
N ASN C 204 31.47 -9.88 16.74
CA ASN C 204 31.99 -8.54 16.49
C ASN C 204 32.52 -7.88 17.75
N LYS C 205 31.99 -8.30 18.90
CA LYS C 205 32.26 -7.65 20.16
C LYS C 205 33.38 -8.31 20.93
N ILE C 206 33.54 -9.62 20.76
CA ILE C 206 34.59 -10.33 21.47
C ILE C 206 35.90 -10.45 20.67
N GLU C 207 35.85 -10.01 19.43
CA GLU C 207 36.92 -10.22 18.46
C GLU C 207 38.29 -9.86 19.02
N ASP C 208 38.39 -8.64 19.53
CA ASP C 208 39.57 -8.22 20.26
C ASP C 208 39.28 -8.28 21.76
N SER C 209 39.14 -9.48 22.30
CA SER C 209 38.95 -9.64 23.73
C SER C 209 39.50 -11.00 24.14
N GLU C 210 39.64 -11.22 25.45
CA GLU C 210 40.17 -12.45 25.98
C GLU C 210 39.20 -13.60 25.74
N ILE C 211 37.95 -13.24 25.50
CA ILE C 211 36.86 -14.20 25.27
C ILE C 211 37.07 -14.91 23.96
N CYS C 212 36.80 -16.21 23.97
CA CYS C 212 37.07 -17.11 22.86
C CYS C 212 35.85 -17.99 22.54
N LEU C 213 35.18 -17.69 21.43
CA LEU C 213 34.06 -18.46 20.98
C LEU C 213 34.48 -19.88 20.56
N ALA C 214 34.31 -20.83 21.46
CA ALA C 214 34.85 -22.17 21.25
C ALA C 214 33.90 -23.09 20.47
N PHE C 215 32.62 -22.70 20.38
CA PHE C 215 31.60 -23.50 19.72
C PHE C 215 30.35 -22.65 19.50
N TYR C 216 29.73 -22.80 18.34
CA TYR C 216 28.40 -22.26 18.17
C TYR C 216 27.57 -23.12 17.20
N LYS C 217 26.25 -23.00 17.30
CA LYS C 217 25.33 -23.76 16.45
C LYS C 217 23.94 -23.15 16.49
N ALA C 218 23.32 -23.08 15.31
CA ALA C 218 21.95 -22.62 15.19
C ALA C 218 21.04 -23.74 15.67
N ILE C 219 20.28 -23.47 16.74
CA ILE C 219 19.42 -24.51 17.28
C ILE C 219 17.97 -24.40 16.81
N ASN C 220 17.26 -25.52 16.94
CA ASN C 220 15.82 -25.64 16.57
C ASN C 220 15.11 -26.56 17.56
N VAL C 221 13.79 -26.63 17.48
CA VAL C 221 13.07 -27.52 18.37
C VAL C 221 13.37 -28.97 17.98
N ASN C 222 13.75 -29.20 16.73
CA ASN C 222 14.08 -30.58 16.32
C ASN C 222 15.59 -30.95 16.27
N THR C 223 16.45 -30.03 16.70
CA THR C 223 17.89 -30.28 16.81
C THR C 223 18.24 -31.56 17.58
N ASP C 224 19.26 -32.27 17.14
CA ASP C 224 19.80 -33.31 17.98
C ASP C 224 20.67 -32.67 19.08
N TYR C 225 20.08 -32.48 20.25
CA TYR C 225 20.74 -31.75 21.33
C TYR C 225 21.76 -32.57 22.07
N LEU C 226 21.51 -33.88 22.19
CA LEU C 226 22.50 -34.77 22.79
C LEU C 226 23.82 -34.63 22.04
N GLN C 227 23.74 -34.46 20.73
CA GLN C 227 24.92 -34.36 19.90
C GLN C 227 25.59 -33.01 20.15
N VAL C 228 24.77 -31.99 20.33
CA VAL C 228 25.24 -30.65 20.63
C VAL C 228 25.91 -30.58 22.00
N PHE C 229 25.35 -31.25 22.99
CA PHE C 229 25.90 -31.19 24.33
C PHE C 229 27.14 -32.06 24.42
N LYS C 230 27.16 -33.12 23.60
CA LYS C 230 28.32 -33.98 23.51
C LYS C 230 29.51 -33.17 23.01
N GLN C 231 29.28 -32.32 22.01
CA GLN C 231 30.32 -31.50 21.39
C GLN C 231 30.84 -30.40 22.32
N ILE C 232 29.99 -29.95 23.23
CA ILE C 232 30.36 -28.89 24.14
C ILE C 232 31.20 -29.46 25.28
N GLU C 233 30.87 -30.68 25.70
CA GLU C 233 31.65 -31.37 26.74
C GLU C 233 33.06 -31.70 26.24
N GLU C 234 33.16 -32.09 24.98
CA GLU C 234 34.44 -32.50 24.40
C GLU C 234 35.44 -31.36 24.48
N GLN C 235 34.93 -30.14 24.33
CA GLN C 235 35.76 -28.95 24.33
C GLN C 235 35.88 -28.35 25.72
N ASN C 236 35.39 -29.09 26.71
CA ASN C 236 35.47 -28.70 28.12
C ASN C 236 34.93 -27.30 28.42
N ILE C 237 33.99 -26.85 27.59
CA ILE C 237 33.32 -25.57 27.73
C ILE C 237 32.32 -25.56 28.89
N LYS C 238 32.49 -24.63 29.81
CA LYS C 238 31.55 -24.53 30.91
C LYS C 238 30.45 -23.50 30.66
N VAL C 239 30.73 -22.46 29.87
CA VAL C 239 29.76 -21.39 29.70
C VAL C 239 29.00 -21.47 28.37
N ILE C 240 27.69 -21.54 28.45
CA ILE C 240 26.86 -21.66 27.26
C ILE C 240 25.92 -20.48 27.16
N VAL C 241 26.23 -19.52 26.29
CA VAL C 241 25.27 -18.47 26.00
C VAL C 241 24.14 -19.02 25.13
N VAL C 242 22.89 -18.84 25.55
CA VAL C 242 21.76 -19.22 24.70
C VAL C 242 20.93 -18.04 24.25
N PHE C 243 21.13 -17.61 23.00
CA PHE C 243 20.51 -16.38 22.48
C PHE C 243 19.28 -16.75 21.69
N ALA C 244 18.21 -17.08 22.40
CA ALA C 244 17.05 -17.70 21.78
C ALA C 244 15.73 -17.19 22.37
N PRO C 245 14.67 -17.18 21.54
CA PRO C 245 13.37 -16.85 22.15
C PRO C 245 12.71 -18.08 22.77
N LYS C 246 11.61 -17.84 23.48
CA LYS C 246 10.84 -18.85 24.24
C LYS C 246 10.94 -20.33 23.82
N VAL C 247 10.42 -20.74 22.64
CA VAL C 247 10.36 -22.18 22.27
C VAL C 247 11.71 -22.80 22.04
N TYR C 248 12.62 -22.01 21.49
CA TYR C 248 13.99 -22.41 21.24
C TYR C 248 14.65 -22.64 22.57
N ALA C 249 14.78 -21.56 23.34
CA ALA C 249 15.38 -21.63 24.67
C ALA C 249 14.77 -22.80 25.47
N GLU C 250 13.45 -22.94 25.45
CA GLU C 250 12.83 -24.06 26.15
C GLU C 250 13.30 -25.39 25.58
N ALA C 251 13.35 -25.49 24.26
CA ALA C 251 13.83 -26.72 23.62
C ALA C 251 15.23 -27.08 24.07
N VAL C 252 16.13 -26.08 24.06
CA VAL C 252 17.51 -26.26 24.50
C VAL C 252 17.60 -26.68 25.98
N VAL C 253 16.76 -26.09 26.84
CA VAL C 253 16.96 -26.22 28.28
C VAL C 253 16.26 -27.46 28.83
N GLU C 254 15.12 -27.81 28.25
CA GLU C 254 14.46 -29.06 28.58
C GLU C 254 15.29 -30.27 28.09
N SER C 255 15.98 -30.11 26.97
CA SER C 255 16.90 -31.13 26.48
C SER C 255 18.10 -31.23 27.45
N ALA C 256 18.62 -30.07 27.87
CA ALA C 256 19.69 -30.06 28.85
C ALA C 256 19.30 -30.86 30.08
N VAL C 257 18.09 -30.60 30.58
CA VAL C 257 17.57 -31.29 31.76
C VAL C 257 17.47 -32.78 31.47
N GLN C 258 16.87 -33.12 30.34
CA GLN C 258 16.59 -34.51 30.08
C GLN C 258 17.86 -35.33 29.79
N LEU C 259 18.92 -34.67 29.37
CA LEU C 259 20.11 -35.41 28.95
C LEU C 259 21.22 -35.36 30.01
N ASN C 260 20.90 -34.82 31.18
CA ASN C 260 21.84 -34.71 32.30
C ASN C 260 23.10 -33.93 31.99
N VAL C 261 22.96 -32.86 31.24
CA VAL C 261 24.04 -31.88 31.17
C VAL C 261 24.16 -31.34 32.60
N THR C 262 25.39 -31.15 33.06
CA THR C 262 25.67 -30.67 34.42
C THR C 262 26.84 -29.70 34.47
N ASN C 263 26.97 -29.02 35.60
CA ASN C 263 28.09 -28.12 35.88
C ASN C 263 28.31 -27.07 34.82
N LYS C 264 27.25 -26.63 34.16
CA LYS C 264 27.35 -25.58 33.17
C LYS C 264 26.94 -24.23 33.78
N VAL C 265 27.45 -23.16 33.20
CA VAL C 265 26.97 -21.84 33.56
C VAL C 265 26.20 -21.28 32.37
N TRP C 266 24.90 -21.09 32.58
CA TRP C 266 24.00 -20.68 31.53
C TRP C 266 23.80 -19.20 31.54
N ILE C 267 23.88 -18.60 30.36
CA ILE C 267 23.68 -17.18 30.26
C ILE C 267 22.56 -16.91 29.26
N ALA C 268 21.47 -16.37 29.79
CA ALA C 268 20.26 -16.08 29.02
C ALA C 268 20.21 -14.62 28.57
N ASP C 269 19.56 -14.34 27.45
CA ASP C 269 19.24 -12.98 27.05
C ASP C 269 17.84 -12.62 27.56
N ASP C 270 17.39 -11.39 27.33
CA ASP C 270 16.15 -10.93 27.91
C ASP C 270 14.93 -11.71 27.39
N GLY C 271 15.12 -12.42 26.28
CA GLY C 271 14.08 -13.26 25.74
C GLY C 271 13.67 -14.48 26.56
N TRP C 272 14.54 -14.98 27.45
CA TRP C 272 14.11 -16.09 28.33
C TRP C 272 14.60 -16.01 29.78
N SER C 273 15.22 -14.89 30.16
CA SER C 273 15.57 -14.62 31.55
C SER C 273 14.39 -14.79 32.48
N LEU C 274 13.23 -14.32 32.04
CA LEU C 274 12.05 -14.30 32.88
C LEU C 274 11.07 -15.33 32.39
N ASN C 275 11.60 -16.38 31.75
CA ASN C 275 10.80 -17.54 31.36
C ASN C 275 10.13 -18.14 32.57
N LYS C 276 8.83 -18.43 32.47
CA LYS C 276 8.09 -18.87 33.64
C LYS C 276 7.95 -20.37 33.78
N LYS C 277 8.15 -21.12 32.69
CA LYS C 277 8.04 -22.57 32.74
C LYS C 277 9.31 -23.27 33.23
N LEU C 278 10.47 -22.89 32.68
CA LEU C 278 11.71 -23.62 32.94
C LEU C 278 12.20 -23.63 34.40
N PRO C 279 12.10 -22.51 35.11
CA PRO C 279 12.53 -22.60 36.51
C PRO C 279 11.59 -23.48 37.36
N SER C 280 10.39 -23.73 36.85
CA SER C 280 9.42 -24.55 37.57
C SER C 280 9.54 -26.01 37.17
N MET C 281 10.43 -26.28 36.23
CA MET C 281 10.69 -27.63 35.75
C MET C 281 11.42 -28.49 36.79
N ASN C 282 10.94 -29.72 36.98
CA ASN C 282 11.64 -30.70 37.80
C ASN C 282 12.95 -31.05 37.08
N GLY C 283 14.07 -30.95 37.79
CA GLY C 283 15.36 -31.25 37.20
C GLY C 283 16.17 -30.04 36.77
N ILE C 284 15.53 -28.87 36.72
CA ILE C 284 16.21 -27.66 36.23
C ILE C 284 17.45 -27.31 37.06
N GLN C 285 17.47 -27.78 38.30
CA GLN C 285 18.54 -27.46 39.24
C GLN C 285 19.83 -28.22 38.93
N ASN C 286 19.76 -29.19 38.02
CA ASN C 286 20.92 -30.02 37.72
C ASN C 286 21.84 -29.47 36.66
N ILE C 287 21.31 -28.66 35.75
CA ILE C 287 22.11 -28.26 34.60
C ILE C 287 23.12 -27.21 35.00
N GLY C 288 22.96 -26.66 36.20
CA GLY C 288 23.96 -25.79 36.77
C GLY C 288 23.43 -24.47 37.28
N THR C 289 23.99 -23.39 36.79
CA THR C 289 23.62 -22.07 37.24
C THR C 289 23.12 -21.27 36.06
N VAL C 290 21.93 -20.68 36.18
CA VAL C 290 21.42 -19.86 35.09
C VAL C 290 21.52 -18.37 35.42
N LEU C 291 22.16 -17.61 34.53
CA LEU C 291 22.27 -16.17 34.70
C LEU C 291 21.72 -15.52 33.46
N GLY C 292 21.39 -14.24 33.54
CA GLY C 292 20.83 -13.60 32.38
C GLY C 292 20.70 -12.10 32.46
N VAL C 293 20.52 -11.48 31.30
CA VAL C 293 20.16 -10.09 31.21
C VAL C 293 18.65 -10.07 31.04
N ALA C 294 17.97 -9.22 31.79
CA ALA C 294 16.52 -9.21 31.73
C ALA C 294 15.99 -7.80 31.62
N GLN C 295 14.76 -7.70 31.13
CA GLN C 295 14.02 -6.45 31.17
C GLN C 295 13.50 -6.31 32.55
N PRO C 296 13.96 -5.27 33.27
CA PRO C 296 13.49 -5.05 34.64
C PRO C 296 11.98 -4.93 34.63
N VAL C 297 11.33 -5.47 35.65
CA VAL C 297 9.88 -5.53 35.63
C VAL C 297 9.27 -4.14 35.86
N VAL C 298 8.60 -3.65 34.83
CA VAL C 298 7.85 -2.41 34.90
C VAL C 298 6.37 -2.67 35.15
N THR C 299 5.87 -2.16 36.27
CA THR C 299 4.45 -2.22 36.55
C THR C 299 3.73 -1.14 35.75
N ILE C 300 2.78 -1.59 34.95
CA ILE C 300 1.88 -0.67 34.27
C ILE C 300 0.60 -0.71 35.07
N PRO C 301 0.33 0.38 35.81
CA PRO C 301 -0.84 0.41 36.70
C PRO C 301 -2.13 0.28 35.92
N GLY C 302 -3.13 -0.41 36.48
CA GLY C 302 -4.38 -0.60 35.78
C GLY C 302 -4.46 -1.84 34.89
N PHE C 303 -3.31 -2.46 34.59
CA PHE C 303 -3.31 -3.62 33.70
C PHE C 303 -3.97 -4.86 34.32
N THR C 304 -3.54 -5.23 35.52
CA THR C 304 -4.20 -6.26 36.34
C THR C 304 -5.74 -6.20 36.30
N ASP C 305 -6.30 -5.04 36.65
CA ASP C 305 -7.74 -4.85 36.57
C ASP C 305 -8.25 -5.15 35.15
N PHE C 306 -7.57 -4.55 34.17
CA PHE C 306 -7.91 -4.66 32.77
C PHE C 306 -8.07 -6.09 32.26
N ILE C 307 -7.09 -6.92 32.60
CA ILE C 307 -7.05 -8.33 32.22
C ILE C 307 -8.24 -9.12 32.77
N TYR C 308 -8.68 -8.82 33.99
CA TYR C 308 -9.85 -9.49 34.55
C TYR C 308 -11.08 -9.19 33.71
N SER C 309 -11.20 -7.97 33.24
CA SER C 309 -12.35 -7.61 32.41
C SER C 309 -12.27 -8.20 30.99
N ALA C 310 -11.06 -8.34 30.45
CA ALA C 310 -10.92 -8.78 29.07
C ALA C 310 -11.17 -10.27 28.95
N ILE C 311 -10.68 -11.04 29.93
CA ILE C 311 -10.94 -12.48 30.05
C ILE C 311 -12.42 -12.87 29.95
N SER C 312 -13.27 -12.24 30.75
CA SER C 312 -14.69 -12.52 30.74
C SER C 312 -15.30 -12.33 29.36
N GLN C 313 -15.03 -11.19 28.72
CA GLN C 313 -15.54 -10.89 27.38
C GLN C 313 -15.06 -11.90 26.32
N PHE C 324 -13.04 -11.85 9.22
CA PHE C 324 -11.69 -11.66 8.71
C PHE C 324 -10.67 -12.55 9.42
N CYS C 325 -9.71 -13.06 8.65
CA CYS C 325 -8.68 -14.01 9.11
C CYS C 325 -7.67 -13.48 10.16
N ASN C 326 -7.20 -14.38 11.01
CA ASN C 326 -6.17 -14.10 12.02
C ASN C 326 -6.64 -13.08 13.04
N GLN C 327 -7.93 -13.11 13.34
CA GLN C 327 -8.49 -12.24 14.35
C GLN C 327 -9.40 -13.04 15.29
N LYS C 328 -8.93 -14.25 15.61
CA LYS C 328 -9.68 -15.18 16.42
C LYS C 328 -8.72 -15.87 17.37
N CYS C 329 -8.91 -15.63 18.66
CA CYS C 329 -7.96 -16.09 19.67
C CYS C 329 -8.16 -17.55 20.06
N ASN C 330 -9.42 -17.95 20.17
CA ASN C 330 -9.78 -19.31 20.60
C ASN C 330 -9.08 -19.69 21.90
N CYS C 331 -9.29 -18.86 22.92
CA CYS C 331 -8.63 -19.03 24.21
C CYS C 331 -9.54 -18.71 25.38
N SER C 332 -10.82 -19.05 25.24
CA SER C 332 -11.86 -18.61 26.17
C SER C 332 -11.66 -19.05 27.62
N ASN C 333 -11.50 -20.34 27.85
CA ASN C 333 -11.40 -20.79 29.23
C ASN C 333 -9.94 -20.77 29.69
N LEU C 334 -9.50 -19.59 30.10
CA LEU C 334 -8.08 -19.34 30.31
C LEU C 334 -7.84 -18.77 31.69
N SER C 335 -6.91 -19.37 32.43
CA SER C 335 -6.60 -18.97 33.81
C SER C 335 -6.04 -17.54 33.89
N VAL C 336 -6.77 -16.68 34.60
CA VAL C 336 -6.38 -15.28 34.71
C VAL C 336 -5.05 -15.10 35.45
N LYS C 337 -4.89 -15.83 36.55
CA LYS C 337 -3.67 -15.77 37.32
C LYS C 337 -2.47 -16.16 36.47
N SER C 338 -2.65 -17.12 35.58
CA SER C 338 -1.53 -17.60 34.78
C SER C 338 -1.14 -16.54 33.73
N LEU C 339 -2.12 -15.77 33.29
CA LEU C 339 -1.89 -14.67 32.37
C LEU C 339 -1.15 -13.52 33.04
N LEU C 340 -1.68 -13.07 34.17
CA LEU C 340 -1.02 -12.07 35.00
C LEU C 340 0.41 -12.47 35.31
N ASN C 341 0.59 -13.70 35.79
CA ASN C 341 1.90 -14.17 36.22
C ASN C 341 2.75 -14.70 35.10
N ALA C 342 2.40 -14.39 33.86
CA ALA C 342 3.21 -14.80 32.71
C ALA C 342 4.38 -13.83 32.54
N ASP C 343 5.40 -14.24 31.78
CA ASP C 343 6.55 -13.36 31.50
C ASP C 343 6.11 -11.95 31.08
N PRO C 344 6.43 -10.93 31.90
CA PRO C 344 5.96 -9.56 31.68
C PRO C 344 6.95 -8.75 30.82
N SER C 345 7.96 -9.42 30.28
CA SER C 345 8.89 -8.78 29.36
C SER C 345 8.16 -8.22 28.12
N PHE C 346 8.74 -7.14 27.60
CA PHE C 346 8.25 -6.44 26.42
C PHE C 346 6.97 -5.60 26.65
N SER C 347 6.50 -5.58 27.90
CA SER C 347 5.30 -4.84 28.30
C SER C 347 5.42 -3.34 28.14
N PHE C 348 6.48 -2.77 28.69
CA PHE C 348 6.68 -1.34 28.50
C PHE C 348 6.97 -0.97 27.04
N PRO C 349 7.72 -1.81 26.30
CA PRO C 349 7.80 -1.55 24.85
C PRO C 349 6.45 -1.42 24.13
N VAL C 350 5.50 -2.31 24.42
CA VAL C 350 4.18 -2.22 23.79
C VAL C 350 3.53 -0.91 24.23
N TYR C 351 3.52 -0.71 25.54
CA TYR C 351 2.95 0.49 26.14
C TYR C 351 3.50 1.76 25.48
N ALA C 352 4.82 1.88 25.39
CA ALA C 352 5.43 3.08 24.83
C ALA C 352 5.16 3.20 23.33
N ALA C 353 5.09 2.08 22.62
CA ALA C 353 4.80 2.10 21.19
C ALA C 353 3.47 2.76 20.89
N VAL C 354 2.40 2.27 21.54
CA VAL C 354 1.07 2.82 21.29
C VAL C 354 1.09 4.29 21.67
N TYR C 355 1.68 4.60 22.81
CA TYR C 355 1.76 5.97 23.28
C TYR C 355 2.59 6.89 22.39
N ALA C 356 3.65 6.36 21.79
CA ALA C 356 4.43 7.16 20.85
C ALA C 356 3.57 7.59 19.65
N ILE C 357 2.79 6.67 19.13
CA ILE C 357 1.95 6.96 17.98
C ILE C 357 0.84 7.92 18.37
N ALA C 358 0.21 7.70 19.52
CA ALA C 358 -0.89 8.58 19.95
C ALA C 358 -0.41 10.01 20.07
N HIS C 359 0.74 10.17 20.72
CA HIS C 359 1.42 11.45 20.88
C HIS C 359 1.79 12.07 19.53
N ALA C 360 2.21 11.23 18.60
CA ALA C 360 2.51 11.67 17.25
C ALA C 360 1.23 12.15 16.57
N LEU C 361 0.15 11.44 16.80
CA LEU C 361 -1.13 11.81 16.19
C LEU C 361 -1.58 13.13 16.79
N HIS C 362 -1.47 13.22 18.10
CA HIS C 362 -1.89 14.39 18.86
C HIS C 362 -1.17 15.66 18.37
N ASN C 363 0.13 15.52 18.12
CA ASN C 363 0.94 16.65 17.69
C ASN C 363 0.66 17.03 16.25
N THR C 364 0.46 16.03 15.41
CA THR C 364 0.15 16.22 14.00
C THR C 364 -1.16 16.99 13.82
N LEU C 365 -2.14 16.70 14.67
CA LEU C 365 -3.41 17.41 14.64
C LEU C 365 -3.36 18.73 15.44
N ARG C 366 -2.21 19.02 16.06
CA ARG C 366 -2.02 20.25 16.87
C ARG C 366 -3.05 20.43 17.99
N CYS C 367 -3.26 19.39 18.77
CA CYS C 367 -4.25 19.41 19.85
C CYS C 367 -3.82 20.22 21.04
N GLY C 368 -4.80 20.77 21.74
CA GLY C 368 -4.54 21.35 23.05
C GLY C 368 -4.46 20.25 24.10
N SER C 369 -4.76 20.62 25.33
CA SER C 369 -4.97 19.65 26.40
C SER C 369 -6.47 19.64 26.63
N ASP C 370 -7.17 20.35 25.74
CA ASP C 370 -8.60 20.48 25.80
C ASP C 370 -9.32 20.00 24.53
N ARG C 371 -8.76 20.27 23.35
CA ARG C 371 -9.43 19.90 22.11
C ARG C 371 -8.49 19.81 20.89
N CYS C 372 -8.87 19.01 19.89
CA CYS C 372 -8.12 18.91 18.64
C CYS C 372 -8.91 19.52 17.50
N PRO C 373 -8.22 20.27 16.63
CA PRO C 373 -8.77 20.88 15.41
C PRO C 373 -9.28 19.82 14.40
N LYS C 374 -10.01 20.28 13.39
CA LYS C 374 -10.51 19.43 12.30
C LYS C 374 -11.40 18.30 12.82
N THR C 377 -6.00 16.97 7.72
CA THR C 377 -5.99 15.57 7.25
C THR C 377 -4.65 14.93 7.50
N VAL C 378 -4.68 13.63 7.80
CA VAL C 378 -3.52 12.94 8.35
C VAL C 378 -2.98 11.84 7.45
N HIS C 379 -1.75 12.04 6.99
CA HIS C 379 -1.00 11.02 6.25
C HIS C 379 0.04 10.37 7.16
N PRO C 380 0.20 9.06 7.02
CA PRO C 380 1.15 8.27 7.82
C PRO C 380 2.57 8.87 7.89
N HIS C 381 3.02 9.54 6.84
CA HIS C 381 4.39 10.06 6.85
C HIS C 381 4.51 11.25 7.79
N MET C 382 3.41 11.92 8.05
CA MET C 382 3.39 13.00 9.03
C MET C 382 3.44 12.44 10.46
N ILE C 383 2.77 11.31 10.69
CA ILE C 383 2.96 10.54 11.91
C ILE C 383 4.46 10.28 12.15
N LEU C 384 5.15 9.82 11.10
CA LEU C 384 6.56 9.43 11.19
C LEU C 384 7.47 10.57 11.69
N GLU C 385 7.24 11.76 11.17
CA GLU C 385 8.05 12.90 11.50
C GLU C 385 7.91 13.25 12.96
N GLU C 386 6.66 13.23 13.46
CA GLU C 386 6.46 13.50 14.87
C GLU C 386 6.97 12.35 15.75
N LEU C 387 6.86 11.12 15.25
CA LEU C 387 7.39 9.96 15.96
C LEU C 387 8.87 10.13 16.16
N LYS C 388 9.51 10.64 15.12
CA LYS C 388 10.95 10.82 15.20
C LYS C 388 11.25 11.85 16.28
N LYS C 389 10.50 12.95 16.30
CA LYS C 389 10.72 14.01 17.28
C LYS C 389 10.13 13.72 18.67
N SER C 390 9.69 12.49 18.93
CA SER C 390 9.11 12.14 20.25
C SER C 390 9.90 12.67 21.43
N ASN C 391 9.17 13.05 22.47
CA ASN C 391 9.75 13.57 23.70
C ASN C 391 8.66 13.73 24.73
N PHE C 392 8.44 12.71 25.53
CA PHE C 392 7.41 12.78 26.56
C PHE C 392 7.69 11.78 27.65
N THR C 393 7.29 12.11 28.87
CA THR C 393 7.46 11.17 29.96
C THR C 393 6.27 10.21 30.00
N LEU C 394 6.54 9.02 30.49
CA LEU C 394 5.56 7.99 30.52
C LEU C 394 6.00 7.05 31.63
N LEU C 395 5.23 6.98 32.71
CA LEU C 395 5.61 6.20 33.89
C LEU C 395 7.04 6.57 34.38
N ASN C 396 7.37 7.85 34.34
CA ASN C 396 8.72 8.37 34.68
C ASN C 396 9.86 7.81 33.86
N GLN C 397 9.57 7.47 32.62
CA GLN C 397 10.63 7.25 31.69
C GLN C 397 10.46 8.25 30.57
N THR C 398 11.56 8.54 29.87
CA THR C 398 11.49 9.48 28.77
C THR C 398 11.51 8.74 27.44
N VAL C 399 10.45 8.93 26.66
CA VAL C 399 10.35 8.30 25.36
C VAL C 399 10.88 9.21 24.27
N GLN C 400 12.09 8.91 23.83
CA GLN C 400 12.70 9.57 22.67
C GLN C 400 13.36 8.48 21.84
N PHE C 401 13.59 8.77 20.55
CA PHE C 401 14.32 7.86 19.70
C PHE C 401 15.54 8.55 19.12
N ASP C 402 16.66 7.85 19.04
CA ASP C 402 17.83 8.38 18.34
C ASP C 402 17.58 8.50 16.83
N GLU C 403 18.61 8.89 16.10
CA GLU C 403 18.58 9.06 14.65
C GLU C 403 18.15 7.82 13.86
N ASN C 404 18.53 6.64 14.36
CA ASN C 404 18.14 5.39 13.71
C ASN C 404 16.79 4.85 14.16
N GLY C 405 16.06 5.63 14.94
CA GLY C 405 14.77 5.18 15.44
C GLY C 405 14.92 4.15 16.55
N ASP C 406 16.09 4.09 17.17
CA ASP C 406 16.28 3.20 18.30
C ASP C 406 15.92 3.92 19.60
N PRO C 407 15.51 3.16 20.61
CA PRO C 407 14.96 3.85 21.80
C PRO C 407 16.07 4.41 22.69
N LYS C 408 15.86 5.62 23.23
CA LYS C 408 16.82 6.18 24.15
C LYS C 408 16.45 5.82 25.58
N PHE C 409 15.47 4.93 25.73
CA PHE C 409 15.01 4.53 27.05
C PHE C 409 15.12 3.03 27.24
N GLY C 410 15.13 2.58 28.50
CA GLY C 410 15.19 1.17 28.84
C GLY C 410 16.54 0.78 29.43
N SER C 411 16.51 -0.10 30.43
CA SER C 411 17.74 -0.61 31.02
C SER C 411 17.74 -2.14 31.15
N LEU C 412 18.84 -2.71 31.62
CA LEU C 412 18.86 -4.16 31.81
C LEU C 412 19.26 -4.46 33.24
N SER C 413 18.69 -5.54 33.77
CA SER C 413 19.15 -6.05 35.05
C SER C 413 19.86 -7.35 34.80
N VAL C 414 20.65 -7.77 35.77
CA VAL C 414 21.32 -9.05 35.68
C VAL C 414 20.66 -9.98 36.67
N VAL C 415 20.38 -11.20 36.21
CA VAL C 415 19.63 -12.14 37.06
C VAL C 415 20.28 -13.49 37.21
N PHE C 416 19.97 -14.09 38.35
CA PHE C 416 20.36 -15.43 38.69
C PHE C 416 19.08 -16.17 39.10
N TRP C 417 18.83 -17.32 38.49
CA TRP C 417 17.73 -18.18 38.90
C TRP C 417 18.08 -18.79 40.22
N ASN C 418 17.36 -18.40 41.28
CA ASN C 418 17.71 -18.93 42.59
C ASN C 418 16.91 -20.16 43.00
N SER C 419 17.08 -20.58 44.25
CA SER C 419 16.50 -21.84 44.70
C SER C 419 14.97 -21.91 44.67
N SER C 420 14.32 -20.75 44.69
CA SER C 420 12.86 -20.68 44.76
C SER C 420 12.21 -20.52 43.40
N GLY C 421 13.03 -20.55 42.35
CA GLY C 421 12.56 -20.32 41.00
C GLY C 421 12.33 -18.85 40.65
N ASN C 422 13.06 -17.95 41.27
CA ASN C 422 12.99 -16.56 40.80
C ASN C 422 14.25 -16.15 40.04
N ALA C 423 14.03 -15.40 38.98
CA ALA C 423 15.04 -14.57 38.40
C ALA C 423 15.29 -13.43 39.38
N GLU C 424 16.32 -13.58 40.19
CA GLU C 424 16.67 -12.59 41.20
C GLU C 424 17.66 -11.57 40.65
N GLU C 425 17.38 -10.29 40.86
CA GLU C 425 18.27 -9.23 40.45
C GLU C 425 19.55 -9.29 41.31
N VAL C 426 20.71 -9.34 40.67
CA VAL C 426 21.99 -9.42 41.39
C VAL C 426 23.00 -8.48 40.77
N GLY C 427 22.57 -7.80 39.71
CA GLY C 427 23.37 -6.77 39.10
C GLY C 427 22.55 -5.98 38.10
N SER C 428 23.12 -4.88 37.62
CA SER C 428 22.46 -4.14 36.55
C SER C 428 23.41 -3.74 35.43
N TYR C 429 22.87 -3.03 34.45
CA TYR C 429 23.61 -2.61 33.28
C TYR C 429 22.93 -1.39 32.76
N HIS C 430 23.71 -0.44 32.27
CA HIS C 430 23.13 0.71 31.61
C HIS C 430 23.84 0.98 30.28
N PHE C 431 23.05 1.39 29.30
CA PHE C 431 23.47 1.45 27.91
C PHE C 431 24.44 2.57 27.58
N GLN C 432 24.98 3.18 28.64
CA GLN C 432 26.19 4.01 28.56
C GLN C 432 26.69 4.34 29.98
N SER C 433 27.97 4.10 30.22
CA SER C 433 28.64 4.53 31.46
C SER C 433 30.17 4.45 31.30
N LEU C 437 28.99 -2.58 33.78
CA LEU C 437 28.21 -3.56 34.52
C LEU C 437 28.60 -3.54 35.99
N SER C 438 27.64 -3.91 36.84
CA SER C 438 27.90 -4.22 38.24
C SER C 438 27.14 -5.47 38.66
N ILE C 439 27.80 -6.32 39.43
CA ILE C 439 27.25 -7.60 39.84
C ILE C 439 27.57 -7.89 41.32
N ASN C 440 26.53 -8.12 42.11
CA ASN C 440 26.67 -8.68 43.45
C ASN C 440 26.98 -10.17 43.29
N LYS C 441 28.25 -10.53 43.44
CA LYS C 441 28.63 -11.89 43.12
C LYS C 441 28.31 -12.84 44.24
N THR C 442 28.23 -12.32 45.46
CA THR C 442 27.97 -13.20 46.61
C THR C 442 26.55 -13.75 46.61
N LYS C 443 25.64 -13.01 45.99
CA LYS C 443 24.24 -13.43 45.88
C LYS C 443 24.04 -14.68 45.02
N ILE C 444 24.86 -14.83 43.99
CA ILE C 444 24.74 -15.99 43.12
C ILE C 444 25.20 -17.23 43.86
N LYS C 445 24.29 -18.18 44.03
CA LYS C 445 24.62 -19.44 44.67
C LYS C 445 25.03 -20.51 43.64
N TRP C 446 26.11 -21.24 43.93
CA TRP C 446 26.67 -22.24 43.01
C TRP C 446 26.50 -23.65 43.56
N SER D 1 20.76 -16.49 -39.29
CA SER D 1 19.80 -15.38 -39.25
C SER D 1 18.38 -15.84 -39.57
N PRO D 2 17.64 -16.33 -38.56
CA PRO D 2 16.25 -16.75 -38.76
C PRO D 2 15.35 -15.59 -39.14
N ASN D 3 14.39 -15.83 -40.01
CA ASN D 3 13.56 -14.76 -40.52
C ASN D 3 12.57 -14.21 -39.50
N TRP D 4 12.34 -14.93 -38.40
CA TRP D 4 11.38 -14.42 -37.42
C TRP D 4 11.89 -13.14 -36.78
N PHE D 5 13.21 -13.00 -36.76
CA PHE D 5 13.89 -11.76 -36.41
C PHE D 5 13.21 -10.51 -36.96
N ASN D 6 12.79 -10.58 -38.21
CA ASN D 6 12.31 -9.41 -38.92
C ASN D 6 11.00 -8.82 -38.37
N ASN D 7 10.20 -9.64 -37.69
CA ASN D 7 8.91 -9.17 -37.17
C ASN D 7 8.91 -9.05 -35.62
N ILE D 8 10.09 -9.08 -35.01
CA ILE D 8 10.17 -8.91 -33.55
C ILE D 8 9.81 -7.46 -33.21
N SER D 9 9.40 -7.23 -31.97
CA SER D 9 8.85 -5.95 -31.57
C SER D 9 9.88 -5.01 -30.94
N THR D 10 9.76 -3.71 -31.18
CA THR D 10 10.63 -2.74 -30.52
C THR D 10 10.36 -2.63 -29.03
N ASP D 11 9.26 -3.22 -28.57
CA ASP D 11 8.91 -3.23 -27.14
C ASP D 11 10.02 -3.82 -26.30
N LEU D 12 10.69 -2.99 -25.52
CA LEU D 12 11.85 -3.41 -24.74
C LEU D 12 11.44 -4.03 -23.41
N PHE D 13 10.79 -3.23 -22.56
CA PHE D 13 10.49 -3.65 -21.19
C PHE D 13 9.04 -4.09 -20.99
N SER D 14 8.17 -3.74 -21.93
CA SER D 14 6.77 -4.07 -21.78
C SER D 14 6.25 -4.66 -23.08
N MET D 15 5.90 -5.95 -23.01
CA MET D 15 5.41 -6.69 -24.17
C MET D 15 4.04 -7.30 -23.90
N PRO D 16 3.01 -6.81 -24.60
CA PRO D 16 1.62 -7.27 -24.38
C PRO D 16 1.42 -8.72 -24.76
N GLY D 17 0.64 -9.45 -23.97
CA GLY D 17 0.39 -10.84 -24.27
C GLY D 17 -0.88 -11.37 -23.64
N ASP D 18 -1.11 -12.65 -23.87
CA ASP D 18 -2.24 -13.41 -23.32
C ASP D 18 -1.99 -13.84 -21.89
N ILE D 19 -0.75 -14.32 -21.68
CA ILE D 19 -0.23 -14.69 -20.37
C ILE D 19 1.03 -13.87 -20.10
N LYS D 20 1.11 -13.24 -18.93
CA LYS D 20 2.18 -12.30 -18.71
C LYS D 20 3.18 -12.78 -17.68
N LEU D 21 4.46 -12.58 -17.96
CA LEU D 21 5.55 -12.85 -17.06
C LEU D 21 5.95 -11.58 -16.35
N GLY D 22 6.33 -11.71 -15.08
CA GLY D 22 6.86 -10.58 -14.32
C GLY D 22 8.37 -10.55 -14.46
N GLY D 23 8.92 -9.37 -14.71
CA GLY D 23 10.35 -9.27 -14.90
C GLY D 23 11.01 -8.34 -13.91
N LEU D 24 11.96 -8.88 -13.13
CA LEU D 24 12.75 -8.08 -12.18
C LEU D 24 14.26 -8.13 -12.48
N PHE D 25 14.81 -6.98 -12.87
CA PHE D 25 16.23 -6.87 -13.23
C PHE D 25 16.84 -5.61 -12.63
N PRO D 26 18.14 -5.66 -12.30
CA PRO D 26 18.87 -4.47 -11.86
C PRO D 26 19.46 -3.75 -13.09
N ILE D 27 18.66 -2.89 -13.69
CA ILE D 27 19.04 -2.09 -14.85
C ILE D 27 19.68 -0.74 -14.43
N LYS D 28 19.12 -0.14 -13.37
CA LYS D 28 19.61 1.14 -12.88
C LYS D 28 19.71 1.19 -11.34
N GLU D 29 20.93 1.42 -10.85
CA GLU D 29 21.23 1.42 -9.42
C GLU D 29 21.58 2.80 -8.91
N GLN D 30 21.81 2.89 -7.61
CA GLN D 30 22.33 4.09 -6.98
C GLN D 30 23.85 4.17 -7.18
N SER D 31 24.40 5.38 -7.29
CA SER D 31 25.84 5.50 -7.45
C SER D 31 26.56 5.16 -6.15
N SER D 45 17.37 7.46 -5.21
CA SER D 45 17.66 7.83 -6.60
C SER D 45 18.49 6.79 -7.36
N CYS D 46 17.97 6.33 -8.50
CA CYS D 46 18.60 5.24 -9.28
C CYS D 46 19.16 5.70 -10.63
N ASP D 47 20.40 6.18 -10.64
CA ASP D 47 20.91 6.85 -11.83
C ASP D 47 22.14 6.19 -12.44
N SER D 48 22.56 5.04 -11.89
CA SER D 48 23.74 4.33 -12.40
C SER D 48 23.35 3.12 -13.25
N LEU D 49 23.62 3.22 -14.55
CA LEU D 49 23.36 2.14 -15.50
C LEU D 49 24.14 0.88 -15.15
N ASN D 50 23.42 -0.22 -14.93
CA ASN D 50 24.02 -1.55 -14.77
C ASN D 50 23.93 -2.29 -16.10
N LYS D 51 24.92 -2.05 -16.95
CA LYS D 51 24.95 -2.63 -18.28
C LYS D 51 24.72 -4.14 -18.33
N ASP D 52 25.20 -4.89 -17.34
CA ASP D 52 24.92 -6.33 -17.30
C ASP D 52 23.46 -6.66 -16.91
N GLY D 53 22.89 -5.88 -16.01
CA GLY D 53 21.52 -6.09 -15.65
C GLY D 53 20.67 -5.84 -16.87
N LEU D 54 21.01 -4.78 -17.59
CA LEU D 54 20.26 -4.45 -18.79
C LEU D 54 20.47 -5.54 -19.81
N GLY D 55 21.70 -6.05 -19.86
CA GLY D 55 22.05 -7.13 -20.76
C GLY D 55 21.19 -8.35 -20.53
N ARG D 56 20.94 -8.67 -19.27
CA ARG D 56 20.17 -9.88 -18.93
C ARG D 56 18.67 -9.70 -19.19
N ALA D 57 18.21 -8.45 -19.10
CA ALA D 57 16.84 -8.08 -19.45
C ALA D 57 16.53 -8.34 -20.92
N LEU D 58 17.50 -8.04 -21.79
CA LEU D 58 17.38 -8.25 -23.24
C LEU D 58 17.29 -9.74 -23.58
N VAL D 59 17.98 -10.58 -22.82
CA VAL D 59 17.89 -12.02 -23.01
C VAL D 59 16.44 -12.51 -22.81
N MET D 60 15.76 -11.90 -21.85
CA MET D 60 14.35 -12.21 -21.62
C MET D 60 13.50 -11.74 -22.80
N LYS D 61 13.73 -10.52 -23.26
CA LYS D 61 13.15 -10.04 -24.51
C LYS D 61 13.36 -11.08 -25.62
N TYR D 62 14.60 -11.51 -25.78
CA TYR D 62 14.94 -12.50 -26.79
C TYR D 62 14.19 -13.82 -26.55
N ALA D 63 14.29 -14.36 -25.34
CA ALA D 63 13.60 -15.60 -24.99
C ALA D 63 12.10 -15.57 -25.30
N VAL D 64 11.42 -14.50 -24.95
CA VAL D 64 9.98 -14.45 -25.10
C VAL D 64 9.60 -14.25 -26.58
N GLU D 65 10.33 -13.40 -27.29
CA GLU D 65 10.08 -13.21 -28.73
C GLU D 65 10.22 -14.54 -29.47
N GLU D 66 11.22 -15.31 -29.10
CA GLU D 66 11.48 -16.60 -29.73
C GLU D 66 10.38 -17.61 -29.44
N ILE D 67 9.89 -17.63 -28.20
CA ILE D 67 8.83 -18.56 -27.81
C ILE D 67 7.56 -18.27 -28.56
N ASN D 68 7.29 -17.00 -28.79
CA ASN D 68 6.09 -16.65 -29.54
C ASN D 68 6.25 -16.95 -31.03
N ALA D 69 7.47 -16.86 -31.55
CA ALA D 69 7.74 -17.17 -32.95
C ALA D 69 7.65 -18.67 -33.19
N ASN D 70 8.00 -19.46 -32.18
CA ASN D 70 7.76 -20.90 -32.23
C ASN D 70 6.26 -21.20 -32.19
N SER D 71 5.71 -21.62 -33.32
CA SER D 71 4.29 -21.89 -33.43
C SER D 71 3.88 -23.18 -32.72
N GLN D 72 4.87 -24.00 -32.36
CA GLN D 72 4.60 -25.29 -31.71
C GLN D 72 4.86 -25.34 -30.21
N LEU D 73 5.20 -24.19 -29.62
CA LEU D 73 5.32 -24.05 -28.17
C LEU D 73 4.39 -22.92 -27.73
N LEU D 74 3.43 -23.25 -26.86
CA LEU D 74 2.30 -22.38 -26.55
C LEU D 74 1.58 -21.91 -27.81
N PRO D 75 1.01 -22.87 -28.57
CA PRO D 75 0.37 -22.51 -29.85
C PRO D 75 -0.92 -21.74 -29.62
N GLY D 76 -1.15 -20.71 -30.42
CA GLY D 76 -2.32 -19.86 -30.28
C GLY D 76 -2.32 -19.01 -29.02
N VAL D 77 -1.19 -18.96 -28.33
CA VAL D 77 -1.11 -18.26 -27.06
C VAL D 77 0.12 -17.35 -26.98
N LYS D 78 -0.13 -16.05 -27.06
CA LYS D 78 0.95 -15.06 -27.01
C LYS D 78 1.47 -14.86 -25.60
N LEU D 79 2.76 -15.15 -25.41
CA LEU D 79 3.42 -14.88 -24.16
C LEU D 79 3.82 -13.40 -24.10
N GLY D 80 3.64 -12.80 -22.94
CA GLY D 80 3.95 -11.39 -22.75
C GLY D 80 4.64 -11.15 -21.43
N TYR D 81 4.93 -9.88 -21.14
CA TYR D 81 5.60 -9.56 -19.89
C TYR D 81 5.65 -8.07 -19.54
N LYS D 82 5.91 -7.82 -18.26
CA LYS D 82 6.34 -6.51 -17.80
C LYS D 82 7.65 -6.70 -17.04
N ILE D 83 8.69 -6.04 -17.54
CA ILE D 83 9.97 -6.06 -16.86
C ILE D 83 10.14 -4.78 -16.07
N TYR D 84 10.62 -4.87 -14.82
CA TYR D 84 10.88 -3.65 -14.04
C TYR D 84 12.28 -3.64 -13.44
N ASN D 85 12.77 -2.43 -13.20
CA ASN D 85 14.06 -2.22 -12.59
C ASN D 85 13.94 -2.36 -11.07
N THR D 86 14.91 -3.03 -10.46
CA THR D 86 14.89 -3.24 -9.02
C THR D 86 15.72 -2.22 -8.23
N CYS D 87 16.64 -1.55 -8.93
CA CYS D 87 17.58 -0.59 -8.36
C CYS D 87 18.42 -1.19 -7.25
N ARG D 88 18.38 -2.50 -7.13
CA ARG D 88 18.87 -3.21 -5.96
C ARG D 88 18.52 -2.44 -4.67
N HIS D 89 17.23 -2.18 -4.48
CA HIS D 89 16.76 -1.44 -3.31
C HIS D 89 15.35 -1.90 -2.96
N SER D 90 15.14 -2.24 -1.69
CA SER D 90 13.87 -2.80 -1.23
C SER D 90 12.69 -1.86 -1.50
N ALA D 91 12.90 -0.55 -1.32
CA ALA D 91 11.85 0.43 -1.55
C ALA D 91 11.39 0.45 -3.00
N VAL D 92 12.30 0.17 -3.92
CA VAL D 92 11.99 0.18 -5.35
C VAL D 92 11.35 -1.13 -5.83
N ILE D 93 11.93 -2.26 -5.43
CA ILE D 93 11.52 -3.52 -6.00
C ILE D 93 10.14 -3.99 -5.51
N VAL D 94 9.68 -3.50 -4.35
CA VAL D 94 8.40 -3.98 -3.84
C VAL D 94 7.23 -3.51 -4.68
N ARG D 95 7.39 -2.38 -5.36
CA ARG D 95 6.28 -1.85 -6.15
C ARG D 95 5.94 -2.69 -7.41
N PRO D 96 6.93 -3.07 -8.23
CA PRO D 96 6.65 -3.98 -9.34
C PRO D 96 6.11 -5.32 -8.89
N ALA D 97 6.70 -5.87 -7.84
CA ALA D 97 6.26 -7.17 -7.34
C ALA D 97 4.76 -7.13 -6.97
N LEU D 98 4.36 -6.12 -6.19
CA LEU D 98 2.95 -5.91 -5.85
C LEU D 98 2.08 -5.78 -7.10
N SER D 99 2.62 -5.20 -8.16
CA SER D 99 1.87 -4.96 -9.39
C SER D 99 1.74 -6.22 -10.25
N PHE D 100 2.55 -7.24 -9.97
CA PHE D 100 2.34 -8.56 -10.56
C PHE D 100 1.14 -9.25 -9.90
N LEU D 101 0.99 -9.03 -8.59
CA LEU D 101 -0.09 -9.65 -7.83
C LEU D 101 -1.45 -8.98 -8.03
N THR D 102 -1.47 -7.82 -8.65
CA THR D 102 -2.74 -7.16 -8.97
C THR D 102 -3.59 -8.05 -9.87
N GLU D 103 -4.90 -7.94 -9.72
CA GLU D 103 -5.84 -8.76 -10.50
C GLU D 103 -5.86 -8.34 -11.97
N LYS D 104 -5.96 -9.36 -12.83
CA LYS D 104 -5.79 -9.17 -14.26
C LYS D 104 -6.81 -8.18 -14.80
N SER D 105 -8.04 -8.31 -14.33
CA SER D 105 -9.17 -7.58 -14.92
C SER D 105 -9.38 -6.14 -14.40
N ASN D 106 -8.88 -5.83 -13.20
CA ASN D 106 -9.07 -4.51 -12.60
C ASN D 106 -7.78 -3.71 -12.36
N GLY D 107 -6.66 -4.40 -12.19
CA GLY D 107 -5.40 -3.69 -12.11
C GLY D 107 -5.03 -3.21 -10.72
N THR D 108 -5.87 -3.53 -9.75
CA THR D 108 -5.55 -3.27 -8.35
C THR D 108 -5.32 -4.58 -7.60
N LEU D 109 -4.87 -4.48 -6.37
CA LEU D 109 -4.70 -5.66 -5.53
C LEU D 109 -5.71 -5.58 -4.39
N SER D 110 -6.52 -6.62 -4.26
CA SER D 110 -7.61 -6.56 -3.31
C SER D 110 -7.26 -7.27 -2.01
N VAL D 111 -7.76 -6.75 -0.90
CA VAL D 111 -7.53 -7.39 0.37
C VAL D 111 -8.40 -8.63 0.49
N GLU D 112 -7.75 -9.79 0.61
CA GLU D 112 -8.46 -11.05 0.78
C GLU D 112 -7.68 -12.01 1.68
N CYS D 113 -8.38 -12.96 2.28
CA CYS D 113 -7.75 -13.98 3.13
C CYS D 113 -7.38 -15.23 2.34
N ASN D 114 -8.17 -15.49 1.30
CA ASN D 114 -8.06 -16.68 0.48
C ASN D 114 -7.91 -16.22 -0.96
N TYR D 115 -6.75 -16.46 -1.55
CA TYR D 115 -6.50 -15.98 -2.91
C TYR D 115 -6.55 -17.09 -3.95
N THR D 116 -7.25 -18.18 -3.62
CA THR D 116 -7.27 -19.36 -4.48
C THR D 116 -7.97 -19.10 -5.81
N ASP D 117 -9.05 -18.31 -5.79
CA ASP D 117 -9.80 -18.00 -7.01
C ASP D 117 -9.36 -16.66 -7.62
N TYR D 118 -8.23 -16.15 -7.15
CA TYR D 118 -7.84 -14.79 -7.48
C TYR D 118 -6.84 -14.79 -8.65
N GLU D 119 -7.18 -14.09 -9.73
CA GLU D 119 -6.34 -14.11 -10.94
C GLU D 119 -5.40 -12.91 -11.03
N THR D 120 -4.12 -13.17 -10.84
CA THR D 120 -3.12 -12.13 -10.82
C THR D 120 -2.75 -11.72 -12.24
N ASP D 121 -2.25 -10.50 -12.41
CA ASP D 121 -1.94 -9.98 -13.73
C ASP D 121 -0.88 -10.82 -14.43
N MET D 122 0.21 -11.11 -13.74
CA MET D 122 1.21 -11.99 -14.31
C MET D 122 1.00 -13.37 -13.68
N VAL D 123 1.55 -14.39 -14.33
CA VAL D 123 1.36 -15.76 -13.91
C VAL D 123 2.61 -16.28 -13.24
N ALA D 124 3.73 -15.58 -13.41
CA ALA D 124 4.99 -15.96 -12.79
C ALA D 124 6.02 -14.85 -12.87
N VAL D 125 7.11 -15.01 -12.14
CA VAL D 125 8.13 -13.97 -12.02
C VAL D 125 9.50 -14.51 -12.42
N ILE D 126 10.25 -13.70 -13.18
CA ILE D 126 11.61 -14.03 -13.62
C ILE D 126 12.58 -13.11 -12.91
N GLY D 127 13.45 -13.65 -12.05
CA GLY D 127 14.33 -12.82 -11.25
C GLY D 127 13.90 -12.81 -9.80
N PRO D 128 14.49 -11.92 -8.96
CA PRO D 128 15.49 -10.89 -9.25
C PRO D 128 16.90 -11.47 -9.43
N GLN D 129 17.90 -10.62 -9.60
CA GLN D 129 19.29 -11.07 -9.78
C GLN D 129 19.95 -11.46 -8.45
N SER D 130 19.75 -10.64 -7.42
CA SER D 130 20.50 -10.83 -6.17
C SER D 130 19.71 -11.51 -5.05
N SER D 131 20.47 -12.16 -4.18
CA SER D 131 19.92 -12.81 -3.00
C SER D 131 19.26 -11.77 -2.08
N GLU D 132 19.82 -10.57 -2.02
CA GLU D 132 19.23 -9.54 -1.16
C GLU D 132 17.83 -9.19 -1.65
N MET D 133 17.63 -9.23 -2.95
CA MET D 133 16.35 -8.82 -3.50
C MET D 133 15.29 -9.91 -3.36
N VAL D 134 15.74 -11.17 -3.30
CA VAL D 134 14.84 -12.28 -3.09
C VAL D 134 14.27 -12.25 -1.66
N THR D 135 15.12 -11.90 -0.68
CA THR D 135 14.67 -11.82 0.71
C THR D 135 13.64 -10.71 0.89
N VAL D 136 13.56 -9.79 -0.06
CA VAL D 136 12.61 -8.68 0.00
C VAL D 136 11.22 -9.12 -0.44
N ILE D 137 11.16 -9.93 -1.48
CA ILE D 137 9.92 -10.23 -2.15
C ILE D 137 9.61 -11.71 -2.16
N GLY D 138 10.53 -12.53 -1.65
CA GLY D 138 10.35 -13.97 -1.66
C GLY D 138 9.11 -14.49 -0.93
N LYS D 139 9.02 -14.18 0.36
CA LYS D 139 7.87 -14.61 1.16
C LYS D 139 6.55 -14.01 0.69
N LEU D 140 6.58 -12.82 0.11
CA LEU D 140 5.39 -12.21 -0.47
C LEU D 140 4.93 -13.01 -1.69
N LEU D 141 5.85 -13.18 -2.64
CA LEU D 141 5.58 -13.98 -3.81
C LEU D 141 5.22 -15.39 -3.37
N GLY D 142 5.86 -15.83 -2.29
CA GLY D 142 5.60 -17.11 -1.69
C GLY D 142 4.17 -17.28 -1.19
N PHE D 143 3.64 -16.28 -0.49
CA PHE D 143 2.28 -16.35 0.00
C PHE D 143 1.26 -16.50 -1.13
N PHE D 144 1.55 -15.92 -2.29
CA PHE D 144 0.67 -16.12 -3.43
C PHE D 144 1.02 -17.39 -4.18
N LEU D 145 2.04 -18.11 -3.72
CA LEU D 145 2.51 -19.31 -4.40
C LEU D 145 2.80 -18.99 -5.87
N MET D 146 3.27 -17.78 -6.13
CA MET D 146 3.64 -17.42 -7.48
C MET D 146 5.03 -17.95 -7.81
N PRO D 147 5.13 -18.76 -8.88
CA PRO D 147 6.44 -19.25 -9.33
C PRO D 147 7.39 -18.10 -9.54
N GLN D 148 8.52 -18.18 -8.86
CA GLN D 148 9.55 -17.17 -8.98
C GLN D 148 10.84 -17.86 -9.33
N ILE D 149 11.38 -17.58 -10.51
CA ILE D 149 12.59 -18.26 -10.95
C ILE D 149 13.72 -17.29 -11.17
N SER D 150 14.70 -17.30 -10.27
CA SER D 150 15.80 -16.35 -10.33
C SER D 150 16.93 -16.89 -11.19
N PHE D 151 17.40 -16.05 -12.10
CA PHE D 151 18.54 -16.35 -12.95
C PHE D 151 19.90 -16.02 -12.25
N GLY D 152 19.88 -15.70 -10.96
CA GLY D 152 21.12 -15.36 -10.30
C GLY D 152 21.32 -15.54 -8.80
N ALA D 153 20.27 -15.41 -8.02
CA ALA D 153 20.39 -15.52 -6.56
C ALA D 153 20.85 -16.92 -6.14
N THR D 154 21.98 -16.99 -5.42
CA THR D 154 22.61 -18.29 -5.19
C THR D 154 22.59 -18.77 -3.74
N SER D 155 22.19 -17.91 -2.83
CA SER D 155 22.25 -18.25 -1.41
C SER D 155 21.43 -19.49 -1.10
N ASP D 156 21.98 -20.33 -0.22
CA ASP D 156 21.32 -21.56 0.20
C ASP D 156 20.05 -21.29 1.02
N LYS D 157 19.85 -20.03 1.42
CA LYS D 157 18.68 -19.64 2.22
C LYS D 157 17.35 -19.96 1.52
N PHE D 158 17.34 -19.85 0.19
CA PHE D 158 16.11 -20.03 -0.58
C PHE D 158 15.88 -21.49 -0.94
N SER D 159 16.70 -22.37 -0.38
CA SER D 159 16.60 -23.80 -0.70
C SER D 159 15.52 -24.46 0.14
N ASP D 160 14.90 -23.68 1.00
CA ASP D 160 13.98 -24.23 1.97
C ASP D 160 12.57 -23.84 1.56
N SER D 161 11.82 -24.81 1.06
CA SER D 161 10.48 -24.57 0.55
C SER D 161 9.48 -24.15 1.65
N LEU D 162 9.84 -24.37 2.91
CA LEU D 162 9.06 -23.85 4.03
C LEU D 162 9.15 -22.33 4.17
N VAL D 163 10.28 -21.75 3.77
CA VAL D 163 10.51 -20.32 3.94
C VAL D 163 10.41 -19.57 2.61
N TYR D 164 10.66 -20.28 1.51
CA TYR D 164 10.48 -19.74 0.16
C TYR D 164 9.83 -20.78 -0.77
N PRO D 165 8.50 -20.94 -0.64
CA PRO D 165 7.68 -22.01 -1.23
C PRO D 165 7.51 -21.95 -2.73
N SER D 166 7.80 -20.82 -3.35
CA SER D 166 7.56 -20.71 -4.79
C SER D 166 8.84 -20.41 -5.55
N PHE D 167 9.97 -20.52 -4.86
CA PHE D 167 11.26 -20.12 -5.41
C PHE D 167 11.97 -21.19 -6.26
N PHE D 168 12.47 -20.76 -7.42
CA PHE D 168 13.29 -21.61 -8.27
C PHE D 168 14.52 -20.85 -8.77
N ARG D 169 15.52 -21.62 -9.16
CA ARG D 169 16.85 -21.13 -9.49
C ARG D 169 17.31 -21.74 -10.81
N THR D 170 17.87 -20.95 -11.72
CA THR D 170 18.56 -21.56 -12.87
C THR D 170 20.08 -21.48 -12.73
N VAL D 171 20.55 -21.30 -11.50
CA VAL D 171 21.97 -21.35 -11.14
C VAL D 171 22.10 -22.17 -9.86
N PRO D 172 23.25 -22.85 -9.67
CA PRO D 172 23.25 -23.78 -8.53
C PRO D 172 23.33 -23.07 -7.18
N SER D 173 23.00 -23.80 -6.12
CA SER D 173 23.06 -23.28 -4.79
C SER D 173 24.52 -23.13 -4.39
N ASP D 174 24.83 -22.12 -3.59
CA ASP D 174 26.22 -21.86 -3.24
C ASP D 174 26.79 -22.98 -2.39
N ILE D 175 25.91 -23.72 -1.72
CA ILE D 175 26.33 -24.86 -0.89
C ILE D 175 27.07 -25.87 -1.75
N ARG D 176 26.84 -25.83 -3.06
CA ARG D 176 27.54 -26.69 -3.99
C ARG D 176 28.88 -26.08 -4.44
N GLN D 177 28.89 -24.76 -4.62
CA GLN D 177 30.14 -24.08 -4.97
C GLN D 177 31.18 -24.18 -3.88
N VAL D 178 30.75 -24.19 -2.61
CA VAL D 178 31.71 -24.35 -1.51
C VAL D 178 32.14 -25.80 -1.41
N ASP D 179 31.26 -26.73 -1.78
CA ASP D 179 31.67 -28.12 -1.88
C ASP D 179 32.75 -28.24 -2.95
N ALA D 180 32.47 -27.63 -4.10
CA ALA D 180 33.44 -27.56 -5.19
C ALA D 180 34.73 -26.88 -4.71
N MET D 181 34.57 -25.75 -4.03
CA MET D 181 35.71 -25.00 -3.52
C MET D 181 36.59 -25.85 -2.59
N VAL D 182 35.97 -26.42 -1.56
CA VAL D 182 36.68 -27.15 -0.52
C VAL D 182 37.29 -28.43 -1.10
N GLN D 183 36.63 -29.02 -2.08
CA GLN D 183 37.19 -30.19 -2.75
C GLN D 183 38.49 -29.81 -3.47
N LEU D 184 38.47 -28.72 -4.23
CA LEU D 184 39.67 -28.24 -4.92
C LEU D 184 40.80 -27.86 -3.97
N ILE D 185 40.44 -27.22 -2.86
CA ILE D 185 41.40 -26.88 -1.81
C ILE D 185 42.11 -28.12 -1.32
N LYS D 186 41.39 -29.23 -1.34
CA LYS D 186 41.85 -30.52 -0.86
C LYS D 186 42.42 -31.42 -1.95
N LYS D 187 42.48 -30.94 -3.19
CA LYS D 187 43.07 -31.76 -4.25
C LYS D 187 44.57 -31.47 -4.32
N PHE D 188 44.93 -30.19 -4.32
CA PHE D 188 46.24 -29.76 -3.83
C PHE D 188 46.05 -29.95 -2.33
N ASN D 189 47.06 -30.30 -1.54
CA ASN D 189 46.74 -30.51 -0.11
C ASN D 189 46.95 -29.22 0.71
N TRP D 190 45.95 -28.36 0.68
CA TRP D 190 45.96 -27.11 1.45
C TRP D 190 45.09 -27.25 2.69
N ASN D 191 45.64 -26.90 3.85
CA ASN D 191 44.91 -27.07 5.10
C ASN D 191 44.79 -25.73 5.79
N TRP D 192 45.40 -24.73 5.15
CA TRP D 192 45.75 -23.48 5.79
C TRP D 192 45.15 -22.30 5.02
N VAL D 193 43.84 -22.13 5.16
CA VAL D 193 43.10 -21.19 4.30
C VAL D 193 42.39 -20.07 5.07
N ALA D 194 41.92 -19.07 4.33
CA ALA D 194 41.19 -17.97 4.93
C ALA D 194 40.03 -17.56 4.03
N VAL D 195 38.98 -16.98 4.62
CA VAL D 195 37.77 -16.64 3.87
C VAL D 195 37.37 -15.16 4.04
N VAL D 196 36.95 -14.52 2.95
CA VAL D 196 36.43 -13.15 3.01
C VAL D 196 35.17 -12.99 2.15
N GLY D 197 34.13 -12.35 2.70
CA GLY D 197 32.89 -12.12 1.94
C GLY D 197 32.34 -10.70 2.04
N SER D 198 31.36 -10.36 1.24
CA SER D 198 30.67 -9.08 1.34
C SER D 198 29.58 -9.14 2.41
N GLU D 199 29.41 -8.10 3.22
CA GLU D 199 28.49 -8.17 4.36
C GLU D 199 27.04 -8.03 3.89
N GLU D 200 26.56 -9.06 3.22
CA GLU D 200 25.18 -9.14 2.82
C GLU D 200 24.82 -10.59 2.61
N GLU D 201 23.58 -10.85 2.23
CA GLU D 201 23.04 -12.21 2.18
C GLU D 201 23.96 -13.21 1.47
N TYR D 202 24.46 -12.83 0.30
CA TYR D 202 25.29 -13.68 -0.56
C TYR D 202 26.62 -14.05 0.08
N GLY D 203 27.40 -13.02 0.43
CA GLY D 203 28.73 -13.21 0.97
C GLY D 203 28.65 -13.88 2.32
N GLN D 204 27.64 -13.51 3.11
CA GLN D 204 27.55 -14.02 4.48
C GLN D 204 27.15 -15.49 4.48
N GLN D 205 26.15 -15.88 3.68
CA GLN D 205 25.78 -17.30 3.56
C GLN D 205 26.93 -18.07 2.93
N GLY D 206 27.79 -17.34 2.22
CA GLY D 206 28.98 -17.91 1.63
C GLY D 206 29.95 -18.32 2.72
N VAL D 207 30.40 -17.35 3.49
CA VAL D 207 31.48 -17.59 4.43
C VAL D 207 31.10 -18.63 5.49
N GLN D 208 29.81 -18.79 5.73
CA GLN D 208 29.33 -19.72 6.76
C GLN D 208 29.26 -21.14 6.20
N GLN D 209 28.63 -21.29 5.04
CA GLN D 209 28.53 -22.59 4.37
C GLN D 209 29.92 -23.13 4.01
N PHE D 210 30.83 -22.24 3.59
CA PHE D 210 32.22 -22.67 3.33
C PHE D 210 32.90 -23.18 4.58
N SER D 211 32.86 -22.37 5.64
CA SER D 211 33.60 -22.66 6.87
C SER D 211 33.09 -23.95 7.52
N LYS D 212 31.78 -24.16 7.50
CA LYS D 212 31.24 -25.46 7.91
C LYS D 212 31.17 -26.39 6.67
N LYS D 213 32.16 -26.26 5.81
CA LYS D 213 32.46 -27.30 4.83
C LYS D 213 33.95 -27.60 5.01
N ALA D 214 34.72 -26.52 5.18
CA ALA D 214 36.15 -26.61 5.44
C ALA D 214 36.41 -27.30 6.77
N GLU D 215 35.51 -27.08 7.74
CA GLU D 215 35.64 -27.68 9.08
C GLU D 215 35.63 -29.20 9.02
N ASP D 216 34.62 -29.75 8.33
CA ASP D 216 34.39 -31.18 8.31
C ASP D 216 35.46 -31.91 7.50
N MET D 217 35.76 -31.38 6.31
CA MET D 217 36.71 -32.05 5.41
C MET D 217 38.16 -31.75 5.80
N GLY D 218 38.38 -31.27 7.02
CA GLY D 218 39.73 -31.07 7.52
C GLY D 218 40.46 -29.91 6.86
N VAL D 219 39.76 -28.80 6.68
CA VAL D 219 40.41 -27.59 6.17
C VAL D 219 40.31 -26.51 7.24
N CYS D 220 41.45 -26.16 7.82
CA CYS D 220 41.47 -25.21 8.92
C CYS D 220 41.40 -23.76 8.46
N VAL D 221 40.23 -23.16 8.64
CA VAL D 221 40.00 -21.76 8.28
C VAL D 221 40.74 -20.81 9.23
N ALA D 222 41.78 -20.14 8.74
CA ALA D 222 42.63 -19.31 9.60
C ALA D 222 42.02 -17.94 9.94
N TYR D 223 41.16 -17.41 9.08
CA TYR D 223 40.53 -16.12 9.35
C TYR D 223 39.23 -15.92 8.59
N GLN D 224 38.33 -15.14 9.18
CA GLN D 224 37.07 -14.75 8.55
C GLN D 224 36.88 -13.24 8.58
N GLY D 225 36.43 -12.67 7.46
CA GLY D 225 36.12 -11.25 7.41
C GLY D 225 35.00 -10.90 6.44
N LEU D 226 34.44 -9.70 6.60
CA LEU D 226 33.39 -9.19 5.72
C LEU D 226 33.68 -7.76 5.25
N ILE D 227 33.19 -7.45 4.05
CA ILE D 227 33.47 -6.18 3.42
C ILE D 227 32.21 -5.35 3.28
N PRO D 228 32.05 -4.34 4.15
CA PRO D 228 30.90 -3.43 4.19
C PRO D 228 30.40 -2.93 2.83
N ILE D 229 29.08 -2.83 2.73
CA ILE D 229 28.45 -2.38 1.49
C ILE D 229 27.57 -1.15 1.76
N TYR D 230 27.47 -0.77 3.04
CA TYR D 230 26.75 0.44 3.44
C TYR D 230 27.57 1.28 4.41
N LYS D 234 36.25 -0.01 3.95
CA LYS D 234 37.63 0.41 3.72
C LYS D 234 38.55 0.28 4.96
N PRO D 235 38.06 0.63 6.16
CA PRO D 235 38.88 0.23 7.30
C PRO D 235 38.69 -1.25 7.65
N ALA D 236 37.49 -1.77 7.43
CA ALA D 236 37.20 -3.20 7.63
C ALA D 236 38.07 -4.05 6.70
N ILE D 237 38.47 -3.46 5.58
CA ILE D 237 39.31 -4.14 4.62
C ILE D 237 40.72 -4.34 5.17
N GLN D 238 41.33 -3.24 5.61
CA GLN D 238 42.66 -3.27 6.19
C GLN D 238 42.71 -4.16 7.42
N THR D 239 41.57 -4.33 8.06
CA THR D 239 41.46 -5.14 9.26
C THR D 239 41.38 -6.63 8.91
N ILE D 240 41.23 -6.91 7.62
CA ILE D 240 41.18 -8.29 7.12
C ILE D 240 42.54 -8.70 6.55
N ILE D 241 43.09 -7.86 5.67
CA ILE D 241 44.46 -8.02 5.17
C ILE D 241 45.41 -8.11 6.35
N ASN D 242 45.11 -7.29 7.35
CA ASN D 242 45.62 -7.41 8.70
C ASN D 242 45.93 -8.85 9.12
N ASN D 243 44.90 -9.69 9.11
CA ASN D 243 44.95 -11.00 9.76
C ASN D 243 45.37 -12.19 8.88
N ILE D 244 45.37 -12.03 7.57
CA ILE D 244 45.86 -13.11 6.71
C ILE D 244 47.37 -12.96 6.54
N GLN D 245 47.83 -11.72 6.62
CA GLN D 245 49.25 -11.44 6.72
C GLN D 245 49.77 -12.08 7.98
N THR D 246 49.19 -11.67 9.10
CA THR D 246 49.50 -12.21 10.42
C THR D 246 49.50 -13.73 10.40
N THR D 247 48.54 -14.29 9.68
CA THR D 247 48.52 -15.73 9.47
C THR D 247 49.30 -16.07 8.20
N VAL D 251 46.43 -18.65 0.46
CA VAL D 251 45.16 -19.18 -0.02
C VAL D 251 43.94 -18.54 0.66
N VAL D 252 43.24 -17.66 -0.06
CA VAL D 252 42.03 -17.03 0.47
C VAL D 252 40.83 -17.11 -0.47
N VAL D 253 39.71 -17.60 0.04
CA VAL D 253 38.43 -17.58 -0.69
C VAL D 253 37.79 -16.19 -0.60
N VAL D 254 37.43 -15.63 -1.74
CA VAL D 254 36.71 -14.35 -1.76
C VAL D 254 35.30 -14.56 -2.31
N PHE D 255 34.38 -14.93 -1.41
CA PHE D 255 32.98 -15.10 -1.78
C PHE D 255 32.29 -13.76 -1.59
N SER D 256 32.51 -12.84 -2.53
CA SER D 256 31.94 -11.49 -2.48
C SER D 256 31.38 -10.95 -3.79
N LEU D 257 30.32 -10.14 -3.67
CA LEU D 257 29.86 -9.33 -4.80
C LEU D 257 30.97 -8.45 -5.31
N VAL D 258 30.88 -8.12 -6.59
CA VAL D 258 31.93 -7.39 -7.30
C VAL D 258 32.40 -6.12 -6.59
N SER D 259 31.47 -5.21 -6.31
CA SER D 259 31.81 -3.90 -5.77
C SER D 259 32.64 -4.00 -4.46
N PRO D 260 32.16 -4.77 -3.47
CA PRO D 260 32.99 -5.01 -2.30
C PRO D 260 34.28 -5.74 -2.62
N ALA D 261 34.26 -6.60 -3.63
CA ALA D 261 35.45 -7.36 -4.01
C ALA D 261 36.50 -6.41 -4.57
N VAL D 262 36.06 -5.54 -5.48
CA VAL D 262 36.92 -4.52 -6.06
C VAL D 262 37.70 -3.74 -5.00
N SER D 263 36.99 -3.19 -4.02
CA SER D 263 37.62 -2.37 -2.98
C SER D 263 38.52 -3.20 -2.07
N PHE D 264 38.26 -4.50 -2.00
CA PHE D 264 39.15 -5.40 -1.27
C PHE D 264 40.43 -5.60 -2.08
N PHE D 265 40.27 -5.81 -3.39
CA PHE D 265 41.43 -6.07 -4.23
C PHE D 265 42.22 -4.80 -4.47
N GLU D 266 41.56 -3.65 -4.41
CA GLU D 266 42.28 -2.37 -4.45
C GLU D 266 43.33 -2.35 -3.33
N GLU D 267 42.92 -2.77 -2.15
CA GLU D 267 43.77 -2.72 -0.97
C GLU D 267 44.73 -3.91 -0.90
N VAL D 268 44.61 -4.87 -1.80
CA VAL D 268 45.58 -5.96 -1.83
C VAL D 268 46.65 -5.68 -2.88
N ILE D 269 46.30 -4.88 -3.89
CA ILE D 269 47.14 -4.67 -5.07
C ILE D 269 48.48 -3.99 -4.76
N LYS D 270 48.44 -2.89 -4.01
CA LYS D 270 49.71 -2.33 -3.61
C LYS D 270 49.76 -2.10 -2.11
N LYS D 271 49.11 -3.01 -1.38
CA LYS D 271 49.62 -3.42 -0.09
C LYS D 271 50.67 -4.50 -0.37
N ASN D 272 50.95 -4.68 -1.67
CA ASN D 272 51.89 -5.66 -2.19
C ASN D 272 51.68 -7.08 -1.69
N LEU D 273 50.63 -7.72 -2.18
CA LEU D 273 50.34 -9.08 -1.74
C LEU D 273 50.21 -10.05 -2.90
N THR D 274 50.56 -11.31 -2.60
CA THR D 274 50.59 -12.42 -3.55
C THR D 274 49.99 -13.66 -2.89
N GLY D 275 49.17 -14.40 -3.63
CA GLY D 275 48.57 -15.61 -3.09
C GLY D 275 47.60 -16.33 -4.00
N VAL D 276 47.16 -17.51 -3.56
CA VAL D 276 46.16 -18.26 -4.31
C VAL D 276 44.78 -17.73 -3.93
N TRP D 277 44.05 -17.20 -4.91
CA TRP D 277 42.75 -16.60 -4.65
C TRP D 277 41.63 -17.38 -5.33
N ILE D 278 40.74 -17.94 -4.53
CA ILE D 278 39.62 -18.69 -5.08
C ILE D 278 38.44 -17.73 -5.33
N ALA D 279 37.84 -17.81 -6.51
CA ALA D 279 36.82 -16.86 -6.92
C ALA D 279 35.44 -17.49 -7.03
N SER D 280 34.49 -16.93 -6.28
CA SER D 280 33.09 -17.31 -6.44
C SER D 280 32.56 -16.75 -7.76
N SER D 281 31.39 -17.26 -8.16
CA SER D 281 30.75 -16.90 -9.43
C SER D 281 30.61 -15.38 -9.67
N SER D 282 30.35 -14.65 -8.60
CA SER D 282 30.04 -13.23 -8.73
C SER D 282 31.18 -12.42 -9.35
N TRP D 283 32.44 -12.77 -9.07
CA TRP D 283 33.54 -11.94 -9.58
C TRP D 283 34.58 -12.71 -10.39
N ALA D 284 34.39 -14.01 -10.52
CA ALA D 284 35.35 -14.85 -11.24
C ALA D 284 35.52 -14.42 -12.69
N ILE D 285 34.48 -13.83 -13.27
CA ILE D 285 34.57 -13.30 -14.62
C ILE D 285 34.16 -11.82 -14.63
N SER D 286 34.35 -11.17 -13.48
CA SER D 286 34.18 -9.73 -13.41
C SER D 286 35.37 -9.02 -14.01
N ASP D 287 35.15 -8.35 -15.14
CA ASP D 287 36.21 -7.54 -15.72
C ASP D 287 36.65 -6.46 -14.72
N LYS D 288 35.67 -5.84 -14.07
CA LYS D 288 35.88 -4.74 -13.13
C LYS D 288 37.00 -5.03 -12.15
N VAL D 289 37.04 -6.26 -11.66
CA VAL D 289 38.10 -6.69 -10.76
C VAL D 289 39.40 -6.89 -11.54
N TYR D 290 39.30 -7.44 -12.75
CA TYR D 290 40.51 -7.72 -13.53
C TYR D 290 41.03 -6.46 -14.23
N SER D 291 40.21 -5.42 -14.26
CA SER D 291 40.59 -4.17 -14.91
C SER D 291 41.37 -3.25 -13.96
N LEU D 292 41.56 -3.70 -12.72
CA LEU D 292 42.28 -2.89 -11.73
C LEU D 292 43.74 -2.76 -12.06
N PRO D 293 44.30 -1.55 -11.90
CA PRO D 293 45.72 -1.36 -12.18
C PRO D 293 46.58 -2.25 -11.28
N ASN D 294 47.41 -3.09 -11.90
CA ASN D 294 48.40 -3.92 -11.19
C ASN D 294 47.78 -5.11 -10.46
N ILE D 295 46.59 -5.54 -10.90
CA ILE D 295 45.91 -6.71 -10.32
C ILE D 295 46.61 -8.02 -10.68
N ASP D 296 47.30 -8.06 -11.83
CA ASP D 296 48.06 -9.23 -12.23
C ASP D 296 49.19 -9.55 -11.23
N SER D 297 49.33 -8.71 -10.21
CA SER D 297 50.39 -8.88 -9.23
C SER D 297 50.02 -9.81 -8.10
N ILE D 298 48.72 -9.95 -7.83
CA ILE D 298 48.31 -10.72 -6.66
C ILE D 298 48.49 -12.21 -6.92
N GLY D 299 48.92 -12.54 -8.13
CA GLY D 299 49.28 -13.90 -8.49
C GLY D 299 48.20 -14.73 -9.14
N THR D 300 47.85 -15.84 -8.50
CA THR D 300 47.01 -16.88 -9.09
C THR D 300 45.53 -16.85 -8.68
N VAL D 301 44.64 -16.57 -9.65
CA VAL D 301 43.20 -16.51 -9.41
C VAL D 301 42.44 -17.68 -10.04
N ILE D 302 42.06 -18.66 -9.22
CA ILE D 302 41.22 -19.78 -9.65
C ILE D 302 39.74 -19.51 -9.37
N GLY D 303 38.87 -19.71 -10.37
CA GLY D 303 37.47 -19.39 -10.21
C GLY D 303 36.44 -20.45 -10.59
N PHE D 304 35.26 -20.32 -10.01
CA PHE D 304 34.14 -21.17 -10.38
C PHE D 304 33.06 -20.29 -10.98
N ILE D 305 32.46 -20.75 -12.08
CA ILE D 305 31.31 -20.08 -12.71
C ILE D 305 30.30 -21.11 -13.13
N ASP D 306 29.04 -20.72 -13.15
CA ASP D 306 27.97 -21.59 -13.59
C ASP D 306 28.28 -22.14 -14.97
N GLU D 307 28.34 -23.46 -15.11
CA GLU D 307 28.53 -24.07 -16.42
C GLU D 307 27.28 -23.83 -17.28
N THR D 308 27.43 -23.03 -18.34
CA THR D 308 26.29 -22.61 -19.17
C THR D 308 26.50 -22.76 -20.66
N GLU D 309 25.44 -23.10 -21.38
CA GLU D 309 25.43 -22.95 -22.83
C GLU D 309 25.67 -21.50 -23.27
N THR D 310 26.16 -21.35 -24.50
CA THR D 310 26.26 -20.07 -25.18
C THR D 310 25.07 -19.91 -26.10
N LEU D 311 24.41 -18.77 -26.02
CA LEU D 311 23.24 -18.48 -26.83
C LEU D 311 23.69 -17.85 -28.14
N GLU D 312 23.74 -18.67 -29.19
CA GLU D 312 24.34 -18.27 -30.45
C GLU D 312 23.56 -17.14 -31.11
N LEU D 313 22.31 -16.97 -30.69
CA LEU D 313 21.36 -16.04 -31.33
C LEU D 313 21.17 -14.75 -30.54
N LEU D 314 21.62 -14.74 -29.29
CA LEU D 314 21.53 -13.56 -28.48
C LEU D 314 22.12 -12.32 -29.20
N SER D 315 23.37 -12.41 -29.64
CA SER D 315 23.99 -11.27 -30.31
C SER D 315 23.26 -10.85 -31.57
N PRO D 316 23.06 -11.78 -32.54
CA PRO D 316 22.43 -11.33 -33.80
C PRO D 316 21.02 -10.78 -33.60
N PHE D 317 20.30 -11.30 -32.60
CA PHE D 317 18.97 -10.83 -32.27
C PHE D 317 19.05 -9.41 -31.78
N THR D 318 20.00 -9.14 -30.91
CA THR D 318 20.07 -7.83 -30.29
C THR D 318 20.44 -6.81 -31.36
N GLU D 319 21.29 -7.22 -32.29
CA GLU D 319 21.60 -6.41 -33.45
C GLU D 319 20.31 -5.97 -34.15
N VAL D 320 19.51 -6.96 -34.55
CA VAL D 320 18.29 -6.71 -35.31
C VAL D 320 17.30 -5.85 -34.52
N LEU D 321 17.22 -6.09 -33.22
CA LEU D 321 16.36 -5.32 -32.33
C LEU D 321 16.78 -3.85 -32.21
N PHE D 322 18.05 -3.62 -31.94
CA PHE D 322 18.53 -2.27 -31.75
C PHE D 322 18.47 -1.48 -33.05
N LYS D 323 18.62 -2.16 -34.18
CA LYS D 323 18.45 -1.52 -35.49
C LYS D 323 17.02 -1.07 -35.68
N LYS D 324 16.08 -1.92 -35.27
CA LYS D 324 14.65 -1.62 -35.34
C LYS D 324 14.25 -0.49 -34.40
N ILE D 325 14.80 -0.46 -33.19
CA ILE D 325 14.50 0.62 -32.26
C ILE D 325 15.01 1.98 -32.76
N HIS D 326 16.22 1.98 -33.27
CA HIS D 326 16.88 3.22 -33.66
C HIS D 326 16.20 3.88 -34.86
N GLU D 327 15.47 3.09 -35.64
CA GLU D 327 14.78 3.66 -36.80
C GLU D 327 13.27 3.78 -36.56
N ALA D 328 12.84 3.49 -35.34
CA ALA D 328 11.42 3.40 -35.01
C ALA D 328 10.80 4.74 -34.61
N SER D 329 10.68 4.98 -33.31
CA SER D 329 10.17 6.26 -32.84
C SER D 329 11.14 7.36 -33.29
N PRO D 330 12.46 7.24 -32.95
CA PRO D 330 13.39 8.23 -33.51
C PRO D 330 13.88 7.85 -34.90
N TYR D 338 6.08 4.36 -15.76
CA TYR D 338 6.67 5.03 -16.91
C TYR D 338 7.83 4.23 -17.53
N ASN D 339 8.90 3.93 -16.76
CA ASN D 339 10.07 3.28 -17.37
C ASN D 339 11.20 2.80 -16.41
N PRO D 340 11.66 1.54 -16.61
CA PRO D 340 12.83 0.87 -16.02
C PRO D 340 14.21 1.45 -16.32
N CYS D 341 14.39 2.00 -17.53
CA CYS D 341 15.64 2.58 -18.00
C CYS D 341 15.31 3.76 -18.90
N PRO D 342 15.33 4.97 -18.34
CA PRO D 342 14.89 6.13 -19.12
C PRO D 342 15.67 6.32 -20.42
N GLU D 343 17.00 6.16 -20.36
CA GLU D 343 17.88 6.39 -21.51
C GLU D 343 17.90 5.25 -22.54
N CYS D 344 17.21 4.14 -22.28
CA CYS D 344 17.15 3.06 -23.28
C CYS D 344 16.36 3.46 -24.54
N TRP D 345 15.70 4.61 -24.52
CA TRP D 345 15.01 5.12 -25.70
C TRP D 345 15.98 5.35 -26.86
N SER D 346 17.26 5.48 -26.55
CA SER D 346 18.24 5.77 -27.59
C SER D 346 19.17 4.59 -27.85
N LEU D 347 18.70 3.39 -27.49
CA LEU D 347 19.43 2.19 -27.85
C LEU D 347 19.57 2.06 -29.37
N SER D 348 20.68 1.49 -29.79
CA SER D 348 21.05 1.56 -31.18
C SER D 348 22.09 0.48 -31.41
N PRO D 349 22.34 0.10 -32.67
CA PRO D 349 23.31 -0.97 -32.95
C PRO D 349 24.61 -0.88 -32.14
N ALA D 350 25.11 0.34 -31.90
CA ALA D 350 26.37 0.56 -31.20
C ALA D 350 26.39 -0.03 -29.78
N ASN D 351 25.21 -0.29 -29.26
CA ASN D 351 25.06 -0.77 -27.90
C ASN D 351 25.09 -2.29 -27.85
N VAL D 352 25.44 -2.91 -28.95
CA VAL D 352 25.39 -4.38 -29.02
C VAL D 352 26.40 -4.98 -28.03
N SER D 353 27.45 -4.21 -27.70
CA SER D 353 28.42 -4.58 -26.67
C SER D 353 27.76 -5.12 -25.42
N LEU D 354 26.62 -4.52 -25.06
CA LEU D 354 25.82 -4.93 -23.90
C LEU D 354 25.64 -6.44 -23.80
N VAL D 355 25.16 -7.06 -24.87
CA VAL D 355 24.93 -8.48 -24.85
C VAL D 355 26.16 -9.28 -25.29
N LYS D 356 27.18 -8.58 -25.79
CA LYS D 356 28.38 -9.24 -26.27
C LYS D 356 29.42 -9.42 -25.19
N GLU D 357 29.21 -8.79 -24.04
CA GLU D 357 30.16 -8.87 -22.93
C GLU D 357 30.25 -10.30 -22.39
N GLU D 358 31.48 -10.72 -22.12
CA GLU D 358 31.78 -12.06 -21.65
C GLU D 358 30.89 -12.48 -20.49
N SER D 359 30.75 -11.59 -19.49
CA SER D 359 29.99 -11.91 -18.29
C SER D 359 28.48 -12.06 -18.59
N VAL D 360 28.01 -11.35 -19.61
CA VAL D 360 26.61 -11.51 -20.03
C VAL D 360 26.44 -12.78 -20.86
N GLN D 361 27.33 -12.97 -21.83
CA GLN D 361 27.37 -14.19 -22.63
C GLN D 361 27.41 -15.48 -21.82
N ARG D 362 28.15 -15.49 -20.72
CA ARG D 362 28.36 -16.74 -19.98
C ARG D 362 27.28 -16.99 -18.98
N THR D 363 26.42 -15.99 -18.74
CA THR D 363 25.33 -16.11 -17.78
C THR D 363 23.95 -16.08 -18.43
N ALA D 364 23.89 -15.72 -19.70
CA ALA D 364 22.60 -15.45 -20.34
C ALA D 364 21.71 -16.68 -20.37
N PHE D 365 22.31 -17.85 -20.42
CA PHE D 365 21.50 -19.06 -20.43
C PHE D 365 20.58 -19.10 -19.23
N SER D 366 21.07 -18.66 -18.08
CA SER D 366 20.29 -18.67 -16.86
C SER D 366 18.93 -18.00 -17.06
N VAL D 367 18.94 -16.80 -17.63
CA VAL D 367 17.69 -16.06 -17.91
C VAL D 367 16.82 -16.79 -18.93
N TYR D 368 17.46 -17.14 -20.05
CA TYR D 368 16.86 -17.90 -21.14
C TYR D 368 16.20 -19.21 -20.67
N ALA D 369 16.90 -19.97 -19.82
CA ALA D 369 16.38 -21.22 -19.27
C ALA D 369 15.26 -20.94 -18.29
N ALA D 370 15.43 -19.87 -17.52
CA ALA D 370 14.41 -19.41 -16.60
C ALA D 370 13.13 -19.10 -17.35
N VAL D 371 13.24 -18.22 -18.34
CA VAL D 371 12.08 -17.91 -19.15
C VAL D 371 11.44 -19.17 -19.77
N TYR D 372 12.24 -20.07 -20.33
CA TYR D 372 11.66 -21.22 -21.04
C TYR D 372 11.03 -22.24 -20.11
N THR D 373 11.56 -22.34 -18.90
CA THR D 373 11.05 -23.29 -17.92
C THR D 373 9.57 -22.99 -17.62
N VAL D 374 9.24 -21.71 -17.44
CA VAL D 374 7.85 -21.28 -17.28
C VAL D 374 7.02 -21.54 -18.56
N ALA D 375 7.54 -21.15 -19.71
CA ALA D 375 6.80 -21.35 -20.96
C ALA D 375 6.43 -22.85 -21.12
N HIS D 376 7.41 -23.73 -20.96
CA HIS D 376 7.18 -25.16 -21.04
C HIS D 376 6.17 -25.66 -19.99
N ALA D 377 6.22 -25.10 -18.78
CA ALA D 377 5.31 -25.56 -17.74
C ALA D 377 3.89 -25.16 -18.11
N LEU D 378 3.74 -23.93 -18.60
CA LEU D 378 2.48 -23.38 -19.07
C LEU D 378 1.86 -24.24 -20.17
N HIS D 379 2.74 -24.64 -21.09
CA HIS D 379 2.40 -25.53 -22.21
C HIS D 379 1.88 -26.88 -21.72
N LYS D 380 2.52 -27.43 -20.68
CA LYS D 380 2.05 -28.66 -20.05
C LYS D 380 0.76 -28.44 -19.24
N LEU D 381 0.69 -27.30 -18.55
CA LEU D 381 -0.47 -26.92 -17.75
C LEU D 381 -1.73 -26.74 -18.59
N LEU D 382 -1.63 -25.88 -19.60
CA LEU D 382 -2.71 -25.69 -20.54
C LEU D 382 -2.84 -26.91 -21.48
N GLU D 383 -2.14 -27.99 -21.12
CA GLU D 383 -2.14 -29.27 -21.84
C GLU D 383 -2.20 -29.07 -23.34
N CYS D 384 -1.07 -28.65 -23.89
CA CYS D 384 -0.96 -28.34 -25.31
C CYS D 384 -0.27 -29.48 -26.05
N ASN D 385 -0.55 -29.57 -27.34
CA ASN D 385 0.28 -30.33 -28.27
C ASN D 385 0.94 -29.29 -29.17
N SER D 386 1.41 -29.69 -30.34
CA SER D 386 2.16 -28.79 -31.20
C SER D 386 1.23 -27.91 -32.03
N ALA D 387 -0.07 -28.16 -31.88
CA ALA D 387 -1.06 -27.49 -32.69
C ALA D 387 -1.94 -26.54 -31.89
N ALA D 388 -2.49 -27.02 -30.78
CA ALA D 388 -3.41 -26.20 -30.02
C ALA D 388 -3.24 -26.35 -28.51
N CYS D 389 -3.85 -25.40 -27.79
CA CYS D 389 -3.83 -25.35 -26.34
C CYS D 389 -5.23 -25.37 -25.76
N LYS D 390 -5.37 -25.87 -24.55
CA LYS D 390 -6.63 -25.71 -23.84
C LYS D 390 -6.64 -24.35 -23.15
N TRP D 391 -6.72 -23.32 -23.99
CA TRP D 391 -6.68 -21.96 -23.50
C TRP D 391 -7.64 -21.09 -24.31
N SER D 392 -8.28 -20.16 -23.63
CA SER D 392 -9.04 -19.11 -24.28
C SER D 392 -8.99 -17.92 -23.35
N SER D 393 -9.41 -16.76 -23.82
CA SER D 393 -9.41 -15.56 -22.98
C SER D 393 -10.21 -15.76 -21.68
N SER D 394 -11.19 -16.65 -21.71
CA SER D 394 -12.04 -16.92 -20.55
C SER D 394 -11.32 -17.73 -19.49
N THR D 395 -10.29 -18.46 -19.90
CA THR D 395 -9.48 -19.27 -18.99
C THR D 395 -8.73 -18.40 -18.00
N ARG D 396 -8.80 -18.79 -16.73
CA ARG D 396 -8.14 -18.03 -15.65
C ARG D 396 -6.91 -18.77 -15.15
N LEU D 397 -5.74 -18.15 -15.32
CA LEU D 397 -4.49 -18.76 -14.83
C LEU D 397 -4.14 -18.30 -13.41
N TYR D 398 -4.35 -19.20 -12.45
CA TYR D 398 -3.94 -18.97 -11.07
C TYR D 398 -2.51 -19.47 -10.89
N PRO D 399 -1.64 -18.62 -10.32
CA PRO D 399 -0.23 -18.96 -10.13
C PRO D 399 -0.02 -20.25 -9.36
N TRP D 400 -0.73 -20.47 -8.25
CA TRP D 400 -0.53 -21.69 -7.48
C TRP D 400 -0.66 -22.96 -8.35
N LYS D 401 -1.45 -22.89 -9.41
CA LYS D 401 -1.61 -24.01 -10.35
C LYS D 401 -0.38 -24.23 -11.23
N LEU D 402 0.16 -23.17 -11.81
CA LEU D 402 1.42 -23.29 -12.55
C LEU D 402 2.48 -23.89 -11.64
N LEU D 403 2.49 -23.44 -10.38
CA LEU D 403 3.43 -23.94 -9.37
C LEU D 403 3.47 -25.46 -9.25
N GLU D 404 2.29 -26.07 -9.10
CA GLU D 404 2.16 -27.52 -8.91
C GLU D 404 2.87 -28.33 -9.99
N VAL D 405 2.86 -27.80 -11.21
CA VAL D 405 3.53 -28.37 -12.35
C VAL D 405 5.05 -28.26 -12.22
N LEU D 406 5.52 -27.05 -11.94
CA LEU D 406 6.95 -26.77 -11.77
C LEU D 406 7.62 -27.57 -10.64
N LYS D 407 6.87 -27.92 -9.60
CA LYS D 407 7.43 -28.68 -8.49
C LYS D 407 8.21 -29.88 -8.99
N GLU D 408 9.54 -29.83 -8.83
CA GLU D 408 10.45 -30.91 -9.30
C GLU D 408 10.27 -31.19 -10.79
N PHE D 409 10.20 -30.10 -11.56
CA PHE D 409 9.95 -30.11 -13.01
C PHE D 409 11.15 -30.67 -13.78
N SER D 410 10.88 -31.15 -14.99
CA SER D 410 11.95 -31.49 -15.93
C SER D 410 11.66 -30.85 -17.29
N VAL D 411 12.70 -30.32 -17.92
CA VAL D 411 12.55 -29.84 -19.30
C VAL D 411 13.91 -29.79 -19.98
N ASN D 412 13.97 -30.31 -21.21
CA ASN D 412 15.19 -30.17 -22.01
C ASN D 412 15.08 -28.83 -22.78
N ILE D 413 15.92 -27.87 -22.42
CA ILE D 413 16.02 -26.54 -23.06
C ILE D 413 17.32 -26.47 -23.84
N SER D 414 17.25 -26.11 -25.12
CA SER D 414 18.41 -26.16 -26.02
C SER D 414 19.09 -27.55 -25.94
N ASN D 415 20.38 -27.59 -25.64
CA ASN D 415 21.07 -28.88 -25.48
C ASN D 415 21.14 -29.34 -24.03
N THR D 416 20.37 -28.69 -23.16
CA THR D 416 20.55 -28.88 -21.72
C THR D 416 19.34 -29.48 -21.03
N SER D 417 19.59 -30.47 -20.18
CA SER D 417 18.52 -31.22 -19.51
C SER D 417 18.30 -30.78 -18.07
N LEU D 418 17.38 -29.83 -17.92
CA LEU D 418 17.17 -29.12 -16.67
C LEU D 418 16.15 -29.83 -15.76
N LYS D 419 16.65 -30.36 -14.64
CA LYS D 419 15.82 -30.86 -13.56
C LYS D 419 15.94 -29.91 -12.35
N PHE D 420 14.83 -29.73 -11.64
CA PHE D 420 14.82 -28.96 -10.38
C PHE D 420 14.60 -29.84 -9.14
N ASP D 421 15.35 -29.55 -8.06
CA ASP D 421 15.14 -30.13 -6.71
C ASP D 421 13.72 -29.99 -6.16
N GLN D 422 13.44 -30.69 -5.06
CA GLN D 422 12.32 -30.32 -4.16
C GLN D 422 12.69 -29.10 -3.30
N ASN D 423 13.92 -28.65 -3.45
CA ASN D 423 14.38 -27.36 -2.94
C ASN D 423 14.26 -26.28 -4.01
N GLY D 424 13.95 -26.72 -5.22
CA GLY D 424 13.89 -25.81 -6.35
C GLY D 424 15.25 -25.53 -6.98
N ASN D 425 16.25 -26.34 -6.65
CA ASN D 425 17.59 -26.19 -7.21
C ASN D 425 17.83 -26.98 -8.50
N PRO D 426 18.56 -26.39 -9.46
CA PRO D 426 18.87 -27.02 -10.76
C PRO D 426 20.04 -28.00 -10.76
N ASN D 427 19.95 -29.02 -11.60
CA ASN D 427 21.11 -29.84 -11.91
C ASN D 427 22.07 -29.11 -12.85
N ILE D 428 22.59 -27.97 -12.40
CA ILE D 428 23.64 -27.24 -13.13
C ILE D 428 24.96 -27.27 -12.34
N GLY D 429 26.06 -27.47 -13.04
CA GLY D 429 27.37 -27.53 -12.40
C GLY D 429 28.20 -26.26 -12.51
N TYR D 430 29.52 -26.41 -12.34
CA TYR D 430 30.46 -25.29 -12.50
C TYR D 430 31.61 -25.60 -13.47
N SER D 431 31.93 -24.66 -14.35
CA SER D 431 33.17 -24.73 -15.10
C SER D 431 34.26 -24.09 -14.26
N VAL D 432 35.30 -24.86 -13.97
CA VAL D 432 36.42 -24.35 -13.19
C VAL D 432 37.41 -23.64 -14.11
N ILE D 433 37.62 -22.35 -13.88
CA ILE D 433 38.44 -21.56 -14.78
C ILE D 433 39.54 -20.86 -14.03
N GLN D 434 40.41 -20.20 -14.80
CA GLN D 434 41.55 -19.52 -14.22
C GLN D 434 41.84 -18.25 -15.01
N ARG D 435 42.20 -17.19 -14.29
CA ARG D 435 42.61 -15.96 -14.93
C ARG D 435 44.04 -16.12 -15.41
N ILE D 436 44.25 -15.81 -16.69
CA ILE D 436 45.58 -15.79 -17.24
C ILE D 436 45.97 -14.34 -17.56
N TRP D 437 46.97 -13.84 -16.84
CA TRP D 437 47.32 -12.42 -16.87
C TRP D 437 47.83 -11.94 -18.22
N GLU D 438 48.83 -12.61 -18.75
CA GLU D 438 49.47 -12.21 -20.01
C GLU D 438 48.47 -12.14 -21.17
N ASN D 439 47.43 -12.96 -21.12
CA ASN D 439 46.43 -12.96 -22.17
C ASN D 439 45.17 -12.18 -21.79
N GLN D 440 45.08 -11.79 -20.52
CA GLN D 440 43.86 -11.22 -19.93
C GLN D 440 42.69 -12.11 -20.31
N SER D 441 42.88 -13.40 -20.10
CA SER D 441 41.93 -14.41 -20.51
C SER D 441 41.55 -15.33 -19.37
N LEU D 442 40.60 -16.19 -19.69
CA LEU D 442 40.12 -17.19 -18.77
C LEU D 442 40.23 -18.52 -19.47
N SER D 443 41.01 -19.43 -18.93
CA SER D 443 41.09 -20.78 -19.49
C SER D 443 40.27 -21.74 -18.63
N SER D 444 39.76 -22.81 -19.25
CA SER D 444 39.04 -23.83 -18.51
C SER D 444 40.03 -24.85 -17.95
N VAL D 445 39.90 -25.17 -16.66
CA VAL D 445 40.83 -26.13 -16.03
C VAL D 445 40.11 -27.33 -15.42
N GLY D 446 38.79 -27.35 -15.50
CA GLY D 446 38.06 -28.51 -15.03
C GLY D 446 36.56 -28.29 -14.95
N SER D 447 35.87 -29.22 -14.31
CA SER D 447 34.41 -29.15 -14.19
C SER D 447 33.92 -29.64 -12.83
N TYR D 448 32.75 -29.14 -12.44
CA TYR D 448 32.07 -29.63 -11.25
C TYR D 448 30.62 -29.96 -11.57
N ARG D 449 30.28 -31.24 -11.54
CA ARG D 449 28.92 -31.69 -11.80
C ARG D 449 28.55 -32.72 -10.75
N SER D 450 27.33 -32.64 -10.23
CA SER D 450 26.92 -33.41 -9.05
C SER D 450 27.83 -33.08 -7.87
N ALA D 451 28.41 -34.10 -7.26
CA ALA D 451 29.40 -33.91 -6.19
C ALA D 451 30.79 -34.19 -6.75
N ASN D 452 30.89 -34.23 -8.07
CA ASN D 452 32.08 -34.69 -8.76
C ASN D 452 32.88 -33.51 -9.28
N LEU D 453 33.97 -33.17 -8.58
CA LEU D 453 34.88 -32.15 -9.05
C LEU D 453 35.92 -32.81 -9.95
N SER D 454 35.92 -32.45 -11.23
CA SER D 454 36.81 -33.08 -12.20
C SER D 454 37.73 -32.07 -12.89
N ILE D 455 38.92 -31.86 -12.35
CA ILE D 455 39.89 -30.95 -12.95
C ILE D 455 41.25 -31.62 -13.20
N ASN D 456 42.00 -31.07 -14.17
CA ASN D 456 43.33 -31.55 -14.52
C ASN D 456 44.42 -30.67 -13.86
N GLU D 457 45.07 -31.23 -12.86
CA GLU D 457 46.06 -30.49 -12.06
C GLU D 457 47.16 -29.88 -12.88
N THR D 458 47.60 -30.59 -13.91
CA THR D 458 48.71 -30.15 -14.73
C THR D 458 48.34 -29.01 -15.69
N LEU D 459 47.05 -28.71 -15.79
CA LEU D 459 46.58 -27.60 -16.62
C LEU D 459 46.54 -26.27 -15.84
N PHE D 460 47.04 -26.27 -14.61
CA PHE D 460 47.05 -25.07 -13.76
C PHE D 460 48.32 -24.24 -13.89
N LYS D 461 48.18 -22.94 -14.15
CA LYS D 461 49.33 -22.04 -14.17
C LYS D 461 49.59 -21.42 -12.80
N TRP D 462 50.74 -21.73 -12.20
CA TRP D 462 51.06 -21.24 -10.87
C TRP D 462 51.96 -20.01 -10.92
N TYR D 463 51.40 -18.86 -10.58
CA TYR D 463 52.14 -17.62 -10.72
C TYR D 463 53.12 -17.35 -9.58
N THR D 464 53.91 -18.35 -9.26
CA THR D 464 55.02 -18.16 -8.33
C THR D 464 56.28 -17.86 -9.13
N ASN D 465 57.40 -17.64 -8.45
CA ASN D 465 58.66 -17.35 -9.13
C ASN D 465 59.20 -18.57 -9.85
N ASN D 466 58.95 -19.75 -9.29
CA ASN D 466 59.40 -21.00 -9.88
C ASN D 466 58.22 -21.76 -10.46
N SER D 467 57.10 -21.07 -10.64
CA SER D 467 55.87 -21.65 -11.17
C SER D 467 55.40 -22.85 -10.36
N GLU E 1 -20.55 19.25 -7.09
CA GLU E 1 -20.47 20.51 -7.79
C GLU E 1 -19.90 20.35 -9.21
N VAL E 2 -20.56 20.95 -10.17
CA VAL E 2 -19.97 21.12 -11.47
C VAL E 2 -18.79 22.07 -11.34
N GLN E 3 -17.65 21.70 -11.92
CA GLN E 3 -16.52 22.63 -12.00
C GLN E 3 -15.83 22.60 -13.34
N LEU E 4 -15.40 23.79 -13.75
CA LEU E 4 -14.59 23.97 -14.95
C LEU E 4 -13.23 24.61 -14.59
N GLN E 5 -12.19 23.78 -14.55
CA GLN E 5 -10.85 24.21 -14.18
C GLN E 5 -9.93 24.42 -15.38
N GLN E 6 -9.43 25.65 -15.56
CA GLN E 6 -8.56 25.97 -16.69
C GLN E 6 -7.08 26.02 -16.35
N SER E 7 -6.25 26.13 -17.39
CA SER E 7 -4.80 26.22 -17.25
C SER E 7 -4.41 27.56 -16.66
N GLY E 8 -3.26 27.61 -16.00
CA GLY E 8 -2.75 28.89 -15.55
C GLY E 8 -2.45 29.84 -16.71
N PRO E 9 -2.14 31.09 -16.37
CA PRO E 9 -1.72 32.11 -17.35
C PRO E 9 -0.53 31.63 -18.17
N GLU E 10 -0.47 32.06 -19.42
CA GLU E 10 0.60 31.68 -20.33
C GLU E 10 1.30 32.93 -20.87
N LEU E 11 2.63 32.88 -20.91
CA LEU E 11 3.38 33.89 -21.65
C LEU E 11 3.91 33.22 -22.90
N VAL E 12 3.48 33.72 -24.06
CA VAL E 12 3.80 33.07 -25.32
C VAL E 12 4.30 34.06 -26.37
N LYS E 13 5.33 33.65 -27.11
CA LYS E 13 5.94 34.51 -28.14
C LYS E 13 4.99 34.78 -29.29
N PRO E 14 5.18 35.92 -29.97
CA PRO E 14 4.55 36.20 -31.26
C PRO E 14 4.78 35.10 -32.31
N GLY E 15 3.71 34.77 -33.03
CA GLY E 15 3.76 33.84 -34.14
C GLY E 15 3.88 32.41 -33.69
N ALA E 16 3.71 32.18 -32.40
CA ALA E 16 3.78 30.82 -31.84
C ALA E 16 2.39 30.27 -31.54
N SER E 17 2.34 29.01 -31.13
CA SER E 17 1.08 28.34 -30.81
C SER E 17 0.96 27.98 -29.33
N MET E 18 -0.28 27.93 -28.84
CA MET E 18 -0.57 27.59 -27.45
C MET E 18 -1.91 26.84 -27.31
N LYS E 19 -2.03 26.00 -26.28
CA LYS E 19 -3.23 25.22 -26.08
C LYS E 19 -3.78 25.36 -24.66
N ILE E 20 -5.00 25.88 -24.55
CA ILE E 20 -5.66 26.11 -23.29
C ILE E 20 -6.55 24.91 -22.94
N SER E 21 -6.50 24.46 -21.68
CA SER E 21 -7.31 23.32 -21.25
C SER E 21 -8.41 23.70 -20.24
N CYS E 22 -9.48 22.90 -20.25
CA CYS E 22 -10.64 23.08 -19.38
C CYS E 22 -11.13 21.72 -18.85
N LYS E 23 -10.57 21.32 -17.70
CA LYS E 23 -10.95 20.09 -17.04
C LYS E 23 -12.33 20.21 -16.44
N ALA E 24 -13.23 19.31 -16.86
CA ALA E 24 -14.61 19.38 -16.43
C ALA E 24 -14.88 18.27 -15.45
N SER E 25 -15.61 18.58 -14.39
CA SER E 25 -15.97 17.56 -13.44
C SER E 25 -17.37 17.84 -12.95
N GLY E 26 -18.02 16.82 -12.39
CA GLY E 26 -19.27 17.02 -11.69
C GLY E 26 -20.53 16.93 -12.52
N TYR E 27 -20.37 16.49 -13.77
CA TYR E 27 -21.51 16.17 -14.62
C TYR E 27 -21.06 15.22 -15.73
N SER E 28 -21.96 14.86 -16.62
CA SER E 28 -21.60 13.95 -17.70
C SER E 28 -20.99 14.73 -18.86
N PHE E 29 -19.69 14.52 -19.08
CA PHE E 29 -18.95 15.40 -19.96
C PHE E 29 -19.57 15.56 -21.36
N THR E 30 -20.05 14.46 -21.93
CA THR E 30 -20.49 14.48 -23.32
C THR E 30 -21.90 15.05 -23.53
N GLY E 31 -22.59 15.36 -22.44
CA GLY E 31 -23.97 15.80 -22.55
C GLY E 31 -24.24 17.26 -22.85
N TYR E 32 -23.21 18.10 -22.90
CA TYR E 32 -23.43 19.53 -23.08
C TYR E 32 -22.31 20.13 -23.91
N SER E 33 -22.66 21.10 -24.78
CA SER E 33 -21.65 21.89 -25.48
C SER E 33 -20.67 22.58 -24.52
N MET E 34 -19.39 22.51 -24.86
CA MET E 34 -18.39 23.38 -24.24
C MET E 34 -18.14 24.60 -25.15
N ASN E 35 -18.24 25.80 -24.59
CA ASN E 35 -18.08 27.03 -25.38
C ASN E 35 -16.82 27.75 -24.94
N TRP E 36 -16.29 28.64 -25.78
CA TRP E 36 -15.13 29.45 -25.43
C TRP E 36 -15.39 30.91 -25.73
N VAL E 37 -14.80 31.77 -24.90
CA VAL E 37 -15.11 33.17 -24.89
C VAL E 37 -13.83 33.95 -24.67
N LYS E 38 -13.61 34.95 -25.53
CA LYS E 38 -12.47 35.85 -25.42
C LYS E 38 -12.92 37.17 -24.81
N GLN E 39 -12.12 37.69 -23.89
CA GLN E 39 -12.36 39.02 -23.34
C GLN E 39 -11.05 39.78 -23.33
N SER E 40 -10.96 40.85 -24.14
CA SER E 40 -9.79 41.74 -24.14
C SER E 40 -9.83 42.65 -22.93
N HIS E 41 -8.70 43.24 -22.56
CA HIS E 41 -8.73 44.30 -21.56
C HIS E 41 -9.28 45.57 -22.21
N GLY E 42 -10.44 46.01 -21.74
CA GLY E 42 -11.33 46.87 -22.51
C GLY E 42 -12.55 45.98 -22.64
N LYS E 43 -13.22 45.80 -21.52
CA LYS E 43 -14.05 44.63 -21.29
C LYS E 43 -15.21 44.42 -22.27
N ASN E 44 -14.99 43.47 -23.19
CA ASN E 44 -16.00 42.98 -24.14
C ASN E 44 -15.94 41.47 -24.20
N LEU E 45 -17.10 40.82 -24.15
CA LEU E 45 -17.18 39.38 -24.28
C LEU E 45 -17.35 39.00 -25.74
N GLU E 46 -16.61 37.99 -26.17
CA GLU E 46 -16.72 37.57 -27.54
C GLU E 46 -16.71 36.07 -27.61
N TRP E 47 -17.73 35.53 -28.26
CA TRP E 47 -17.86 34.09 -28.48
C TRP E 47 -16.92 33.62 -29.56
N ILE E 48 -16.08 32.66 -29.18
CA ILE E 48 -15.15 32.08 -30.12
C ILE E 48 -15.86 30.96 -30.84
N GLY E 49 -16.46 30.06 -30.09
CA GLY E 49 -17.21 28.96 -30.67
C GLY E 49 -17.67 27.94 -29.65
N LEU E 50 -18.12 26.80 -30.15
CA LEU E 50 -18.31 25.64 -29.30
C LEU E 50 -17.93 24.33 -29.97
N ILE E 51 -17.85 23.32 -29.12
CA ILE E 51 -17.64 21.96 -29.53
C ILE E 51 -18.67 21.05 -28.85
N ASN E 52 -19.09 20.01 -29.56
CA ASN E 52 -19.93 18.95 -29.01
C ASN E 52 -19.01 17.83 -28.56
N PRO E 53 -18.87 17.63 -27.25
CA PRO E 53 -17.87 16.65 -26.80
C PRO E 53 -18.30 15.22 -27.10
N TYR E 54 -19.52 15.03 -27.60
CA TYR E 54 -19.99 13.68 -27.93
C TYR E 54 -19.41 13.23 -29.27
N ASN E 55 -19.35 14.13 -30.24
CA ASN E 55 -18.87 13.77 -31.57
C ASN E 55 -17.72 14.66 -32.08
N GLY E 56 -17.35 15.66 -31.29
CA GLY E 56 -16.35 16.63 -31.72
C GLY E 56 -16.78 17.64 -32.79
N ASP E 57 -18.08 17.71 -33.10
CA ASP E 57 -18.56 18.72 -34.04
C ASP E 57 -18.19 20.08 -33.50
N THR E 58 -17.75 20.99 -34.36
CA THR E 58 -17.43 22.32 -33.87
C THR E 58 -18.19 23.38 -34.66
N THR E 59 -18.41 24.52 -34.01
CA THR E 59 -19.04 25.66 -34.62
C THR E 59 -18.22 26.89 -34.21
N TYR E 60 -17.90 27.76 -35.16
CA TYR E 60 -17.09 28.92 -34.82
C TYR E 60 -17.71 30.23 -35.30
N LYS E 61 -17.39 31.31 -34.58
CA LYS E 61 -17.55 32.64 -35.13
C LYS E 61 -16.48 32.79 -36.24
N GLN E 62 -16.83 33.46 -37.33
CA GLN E 62 -15.99 33.54 -38.55
C GLN E 62 -14.56 33.99 -38.29
N LYS E 63 -14.39 35.07 -37.53
CA LYS E 63 -13.07 35.64 -37.30
C LYS E 63 -12.14 34.74 -36.49
N PHE E 64 -12.62 33.60 -36.01
CA PHE E 64 -11.76 32.69 -35.28
C PHE E 64 -11.51 31.38 -36.05
N LYS E 65 -12.14 31.22 -37.21
CA LYS E 65 -11.80 30.09 -38.07
C LYS E 65 -10.37 30.24 -38.51
N GLY E 66 -9.59 29.16 -38.33
CA GLY E 66 -8.18 29.17 -38.68
C GLY E 66 -7.32 29.83 -37.63
N LYS E 67 -7.96 30.26 -36.55
CA LYS E 67 -7.28 30.91 -35.42
C LYS E 67 -7.47 30.09 -34.14
N ALA E 68 -8.63 29.45 -34.04
CA ALA E 68 -8.91 28.59 -32.91
C ALA E 68 -9.31 27.18 -33.35
N THR E 69 -8.88 26.18 -32.58
CA THR E 69 -9.32 24.83 -32.83
C THR E 69 -9.74 24.25 -31.51
N LEU E 70 -11.00 23.82 -31.44
CA LEU E 70 -11.55 23.21 -30.24
C LEU E 70 -11.46 21.71 -30.38
N THR E 71 -10.94 21.05 -29.36
CA THR E 71 -10.92 19.61 -29.35
C THR E 71 -11.40 19.13 -28.00
N VAL E 72 -11.64 17.83 -27.85
CA VAL E 72 -11.90 17.26 -26.53
C VAL E 72 -11.18 15.96 -26.33
N ASP E 73 -10.98 15.62 -25.05
CA ASP E 73 -10.41 14.35 -24.66
C ASP E 73 -11.41 13.76 -23.67
N ARG E 74 -12.12 12.72 -24.11
CA ARG E 74 -13.19 12.13 -23.30
C ARG E 74 -12.66 11.28 -22.17
N SER E 75 -11.44 10.79 -22.31
CA SER E 75 -10.82 9.97 -21.27
C SER E 75 -10.31 10.80 -20.10
N SER E 76 -10.28 12.13 -20.24
CA SER E 76 -9.89 13.03 -19.13
C SER E 76 -10.95 14.10 -18.85
N SER E 77 -12.02 14.09 -19.65
CA SER E 77 -13.10 15.06 -19.57
C SER E 77 -12.60 16.47 -19.71
N THR E 78 -11.68 16.64 -20.64
CA THR E 78 -11.05 17.94 -20.88
C THR E 78 -11.46 18.50 -22.23
N ALA E 79 -11.76 19.80 -22.25
CA ALA E 79 -11.89 20.52 -23.50
C ALA E 79 -10.59 21.26 -23.80
N TYR E 80 -10.20 21.33 -25.08
CA TYR E 80 -9.01 22.09 -25.45
C TYR E 80 -9.36 23.15 -26.49
N MET E 81 -8.55 24.21 -26.49
CA MET E 81 -8.63 25.29 -27.47
C MET E 81 -7.20 25.69 -27.80
N GLU E 82 -6.81 25.46 -29.05
CA GLU E 82 -5.45 25.80 -29.49
C GLU E 82 -5.55 27.11 -30.26
N LEU E 83 -4.65 28.05 -29.94
CA LEU E 83 -4.60 29.33 -30.63
C LEU E 83 -3.32 29.39 -31.50
N LEU E 84 -3.43 29.97 -32.68
CA LEU E 84 -2.41 29.84 -33.70
C LEU E 84 -1.94 31.19 -34.21
N ARG E 85 -0.64 31.30 -34.50
CA ARG E 85 -0.08 32.49 -35.11
C ARG E 85 -0.39 33.73 -34.27
N LEU E 86 0.04 33.68 -33.03
CA LEU E 86 -0.42 34.61 -32.00
C LEU E 86 0.14 35.99 -32.19
N THR E 87 -0.72 37.00 -32.08
CA THR E 87 -0.24 38.36 -32.08
C THR E 87 -0.73 38.98 -30.79
N SER E 88 -0.41 40.25 -30.57
CA SER E 88 -0.81 40.92 -29.35
C SER E 88 -2.34 41.04 -29.25
N GLU E 89 -3.04 40.82 -30.35
CA GLU E 89 -4.50 40.87 -30.34
C GLU E 89 -5.09 39.68 -29.60
N ASP E 90 -4.31 38.60 -29.53
CA ASP E 90 -4.74 37.39 -28.83
C ASP E 90 -4.43 37.51 -27.35
N SER E 91 -3.75 38.58 -26.97
CA SER E 91 -3.56 38.82 -25.56
C SER E 91 -4.90 39.20 -24.98
N ALA E 92 -5.47 38.30 -24.20
CA ALA E 92 -6.79 38.48 -23.58
C ALA E 92 -6.98 37.47 -22.45
N VAL E 93 -8.16 37.46 -21.85
CA VAL E 93 -8.55 36.36 -20.96
C VAL E 93 -9.45 35.43 -21.74
N TYR E 94 -9.25 34.13 -21.63
CA TYR E 94 -10.18 33.24 -22.29
C TYR E 94 -10.94 32.42 -21.26
N TYR E 95 -12.24 32.28 -21.49
CA TYR E 95 -13.09 31.45 -20.66
C TYR E 95 -13.61 30.22 -21.41
N CYS E 96 -13.56 29.06 -20.79
CA CYS E 96 -14.44 27.98 -21.24
C CYS E 96 -15.76 28.08 -20.48
N ALA E 97 -16.88 27.88 -21.18
CA ALA E 97 -18.21 27.87 -20.54
C ALA E 97 -19.13 26.72 -21.05
N ARG E 98 -19.76 26.02 -20.12
CA ARG E 98 -20.66 24.93 -20.48
C ARG E 98 -22.05 25.45 -20.84
N SER E 99 -22.72 24.79 -21.78
CA SER E 99 -24.08 25.15 -22.09
C SER E 99 -25.00 24.69 -20.97
N GLY E 100 -26.16 25.33 -20.84
CA GLY E 100 -27.13 24.90 -19.85
C GLY E 100 -28.13 23.88 -20.38
N ARG E 101 -29.15 23.61 -19.58
CA ARG E 101 -30.23 22.73 -19.96
C ARG E 101 -31.44 23.63 -20.11
N GLY E 102 -32.31 23.37 -21.08
CA GLY E 102 -33.48 24.20 -21.24
C GLY E 102 -33.62 24.86 -22.61
N ALA E 103 -32.52 25.04 -23.32
CA ALA E 103 -32.59 25.64 -24.64
C ALA E 103 -33.19 24.67 -25.63
N PRO E 104 -33.82 25.18 -26.70
CA PRO E 104 -34.37 24.29 -27.73
C PRO E 104 -33.33 23.78 -28.74
N THR E 105 -32.25 24.55 -28.95
CA THR E 105 -31.16 24.11 -29.83
C THR E 105 -29.81 24.24 -29.13
N THR E 106 -28.79 23.58 -29.65
CA THR E 106 -27.44 23.72 -29.11
C THR E 106 -26.97 25.17 -29.31
N THR E 107 -27.50 25.79 -30.37
CA THR E 107 -27.24 27.17 -30.72
C THR E 107 -27.88 28.16 -29.74
N THR E 108 -29.09 27.85 -29.26
CA THR E 108 -29.80 28.78 -28.40
C THR E 108 -29.35 28.67 -26.95
N ALA E 109 -28.63 27.60 -26.63
CA ALA E 109 -28.14 27.38 -25.28
C ALA E 109 -27.45 28.61 -24.64
N TRP E 110 -27.67 28.82 -23.33
CA TRP E 110 -26.97 29.89 -22.59
C TRP E 110 -25.86 29.31 -21.68
N PHE E 111 -25.16 30.18 -20.94
CA PHE E 111 -23.94 29.73 -20.25
C PHE E 111 -24.11 29.79 -18.75
N THR E 112 -24.29 28.63 -18.13
CA THR E 112 -24.51 28.51 -16.69
C THR E 112 -23.22 28.34 -15.83
N TYR E 113 -22.25 27.60 -16.35
CA TYR E 113 -21.00 27.40 -15.63
C TYR E 113 -19.83 27.94 -16.45
N TRP E 114 -18.90 28.57 -15.75
CA TRP E 114 -17.73 29.18 -16.36
C TRP E 114 -16.43 28.72 -15.71
N GLY E 115 -15.40 28.56 -16.53
CA GLY E 115 -14.05 28.39 -16.02
C GLY E 115 -13.62 29.67 -15.29
N GLN E 116 -12.62 29.55 -14.43
CA GLN E 116 -12.06 30.73 -13.75
C GLN E 116 -11.38 31.67 -14.74
N GLY E 117 -11.00 31.13 -15.90
CA GLY E 117 -10.36 31.95 -16.94
C GLY E 117 -8.86 31.73 -17.09
N THR E 118 -8.35 31.94 -18.30
CA THR E 118 -6.93 31.80 -18.60
C THR E 118 -6.39 33.04 -19.25
N LEU E 119 -5.50 33.74 -18.55
CA LEU E 119 -4.86 34.92 -19.12
C LEU E 119 -3.80 34.51 -20.13
N VAL E 120 -3.82 35.12 -21.29
CA VAL E 120 -2.84 34.85 -22.32
C VAL E 120 -2.08 36.12 -22.60
N THR E 121 -0.76 36.01 -22.54
CA THR E 121 0.10 37.16 -22.73
C THR E 121 1.04 36.91 -23.91
N VAL E 122 0.79 37.61 -25.00
CA VAL E 122 1.58 37.39 -26.20
C VAL E 122 2.70 38.40 -26.26
N SER E 123 3.93 37.94 -26.08
CA SER E 123 5.07 38.87 -26.06
C SER E 123 6.41 38.19 -26.27
N ALA E 124 7.33 38.93 -26.90
CA ALA E 124 8.72 38.49 -27.03
C ALA E 124 9.52 38.77 -25.75
N ALA E 125 8.95 39.57 -24.83
CA ALA E 125 9.65 39.97 -23.60
C ALA E 125 9.87 38.80 -22.64
N LYS E 126 11.00 38.82 -21.95
CA LYS E 126 11.40 37.71 -21.10
C LYS E 126 10.90 37.84 -19.66
N THR E 127 10.70 36.69 -19.03
CA THR E 127 10.22 36.60 -17.66
C THR E 127 11.18 37.27 -16.69
N THR E 128 10.63 38.16 -15.86
CA THR E 128 11.41 38.90 -14.86
C THR E 128 10.74 38.81 -13.50
N PRO E 129 11.52 38.50 -12.45
CA PRO E 129 11.00 38.48 -11.08
C PRO E 129 10.90 39.88 -10.50
N PRO E 130 9.96 40.10 -9.57
CA PRO E 130 9.78 41.46 -9.05
C PRO E 130 10.88 41.87 -8.09
N SER E 131 11.06 43.18 -7.92
CA SER E 131 11.74 43.68 -6.74
C SER E 131 10.65 44.13 -5.79
N VAL E 132 10.72 43.66 -4.54
CA VAL E 132 9.73 44.00 -3.53
C VAL E 132 10.30 44.98 -2.53
N TYR E 133 9.87 46.23 -2.60
CA TYR E 133 10.36 47.27 -1.70
C TYR E 133 9.33 47.56 -0.62
N PRO E 134 9.81 47.92 0.57
CA PRO E 134 8.96 48.33 1.68
C PRO E 134 8.62 49.82 1.66
N LEU E 135 7.33 50.12 1.76
CA LEU E 135 6.89 51.50 1.92
C LEU E 135 6.53 51.82 3.38
N ALA E 136 7.53 52.25 4.14
CA ALA E 136 7.35 52.71 5.51
C ALA E 136 7.36 54.24 5.58
N PRO E 137 6.56 54.82 6.50
CA PRO E 137 6.53 56.26 6.71
C PRO E 137 7.85 56.82 7.22
N THR E 143 1.24 61.07 12.54
CA THR E 143 0.89 60.57 13.87
C THR E 143 -0.62 60.70 14.12
N ASN E 144 -1.37 59.80 13.49
CA ASN E 144 -2.81 59.69 13.71
C ASN E 144 -3.12 58.39 14.43
N SER E 145 -4.40 58.08 14.60
CA SER E 145 -4.78 56.81 15.23
C SER E 145 -4.39 55.66 14.33
N MET E 146 -4.44 55.91 13.03
CA MET E 146 -4.20 54.88 12.03
C MET E 146 -2.95 55.18 11.22
N VAL E 147 -2.20 54.14 10.86
CA VAL E 147 -0.98 54.31 10.10
C VAL E 147 -0.99 53.42 8.87
N THR E 148 -0.60 54.00 7.74
CA THR E 148 -0.69 53.33 6.46
C THR E 148 0.67 52.81 6.02
N LEU E 149 0.71 51.58 5.54
CA LEU E 149 1.97 50.97 5.11
C LEU E 149 1.83 50.39 3.72
N GLY E 150 2.89 50.51 2.93
CA GLY E 150 2.81 50.05 1.56
C GLY E 150 3.76 48.92 1.30
N CYS E 151 3.82 48.52 0.04
CA CYS E 151 4.73 47.48 -0.42
C CYS E 151 4.80 47.57 -1.94
N LEU E 152 5.92 48.06 -2.46
CA LEU E 152 6.05 48.26 -3.89
C LEU E 152 6.61 47.01 -4.58
N VAL E 153 5.93 46.55 -5.62
CA VAL E 153 6.33 45.33 -6.29
C VAL E 153 6.70 45.71 -7.71
N LYS E 154 8.00 45.86 -7.97
CA LYS E 154 8.40 46.56 -9.18
C LYS E 154 9.22 45.72 -10.14
N GLY E 155 8.96 45.93 -11.43
CA GLY E 155 9.79 45.41 -12.50
C GLY E 155 9.68 43.93 -12.75
N TYR E 156 8.47 43.46 -12.93
CA TYR E 156 8.28 42.04 -13.20
C TYR E 156 7.55 41.85 -14.52
N PHE E 157 7.63 40.62 -15.03
CA PHE E 157 6.96 40.22 -16.26
C PHE E 157 6.91 38.70 -16.32
N PRO E 158 5.74 38.12 -16.67
CA PRO E 158 4.50 38.79 -17.02
C PRO E 158 3.53 38.80 -15.85
N GLU E 159 2.27 39.16 -16.10
CA GLU E 159 1.23 39.01 -15.08
C GLU E 159 0.99 37.51 -14.84
N PRO E 160 0.52 37.14 -13.63
CA PRO E 160 0.18 37.97 -12.47
C PRO E 160 1.18 37.97 -11.32
N VAL E 161 0.83 38.74 -10.29
CA VAL E 161 1.44 38.59 -8.97
C VAL E 161 0.30 38.49 -7.97
N THR E 162 0.56 37.82 -6.84
CA THR E 162 -0.35 37.83 -5.72
C THR E 162 0.27 38.51 -4.50
N VAL E 163 -0.45 39.46 -3.92
CA VAL E 163 0.02 40.16 -2.73
C VAL E 163 -0.92 40.00 -1.54
N THR E 164 -0.39 39.39 -0.47
CA THR E 164 -1.10 39.29 0.80
C THR E 164 -0.26 39.93 1.92
N TRP E 165 -0.89 40.13 3.08
CA TRP E 165 -0.19 40.71 4.22
C TRP E 165 -0.31 39.84 5.47
N ASN E 166 0.81 39.67 6.18
CA ASN E 166 0.91 38.80 7.34
C ASN E 166 0.26 37.45 7.10
N SER E 167 0.64 36.82 6.00
CA SER E 167 0.07 35.57 5.54
C SER E 167 -1.47 35.61 5.52
N GLY E 168 -2.06 36.68 4.98
CA GLY E 168 -3.51 36.74 4.85
C GLY E 168 -4.30 37.24 6.06
N SER E 169 -3.68 37.30 7.23
CA SER E 169 -4.35 37.71 8.46
C SER E 169 -4.81 39.18 8.45
N LEU E 170 -4.15 40.01 7.65
CA LEU E 170 -4.57 41.39 7.48
C LEU E 170 -5.39 41.54 6.19
N SER E 171 -6.70 41.41 6.32
CA SER E 171 -7.59 41.57 5.17
C SER E 171 -8.18 42.97 5.07
N SER E 172 -8.83 43.42 6.14
CA SER E 172 -9.49 44.73 6.14
C SER E 172 -8.50 45.88 6.11
N GLY E 173 -8.81 46.88 5.28
CA GLY E 173 -7.95 48.04 5.13
C GLY E 173 -6.81 47.73 4.19
N VAL E 174 -7.10 46.96 3.15
CA VAL E 174 -6.07 46.57 2.21
C VAL E 174 -6.45 46.93 0.80
N HIS E 175 -5.61 47.73 0.14
CA HIS E 175 -5.79 48.02 -1.28
C HIS E 175 -4.57 47.50 -2.04
N THR E 176 -4.82 46.53 -2.92
CA THR E 176 -3.81 46.11 -3.86
C THR E 176 -4.20 46.64 -5.25
N PHE E 177 -3.36 47.52 -5.78
CA PHE E 177 -3.70 48.23 -6.99
C PHE E 177 -3.34 47.42 -8.22
N PRO E 178 -4.15 47.55 -9.29
CA PRO E 178 -3.85 46.90 -10.58
C PRO E 178 -2.49 47.33 -11.11
N ALA E 179 -1.73 46.36 -11.61
CA ALA E 179 -0.43 46.63 -12.20
C ALA E 179 -0.57 47.65 -13.31
N VAL E 180 0.46 48.49 -13.45
CA VAL E 180 0.67 49.34 -14.62
C VAL E 180 1.88 48.84 -15.43
N LEU E 181 1.76 48.84 -16.75
CA LEU E 181 2.86 48.43 -17.61
C LEU E 181 3.47 49.65 -18.25
N GLN E 182 4.79 49.65 -18.46
CA GLN E 182 5.40 50.78 -19.15
C GLN E 182 6.59 50.45 -20.06
N SER E 183 7.46 49.57 -19.61
CA SER E 183 8.55 49.15 -20.48
C SER E 183 8.70 47.65 -20.42
N ASP E 184 7.66 46.93 -20.83
CA ASP E 184 7.62 45.47 -20.79
C ASP E 184 7.89 44.94 -19.39
N LEU E 185 7.73 45.81 -18.39
CA LEU E 185 7.72 45.37 -17.00
C LEU E 185 6.52 45.95 -16.24
N TYR E 186 5.89 45.12 -15.42
CA TYR E 186 4.74 45.59 -14.65
C TYR E 186 5.17 46.16 -13.32
N THR E 187 4.30 47.01 -12.78
CA THR E 187 4.51 47.56 -11.46
C THR E 187 3.21 47.57 -10.66
N LEU E 188 3.24 46.89 -9.53
CA LEU E 188 2.10 46.80 -8.64
C LEU E 188 2.48 47.39 -7.31
N SER E 189 1.50 47.95 -6.62
CA SER E 189 1.72 48.48 -5.29
C SER E 189 0.50 48.15 -4.46
N SER E 190 0.73 47.71 -3.22
CA SER E 190 -0.35 47.40 -2.29
C SER E 190 -0.17 48.20 -1.02
N SER E 191 -1.28 48.58 -0.40
CA SER E 191 -1.20 49.35 0.83
C SER E 191 -2.01 48.65 1.91
N VAL E 192 -1.65 48.90 3.16
CA VAL E 192 -2.38 48.33 4.28
C VAL E 192 -2.46 49.38 5.38
N THR E 193 -3.64 49.52 5.96
CA THR E 193 -3.87 50.55 6.97
C THR E 193 -4.27 49.93 8.32
N VAL E 194 -3.35 50.00 9.29
CA VAL E 194 -3.52 49.38 10.62
C VAL E 194 -3.39 50.46 11.73
N PRO E 195 -3.83 50.14 12.97
CA PRO E 195 -3.72 51.12 14.08
C PRO E 195 -2.28 51.54 14.43
N SER E 196 -2.13 52.76 14.94
CA SER E 196 -0.82 53.33 15.30
C SER E 196 -0.06 52.59 16.40
N SER E 197 -0.78 51.86 17.25
CA SER E 197 -0.16 51.17 18.38
C SER E 197 0.34 49.78 18.01
N THR E 198 -0.42 49.09 17.17
CA THR E 198 -0.07 47.74 16.73
C THR E 198 1.21 47.73 15.89
N TRP E 199 1.68 48.93 15.49
CA TRP E 199 2.90 49.08 14.70
C TRP E 199 3.80 50.17 15.29
N PRO E 200 5.09 49.86 15.47
CA PRO E 200 5.78 48.64 15.03
C PRO E 200 5.82 47.51 16.04
N SER E 201 4.91 47.54 17.02
CA SER E 201 4.86 46.52 18.04
C SER E 201 4.70 45.14 17.42
N GLU E 202 3.69 45.02 16.56
CA GLU E 202 3.42 43.75 15.89
C GLU E 202 3.82 43.85 14.42
N THR E 203 4.82 43.07 14.03
CA THR E 203 5.40 43.12 12.70
C THR E 203 4.36 42.94 11.60
N VAL E 204 4.50 43.75 10.56
CA VAL E 204 3.61 43.72 9.42
C VAL E 204 4.44 43.38 8.21
N THR E 205 4.08 42.28 7.55
CA THR E 205 4.89 41.68 6.52
C THR E 205 4.17 41.58 5.17
N CYS E 206 4.81 42.10 4.13
CA CYS E 206 4.29 42.00 2.77
C CYS E 206 4.67 40.63 2.16
N ASN E 207 3.67 39.85 1.77
CA ASN E 207 3.88 38.57 1.08
C ASN E 207 3.66 38.66 -0.43
N VAL E 208 4.73 38.60 -1.22
CA VAL E 208 4.61 38.72 -2.68
C VAL E 208 4.98 37.42 -3.38
N ALA E 209 4.12 36.96 -4.28
CA ALA E 209 4.39 35.72 -5.01
C ALA E 209 4.26 35.88 -6.52
N HIS E 210 5.28 35.44 -7.24
CA HIS E 210 5.33 35.52 -8.70
C HIS E 210 5.65 34.14 -9.29
N PRO E 211 4.60 33.36 -9.59
CA PRO E 211 4.68 31.99 -10.11
C PRO E 211 5.57 31.84 -11.34
N ALA E 212 5.37 32.69 -12.34
CA ALA E 212 6.09 32.59 -13.61
C ALA E 212 7.62 32.57 -13.45
N SER E 213 8.11 33.26 -12.42
CA SER E 213 9.56 33.36 -12.22
C SER E 213 10.00 32.63 -10.96
N SER E 214 9.05 31.98 -10.30
CA SER E 214 9.30 31.23 -9.07
C SER E 214 9.86 32.12 -7.96
N THR E 215 9.11 33.18 -7.64
CA THR E 215 9.52 34.17 -6.65
C THR E 215 8.54 34.24 -5.49
N LYS E 216 8.98 33.87 -4.30
CA LYS E 216 8.19 34.09 -3.10
C LYS E 216 9.03 34.95 -2.14
N VAL E 217 8.76 36.25 -2.12
CA VAL E 217 9.49 37.13 -1.22
C VAL E 217 8.59 37.63 -0.09
N ASP E 218 9.10 37.53 1.14
CA ASP E 218 8.50 38.19 2.29
C ASP E 218 9.27 39.47 2.62
N LYS E 219 8.56 40.58 2.78
CA LYS E 219 9.16 41.81 3.30
C LYS E 219 8.47 42.29 4.58
N LYS E 220 9.26 42.47 5.63
CA LYS E 220 8.78 43.16 6.82
C LYS E 220 8.90 44.66 6.65
N ILE E 221 7.86 45.41 7.00
CA ILE E 221 7.94 46.87 6.96
C ILE E 221 8.37 47.41 8.32
N VAL E 222 9.57 47.97 8.34
CA VAL E 222 10.19 48.51 9.54
C VAL E 222 10.27 50.03 9.43
N PRO E 223 10.13 50.75 10.55
CA PRO E 223 10.16 52.22 10.52
C PRO E 223 11.48 52.74 9.99
N ARG E 224 11.51 54.00 9.57
CA ARG E 224 12.75 54.65 9.12
C ARG E 224 13.45 55.34 10.29
N ASP F 1 -24.97 38.99 -38.11
CA ASP F 1 -24.60 39.05 -36.70
C ASP F 1 -25.40 40.11 -36.01
N ILE F 2 -26.04 39.73 -34.92
CA ILE F 2 -26.85 40.68 -34.20
C ILE F 2 -26.05 41.58 -33.27
N VAL F 3 -26.17 42.88 -33.47
CA VAL F 3 -25.55 43.83 -32.58
C VAL F 3 -26.46 44.13 -31.35
N LEU F 4 -25.93 43.95 -30.15
CA LEU F 4 -26.61 44.39 -28.93
C LEU F 4 -26.02 45.72 -28.44
N THR F 5 -26.86 46.73 -28.30
CA THR F 5 -26.41 48.03 -27.79
C THR F 5 -27.01 48.32 -26.41
N GLN F 6 -26.17 48.31 -25.39
CA GLN F 6 -26.65 48.51 -24.02
C GLN F 6 -26.59 50.00 -23.67
N SER F 7 -27.51 50.41 -22.82
CA SER F 7 -27.52 51.76 -22.31
C SER F 7 -28.06 51.71 -20.90
N PRO F 8 -27.53 52.58 -20.01
CA PRO F 8 -26.38 53.44 -20.37
C PRO F 8 -25.07 52.65 -20.36
N ALA F 9 -23.95 53.25 -20.77
CA ALA F 9 -22.67 52.55 -20.68
C ALA F 9 -22.24 52.47 -19.22
N SER F 10 -22.52 53.54 -18.48
CA SER F 10 -22.20 53.60 -17.05
C SER F 10 -23.35 54.21 -16.24
N LEU F 11 -23.45 53.80 -14.98
CA LEU F 11 -24.58 54.14 -14.12
C LEU F 11 -24.19 53.99 -12.64
N ALA F 12 -24.48 55.01 -11.83
CA ALA F 12 -24.27 54.95 -10.39
C ALA F 12 -25.60 55.08 -9.64
N VAL F 13 -25.86 54.15 -8.72
CA VAL F 13 -27.16 54.08 -8.08
C VAL F 13 -26.94 53.99 -6.59
N SER F 14 -27.58 54.86 -5.81
CA SER F 14 -27.48 54.77 -4.35
C SER F 14 -28.00 53.42 -3.86
N LEU F 15 -27.50 53.04 -2.68
CA LEU F 15 -27.99 51.84 -2.02
C LEU F 15 -29.49 51.90 -1.82
N GLY F 16 -30.15 50.78 -2.05
CA GLY F 16 -31.57 50.68 -1.77
C GLY F 16 -32.44 51.31 -2.84
N GLN F 17 -31.83 51.80 -3.91
CA GLN F 17 -32.62 52.40 -4.97
C GLN F 17 -32.62 51.48 -6.18
N ARG F 18 -33.21 51.94 -7.27
CA ARG F 18 -33.47 51.11 -8.44
C ARG F 18 -32.53 51.40 -9.62
N ALA F 19 -32.01 50.33 -10.18
CA ALA F 19 -31.17 50.39 -11.37
C ALA F 19 -31.92 49.76 -12.54
N THR F 20 -32.02 50.51 -13.63
CA THR F 20 -32.64 50.03 -14.86
C THR F 20 -31.65 50.05 -16.02
N ILE F 21 -31.16 48.87 -16.38
CA ILE F 21 -30.25 48.69 -17.50
C ILE F 21 -31.00 48.11 -18.72
N SER F 22 -30.71 48.67 -19.90
CA SER F 22 -31.44 48.33 -21.11
C SER F 22 -30.52 47.66 -22.14
N CYS F 23 -31.12 46.86 -23.03
CA CYS F 23 -30.38 46.22 -24.12
C CYS F 23 -31.23 46.20 -25.39
N ARG F 24 -30.66 46.70 -26.47
CA ARG F 24 -31.36 46.78 -27.76
C ARG F 24 -30.63 45.92 -28.81
N ALA F 25 -31.36 45.03 -29.43
CA ALA F 25 -30.81 44.18 -30.47
C ALA F 25 -31.15 44.73 -31.85
N SER F 26 -30.25 44.52 -32.82
CA SER F 26 -30.42 44.97 -34.20
C SER F 26 -31.55 44.23 -34.90
N GLU F 27 -31.69 42.95 -34.60
CA GLU F 27 -32.75 42.13 -35.14
C GLU F 27 -33.43 41.47 -33.96
N SER F 28 -34.62 40.91 -34.18
CA SER F 28 -35.36 40.21 -33.13
C SER F 28 -34.60 38.97 -32.69
N VAL F 29 -34.72 38.61 -31.42
CA VAL F 29 -34.05 37.44 -30.92
C VAL F 29 -35.09 36.49 -30.36
N ASP F 30 -36.29 36.62 -30.91
CA ASP F 30 -37.39 35.70 -30.66
C ASP F 30 -37.30 34.46 -31.55
N SER F 31 -37.61 33.31 -30.96
CA SER F 31 -37.83 32.07 -31.70
C SER F 31 -38.36 31.05 -30.70
N TYR F 32 -39.01 29.99 -31.21
CA TYR F 32 -39.49 28.91 -30.35
C TYR F 32 -40.38 29.41 -29.20
N GLY F 33 -41.01 30.57 -29.37
CA GLY F 33 -41.94 31.07 -28.37
C GLY F 33 -41.24 31.64 -27.16
N ASN F 34 -40.05 32.15 -27.40
CA ASN F 34 -39.18 32.64 -26.35
C ASN F 34 -38.38 33.80 -26.86
N SER F 35 -37.62 34.43 -25.98
CA SER F 35 -36.72 35.51 -26.36
C SER F 35 -35.34 35.12 -25.84
N PHE F 36 -34.39 34.89 -26.74
CA PHE F 36 -33.12 34.39 -26.27
C PHE F 36 -32.16 35.56 -26.02
N MET F 37 -32.46 36.23 -24.92
CA MET F 37 -31.68 37.34 -24.38
C MET F 37 -31.39 37.04 -22.90
N HIS F 38 -30.11 37.06 -22.53
CA HIS F 38 -29.70 36.62 -21.20
C HIS F 38 -28.90 37.72 -20.52
N TRP F 39 -28.83 37.65 -19.20
CA TRP F 39 -28.15 38.69 -18.45
C TRP F 39 -27.04 38.09 -17.60
N TYR F 40 -25.87 38.72 -17.68
CA TYR F 40 -24.70 38.27 -16.95
C TYR F 40 -24.11 39.38 -16.07
N GLN F 41 -23.59 38.98 -14.92
CA GLN F 41 -22.88 39.92 -14.05
C GLN F 41 -21.41 39.57 -14.02
N GLN F 42 -20.55 40.50 -14.38
CA GLN F 42 -19.13 40.21 -14.22
C GLN F 42 -18.50 41.18 -13.23
N LYS F 43 -18.08 40.62 -12.11
CA LYS F 43 -17.27 41.32 -11.12
C LYS F 43 -15.81 41.30 -11.56
N PRO F 44 -15.09 42.39 -11.30
CA PRO F 44 -13.64 42.54 -11.49
C PRO F 44 -12.83 41.26 -11.20
N GLY F 45 -12.19 40.71 -12.22
CA GLY F 45 -11.32 39.57 -12.00
C GLY F 45 -12.02 38.25 -11.86
N GLN F 46 -13.33 38.25 -12.01
CA GLN F 46 -14.11 37.03 -11.91
C GLN F 46 -14.69 36.66 -13.29
N PRO F 47 -15.12 35.39 -13.45
CA PRO F 47 -15.94 35.01 -14.60
C PRO F 47 -17.31 35.68 -14.50
N PRO F 48 -18.00 35.87 -15.64
CA PRO F 48 -19.42 36.31 -15.64
C PRO F 48 -20.33 35.33 -14.90
N ILE F 49 -21.28 35.83 -14.11
CA ILE F 49 -22.29 34.95 -13.51
C ILE F 49 -23.61 35.18 -14.21
N LEU F 50 -24.25 34.09 -14.62
CA LEU F 50 -25.56 34.16 -15.26
C LEU F 50 -26.65 34.48 -14.22
N LEU F 51 -27.29 35.62 -14.40
CA LEU F 51 -28.35 36.11 -13.54
C LEU F 51 -29.73 35.70 -14.04
N ILE F 52 -29.94 35.94 -15.33
CA ILE F 52 -31.24 35.76 -15.96
C ILE F 52 -31.19 35.17 -17.36
N SER F 53 -31.96 34.10 -17.58
CA SER F 53 -32.00 33.48 -18.89
C SER F 53 -33.38 33.61 -19.55
N ARG F 54 -33.37 33.72 -20.87
CA ARG F 54 -34.56 33.85 -21.69
C ARG F 54 -35.40 35.04 -21.26
N ALA F 55 -34.76 36.21 -21.23
CA ALA F 55 -35.40 37.52 -21.03
C ALA F 55 -35.84 37.78 -19.61
N SER F 56 -36.41 36.77 -18.95
CA SER F 56 -36.96 36.96 -17.60
C SER F 56 -36.88 35.77 -16.61
N ASN F 57 -36.29 34.63 -16.99
CA ASN F 57 -36.18 33.51 -16.03
C ASN F 57 -34.98 33.58 -15.10
N LEU F 58 -35.27 33.95 -13.86
CA LEU F 58 -34.29 34.03 -12.79
C LEU F 58 -33.64 32.67 -12.58
N GLU F 59 -32.31 32.68 -12.50
CA GLU F 59 -31.52 31.47 -12.32
C GLU F 59 -31.35 31.11 -10.85
N SER F 60 -31.09 29.84 -10.55
CA SER F 60 -30.91 29.39 -9.17
C SER F 60 -29.89 30.27 -8.49
N GLY F 61 -30.06 30.47 -7.19
CA GLY F 61 -29.07 31.16 -6.40
C GLY F 61 -28.91 32.65 -6.60
N ILE F 62 -29.65 33.23 -7.54
CA ILE F 62 -29.57 34.67 -7.81
C ILE F 62 -30.75 35.37 -7.14
N PRO F 63 -30.47 36.41 -6.32
CA PRO F 63 -31.55 37.00 -5.52
C PRO F 63 -32.64 37.65 -6.40
N ALA F 64 -33.86 37.68 -5.88
CA ALA F 64 -35.00 38.18 -6.65
C ALA F 64 -34.98 39.69 -6.79
N ARG F 65 -33.98 40.35 -6.22
CA ARG F 65 -33.82 41.78 -6.46
C ARG F 65 -33.34 42.00 -7.89
N PHE F 66 -32.78 40.96 -8.52
CA PHE F 66 -32.52 40.99 -9.96
C PHE F 66 -33.72 40.48 -10.75
N SER F 67 -34.13 41.22 -11.77
CA SER F 67 -35.18 40.73 -12.67
C SER F 67 -35.08 41.38 -14.06
N GLY F 68 -35.72 40.74 -15.02
CA GLY F 68 -35.67 41.23 -16.38
C GLY F 68 -36.96 41.08 -17.12
N SER F 69 -37.06 41.82 -18.21
CA SER F 69 -38.23 41.72 -19.03
C SER F 69 -37.88 42.16 -20.44
N GLY F 70 -38.81 41.93 -21.36
CA GLY F 70 -38.67 42.39 -22.71
C GLY F 70 -38.84 41.27 -23.71
N SER F 71 -38.84 41.63 -24.98
CA SER F 71 -39.07 40.67 -26.05
C SER F 71 -38.62 41.28 -27.36
N ARG F 72 -38.49 40.45 -28.39
CA ARG F 72 -38.10 40.89 -29.71
C ARG F 72 -36.73 41.56 -29.68
N THR F 73 -36.73 42.88 -29.59
CA THR F 73 -35.50 43.65 -29.69
C THR F 73 -35.30 44.63 -28.55
N ASP F 74 -36.22 44.64 -27.57
CA ASP F 74 -36.06 45.53 -26.42
C ASP F 74 -36.13 44.78 -25.09
N PHE F 75 -35.05 44.85 -24.33
CA PHE F 75 -34.94 44.12 -23.07
C PHE F 75 -34.38 44.99 -21.95
N THR F 76 -34.80 44.67 -20.74
CA THR F 76 -34.40 45.44 -19.56
C THR F 76 -34.03 44.51 -18.41
N LEU F 77 -32.93 44.86 -17.75
CA LEU F 77 -32.55 44.28 -16.47
C LEU F 77 -32.85 45.29 -15.39
N THR F 78 -33.45 44.85 -14.29
CA THR F 78 -33.68 45.76 -13.17
C THR F 78 -33.09 45.17 -11.91
N ILE F 79 -32.49 46.04 -11.10
CA ILE F 79 -31.91 45.63 -9.80
C ILE F 79 -32.54 46.49 -8.69
N ASN F 80 -33.33 45.86 -7.84
CA ASN F 80 -34.16 46.61 -6.91
C ASN F 80 -34.44 45.79 -5.67
N PRO F 81 -33.88 46.20 -4.52
CA PRO F 81 -33.04 47.38 -4.40
C PRO F 81 -31.60 47.06 -4.77
N VAL F 82 -30.81 48.06 -5.08
CA VAL F 82 -29.38 47.85 -5.30
C VAL F 82 -28.68 47.59 -3.97
N GLU F 83 -27.74 46.64 -3.97
CA GLU F 83 -26.95 46.39 -2.77
C GLU F 83 -25.45 46.59 -3.01
N ALA F 84 -24.70 46.66 -1.92
CA ALA F 84 -23.31 47.11 -1.94
C ALA F 84 -22.35 46.28 -2.80
N ASP F 85 -22.68 45.02 -3.06
CA ASP F 85 -21.76 44.21 -3.86
C ASP F 85 -22.27 44.02 -5.30
N ASP F 86 -23.24 44.84 -5.72
CA ASP F 86 -23.78 44.69 -7.07
C ASP F 86 -23.03 45.53 -8.11
N PHE F 87 -21.94 46.16 -7.72
CA PHE F 87 -21.16 46.89 -8.69
C PHE F 87 -20.43 45.86 -9.54
N ALA F 88 -20.53 46.02 -10.85
CA ALA F 88 -20.03 45.04 -11.79
C ALA F 88 -20.32 45.55 -13.18
N THR F 89 -19.84 44.84 -14.19
CA THR F 89 -20.34 45.08 -15.52
C THR F 89 -21.43 44.04 -15.78
N TYR F 90 -22.51 44.52 -16.37
CA TYR F 90 -23.63 43.68 -16.68
C TYR F 90 -23.71 43.52 -18.18
N TYR F 91 -23.67 42.28 -18.64
CA TYR F 91 -23.77 42.05 -20.06
C TYR F 91 -25.07 41.37 -20.41
N CYS F 92 -25.67 41.82 -21.51
CA CYS F 92 -26.71 41.05 -22.17
C CYS F 92 -26.09 40.17 -23.27
N GLN F 93 -26.81 39.12 -23.59
CA GLN F 93 -26.33 38.13 -24.54
C GLN F 93 -27.46 37.54 -25.35
N GLN F 94 -27.34 37.54 -26.66
CA GLN F 94 -28.33 36.84 -27.47
C GLN F 94 -27.76 35.50 -27.94
N THR F 95 -28.63 34.50 -28.02
CA THR F 95 -28.27 33.19 -28.53
C THR F 95 -29.34 32.72 -29.50
N ASN F 96 -29.97 33.67 -30.17
CA ASN F 96 -31.06 33.32 -31.05
C ASN F 96 -30.54 32.71 -32.33
N GLU F 97 -29.39 33.21 -32.77
CA GLU F 97 -28.74 32.75 -33.98
C GLU F 97 -27.21 32.83 -33.91
N ASP F 98 -26.54 31.96 -34.67
CA ASP F 98 -25.09 31.96 -34.77
C ASP F 98 -24.56 33.18 -35.54
N PRO F 99 -23.49 33.79 -35.04
CA PRO F 99 -22.84 33.50 -33.75
C PRO F 99 -23.50 34.25 -32.60
N ARG F 100 -23.35 33.74 -31.39
CA ARG F 100 -23.72 34.47 -30.20
C ARG F 100 -22.97 35.78 -30.12
N THR F 101 -23.66 36.80 -29.64
CA THR F 101 -23.07 38.11 -29.52
C THR F 101 -23.42 38.69 -28.14
N PHE F 102 -22.52 39.53 -27.64
CA PHE F 102 -22.67 40.19 -26.36
C PHE F 102 -22.77 41.69 -26.56
N GLY F 103 -23.51 42.33 -25.66
CA GLY F 103 -23.56 43.78 -25.60
C GLY F 103 -22.24 44.29 -25.06
N GLY F 104 -21.96 45.58 -25.27
CA GLY F 104 -20.69 46.15 -24.89
C GLY F 104 -20.54 46.31 -23.39
N GLY F 105 -21.66 46.20 -22.68
CA GLY F 105 -21.67 46.15 -21.23
C GLY F 105 -22.15 47.45 -20.60
N THR F 106 -22.80 47.31 -19.46
CA THR F 106 -23.15 48.44 -18.64
C THR F 106 -22.44 48.32 -17.29
N LYS F 107 -21.70 49.35 -16.92
CA LYS F 107 -21.01 49.36 -15.65
C LYS F 107 -21.86 50.10 -14.59
N LEU F 108 -22.26 49.33 -13.57
CA LEU F 108 -23.00 49.82 -12.43
C LEU F 108 -22.05 50.16 -11.30
N GLU F 109 -22.07 51.43 -10.94
CA GLU F 109 -21.34 51.92 -9.80
C GLU F 109 -22.32 52.06 -8.63
N ILE F 110 -21.88 51.82 -7.40
CA ILE F 110 -22.72 52.18 -6.26
C ILE F 110 -22.50 53.66 -5.95
N LYS F 111 -23.57 54.44 -5.99
CA LYS F 111 -23.46 55.85 -5.63
C LYS F 111 -23.60 55.96 -4.13
N ARG F 112 -22.76 56.80 -3.53
CA ARG F 112 -22.76 57.06 -2.09
C ARG F 112 -22.40 58.51 -1.91
N ALA F 113 -22.39 58.98 -0.65
CA ALA F 113 -21.99 60.34 -0.35
C ALA F 113 -20.55 60.58 -0.83
N ASP F 114 -20.23 61.84 -1.17
CA ASP F 114 -18.86 62.17 -1.54
C ASP F 114 -17.96 62.02 -0.33
N ALA F 115 -16.80 61.45 -0.56
CA ALA F 115 -15.82 61.25 0.49
C ALA F 115 -14.44 61.68 -0.02
N ALA F 116 -13.71 62.36 0.84
CA ALA F 116 -12.37 62.81 0.51
C ALA F 116 -11.36 61.70 0.80
N PRO F 117 -10.27 61.66 0.03
CA PRO F 117 -9.29 60.59 0.25
C PRO F 117 -8.42 60.85 1.45
N THR F 118 -7.98 59.75 2.05
CA THR F 118 -6.91 59.79 3.04
C THR F 118 -5.59 59.64 2.30
N VAL F 119 -4.72 60.64 2.43
CA VAL F 119 -3.54 60.74 1.59
C VAL F 119 -2.22 60.48 2.33
N SER F 120 -1.53 59.41 1.95
CA SER F 120 -0.21 59.09 2.48
C SER F 120 0.86 59.16 1.40
N ILE F 121 2.07 59.59 1.79
CA ILE F 121 3.22 59.67 0.89
C ILE F 121 4.40 58.91 1.48
N PHE F 122 5.25 58.31 0.63
CA PHE F 122 6.33 57.46 1.09
C PHE F 122 7.62 57.72 0.34
N PRO F 123 8.68 58.14 1.05
CA PRO F 123 9.99 58.27 0.40
C PRO F 123 10.45 56.91 -0.11
N PRO F 124 11.43 56.90 -1.03
CA PRO F 124 11.90 55.58 -1.45
C PRO F 124 12.49 54.79 -0.30
N SER F 125 12.39 53.47 -0.39
CA SER F 125 13.06 52.61 0.57
C SER F 125 14.55 52.70 0.32
N SER F 126 15.35 52.31 1.32
CA SER F 126 16.80 52.29 1.13
C SER F 126 17.18 51.17 0.15
N GLU F 127 16.30 50.19 0.05
CA GLU F 127 16.52 49.02 -0.79
C GLU F 127 16.50 49.37 -2.28
N GLN F 128 15.61 50.28 -2.68
CA GLN F 128 15.49 50.63 -4.08
C GLN F 128 16.63 51.54 -4.44
N LEU F 129 16.99 52.39 -3.48
CA LEU F 129 18.09 53.33 -3.66
C LEU F 129 19.38 52.61 -4.10
N THR F 130 19.62 51.40 -3.57
CA THR F 130 20.82 50.66 -3.96
C THR F 130 20.70 50.12 -5.37
N SER F 131 19.47 49.78 -5.77
CA SER F 131 19.23 49.25 -7.11
C SER F 131 19.55 50.30 -8.17
N GLY F 132 19.49 51.57 -7.77
CA GLY F 132 19.75 52.68 -8.66
C GLY F 132 18.47 53.38 -9.01
N GLY F 133 17.37 52.91 -8.43
CA GLY F 133 16.06 53.48 -8.69
C GLY F 133 15.49 54.18 -7.46
N ALA F 134 14.36 54.84 -7.62
CA ALA F 134 13.73 55.62 -6.55
C ALA F 134 12.27 55.93 -6.83
N SER F 135 11.36 55.18 -6.23
CA SER F 135 9.93 55.47 -6.42
C SER F 135 9.35 56.20 -5.23
N VAL F 136 8.63 57.27 -5.50
CA VAL F 136 7.94 58.00 -4.45
C VAL F 136 6.46 57.70 -4.50
N VAL F 137 5.99 56.83 -3.62
CA VAL F 137 4.62 56.38 -3.68
C VAL F 137 3.64 57.28 -2.90
N CYS F 138 2.46 57.48 -3.48
CA CYS F 138 1.41 58.22 -2.81
C CYS F 138 0.08 57.43 -2.82
N PHE F 139 -0.43 57.07 -1.64
CA PHE F 139 -1.74 56.37 -1.60
C PHE F 139 -2.87 57.33 -1.35
N LEU F 140 -3.82 57.28 -2.26
CA LEU F 140 -5.01 58.11 -2.16
C LEU F 140 -6.16 57.17 -1.86
N ASN F 141 -6.36 56.90 -0.57
CA ASN F 141 -7.26 55.84 -0.13
C ASN F 141 -8.67 56.28 0.26
N ASN F 142 -9.64 55.48 -0.20
CA ASN F 142 -11.05 55.54 0.19
C ASN F 142 -11.79 56.84 -0.07
N PHE F 143 -11.91 57.21 -1.33
CA PHE F 143 -12.62 58.42 -1.72
C PHE F 143 -13.76 58.15 -2.68
N TYR F 144 -14.61 59.15 -2.89
CA TYR F 144 -15.71 59.04 -3.83
C TYR F 144 -16.18 60.46 -4.15
N PRO F 145 -16.54 60.71 -5.42
CA PRO F 145 -16.44 59.81 -6.60
C PRO F 145 -15.00 59.47 -7.07
N LYS F 146 -14.92 58.78 -8.20
CA LYS F 146 -13.67 58.21 -8.72
C LYS F 146 -12.77 59.24 -9.41
N ASP F 147 -13.39 60.32 -9.86
CA ASP F 147 -12.68 61.37 -10.57
C ASP F 147 -11.84 62.14 -9.60
N ILE F 148 -10.53 62.02 -9.74
CA ILE F 148 -9.63 62.73 -8.87
C ILE F 148 -8.43 63.18 -9.68
N ASN F 149 -7.74 64.19 -9.16
CA ASN F 149 -6.58 64.74 -9.82
C ASN F 149 -5.38 64.69 -8.90
N VAL F 150 -4.32 64.03 -9.35
CA VAL F 150 -3.07 64.05 -8.61
C VAL F 150 -2.02 64.82 -9.41
N LYS F 151 -1.16 65.50 -8.69
CA LYS F 151 -0.10 66.29 -9.25
C LYS F 151 1.12 66.09 -8.37
N TRP F 152 2.29 65.95 -8.98
CA TRP F 152 3.50 65.81 -8.21
C TRP F 152 4.28 67.10 -8.25
N LYS F 153 4.98 67.40 -7.16
CA LYS F 153 5.72 68.65 -7.06
C LYS F 153 7.10 68.48 -6.42
N ILE F 154 8.14 68.64 -7.25
CA ILE F 154 9.50 68.56 -6.76
C ILE F 154 10.09 69.95 -6.68
N ASP F 155 10.09 70.49 -5.47
CA ASP F 155 10.59 71.84 -5.19
C ASP F 155 9.76 72.88 -5.92
N GLY F 156 8.46 72.90 -5.65
CA GLY F 156 7.56 73.87 -6.23
C GLY F 156 7.24 73.54 -7.68
N SER F 157 8.28 73.11 -8.39
CA SER F 157 8.18 72.59 -9.75
C SER F 157 7.21 71.38 -9.93
N GLU F 158 6.30 71.47 -10.90
CA GLU F 158 5.40 70.36 -11.21
C GLU F 158 6.09 69.32 -12.08
N ARG F 159 5.90 68.05 -11.74
CA ARG F 159 6.60 66.96 -12.42
C ARG F 159 5.60 66.03 -13.09
N GLN F 160 5.71 65.88 -14.41
CA GLN F 160 4.74 65.07 -15.15
C GLN F 160 5.31 63.76 -15.69
N ASN F 161 6.59 63.76 -16.05
CA ASN F 161 7.25 62.54 -16.50
C ASN F 161 7.47 61.62 -15.32
N GLY F 162 7.23 60.32 -15.53
CA GLY F 162 7.54 59.33 -14.51
C GLY F 162 6.41 58.97 -13.58
N VAL F 163 5.27 59.63 -13.76
CA VAL F 163 4.11 59.40 -12.92
C VAL F 163 3.24 58.28 -13.50
N LEU F 164 3.15 57.16 -12.80
CA LEU F 164 2.19 56.12 -13.14
C LEU F 164 1.08 56.05 -12.08
N ASN F 165 -0.17 55.96 -12.54
CA ASN F 165 -1.33 55.88 -11.65
C ASN F 165 -2.16 54.60 -11.79
N SER F 166 -2.86 54.25 -10.73
CA SER F 166 -3.65 53.06 -10.75
C SER F 166 -4.80 53.17 -9.77
N TRP F 167 -6.03 52.93 -10.24
CA TRP F 167 -7.21 52.86 -9.36
C TRP F 167 -7.60 51.43 -9.06
N THR F 168 -8.05 51.18 -7.84
CA THR F 168 -8.73 49.93 -7.48
C THR F 168 -10.16 49.89 -8.00
N ASP F 169 -10.79 48.74 -7.86
CA ASP F 169 -12.18 48.67 -8.24
C ASP F 169 -12.97 49.10 -7.02
N GLN F 170 -14.22 49.52 -7.22
CA GLN F 170 -15.05 49.98 -6.10
C GLN F 170 -15.04 49.00 -4.95
N ASP F 171 -15.04 49.50 -3.71
CA ASP F 171 -14.94 48.66 -2.52
C ASP F 171 -16.30 48.05 -2.12
N SER F 172 -16.28 46.77 -1.76
CA SER F 172 -17.51 46.01 -1.61
C SER F 172 -18.26 46.40 -0.37
N LYS F 173 -17.56 47.00 0.58
CA LYS F 173 -18.18 47.36 1.84
C LYS F 173 -18.59 48.84 1.86
N ASP F 174 -17.62 49.75 1.73
CA ASP F 174 -17.89 51.18 1.93
C ASP F 174 -18.09 51.98 0.63
N SER F 175 -18.12 51.26 -0.48
CA SER F 175 -18.34 51.82 -1.82
C SER F 175 -17.38 52.93 -2.25
N THR F 176 -16.20 53.01 -1.65
CA THR F 176 -15.20 53.95 -2.14
C THR F 176 -14.23 53.37 -3.17
N TYR F 177 -13.47 54.27 -3.78
CA TYR F 177 -12.31 53.92 -4.59
C TYR F 177 -11.04 54.32 -3.86
N SER F 178 -9.93 53.73 -4.27
CA SER F 178 -8.60 54.15 -3.83
C SER F 178 -7.70 54.24 -5.06
N MET F 179 -6.61 54.98 -4.96
CA MET F 179 -5.68 55.03 -6.06
C MET F 179 -4.27 55.15 -5.54
N SER F 180 -3.32 54.77 -6.40
CA SER F 180 -1.91 54.82 -6.09
C SER F 180 -1.19 55.58 -7.18
N SER F 181 -0.30 56.47 -6.75
CA SER F 181 0.43 57.35 -7.64
C SER F 181 1.92 57.18 -7.38
N THR F 182 2.62 56.52 -8.31
CA THR F 182 4.03 56.24 -8.12
C THR F 182 4.90 57.01 -9.11
N LEU F 183 5.65 57.97 -8.58
CA LEU F 183 6.64 58.73 -9.37
C LEU F 183 8.00 58.10 -9.24
N THR F 184 8.51 57.56 -10.34
CA THR F 184 9.77 56.84 -10.32
C THR F 184 10.84 57.70 -10.92
N LEU F 185 11.91 57.89 -10.15
CA LEU F 185 13.03 58.71 -10.56
C LEU F 185 14.27 57.85 -10.51
N THR F 186 15.39 58.37 -11.00
CA THR F 186 16.65 57.71 -10.75
C THR F 186 17.10 58.15 -9.37
N LYS F 187 17.93 57.34 -8.72
CA LYS F 187 18.43 57.70 -7.42
C LYS F 187 19.20 59.01 -7.52
N ASP F 188 19.94 59.18 -8.62
CA ASP F 188 20.67 60.42 -8.87
C ASP F 188 19.72 61.61 -8.92
N GLU F 189 18.65 61.47 -9.70
CA GLU F 189 17.60 62.48 -9.77
C GLU F 189 16.95 62.72 -8.41
N TYR F 190 16.61 61.65 -7.70
CA TYR F 190 15.91 61.78 -6.42
C TYR F 190 16.78 62.51 -5.40
N GLU F 191 18.08 62.23 -5.40
CA GLU F 191 19.01 62.87 -4.47
C GLU F 191 19.52 64.19 -5.03
N ARG F 192 18.88 64.64 -6.11
CA ARG F 192 19.20 65.93 -6.72
C ARG F 192 18.32 67.03 -6.13
N HIS F 193 17.16 66.64 -5.62
CA HIS F 193 16.24 67.59 -5.02
C HIS F 193 15.91 67.20 -3.58
N ASN F 194 15.11 68.00 -2.89
CA ASN F 194 14.91 67.78 -1.47
C ASN F 194 13.45 67.59 -1.06
N SER F 195 12.57 68.40 -1.65
CA SER F 195 11.17 68.44 -1.24
C SER F 195 10.26 67.80 -2.26
N TYR F 196 9.50 66.80 -1.80
CA TYR F 196 8.58 66.10 -2.67
C TYR F 196 7.16 66.27 -2.14
N THR F 197 6.26 66.63 -3.04
CA THR F 197 4.87 66.90 -2.68
C THR F 197 3.94 66.10 -3.58
N CYS F 198 2.93 65.51 -2.94
CA CYS F 198 1.87 64.80 -3.63
C CYS F 198 0.57 65.55 -3.32
N GLU F 199 -0.08 66.10 -4.33
CA GLU F 199 -1.24 66.93 -4.06
C GLU F 199 -2.47 66.44 -4.85
N ALA F 200 -3.55 66.20 -4.11
CA ALA F 200 -4.76 65.62 -4.67
C ALA F 200 -5.92 66.63 -4.63
N THR F 201 -6.57 66.83 -5.77
CA THR F 201 -7.73 67.72 -5.75
C THR F 201 -8.94 66.99 -6.28
N HIS F 202 -10.07 67.30 -5.65
CA HIS F 202 -11.25 66.45 -5.67
C HIS F 202 -12.43 67.36 -5.40
N LYS F 203 -13.62 66.98 -5.87
CA LYS F 203 -14.77 67.86 -5.71
C LYS F 203 -15.11 68.07 -4.23
N THR F 204 -14.66 67.14 -3.38
CA THR F 204 -14.85 67.26 -1.94
C THR F 204 -14.35 68.60 -1.40
N SER F 205 -13.26 69.10 -1.93
CA SER F 205 -12.78 70.38 -1.43
C SER F 205 -12.17 71.29 -2.48
N THR F 206 -12.55 72.55 -2.33
CA THR F 206 -11.79 73.71 -2.73
C THR F 206 -10.28 73.47 -2.77
N SER F 207 -9.70 73.23 -1.60
CA SER F 207 -8.25 73.12 -1.49
C SER F 207 -7.70 71.70 -1.63
N PRO F 208 -6.50 71.58 -2.25
CA PRO F 208 -5.93 70.24 -2.42
C PRO F 208 -5.39 69.67 -1.10
N ILE F 209 -5.44 68.35 -1.00
CA ILE F 209 -4.83 67.65 0.11
C ILE F 209 -3.37 67.42 -0.24
N VAL F 210 -2.46 68.17 0.38
CA VAL F 210 -1.06 68.01 0.04
C VAL F 210 -0.34 67.19 1.12
N LYS F 211 0.55 66.30 0.69
CA LYS F 211 1.35 65.50 1.60
C LYS F 211 2.82 65.50 1.18
N SER F 212 3.72 65.76 2.12
CA SER F 212 5.11 66.05 1.77
C SER F 212 6.15 65.42 2.68
N PHE F 213 7.38 65.39 2.18
CA PHE F 213 8.54 65.05 2.98
C PHE F 213 9.79 65.68 2.36
N ASN F 214 10.72 66.09 3.23
CA ASN F 214 12.03 66.51 2.79
C ASN F 214 12.97 65.33 2.82
N ARG F 215 13.78 65.18 1.78
CA ARG F 215 14.74 64.08 1.72
C ARG F 215 15.79 64.20 2.84
N ASN F 216 15.83 65.37 3.48
CA ASN F 216 16.70 65.60 4.63
C ASN F 216 15.89 65.99 5.86
N GLU G 1 51.43 -3.23 16.41
CA GLU G 1 50.66 -2.03 16.68
C GLU G 1 50.18 -1.98 18.14
N VAL G 2 50.20 -3.13 18.79
CA VAL G 2 49.97 -3.17 20.22
C VAL G 2 51.24 -2.76 20.95
N GLN G 3 51.15 -1.71 21.78
CA GLN G 3 52.30 -1.28 22.58
C GLN G 3 51.95 -1.05 24.04
N LEU G 4 52.75 -1.63 24.91
CA LEU G 4 52.67 -1.37 26.32
C LEU G 4 53.82 -0.44 26.70
N GLN G 5 53.52 0.82 26.95
CA GLN G 5 54.54 1.81 27.32
C GLN G 5 54.59 2.05 28.85
N GLN G 6 55.75 1.86 29.47
CA GLN G 6 55.89 1.97 30.93
C GLN G 6 56.53 3.29 31.39
N SER G 7 56.25 3.66 32.64
CA SER G 7 56.87 4.83 33.28
C SER G 7 58.38 4.66 33.26
N GLY G 8 59.09 5.76 33.39
CA GLY G 8 60.53 5.71 33.30
C GLY G 8 61.10 5.20 34.59
N PRO G 9 62.42 5.09 34.65
CA PRO G 9 63.13 4.65 35.87
C PRO G 9 62.80 5.53 37.09
N GLU G 10 62.60 4.88 38.23
CA GLU G 10 62.17 5.55 39.45
C GLU G 10 63.18 5.33 40.56
N LEU G 11 63.64 6.41 41.18
CA LEU G 11 64.39 6.31 42.45
C LEU G 11 63.53 6.82 43.62
N VAL G 12 63.40 6.00 44.67
CA VAL G 12 62.51 6.31 45.79
C VAL G 12 63.07 5.90 47.15
N LYS G 13 62.89 6.76 48.15
CA LYS G 13 63.42 6.53 49.50
C LYS G 13 62.77 5.33 50.17
N PRO G 14 63.50 4.68 51.08
CA PRO G 14 62.87 3.59 51.82
C PRO G 14 61.61 4.09 52.51
N GLY G 15 60.58 3.24 52.57
CA GLY G 15 59.38 3.54 53.32
C GLY G 15 58.31 4.27 52.54
N ALA G 16 58.72 4.94 51.46
CA ALA G 16 57.78 5.67 50.63
C ALA G 16 56.91 4.73 49.75
N SER G 17 55.89 5.30 49.12
CA SER G 17 55.14 4.58 48.10
C SER G 17 55.56 5.10 46.73
N MET G 18 54.99 4.52 45.68
CA MET G 18 55.32 4.88 44.31
C MET G 18 54.39 4.14 43.36
N LYS G 19 54.01 4.84 42.31
CA LYS G 19 53.11 4.28 41.35
C LYS G 19 53.79 4.20 39.98
N ILE G 20 53.74 3.03 39.37
CA ILE G 20 54.24 2.82 38.03
C ILE G 20 53.08 2.84 37.06
N SER G 21 53.23 3.48 35.91
CA SER G 21 52.19 3.43 34.90
C SER G 21 52.56 2.54 33.70
N CYS G 22 51.53 2.00 33.04
CA CYS G 22 51.69 1.25 31.80
C CYS G 22 50.59 1.69 30.84
N LYS G 23 50.95 2.38 29.78
CA LYS G 23 49.94 2.78 28.82
C LYS G 23 49.87 1.78 27.67
N ALA G 24 48.66 1.24 27.48
CA ALA G 24 48.40 0.27 26.43
C ALA G 24 47.70 0.98 25.29
N SER G 25 48.11 0.67 24.07
CA SER G 25 47.40 1.19 22.91
C SER G 25 47.40 0.13 21.82
N GLY G 26 46.56 0.33 20.81
CA GLY G 26 46.48 -0.61 19.70
C GLY G 26 45.60 -1.84 19.89
N TYR G 27 44.75 -1.83 20.93
CA TYR G 27 43.79 -2.89 21.18
C TYR G 27 42.70 -2.50 22.17
N SER G 28 41.67 -3.33 22.30
CA SER G 28 40.59 -3.04 23.24
C SER G 28 41.07 -3.23 24.68
N PHE G 29 41.21 -2.13 25.42
CA PHE G 29 41.86 -2.16 26.72
C PHE G 29 41.17 -3.06 27.75
N THR G 30 39.83 -3.07 27.79
CA THR G 30 39.14 -3.90 28.80
C THR G 30 38.92 -5.35 28.33
N GLY G 31 39.47 -5.69 27.18
CA GLY G 31 39.33 -7.03 26.68
C GLY G 31 40.27 -8.04 27.33
N TYR G 32 41.36 -7.57 27.92
CA TYR G 32 42.38 -8.52 28.41
C TYR G 32 42.93 -8.11 29.78
N SER G 33 43.18 -9.10 30.63
CA SER G 33 43.86 -8.90 31.91
C SER G 33 45.21 -8.24 31.72
N MET G 34 45.54 -7.27 32.57
CA MET G 34 46.92 -6.80 32.63
C MET G 34 47.65 -7.42 33.84
N ASN G 35 48.79 -8.06 33.56
CA ASN G 35 49.63 -8.70 34.55
C ASN G 35 50.89 -7.89 34.89
N TRP G 36 51.33 -8.00 36.14
CA TRP G 36 52.58 -7.39 36.50
C TRP G 36 53.54 -8.48 36.87
N VAL G 37 54.82 -8.24 36.64
CA VAL G 37 55.85 -9.22 36.84
C VAL G 37 57.03 -8.50 37.46
N LYS G 38 57.65 -9.13 38.44
CA LYS G 38 58.81 -8.53 39.07
C LYS G 38 60.04 -9.30 38.63
N GLN G 39 61.07 -8.58 38.23
CA GLN G 39 62.37 -9.23 38.09
C GLN G 39 63.43 -8.51 38.87
N SER G 40 64.02 -9.19 39.84
CA SER G 40 65.15 -8.61 40.59
C SER G 40 66.45 -8.89 39.84
N HIS G 41 67.42 -7.99 39.96
CA HIS G 41 68.71 -8.20 39.30
C HIS G 41 69.35 -9.51 39.80
N GLY G 42 69.71 -10.39 38.87
CA GLY G 42 70.02 -11.77 39.20
C GLY G 42 68.77 -12.53 38.86
N LYS G 43 68.57 -12.67 37.56
CA LYS G 43 67.24 -12.66 36.97
C LYS G 43 66.37 -13.89 37.21
N ASN G 44 65.48 -13.78 38.19
CA ASN G 44 64.38 -14.72 38.30
C ASN G 44 63.10 -13.93 38.02
N LEU G 45 62.09 -14.57 37.47
CA LEU G 45 60.81 -13.88 37.17
C LEU G 45 59.72 -14.26 38.17
N GLU G 46 58.93 -13.28 38.59
CA GLU G 46 57.93 -13.51 39.63
C GLU G 46 56.60 -12.81 39.31
N TRP G 47 55.50 -13.57 39.34
CA TRP G 47 54.18 -13.03 39.02
C TRP G 47 53.59 -12.26 40.20
N ILE G 48 53.45 -10.96 40.04
CA ILE G 48 52.93 -10.14 41.11
C ILE G 48 51.42 -10.30 41.22
N GLY G 49 50.74 -10.21 40.09
CA GLY G 49 49.29 -10.26 40.09
C GLY G 49 48.74 -9.72 38.80
N LEU G 50 47.41 -9.70 38.69
CA LEU G 50 46.75 -9.13 37.52
C LEU G 50 45.47 -8.37 37.87
N ILE G 51 45.06 -7.46 37.00
CA ILE G 51 43.78 -6.79 37.11
C ILE G 51 42.90 -6.98 35.86
N ASN G 52 41.60 -7.21 36.07
CA ASN G 52 40.62 -7.17 34.99
C ASN G 52 40.23 -5.72 34.72
N PRO G 53 40.70 -5.16 33.58
CA PRO G 53 40.49 -3.72 33.39
C PRO G 53 39.04 -3.38 33.15
N TYR G 54 38.20 -4.39 32.98
CA TYR G 54 36.79 -4.18 32.70
C TYR G 54 36.04 -3.77 33.95
N ASN G 55 36.38 -4.40 35.07
CA ASN G 55 35.63 -4.19 36.31
C ASN G 55 36.53 -3.89 37.52
N GLY G 56 37.83 -3.73 37.28
CA GLY G 56 38.77 -3.36 38.33
C GLY G 56 39.15 -4.49 39.26
N ASP G 57 38.62 -5.68 38.99
CA ASP G 57 38.88 -6.90 39.76
C ASP G 57 40.36 -7.22 39.75
N THR G 58 40.87 -7.71 40.87
CA THR G 58 42.27 -8.04 40.99
C THR G 58 42.54 -9.47 41.48
N THR G 59 43.72 -9.97 41.17
CA THR G 59 44.22 -11.21 41.76
C THR G 59 45.67 -10.99 42.08
N TYR G 60 46.13 -11.54 43.20
CA TYR G 60 47.49 -11.29 43.65
C TYR G 60 48.22 -12.59 44.00
N LYS G 61 49.52 -12.62 43.74
CA LYS G 61 50.34 -13.65 44.37
C LYS G 61 50.35 -13.34 45.87
N GLN G 62 50.31 -14.38 46.69
CA GLN G 62 50.13 -14.23 48.13
C GLN G 62 51.03 -13.19 48.79
N LYS G 63 52.34 -13.31 48.60
CA LYS G 63 53.27 -12.39 49.23
C LYS G 63 53.02 -10.91 48.87
N PHE G 64 52.39 -10.64 47.74
CA PHE G 64 52.26 -9.26 47.26
C PHE G 64 50.97 -8.56 47.72
N LYS G 65 50.08 -9.30 48.38
CA LYS G 65 48.92 -8.69 49.03
C LYS G 65 49.38 -7.73 50.13
N GLY G 66 49.00 -6.46 50.01
CA GLY G 66 49.42 -5.43 50.94
C GLY G 66 50.64 -4.68 50.46
N LYS G 67 51.29 -5.18 49.41
CA LYS G 67 52.48 -4.52 48.91
C LYS G 67 52.21 -3.86 47.57
N ALA G 68 51.62 -4.62 46.65
CA ALA G 68 51.22 -4.05 45.36
C ALA G 68 49.72 -3.80 45.35
N THR G 69 49.30 -2.68 44.79
CA THR G 69 47.88 -2.46 44.55
C THR G 69 47.68 -2.02 43.10
N LEU G 70 46.92 -2.83 42.37
CA LEU G 70 46.75 -2.67 40.93
C LEU G 70 45.46 -1.95 40.61
N THR G 71 45.55 -0.94 39.76
CA THR G 71 44.38 -0.19 39.34
C THR G 71 44.41 -0.02 37.82
N VAL G 72 43.31 0.49 37.26
CA VAL G 72 43.26 0.92 35.85
C VAL G 72 42.51 2.22 35.70
N ASP G 73 42.86 3.01 34.69
CA ASP G 73 41.97 4.07 34.22
C ASP G 73 41.64 3.83 32.76
N ARG G 74 40.36 3.56 32.48
CA ARG G 74 39.93 3.21 31.14
C ARG G 74 39.97 4.39 30.19
N SER G 75 39.69 5.59 30.69
CA SER G 75 39.72 6.80 29.87
C SER G 75 41.12 7.24 29.44
N SER G 76 42.13 6.47 29.81
CA SER G 76 43.49 6.72 29.31
C SER G 76 44.17 5.42 28.89
N SER G 77 43.44 4.31 29.02
CA SER G 77 43.95 2.97 28.76
C SER G 77 45.26 2.70 29.49
N THR G 78 45.30 3.02 30.77
CA THR G 78 46.52 2.83 31.57
C THR G 78 46.31 1.88 32.73
N ALA G 79 47.29 1.02 32.95
CA ALA G 79 47.36 0.16 34.11
C ALA G 79 48.30 0.78 35.15
N TYR G 80 47.94 0.72 36.43
CA TYR G 80 48.85 1.23 37.47
C TYR G 80 49.19 0.16 38.48
N MET G 81 50.41 0.26 38.99
CA MET G 81 50.80 -0.54 40.13
C MET G 81 51.44 0.37 41.16
N GLU G 82 50.90 0.34 42.37
CA GLU G 82 51.49 1.07 43.49
C GLU G 82 52.16 0.09 44.43
N LEU G 83 53.44 0.34 44.69
CA LEU G 83 54.13 -0.45 45.72
C LEU G 83 54.16 0.38 47.01
N LEU G 84 53.82 -0.25 48.12
CA LEU G 84 53.79 0.44 49.39
C LEU G 84 54.93 -0.03 50.31
N ARG G 85 55.29 0.82 51.27
CA ARG G 85 56.35 0.57 52.27
C ARG G 85 57.62 0.03 51.66
N LEU G 86 58.04 0.65 50.56
CA LEU G 86 59.20 0.23 49.78
C LEU G 86 60.46 0.01 50.62
N THR G 87 61.12 -1.11 50.35
CA THR G 87 62.39 -1.44 50.96
C THR G 87 63.38 -1.69 49.82
N SER G 88 64.65 -1.89 50.14
CA SER G 88 65.62 -2.32 49.13
C SER G 88 65.19 -3.60 48.40
N GLU G 89 64.41 -4.43 49.07
CA GLU G 89 63.95 -5.69 48.52
C GLU G 89 63.04 -5.51 47.29
N ASP G 90 62.51 -4.31 47.15
CA ASP G 90 61.63 -3.97 46.05
C ASP G 90 62.45 -3.31 44.94
N SER G 91 63.77 -3.27 45.10
CA SER G 91 64.60 -2.76 44.03
C SER G 91 64.73 -3.83 42.97
N ALA G 92 64.25 -3.51 41.77
CA ALA G 92 64.10 -4.53 40.73
C ALA G 92 63.56 -3.88 39.46
N VAL G 93 63.42 -4.71 38.42
CA VAL G 93 62.72 -4.30 37.21
C VAL G 93 61.27 -4.83 37.23
N TYR G 94 60.30 -3.96 36.95
CA TYR G 94 58.89 -4.37 36.90
C TYR G 94 58.27 -4.25 35.49
N TYR G 95 57.67 -5.34 35.03
CA TYR G 95 57.01 -5.38 33.74
C TYR G 95 55.48 -5.43 33.86
N CYS G 96 54.78 -4.75 32.97
CA CYS G 96 53.41 -5.15 32.69
C CYS G 96 53.40 -6.08 31.47
N ALA G 97 52.44 -6.97 31.43
CA ALA G 97 52.33 -7.95 30.35
C ALA G 97 50.85 -8.29 30.12
N ARG G 98 50.41 -8.20 28.87
CA ARG G 98 49.01 -8.47 28.53
C ARG G 98 48.74 -9.96 28.37
N SER G 99 47.65 -10.43 28.96
CA SER G 99 47.14 -11.76 28.68
C SER G 99 46.84 -11.84 27.19
N GLY G 100 46.90 -13.05 26.63
CA GLY G 100 46.48 -13.23 25.26
C GLY G 100 45.10 -13.85 25.11
N ARG G 101 44.65 -13.99 23.88
CA ARG G 101 43.40 -14.71 23.61
C ARG G 101 43.77 -16.18 23.44
N GLY G 102 42.83 -17.07 23.73
CA GLY G 102 43.10 -18.48 23.53
C GLY G 102 42.92 -19.39 24.71
N ALA G 103 43.18 -18.90 25.91
CA ALA G 103 43.05 -19.76 27.09
C ALA G 103 41.59 -19.87 27.59
N PRO G 104 41.28 -20.99 28.26
CA PRO G 104 39.94 -21.27 28.80
C PRO G 104 39.52 -20.41 29.96
N THR G 105 40.48 -19.92 30.76
CA THR G 105 40.15 -19.04 31.89
C THR G 105 41.17 -17.90 32.05
N THR G 106 40.75 -16.83 32.74
CA THR G 106 41.63 -15.68 32.94
C THR G 106 42.95 -16.10 33.64
N THR G 107 42.84 -17.10 34.49
CA THR G 107 43.96 -17.74 35.18
C THR G 107 44.98 -18.38 34.22
N THR G 108 44.50 -18.91 33.09
CA THR G 108 45.31 -19.73 32.19
C THR G 108 45.90 -18.96 31.02
N ALA G 109 45.64 -17.65 31.00
CA ALA G 109 46.17 -16.83 29.94
C ALA G 109 47.72 -16.76 30.02
N TRP G 110 48.38 -16.70 28.86
CA TRP G 110 49.82 -16.49 28.80
C TRP G 110 50.12 -15.03 28.38
N PHE G 111 51.39 -14.64 28.46
CA PHE G 111 51.76 -13.25 28.26
C PHE G 111 52.33 -13.02 26.88
N THR G 112 51.49 -12.54 25.97
CA THR G 112 51.90 -12.30 24.59
C THR G 112 52.48 -10.90 24.29
N TYR G 113 52.36 -9.97 25.23
CA TYR G 113 52.72 -8.56 25.01
C TYR G 113 53.30 -7.92 26.25
N TRP G 114 54.53 -7.44 26.17
CA TRP G 114 55.21 -6.91 27.35
C TRP G 114 55.64 -5.45 27.25
N GLY G 115 55.65 -4.77 28.39
CA GLY G 115 56.21 -3.42 28.47
C GLY G 115 57.73 -3.49 28.50
N GLN G 116 58.39 -2.35 28.33
CA GLN G 116 59.86 -2.33 28.27
C GLN G 116 60.49 -2.45 29.66
N GLY G 117 59.65 -2.44 30.70
CA GLY G 117 60.13 -2.59 32.06
C GLY G 117 60.32 -1.23 32.67
N THR G 118 60.14 -1.16 33.99
CA THR G 118 60.49 0.03 34.78
C THR G 118 61.49 -0.41 35.84
N LEU G 119 62.63 0.28 35.91
CA LEU G 119 63.65 -0.01 36.91
C LEU G 119 63.37 0.72 38.22
N VAL G 120 63.34 -0.02 39.32
CA VAL G 120 63.02 0.63 40.57
C VAL G 120 64.19 0.53 41.53
N THR G 121 64.69 1.69 41.91
CA THR G 121 65.79 1.77 42.85
C THR G 121 65.27 2.32 44.15
N VAL G 122 65.48 1.57 45.22
CA VAL G 122 65.05 2.00 46.53
C VAL G 122 66.26 2.39 47.33
N SER G 123 66.45 3.69 47.51
CA SER G 123 67.63 4.19 48.20
C SER G 123 67.39 5.48 48.96
N ALA G 124 68.24 5.70 49.97
CA ALA G 124 68.34 6.99 50.65
C ALA G 124 69.19 7.96 49.84
N ALA G 125 70.13 7.40 49.07
CA ALA G 125 71.13 8.20 48.38
C ALA G 125 70.54 9.21 47.41
N LYS G 126 71.32 10.25 47.18
CA LYS G 126 70.90 11.37 46.37
C LYS G 126 71.21 11.07 44.91
N THR G 127 70.48 11.72 44.02
CA THR G 127 70.72 11.65 42.58
C THR G 127 71.98 12.44 42.24
N THR G 128 72.83 11.85 41.41
CA THR G 128 74.12 12.44 41.07
C THR G 128 74.39 12.25 39.62
N PRO G 129 74.57 13.34 38.87
CA PRO G 129 74.82 13.27 37.43
C PRO G 129 76.23 12.75 37.14
N PRO G 130 76.41 12.01 36.04
CA PRO G 130 77.72 11.44 35.70
C PRO G 130 78.78 12.50 35.31
N SER G 131 80.04 12.08 35.33
CA SER G 131 81.09 12.79 34.61
C SER G 131 81.44 11.90 33.43
N VAL G 132 81.50 12.48 32.24
CA VAL G 132 81.89 11.72 31.06
C VAL G 132 83.30 12.07 30.63
N TYR G 133 84.19 11.10 30.65
CA TYR G 133 85.59 11.31 30.29
C TYR G 133 85.99 10.56 29.02
N PRO G 134 86.75 11.23 28.15
CA PRO G 134 87.32 10.65 26.94
C PRO G 134 88.38 9.56 27.21
N LEU G 135 88.18 8.39 26.63
CA LEU G 135 89.22 7.37 26.58
C LEU G 135 89.83 7.40 25.19
N ALA G 136 90.86 8.21 25.04
CA ALA G 136 91.48 8.41 23.74
C ALA G 136 92.85 7.76 23.70
N PRO G 137 93.09 6.96 22.65
CA PRO G 137 94.35 6.25 22.44
C PRO G 137 95.43 7.20 21.93
N GLY G 138 96.66 6.72 21.79
CA GLY G 138 97.79 7.55 21.38
C GLY G 138 98.10 7.49 19.89
N SER G 139 99.14 6.73 19.52
CA SER G 139 99.51 6.55 18.12
C SER G 139 99.83 5.08 17.83
N SER G 145 94.62 -1.40 10.23
CA SER G 145 94.34 -1.67 11.63
C SER G 145 93.12 -0.85 12.05
N MET G 146 92.42 -1.33 13.06
CA MET G 146 91.27 -0.61 13.58
C MET G 146 91.61 -0.10 14.96
N VAL G 147 90.97 1.00 15.38
CA VAL G 147 91.30 1.61 16.65
C VAL G 147 90.10 1.59 17.59
N THR G 148 90.39 1.31 18.86
CA THR G 148 89.37 1.24 19.90
C THR G 148 89.34 2.50 20.76
N LEU G 149 88.17 3.12 20.83
CA LEU G 149 87.97 4.35 21.58
C LEU G 149 86.99 4.06 22.68
N GLY G 150 86.78 5.03 23.57
CA GLY G 150 85.86 4.82 24.66
C GLY G 150 85.45 6.09 25.39
N CYS G 151 84.38 6.00 26.16
CA CYS G 151 84.09 7.06 27.11
C CYS G 151 83.74 6.42 28.46
N LEU G 152 84.15 7.10 29.53
CA LEU G 152 84.02 6.60 30.89
C LEU G 152 82.91 7.36 31.62
N VAL G 153 81.93 6.65 32.17
CA VAL G 153 80.80 7.35 32.75
C VAL G 153 80.89 7.16 34.25
N LYS G 154 81.56 8.12 34.91
CA LYS G 154 81.91 7.96 36.33
C LYS G 154 81.02 8.73 37.28
N GLY G 155 80.74 8.12 38.43
CA GLY G 155 80.17 8.82 39.57
C GLY G 155 78.74 9.29 39.48
N TYR G 156 77.83 8.37 39.16
CA TYR G 156 76.45 8.78 39.01
C TYR G 156 75.55 7.95 39.88
N PHE G 157 74.38 8.52 40.14
CA PHE G 157 73.35 7.84 40.89
C PHE G 157 72.00 8.42 40.55
N PRO G 158 70.98 7.57 40.36
CA PRO G 158 71.04 6.10 40.36
C PRO G 158 71.21 5.51 38.96
N GLU G 159 71.09 4.19 38.83
CA GLU G 159 70.92 3.56 37.53
C GLU G 159 69.57 4.02 36.97
N PRO G 160 69.43 4.02 35.63
CA PRO G 160 70.40 3.62 34.61
C PRO G 160 70.98 4.79 33.82
N VAL G 161 72.10 4.58 33.14
CA VAL G 161 72.53 5.49 32.07
C VAL G 161 72.43 4.79 30.72
N THR G 162 72.31 5.58 29.66
CA THR G 162 72.29 5.04 28.31
C THR G 162 73.39 5.69 27.49
N VAL G 163 74.23 4.86 26.89
CA VAL G 163 75.35 5.35 26.10
C VAL G 163 75.12 5.04 24.62
N THR G 164 75.32 6.05 23.77
CA THR G 164 75.26 5.83 22.34
C THR G 164 76.48 6.41 21.67
N TRP G 165 76.77 5.94 20.47
CA TRP G 165 77.86 6.49 19.68
C TRP G 165 77.35 7.06 18.36
N ASN G 166 77.77 8.30 18.05
CA ASN G 166 77.24 9.07 16.92
C ASN G 166 75.72 8.97 16.77
N SER G 167 75.02 9.02 17.90
CA SER G 167 73.56 9.03 17.93
C SER G 167 72.96 7.80 17.25
N GLY G 168 73.46 6.61 17.60
CA GLY G 168 72.94 5.37 17.04
C GLY G 168 73.64 4.86 15.79
N SER G 169 74.23 5.77 15.02
CA SER G 169 74.99 5.42 13.81
C SER G 169 76.04 4.34 14.06
N LEU G 170 76.87 4.51 15.09
CA LEU G 170 77.86 3.49 15.43
C LEU G 170 77.29 2.46 16.39
N SER G 171 76.95 1.30 15.84
CA SER G 171 76.37 0.21 16.62
C SER G 171 77.25 -1.05 16.53
N SER G 172 77.89 -1.25 15.39
CA SER G 172 78.92 -2.27 15.32
C SER G 172 80.09 -1.80 16.14
N GLY G 173 80.82 -2.75 16.72
CA GLY G 173 82.04 -2.48 17.45
C GLY G 173 81.83 -1.88 18.84
N VAL G 174 80.57 -1.74 19.25
CA VAL G 174 80.24 -1.16 20.54
C VAL G 174 80.10 -2.20 21.65
N HIS G 175 80.83 -1.97 22.73
CA HIS G 175 80.68 -2.71 23.98
C HIS G 175 80.36 -1.69 25.07
N THR G 176 79.19 -1.83 25.71
CA THR G 176 78.88 -1.05 26.90
C THR G 176 78.84 -1.94 28.12
N PHE G 177 79.75 -1.68 29.04
CA PHE G 177 79.92 -2.55 30.20
C PHE G 177 78.94 -2.18 31.29
N PRO G 178 78.56 -3.16 32.10
CA PRO G 178 77.59 -2.86 33.17
C PRO G 178 78.30 -2.06 34.27
N ALA G 179 77.62 -1.06 34.81
CA ALA G 179 78.24 -0.19 35.80
C ALA G 179 78.69 -1.00 37.00
N VAL G 180 79.73 -0.54 37.69
CA VAL G 180 80.07 -1.09 38.99
C VAL G 180 79.73 -0.07 40.09
N LEU G 181 79.46 -0.59 41.29
CA LEU G 181 78.97 0.23 42.41
C LEU G 181 79.97 0.35 43.54
N GLN G 182 80.43 1.58 43.77
CA GLN G 182 81.51 1.83 44.73
C GLN G 182 81.27 3.12 45.50
N SER G 183 80.96 2.97 46.78
CA SER G 183 80.58 4.10 47.63
C SER G 183 79.38 4.87 47.05
N ASP G 184 78.30 4.15 46.82
CA ASP G 184 77.00 4.71 46.43
C ASP G 184 77.05 5.50 45.13
N LEU G 185 78.07 5.24 44.32
CA LEU G 185 78.18 5.84 43.00
C LEU G 185 78.43 4.79 41.93
N TYR G 186 77.83 4.99 40.76
CA TYR G 186 78.01 4.03 39.67
C TYR G 186 79.03 4.51 38.65
N THR G 187 79.76 3.54 38.07
CA THR G 187 80.71 3.82 36.98
C THR G 187 80.71 2.76 35.86
N LEU G 188 80.51 3.18 34.61
CA LEU G 188 80.69 2.27 33.49
C LEU G 188 81.50 2.89 32.37
N SER G 189 81.80 2.06 31.37
CA SER G 189 82.56 2.47 30.20
C SER G 189 81.83 2.01 28.94
N SER G 190 82.17 2.63 27.83
CA SER G 190 81.71 2.14 26.55
C SER G 190 82.87 2.21 25.62
N SER G 191 83.22 1.09 25.00
CA SER G 191 84.29 1.05 24.02
C SER G 191 83.66 0.92 22.66
N VAL G 192 84.25 1.59 21.68
CA VAL G 192 83.84 1.38 20.30
C VAL G 192 85.09 1.09 19.48
N THR G 193 84.99 0.15 18.56
CA THR G 193 86.13 -0.17 17.72
C THR G 193 85.83 0.18 16.27
N VAL G 194 86.56 1.17 15.75
CA VAL G 194 86.36 1.66 14.38
C VAL G 194 87.64 1.58 13.56
N PRO G 195 87.52 1.49 12.23
CA PRO G 195 88.67 1.50 11.32
C PRO G 195 89.55 2.74 11.50
N SER G 196 90.83 2.63 11.18
CA SER G 196 91.70 3.80 11.17
C SER G 196 91.22 4.76 10.07
N SER G 197 90.48 4.18 9.13
CA SER G 197 89.89 4.89 7.99
C SER G 197 88.98 6.06 8.37
N THR G 198 88.03 5.81 9.27
CA THR G 198 87.11 6.87 9.70
C THR G 198 87.78 7.91 10.58
N TRP G 199 88.54 7.44 11.56
CA TRP G 199 88.91 8.21 12.75
C TRP G 199 90.40 8.53 12.80
N PRO G 200 90.75 9.80 13.09
CA PRO G 200 89.85 10.90 13.43
C PRO G 200 89.41 11.74 12.23
N SER G 201 89.54 11.18 11.02
CA SER G 201 89.18 11.89 9.80
C SER G 201 87.72 12.34 9.84
N GLU G 202 86.89 11.42 10.33
CA GLU G 202 85.48 11.67 10.61
C GLU G 202 85.28 11.54 12.13
N THR G 203 84.35 12.31 12.69
CA THR G 203 84.24 12.37 14.15
C THR G 203 83.46 11.21 14.76
N VAL G 204 83.93 10.77 15.92
CA VAL G 204 83.24 9.79 16.73
C VAL G 204 82.84 10.42 18.06
N THR G 205 81.56 10.37 18.38
CA THR G 205 81.05 11.12 19.52
C THR G 205 80.18 10.28 20.46
N CYS G 206 80.44 10.46 21.74
CA CYS G 206 79.92 9.66 22.82
C CYS G 206 78.68 10.35 23.40
N ASN G 207 77.52 9.69 23.37
CA ASN G 207 76.28 10.32 23.86
C ASN G 207 75.77 9.69 25.13
N VAL G 208 75.88 10.38 26.26
CA VAL G 208 75.50 9.80 27.55
C VAL G 208 74.27 10.46 28.13
N ALA G 209 73.25 9.67 28.41
CA ALA G 209 72.02 10.18 29.00
C ALA G 209 71.85 9.58 30.39
N HIS G 210 71.58 10.44 31.37
CA HIS G 210 71.32 9.95 32.72
C HIS G 210 70.01 10.57 33.24
N PRO G 211 68.90 9.89 32.97
CA PRO G 211 67.53 10.39 33.17
C PRO G 211 67.27 10.98 34.54
N ALA G 212 67.83 10.37 35.58
CA ALA G 212 67.54 10.78 36.94
C ALA G 212 67.98 12.21 37.21
N SER G 213 69.01 12.65 36.50
CA SER G 213 69.50 14.02 36.63
C SER G 213 69.18 14.84 35.39
N SER G 214 68.37 14.27 34.50
CA SER G 214 68.10 14.85 33.18
C SER G 214 69.37 15.42 32.56
N THR G 215 70.43 14.62 32.54
CA THR G 215 71.69 15.00 31.91
C THR G 215 71.81 14.34 30.54
N LYS G 216 72.27 15.11 29.56
CA LYS G 216 72.55 14.57 28.23
C LYS G 216 73.86 15.18 27.70
N VAL G 217 74.96 14.45 27.88
CA VAL G 217 76.29 14.92 27.52
C VAL G 217 76.78 14.27 26.23
N ASP G 218 77.54 15.05 25.45
CA ASP G 218 78.19 14.56 24.23
C ASP G 218 79.69 14.87 24.25
N LYS G 219 80.52 13.82 24.24
CA LYS G 219 81.96 14.00 24.15
C LYS G 219 82.48 13.43 22.85
N LYS G 220 83.14 14.29 22.08
CA LYS G 220 83.88 13.89 20.88
C LYS G 220 85.23 13.33 21.31
N ILE G 221 85.57 12.14 20.81
CA ILE G 221 86.87 11.53 21.09
C ILE G 221 87.82 11.75 19.91
N VAL G 222 89.06 12.17 20.22
CA VAL G 222 90.10 12.51 19.25
C VAL G 222 91.43 12.03 19.85
N PRO G 223 92.45 11.67 19.02
CA PRO G 223 93.77 11.29 19.51
C PRO G 223 94.36 12.18 20.60
N ARG G 224 95.17 11.60 21.49
CA ARG G 224 95.91 12.35 22.52
C ARG G 224 97.25 11.68 22.88
N ASP G 225 98.31 12.50 22.91
CA ASP G 225 99.66 12.02 23.20
C ASP G 225 99.98 12.03 24.70
N ASP H 1 51.53 -23.48 45.31
CA ASP H 1 52.46 -22.91 44.33
C ASP H 1 53.24 -24.00 43.58
N ILE H 2 52.93 -24.15 42.31
CA ILE H 2 53.66 -25.10 41.48
C ILE H 2 55.10 -24.64 41.24
N VAL H 3 56.06 -25.51 41.55
CA VAL H 3 57.48 -25.20 41.42
C VAL H 3 58.08 -25.69 40.11
N LEU H 4 58.64 -24.78 39.32
CA LEU H 4 59.27 -25.15 38.04
C LEU H 4 60.77 -25.24 38.17
N THR H 5 61.30 -26.42 37.89
CA THR H 5 62.73 -26.66 37.95
C THR H 5 63.29 -26.88 36.54
N GLN H 6 64.09 -25.93 36.08
CA GLN H 6 64.71 -26.07 34.77
C GLN H 6 66.05 -26.78 34.87
N SER H 7 66.45 -27.47 33.83
CA SER H 7 67.80 -27.99 33.77
C SER H 7 68.30 -28.00 32.32
N PRO H 8 69.57 -27.69 32.14
CA PRO H 8 70.45 -27.18 33.20
C PRO H 8 70.23 -25.69 33.42
N ALA H 9 70.85 -25.16 34.46
CA ALA H 9 70.78 -23.73 34.73
C ALA H 9 71.53 -22.97 33.62
N SER H 10 72.53 -23.64 33.06
CA SER H 10 73.30 -23.07 31.97
C SER H 10 73.83 -24.18 31.06
N LEU H 11 74.06 -23.80 29.82
CA LEU H 11 74.29 -24.74 28.73
C LEU H 11 75.02 -24.02 27.62
N ALA H 12 76.13 -24.60 27.15
CA ALA H 12 76.86 -24.04 26.01
C ALA H 12 76.70 -24.92 24.79
N VAL H 13 76.13 -24.37 23.73
CA VAL H 13 75.88 -25.17 22.53
C VAL H 13 76.50 -24.50 21.34
N SER H 14 77.22 -25.29 20.54
CA SER H 14 77.81 -24.79 19.29
C SER H 14 76.76 -24.32 18.30
N LEU H 15 77.13 -23.38 17.43
CA LEU H 15 76.29 -22.99 16.30
C LEU H 15 75.95 -24.19 15.45
N GLY H 16 74.67 -24.31 15.11
CA GLY H 16 74.20 -25.38 14.26
C GLY H 16 73.81 -26.63 15.02
N GLN H 17 74.22 -26.74 16.27
CA GLN H 17 73.91 -27.94 17.04
C GLN H 17 72.59 -27.82 17.81
N ARG H 18 72.19 -28.88 18.51
CA ARG H 18 70.88 -28.90 19.18
C ARG H 18 70.95 -28.54 20.64
N ALA H 19 70.24 -27.50 21.03
CA ALA H 19 70.12 -27.16 22.44
C ALA H 19 68.80 -27.69 23.03
N THR H 20 68.89 -28.44 24.12
CA THR H 20 67.75 -29.10 24.75
C THR H 20 67.56 -28.64 26.20
N ILE H 21 66.50 -27.89 26.48
CA ILE H 21 66.29 -27.35 27.83
C ILE H 21 65.08 -28.00 28.49
N SER H 22 65.23 -28.40 29.75
CA SER H 22 64.18 -29.09 30.48
C SER H 22 63.47 -28.25 31.53
N CYS H 23 62.22 -28.64 31.81
CA CYS H 23 61.36 -28.01 32.80
C CYS H 23 60.47 -29.06 33.46
N ARG H 24 60.73 -29.31 34.75
CA ARG H 24 59.94 -30.26 35.50
C ARG H 24 59.11 -29.50 36.53
N ALA H 25 57.82 -29.85 36.63
CA ALA H 25 56.90 -29.18 37.55
C ALA H 25 56.53 -30.09 38.73
N SER H 26 56.24 -29.48 39.87
CA SER H 26 55.97 -30.24 41.10
C SER H 26 54.57 -30.84 41.13
N GLU H 27 53.62 -30.14 40.52
CA GLU H 27 52.28 -30.70 40.31
C GLU H 27 51.97 -30.60 38.83
N SER H 28 50.98 -31.36 38.38
CA SER H 28 50.63 -31.36 36.97
C SER H 28 50.11 -29.98 36.56
N VAL H 29 50.52 -29.52 35.40
CA VAL H 29 49.99 -28.26 34.91
C VAL H 29 48.95 -28.48 33.80
N ASP H 30 48.37 -29.68 33.76
CA ASP H 30 47.37 -30.07 32.76
C ASP H 30 45.91 -29.77 33.13
N SER H 31 45.18 -29.16 32.20
CA SER H 31 43.73 -28.98 32.35
C SER H 31 43.09 -28.61 31.02
N TYR H 32 41.77 -28.76 30.93
CA TYR H 32 41.02 -28.44 29.72
C TYR H 32 41.63 -29.10 28.46
N GLY H 33 42.15 -30.32 28.61
CA GLY H 33 42.78 -31.04 27.50
C GLY H 33 44.01 -30.35 26.94
N ASN H 34 44.71 -29.62 27.80
CA ASN H 34 45.88 -28.86 27.41
C ASN H 34 46.97 -28.95 28.48
N SER H 35 48.21 -28.63 28.10
CA SER H 35 49.29 -28.41 29.06
C SER H 35 49.61 -26.92 29.14
N PHE H 36 49.32 -26.29 30.28
CA PHE H 36 49.57 -24.86 30.38
C PHE H 36 50.99 -24.60 30.92
N MET H 37 51.95 -25.01 30.10
CA MET H 37 53.36 -24.71 30.23
C MET H 37 53.82 -23.94 29.00
N HIS H 38 54.56 -22.85 29.19
CA HIS H 38 54.92 -21.98 28.08
C HIS H 38 56.38 -21.62 28.18
N TRP H 39 56.96 -21.20 27.05
CA TRP H 39 58.36 -20.84 27.03
C TRP H 39 58.60 -19.39 26.65
N TYR H 40 59.49 -18.76 27.41
CA TYR H 40 59.88 -17.39 27.12
C TYR H 40 61.38 -17.28 26.94
N GLN H 41 61.79 -16.39 26.07
CA GLN H 41 63.20 -16.07 25.91
C GLN H 41 63.44 -14.67 26.44
N GLN H 42 64.47 -14.47 27.28
CA GLN H 42 64.85 -13.11 27.67
C GLN H 42 66.29 -12.82 27.34
N LYS H 43 66.48 -11.77 26.56
CA LYS H 43 67.83 -11.28 26.27
C LYS H 43 68.17 -10.08 27.17
N PRO H 44 69.46 -9.97 27.57
CA PRO H 44 69.94 -8.93 28.51
C PRO H 44 69.38 -7.53 28.24
N GLY H 45 68.80 -6.92 29.27
CA GLY H 45 68.21 -5.59 29.13
C GLY H 45 66.82 -5.55 28.51
N GLN H 46 66.28 -6.70 28.11
CA GLN H 46 65.02 -6.76 27.38
C GLN H 46 63.86 -7.44 28.13
N PRO H 47 62.61 -7.05 27.81
CA PRO H 47 61.44 -7.83 28.21
C PRO H 47 61.49 -9.24 27.62
N PRO H 48 61.01 -10.24 28.36
CA PRO H 48 60.87 -11.58 27.79
C PRO H 48 59.99 -11.60 26.54
N ILE H 49 60.38 -12.37 25.52
CA ILE H 49 59.53 -12.64 24.38
C ILE H 49 58.90 -14.04 24.55
N LEU H 50 57.63 -14.19 24.18
CA LEU H 50 56.97 -15.50 24.21
C LEU H 50 57.35 -16.34 23.01
N LEU H 51 57.91 -17.54 23.25
CA LEU H 51 58.28 -18.41 22.12
C LEU H 51 57.23 -19.48 21.87
N ILE H 52 56.91 -20.23 22.91
CA ILE H 52 56.00 -21.35 22.78
C ILE H 52 54.91 -21.26 23.86
N SER H 53 53.69 -21.67 23.51
CA SER H 53 52.59 -21.66 24.46
C SER H 53 51.80 -22.97 24.41
N ARG H 54 51.22 -23.33 25.56
CA ARG H 54 50.52 -24.60 25.71
C ARG H 54 51.40 -25.79 25.27
N ALA H 55 52.65 -25.74 25.73
CA ALA H 55 53.64 -26.81 25.61
C ALA H 55 54.24 -26.97 24.21
N SER H 56 53.45 -26.78 23.15
CA SER H 56 54.01 -27.03 21.84
C SER H 56 53.63 -26.04 20.74
N ASN H 57 52.69 -25.12 21.00
CA ASN H 57 52.28 -24.19 19.95
C ASN H 57 53.29 -23.06 19.76
N LEU H 58 53.87 -23.01 18.55
CA LEU H 58 54.79 -21.95 18.18
C LEU H 58 54.01 -20.67 17.92
N GLU H 59 54.43 -19.60 18.58
CA GLU H 59 53.84 -18.28 18.39
C GLU H 59 54.30 -17.65 17.08
N SER H 60 53.45 -16.78 16.48
CA SER H 60 53.81 -16.09 15.23
C SER H 60 55.09 -15.31 15.37
N GLY H 61 55.90 -15.29 14.32
CA GLY H 61 57.13 -14.51 14.30
C GLY H 61 58.32 -15.17 14.99
N ILE H 62 58.06 -16.26 15.70
CA ILE H 62 59.12 -17.10 16.24
C ILE H 62 59.43 -18.15 15.21
N PRO H 63 60.73 -18.38 14.98
CA PRO H 63 61.17 -19.35 13.98
C PRO H 63 60.89 -20.79 14.41
N ALA H 64 60.71 -21.67 13.44
CA ALA H 64 60.37 -23.03 13.73
C ALA H 64 61.56 -23.80 14.30
N ARG H 65 62.70 -23.15 14.39
CA ARG H 65 63.85 -23.80 15.02
C ARG H 65 63.66 -23.79 16.54
N PHE H 66 62.59 -23.14 17.01
CA PHE H 66 62.10 -23.31 18.38
C PHE H 66 60.88 -24.21 18.33
N SER H 67 60.84 -25.17 19.25
CA SER H 67 59.73 -26.12 19.35
C SER H 67 59.64 -26.65 20.78
N GLY H 68 58.43 -27.03 21.20
CA GLY H 68 58.24 -27.50 22.56
C GLY H 68 57.49 -28.83 22.58
N SER H 69 57.63 -29.58 23.67
CA SER H 69 56.86 -30.82 23.83
C SER H 69 56.69 -31.28 25.28
N GLY H 70 55.88 -32.31 25.47
CA GLY H 70 55.68 -32.91 26.76
C GLY H 70 54.34 -32.61 27.40
N SER H 71 54.12 -33.18 28.57
CA SER H 71 52.84 -33.06 29.23
C SER H 71 52.98 -33.29 30.72
N ARG H 72 51.85 -33.20 31.41
CA ARG H 72 51.71 -33.39 32.85
C ARG H 72 52.72 -32.58 33.68
N THR H 73 53.92 -33.14 33.89
CA THR H 73 54.97 -32.45 34.65
C THR H 73 56.34 -32.48 33.95
N ASP H 74 56.37 -32.84 32.67
CA ASP H 74 57.64 -32.93 31.98
C ASP H 74 57.59 -32.22 30.63
N PHE H 75 58.44 -31.21 30.46
CA PHE H 75 58.45 -30.42 29.24
C PHE H 75 59.87 -30.09 28.81
N THR H 76 60.05 -29.97 27.49
CA THR H 76 61.33 -29.72 26.86
C THR H 76 61.25 -28.58 25.84
N LEU H 77 62.22 -27.66 25.88
CA LEU H 77 62.37 -26.66 24.83
C LEU H 77 63.56 -27.04 23.97
N THR H 78 63.33 -27.16 22.67
CA THR H 78 64.39 -27.54 21.77
C THR H 78 64.68 -26.36 20.87
N ILE H 79 65.97 -26.05 20.78
CA ILE H 79 66.42 -25.06 19.82
C ILE H 79 67.37 -25.76 18.89
N ASN H 80 66.96 -25.92 17.64
CA ASN H 80 67.72 -26.71 16.70
C ASN H 80 67.45 -26.33 15.26
N PRO H 81 68.47 -25.77 14.57
CA PRO H 81 69.85 -25.54 15.00
C PRO H 81 70.04 -24.22 15.74
N VAL H 82 70.84 -24.24 16.80
CA VAL H 82 71.18 -23.01 17.51
C VAL H 82 71.92 -22.02 16.59
N GLU H 83 71.48 -20.77 16.61
CA GLU H 83 72.16 -19.72 15.87
C GLU H 83 72.78 -18.66 16.82
N ALA H 84 73.43 -17.64 16.28
CA ALA H 84 74.27 -16.76 17.12
C ALA H 84 73.50 -15.77 18.00
N ASP H 85 72.23 -15.51 17.69
CA ASP H 85 71.48 -14.57 18.50
C ASP H 85 70.54 -15.30 19.48
N ASP H 86 70.74 -16.59 19.67
CA ASP H 86 69.87 -17.33 20.59
C ASP H 86 70.37 -17.21 22.01
N PHE H 87 71.49 -16.52 22.18
CA PHE H 87 72.07 -16.29 23.49
C PHE H 87 71.04 -15.57 24.35
N ALA H 88 70.71 -16.16 25.50
CA ALA H 88 69.59 -15.72 26.32
C ALA H 88 69.33 -16.63 27.53
N THR H 89 68.52 -16.15 28.46
CA THR H 89 67.92 -17.03 29.44
C THR H 89 66.48 -17.42 29.00
N TYR H 90 66.17 -18.71 29.11
CA TYR H 90 64.87 -19.24 28.72
C TYR H 90 64.09 -19.69 29.94
N TYR H 91 62.81 -19.33 29.98
CA TYR H 91 61.99 -19.55 31.18
C TYR H 91 60.73 -20.33 30.83
N CYS H 92 60.48 -21.43 31.53
CA CYS H 92 59.15 -21.97 31.50
C CYS H 92 58.30 -21.27 32.56
N GLN H 93 57.02 -21.13 32.24
CA GLN H 93 56.01 -20.55 33.09
C GLN H 93 54.81 -21.48 33.09
N GLN H 94 54.18 -21.70 34.23
CA GLN H 94 52.94 -22.45 34.21
C GLN H 94 51.84 -21.46 34.51
N THR H 95 50.66 -21.71 33.97
CA THR H 95 49.49 -20.87 34.19
C THR H 95 48.28 -21.77 34.40
N ASN H 96 48.51 -22.97 34.93
CA ASN H 96 47.42 -23.91 35.19
C ASN H 96 46.69 -23.51 36.45
N GLU H 97 47.38 -22.83 37.34
CA GLU H 97 46.78 -22.43 38.61
C GLU H 97 47.50 -21.24 39.20
N ASP H 98 46.75 -20.38 39.89
CA ASP H 98 47.31 -19.27 40.63
C ASP H 98 48.12 -19.75 41.84
N PRO H 99 49.23 -19.08 42.12
CA PRO H 99 49.70 -18.00 41.24
C PRO H 99 50.54 -18.57 40.10
N ARG H 100 50.66 -17.82 39.02
CA ARG H 100 51.59 -18.16 37.96
C ARG H 100 53.02 -18.20 38.51
N THR H 101 53.79 -19.20 38.10
CA THR H 101 55.17 -19.28 38.53
C THR H 101 56.10 -19.51 37.35
N PHE H 102 57.32 -19.01 37.50
CA PHE H 102 58.36 -19.20 36.49
C PHE H 102 59.41 -20.15 36.99
N GLY H 103 60.11 -20.81 36.07
CA GLY H 103 61.27 -21.61 36.40
C GLY H 103 62.42 -20.65 36.68
N GLY H 104 63.50 -21.17 37.25
CA GLY H 104 64.62 -20.32 37.66
C GLY H 104 65.41 -19.73 36.52
N GLY H 105 65.21 -20.26 35.31
CA GLY H 105 65.91 -19.77 34.14
C GLY H 105 67.00 -20.71 33.68
N THR H 106 67.16 -20.82 32.37
CA THR H 106 68.29 -21.53 31.78
C THR H 106 69.12 -20.59 30.93
N LYS H 107 70.40 -20.42 31.26
CA LYS H 107 71.26 -19.57 30.44
C LYS H 107 71.83 -20.34 29.25
N LEU H 108 71.40 -19.95 28.06
CA LEU H 108 71.96 -20.53 26.86
C LEU H 108 73.13 -19.69 26.40
N GLU H 109 74.33 -20.22 26.57
CA GLU H 109 75.52 -19.60 26.01
C GLU H 109 75.87 -20.26 24.67
N ILE H 110 76.29 -19.45 23.69
CA ILE H 110 76.71 -19.95 22.38
C ILE H 110 78.18 -20.39 22.44
N LYS H 111 78.45 -21.66 22.08
CA LYS H 111 79.80 -22.20 22.14
C LYS H 111 80.55 -22.02 20.82
N ARG H 112 81.85 -21.74 20.91
CA ARG H 112 82.71 -21.47 19.75
C ARG H 112 84.16 -21.77 20.10
N ALA H 113 85.04 -21.61 19.11
CA ALA H 113 86.46 -21.85 19.32
C ALA H 113 87.06 -20.72 20.17
N ASP H 114 88.15 -21.00 20.88
CA ASP H 114 88.76 -20.01 21.76
C ASP H 114 89.32 -18.82 20.98
N ALA H 115 89.32 -17.67 21.62
CA ALA H 115 89.74 -16.43 20.96
C ALA H 115 90.49 -15.53 21.93
N ALA H 116 91.66 -15.08 21.53
CA ALA H 116 92.47 -14.20 22.37
C ALA H 116 91.76 -12.86 22.51
N PRO H 117 92.04 -12.11 23.58
CA PRO H 117 91.39 -10.80 23.60
C PRO H 117 92.24 -9.75 22.88
N THR H 118 91.59 -8.71 22.36
CA THR H 118 92.30 -7.49 21.95
C THR H 118 92.35 -6.59 23.19
N VAL H 119 93.54 -6.15 23.55
CA VAL H 119 93.73 -5.35 24.76
C VAL H 119 94.14 -3.90 24.44
N SER H 120 93.44 -2.94 25.04
CA SER H 120 93.73 -1.51 24.85
C SER H 120 93.81 -0.80 26.21
N ILE H 121 94.89 -0.07 26.46
CA ILE H 121 95.00 0.65 27.72
C ILE H 121 94.72 2.15 27.51
N PHE H 122 94.19 2.82 28.54
CA PHE H 122 93.82 4.23 28.41
C PHE H 122 94.21 5.08 29.58
N PRO H 123 94.81 6.25 29.30
CA PRO H 123 95.23 7.09 30.44
C PRO H 123 94.06 7.89 31.00
N PRO H 124 94.16 8.32 32.26
CA PRO H 124 93.18 9.30 32.71
C PRO H 124 93.27 10.56 31.85
N SER H 125 92.12 11.05 31.43
CA SER H 125 92.05 12.30 30.72
C SER H 125 92.51 13.52 31.55
N SER H 126 93.00 14.54 30.86
CA SER H 126 93.18 15.86 31.46
C SER H 126 91.97 16.27 32.30
N GLU H 127 90.79 16.19 31.69
CA GLU H 127 89.53 16.58 32.34
C GLU H 127 89.32 15.93 33.70
N GLN H 128 89.58 14.63 33.82
CA GLN H 128 89.36 13.96 35.10
C GLN H 128 90.39 14.39 36.14
N LEU H 129 91.63 14.53 35.71
CA LEU H 129 92.74 14.86 36.59
C LEU H 129 92.54 16.15 37.37
N THR H 130 91.92 17.15 36.75
CA THR H 130 91.71 18.43 37.41
C THR H 130 90.77 18.30 38.61
N SER H 131 90.03 17.19 38.69
CA SER H 131 89.08 16.97 39.78
C SER H 131 89.71 16.27 40.99
N GLY H 132 90.97 15.88 40.87
CA GLY H 132 91.62 15.12 41.92
C GLY H 132 91.68 13.60 41.75
N GLY H 133 90.78 13.03 40.95
CA GLY H 133 90.79 11.60 40.70
C GLY H 133 91.48 11.21 39.39
N ALA H 134 91.95 9.97 39.32
CA ALA H 134 92.55 9.42 38.09
C ALA H 134 92.09 7.99 37.80
N SER H 135 91.42 7.78 36.67
CA SER H 135 90.97 6.44 36.29
C SER H 135 91.73 5.90 35.09
N VAL H 136 92.48 4.82 35.28
CA VAL H 136 93.18 4.15 34.18
C VAL H 136 92.33 2.98 33.70
N VAL H 137 91.84 3.06 32.47
CA VAL H 137 90.91 2.04 32.00
C VAL H 137 91.57 1.14 30.97
N CYS H 138 91.25 -0.16 31.07
CA CYS H 138 91.76 -1.20 30.20
C CYS H 138 90.65 -2.10 29.63
N PHE H 139 90.54 -2.18 28.30
CA PHE H 139 89.56 -3.05 27.65
C PHE H 139 90.16 -4.40 27.23
N LEU H 140 89.45 -5.47 27.57
CA LEU H 140 89.86 -6.81 27.12
C LEU H 140 88.74 -7.31 26.26
N ASN H 141 88.85 -7.04 24.96
CA ASN H 141 87.72 -7.22 24.07
C ASN H 141 87.75 -8.50 23.20
N ASN H 142 86.57 -9.12 23.07
CA ASN H 142 86.29 -10.18 22.11
C ASN H 142 87.13 -11.42 22.30
N PHE H 143 86.87 -12.09 23.42
CA PHE H 143 87.51 -13.36 23.75
C PHE H 143 86.50 -14.47 24.10
N TYR H 144 87.03 -15.69 24.08
CA TYR H 144 86.29 -16.89 24.45
C TYR H 144 87.29 -17.93 24.95
N PRO H 145 86.98 -18.62 26.07
CA PRO H 145 85.81 -18.52 26.96
C PRO H 145 85.83 -17.32 27.92
N LYS H 146 84.85 -17.18 28.80
CA LYS H 146 84.76 -15.97 29.63
C LYS H 146 85.86 -15.87 30.69
N ASP H 147 86.52 -16.98 30.99
CA ASP H 147 87.59 -16.96 31.99
C ASP H 147 88.84 -16.24 31.47
N ILE H 148 89.10 -15.10 32.09
CA ILE H 148 90.23 -14.27 31.77
C ILE H 148 90.75 -13.67 33.09
N ASN H 149 91.99 -13.18 33.09
CA ASN H 149 92.46 -12.47 34.26
C ASN H 149 93.32 -11.27 33.88
N VAL H 150 93.02 -10.15 34.51
CA VAL H 150 93.74 -8.91 34.29
C VAL H 150 94.64 -8.58 35.46
N LYS H 151 95.91 -8.35 35.18
CA LYS H 151 96.83 -7.86 36.18
C LYS H 151 97.23 -6.44 35.85
N TRP H 152 97.27 -5.60 36.88
CA TRP H 152 97.69 -4.20 36.74
C TRP H 152 99.12 -4.04 37.23
N LYS H 153 99.87 -3.13 36.59
CA LYS H 153 101.25 -2.88 36.95
C LYS H 153 101.56 -1.40 36.88
N ILE H 154 102.05 -0.88 37.99
CA ILE H 154 102.47 0.51 38.09
C ILE H 154 103.99 0.52 38.15
N ASP H 155 104.61 1.11 37.14
CA ASP H 155 106.06 1.10 36.99
C ASP H 155 106.58 -0.32 37.15
N GLY H 156 105.90 -1.28 36.50
CA GLY H 156 106.36 -2.65 36.48
C GLY H 156 106.08 -3.48 37.73
N SER H 157 105.45 -2.88 38.74
CA SER H 157 105.13 -3.63 39.94
C SER H 157 103.63 -3.90 40.02
N GLU H 158 103.27 -5.11 40.43
CA GLU H 158 101.87 -5.48 40.54
C GLU H 158 101.06 -4.53 41.44
N ARG H 159 99.90 -4.15 40.92
CA ARG H 159 99.02 -3.21 41.60
C ARG H 159 97.59 -3.74 41.68
N GLN H 160 97.14 -4.06 42.89
CA GLN H 160 95.80 -4.63 43.12
C GLN H 160 94.81 -3.63 43.73
N ASN H 161 95.31 -2.69 44.53
CA ASN H 161 94.45 -1.70 45.16
C ASN H 161 93.78 -0.80 44.14
N GLY H 162 92.45 -0.77 44.14
CA GLY H 162 91.70 0.19 43.36
C GLY H 162 91.21 -0.33 42.01
N VAL H 163 91.27 -1.66 41.84
CA VAL H 163 90.97 -2.30 40.55
C VAL H 163 89.58 -2.92 40.53
N LEU H 164 88.71 -2.40 39.67
CA LEU H 164 87.34 -2.90 39.52
C LEU H 164 87.10 -3.43 38.12
N ASN H 165 86.62 -4.66 38.03
CA ASN H 165 86.37 -5.24 36.72
C ASN H 165 84.89 -5.39 36.44
N SER H 166 84.58 -5.62 35.17
CA SER H 166 83.20 -5.75 34.71
C SER H 166 83.09 -6.51 33.37
N TRP H 167 82.20 -7.49 33.33
CA TRP H 167 82.01 -8.33 32.15
C TRP H 167 80.73 -8.00 31.40
N THR H 168 80.81 -8.03 30.08
CA THR H 168 79.63 -7.93 29.24
C THR H 168 79.05 -9.32 29.03
N ASP H 169 77.76 -9.39 28.71
CA ASP H 169 77.20 -10.67 28.36
C ASP H 169 77.72 -11.02 26.96
N GLN H 170 77.53 -12.29 26.58
CA GLN H 170 77.96 -12.77 25.27
C GLN H 170 77.55 -11.87 24.12
N ASP H 171 78.44 -11.67 23.17
CA ASP H 171 78.12 -10.91 21.97
C ASP H 171 77.10 -11.65 21.12
N SER H 172 76.26 -10.91 20.39
CA SER H 172 75.18 -11.52 19.62
C SER H 172 75.61 -11.90 18.21
N LYS H 173 76.81 -11.47 17.81
CA LYS H 173 77.33 -11.73 16.47
C LYS H 173 78.49 -12.71 16.45
N ASP H 174 79.55 -12.41 17.18
CA ASP H 174 80.77 -13.21 17.11
C ASP H 174 80.90 -14.12 18.34
N SER H 175 79.89 -14.09 19.18
CA SER H 175 79.77 -15.02 20.31
C SER H 175 80.86 -14.85 21.35
N THR H 176 81.57 -13.72 21.32
CA THR H 176 82.63 -13.50 22.27
C THR H 176 82.18 -12.81 23.53
N TYR H 177 83.10 -12.71 24.48
CA TYR H 177 82.92 -11.84 25.65
C TYR H 177 83.90 -10.69 25.59
N SER H 178 83.60 -9.65 26.38
CA SER H 178 84.46 -8.51 26.61
C SER H 178 84.57 -8.26 28.10
N MET H 179 85.55 -7.48 28.51
CA MET H 179 85.68 -7.13 29.92
C MET H 179 86.33 -5.77 30.09
N SER H 180 85.84 -4.99 31.03
CA SER H 180 86.48 -3.73 31.33
C SER H 180 87.16 -3.85 32.71
N SER H 181 88.34 -3.25 32.80
CA SER H 181 89.13 -3.25 34.02
C SER H 181 89.61 -1.84 34.30
N THR H 182 89.12 -1.26 35.39
CA THR H 182 89.45 0.11 35.74
C THR H 182 90.19 0.17 37.07
N LEU H 183 91.37 0.82 37.04
CA LEU H 183 92.20 1.06 38.21
C LEU H 183 92.04 2.53 38.68
N THR H 184 91.36 2.74 39.79
CA THR H 184 91.13 4.13 40.18
C THR H 184 92.14 4.52 41.28
N LEU H 185 92.76 5.69 41.07
CA LEU H 185 93.73 6.29 41.99
C LEU H 185 93.41 7.76 42.20
N THR H 186 94.02 8.35 43.22
CA THR H 186 94.05 9.80 43.29
C THR H 186 94.94 10.37 42.17
N LYS H 187 94.68 11.61 41.78
CA LYS H 187 95.60 12.32 40.90
C LYS H 187 96.99 12.35 41.54
N ASP H 188 97.04 12.51 42.87
CA ASP H 188 98.31 12.55 43.59
C ASP H 188 99.09 11.26 43.37
N GLU H 189 98.47 10.13 43.71
CA GLU H 189 99.06 8.83 43.42
C GLU H 189 99.51 8.71 41.96
N TYR H 190 98.57 8.92 41.04
CA TYR H 190 98.82 8.79 39.62
C TYR H 190 100.07 9.52 39.14
N GLU H 191 100.31 10.72 39.66
CA GLU H 191 101.44 11.54 39.18
C GLU H 191 102.77 11.27 39.87
N ARG H 192 102.80 10.26 40.73
CA ARG H 192 104.06 9.81 41.35
C ARG H 192 104.73 8.67 40.58
N HIS H 193 104.12 8.27 39.47
CA HIS H 193 104.57 7.11 38.72
C HIS H 193 104.62 7.43 37.22
N ASN H 194 105.43 6.68 36.48
CA ASN H 194 105.67 7.05 35.09
C ASN H 194 104.93 6.22 34.09
N SER H 195 104.81 4.94 34.36
CA SER H 195 104.20 4.03 33.40
C SER H 195 103.08 3.25 34.04
N TYR H 196 102.15 2.81 33.21
CA TYR H 196 101.07 1.97 33.63
C TYR H 196 100.92 0.83 32.65
N THR H 197 100.52 -0.32 33.17
CA THR H 197 100.51 -1.54 32.41
C THR H 197 99.26 -2.34 32.72
N CYS H 198 98.53 -2.72 31.68
CA CYS H 198 97.47 -3.71 31.79
C CYS H 198 97.92 -5.04 31.11
N GLU H 199 97.58 -6.18 31.72
CA GLU H 199 98.02 -7.49 31.21
C GLU H 199 96.93 -8.54 31.27
N ALA H 200 96.61 -9.15 30.13
CA ALA H 200 95.64 -10.24 30.06
C ALA H 200 96.33 -11.60 29.92
N THR H 201 95.95 -12.54 30.77
CA THR H 201 96.35 -13.93 30.61
C THR H 201 95.10 -14.74 30.28
N HIS H 202 95.22 -15.62 29.31
CA HIS H 202 94.07 -16.31 28.77
C HIS H 202 94.51 -17.59 28.09
N LYS H 203 93.67 -18.62 28.09
CA LYS H 203 94.09 -19.95 27.62
C LYS H 203 94.35 -20.00 26.10
N THR H 204 94.39 -18.84 25.45
CA THR H 204 94.76 -18.76 24.03
C THR H 204 96.24 -18.42 23.79
N SER H 205 96.91 -17.86 24.79
CA SER H 205 98.31 -17.58 24.66
C SER H 205 99.06 -17.94 25.95
N THR H 206 100.31 -18.36 25.78
CA THR H 206 101.17 -18.78 26.88
C THR H 206 101.57 -17.57 27.70
N SER H 207 101.97 -16.51 27.02
CA SER H 207 102.32 -15.26 27.67
C SER H 207 101.13 -14.27 27.74
N PRO H 208 101.17 -13.34 28.70
CA PRO H 208 100.10 -12.34 28.76
C PRO H 208 100.18 -11.36 27.59
N ILE H 209 99.06 -10.74 27.22
CA ILE H 209 99.11 -9.62 26.28
C ILE H 209 99.35 -8.35 27.09
N VAL H 210 100.44 -7.66 26.80
CA VAL H 210 100.81 -6.51 27.57
C VAL H 210 100.52 -5.21 26.83
N LYS H 211 99.76 -4.32 27.48
CA LYS H 211 99.59 -2.96 26.98
C LYS H 211 99.96 -1.91 28.03
N SER H 212 100.78 -0.95 27.63
CA SER H 212 101.29 0.09 28.52
C SER H 212 101.21 1.49 27.93
N PHE H 213 101.37 2.50 28.78
CA PHE H 213 101.58 3.86 28.31
C PHE H 213 102.47 4.57 29.31
N ASN H 214 103.13 5.63 28.85
CA ASN H 214 103.89 6.44 29.79
C ASN H 214 103.06 7.64 30.14
N ARG H 215 103.20 8.11 31.38
CA ARG H 215 102.48 9.29 31.82
C ARG H 215 102.92 10.59 31.11
N ASN H 216 104.20 10.65 30.72
CA ASN H 216 104.79 11.85 30.10
C ASN H 216 104.70 13.07 31.03
C1 NAG I . -34.26 -29.42 -45.07
C2 NAG I . -34.40 -28.14 -45.88
C3 NAG I . -35.39 -28.31 -47.04
C4 NAG I . -35.15 -29.58 -47.80
C5 NAG I . -35.15 -30.75 -46.85
C6 NAG I . -34.86 -31.99 -47.70
C7 NAG I . -34.18 -26.17 -44.41
C8 NAG I . -32.68 -26.23 -44.53
N2 NAG I . -34.90 -27.08 -45.05
O3 NAG I . -35.27 -27.31 -48.01
O4 NAG I . -36.20 -29.71 -48.72
O5 NAG I . -34.15 -30.57 -45.88
O6 NAG I . -35.15 -33.14 -46.94
O7 NAG I . -34.72 -25.29 -43.71
C1 NAG J . -31.31 -42.94 -34.72
C2 NAG J . -30.81 -44.27 -34.15
C3 NAG J . -31.93 -45.27 -33.88
C4 NAG J . -33.18 -44.61 -33.31
C5 NAG J . -33.58 -43.41 -34.16
C6 NAG J . -34.84 -42.75 -33.63
C7 NAG J . -28.53 -44.81 -34.84
C8 NAG J . -28.03 -44.13 -33.60
N2 NAG J . -29.84 -44.84 -35.06
O3 NAG J . -31.47 -46.24 -32.97
O4 NAG J . -34.25 -45.52 -33.27
O5 NAG J . -32.52 -42.49 -34.16
O6 NAG J . -35.13 -41.59 -34.38
O7 NAG J . -27.72 -45.30 -35.63
C1 NAG K . -52.92 22.62 -40.29
C2 NAG K . -52.29 23.22 -39.02
C3 NAG K . -53.16 24.32 -38.42
C4 NAG K . -53.59 25.34 -39.47
C5 NAG K . -54.21 24.64 -40.67
C6 NAG K . -54.51 25.63 -41.78
C7 NAG K . -50.85 21.93 -37.47
C8 NAG K . -49.68 22.73 -37.95
N2 NAG K . -52.05 22.19 -38.00
O3 NAG K . -52.46 24.98 -37.38
O4 NAG K . -54.52 26.27 -38.94
O5 NAG K . -53.35 23.65 -41.18
O6 NAG K . -54.48 24.95 -43.01
O7 NAG K . -50.68 21.06 -36.61
C1 NAG L . -60.68 -15.94 -40.58
C2 NAG L . -61.98 -16.63 -40.19
C3 NAG L . -63.18 -15.92 -40.79
C4 NAG L . -63.15 -14.45 -40.39
C5 NAG L . -61.80 -13.82 -40.71
C6 NAG L . -61.68 -12.41 -40.14
C7 NAG L . -62.01 -19.02 -39.70
C8 NAG L . -62.03 -18.62 -38.25
N2 NAG L . -61.98 -18.03 -40.59
O3 NAG L . -64.39 -16.53 -40.38
O4 NAG L . -64.15 -13.76 -41.10
O5 NAG L . -60.72 -14.57 -40.21
O6 NAG L . -60.39 -11.91 -40.39
O7 NAG L . -62.01 -20.21 -40.02
C1 NAG M . -15.94 -19.16 -27.30
C2 NAG M . -14.71 -18.80 -26.48
C3 NAG M . -13.58 -18.46 -27.43
C4 NAG M . -13.31 -19.63 -28.37
C5 NAG M . -14.57 -20.00 -29.12
C6 NAG M . -14.46 -21.33 -29.86
C7 NAG M . -15.13 -17.84 -24.29
C8 NAG M . -14.97 -19.23 -23.76
N2 NAG M . -15.00 -17.68 -25.60
O3 NAG M . -12.40 -18.14 -26.73
O4 NAG M . -12.30 -19.25 -29.27
O5 NAG M . -15.65 -20.17 -28.24
O6 NAG M . -15.68 -22.05 -29.76
O7 NAG M . -15.39 -16.90 -23.53
C1 NAG N . -32.83 4.88 -50.77
C2 NAG N . -32.17 5.24 -52.10
C3 NAG N . -31.63 4.05 -52.90
C4 NAG N . -30.92 3.08 -51.99
C5 NAG N . -31.82 2.74 -50.82
C6 NAG N . -31.19 1.68 -49.92
C7 NAG N . -33.03 7.30 -53.04
C8 NAG N . -31.84 7.99 -52.43
N2 NAG N . -33.14 5.98 -52.88
O3 NAG N . -30.70 4.51 -53.86
O4 NAG N . -30.58 1.91 -52.70
O5 NAG N . -32.05 3.92 -50.08
O6 NAG N . -29.95 2.14 -49.46
O7 NAG N . -33.87 7.95 -53.67
C1 NAG O . -21.15 9.93 -47.03
C2 NAG O . -20.25 8.87 -47.69
C3 NAG O . -20.08 8.99 -49.20
C4 NAG O . -21.36 9.43 -49.90
C5 NAG O . -21.97 10.62 -49.19
C6 NAG O . -23.25 11.05 -49.89
C7 NAG O . -18.39 7.72 -46.62
C8 NAG O . -19.22 6.47 -46.74
N2 NAG O . -18.93 8.86 -47.08
O3 NAG O . -19.68 7.73 -49.72
O4 NAG O . -21.08 9.77 -51.24
O5 NAG O . -22.26 10.25 -47.85
O6 NAG O . -24.11 9.95 -50.05
O7 NAG O . -17.28 7.66 -46.11
N ARG P . -39.37 -5.03 -27.88
CA ARG P . -40.81 -5.26 -27.77
C ARG P . -41.14 -5.58 -26.33
O ARG P . -42.32 -5.60 -25.94
CB ARG P . -41.25 -6.41 -28.71
CG ARG P . -42.77 -6.58 -28.88
CD ARG P . -43.38 -5.34 -29.50
NE ARG P . -44.83 -5.23 -29.37
CZ ARG P . -45.48 -4.92 -28.24
NH1 ARG P . -44.81 -4.72 -27.12
NH2 ARG P . -46.80 -4.81 -28.23
OXT ARG P . -40.22 -5.85 -25.52
NA NA Q . -30.29 -32.69 -36.34
NA NA R . -31.87 -13.63 -16.39
C1 NAG S . -69.65 -25.92 20.90
C2 NAG S . -70.17 -27.15 20.14
C3 NAG S . -70.95 -27.99 21.14
C4 NAG S . -70.43 -28.04 22.59
C5 NAG S . -69.77 -26.74 23.00
C6 NAG S . -69.03 -26.89 24.35
C7 NAG S . -70.92 -27.20 17.79
C8 NAG S . -69.82 -28.16 17.43
N2 NAG S . -71.06 -26.79 19.04
O3 NAG S . -71.08 -29.33 20.70
O4 NAG S . -71.47 -28.33 23.50
O5 NAG S . -68.91 -26.33 22.00
O6 NAG S . -67.95 -25.99 24.32
O7 NAG S . -71.66 -26.82 16.90
C1 NAG T . -67.03 -23.13 -22.99
C2 NAG T . -67.76 -22.92 -24.34
C3 NAG T . -69.27 -22.69 -24.23
C4 NAG T . -69.93 -23.54 -23.18
C5 NAG T . -69.09 -23.46 -21.90
C6 NAG T . -69.74 -24.25 -20.76
C7 NAG T . -66.56 -22.03 -26.22
C8 NAG T . -66.50 -23.43 -26.74
N2 NAG T . -67.16 -21.82 -25.06
O3 NAG T . -69.86 -22.97 -25.47
O4 NAG T . -71.25 -23.10 -22.94
O5 NAG T . -67.79 -23.97 -22.16
O6 NAG T . -69.75 -25.61 -21.14
O7 NAG T . -66.04 -21.12 -26.86
C1 NAG U . -43.81 -16.26 21.45
C2 NAG U . -42.82 -16.05 20.31
C3 NAG U . -41.46 -16.63 20.66
C4 NAG U . -40.97 -16.05 21.98
C5 NAG U . -42.03 -16.19 23.07
C6 NAG U . -41.60 -15.42 24.32
C7 NAG U . -43.66 -15.78 18.04
C8 NAG U . -43.44 -14.31 18.24
N2 NAG U . -43.35 -16.58 19.07
O3 NAG U . -40.53 -16.34 19.64
O4 NAG U . -39.79 -16.69 22.40
O5 NAG U . -43.30 -15.70 22.65
O6 NAG U . -42.70 -14.78 24.93
O7 NAG U . -44.11 -16.20 16.97
C1 NAG V . -49.16 10.49 23.41
C2 NAG V . -50.22 10.23 24.49
C3 NAG V . -51.49 10.96 24.13
C4 NAG V . -51.14 12.42 23.92
C5 NAG V . -49.99 12.55 22.92
C6 NAG V . -49.67 14.00 22.57
C7 NAG V . -49.77 8.05 25.59
C8 NAG V . -48.95 8.77 26.63
N2 NAG V . -50.35 8.77 24.61
O3 NAG V . -52.44 10.83 25.14
O4 NAG V . -52.27 13.12 23.46
O5 NAG V . -48.83 11.87 23.39
O6 NAG V . -49.48 14.06 21.18
O7 NAG V . -49.88 6.82 25.66
C1 NAG W . -76.03 -0.52 4.71
C2 NAG W . -77.09 -1.25 3.89
C3 NAG W . -78.24 -0.35 3.45
C4 NAG W . -78.67 0.59 4.56
C5 NAG W . -77.46 1.34 5.11
C6 NAG W . -77.84 2.36 6.18
C7 NAG W . -76.22 -3.12 2.58
C8 NAG W . -76.60 -4.03 3.73
N2 NAG W . -76.48 -1.83 2.72
O3 NAG W . -79.31 -1.17 3.05
O4 NAG W . -79.62 1.52 4.07
O5 NAG W . -76.56 0.39 5.65
O6 NAG W . -78.13 1.72 7.40
O7 NAG W . -75.71 -3.60 1.58
C1 NAG X . -57.98 22.63 15.20
C2 NAG X . -59.45 22.71 15.59
C3 NAG X . -59.70 23.51 16.87
C4 NAG X . -58.69 23.21 17.97
C5 NAG X . -57.26 23.06 17.51
C6 NAG X . -56.47 22.29 18.58
C7 NAG X . -61.01 22.61 13.72
C8 NAG X . -61.15 21.14 13.98
N2 NAG X . -60.19 23.31 14.51
O3 NAG X . -60.98 23.18 17.35
O4 NAG X . -58.75 24.29 18.86
O5 NAG X . -57.12 22.36 16.29
O6 NAG X . -56.60 22.89 19.85
O7 NAG X . -61.64 23.13 12.81
C1 NAG Y . -60.32 -34.56 -12.88
C2 NAG Y . -59.34 -35.13 -13.90
C3 NAG Y . -59.17 -34.21 -15.10
C4 NAG Y . -60.53 -33.94 -15.74
C5 NAG Y . -61.52 -33.42 -14.70
C6 NAG Y . -62.94 -33.44 -15.27
C7 NAG Y . -57.42 -36.57 -13.49
C8 NAG Y . -58.05 -37.53 -14.45
N2 NAG Y . -58.07 -35.44 -13.26
O3 NAG Y . -58.32 -34.79 -16.07
O4 NAG Y . -60.40 -32.97 -16.77
O5 NAG Y . -61.53 -34.17 -13.50
O6 NAG Y . -63.86 -33.56 -14.20
O7 NAG Y . -56.35 -36.86 -12.96
N ARG Z . -48.51 -1.16 -0.06
CA ARG Z . -47.81 -2.45 -0.04
CA ARG Z . -47.76 -2.43 -0.04
C ARG Z . -47.54 -2.97 -1.45
O ARG Z . -48.18 -2.56 -2.42
CB ARG Z . -48.65 -3.46 0.74
CB ARG Z . -48.50 -3.47 0.80
CG ARG Z . -47.87 -4.39 1.63
CG ARG Z . -47.61 -4.31 1.71
CD ARG Z . -46.69 -3.74 2.32
CD ARG Z . -46.79 -3.45 2.65
NE ARG Z . -45.87 -4.72 3.02
NE ARG Z . -47.57 -2.96 3.78
CZ ARG Z . -45.22 -5.73 2.44
CZ ARG Z . -47.09 -2.82 5.01
NH1 ARG Z . -45.22 -5.88 1.13
NH1 ARG Z . -45.84 -3.14 5.30
NH2 ARG Z . -44.53 -6.58 3.19
NH2 ARG Z . -47.89 -2.35 5.98
OXT ARG Z . -46.68 -3.83 -1.67
CL CL AA . -47.48 -10.84 -0.01
C1 NAG BA . -11.35 3.28 30.90
C2 NAG BA . -10.71 2.20 31.77
C3 NAG BA . -11.69 1.10 32.10
C4 NAG BA . -12.97 1.72 32.62
C5 NAG BA . -13.55 2.65 31.58
C6 NAG BA . -14.90 3.14 32.13
C7 NAG BA . -8.38 1.67 31.40
C8 NAG BA . -8.05 2.62 32.50
N2 NAG BA . -9.65 1.52 31.09
O3 NAG BA . -11.06 0.27 33.05
O4 NAG BA . -13.91 0.72 32.87
O5 NAG BA . -12.62 3.69 31.38
O6 NAG BA . -15.41 4.27 31.45
O7 NAG BA . -7.49 1.06 30.80
C1 NAG CA . -16.19 15.57 19.71
C2 NAG CA . -17.02 16.80 20.05
C3 NAG CA . -18.47 16.59 19.63
C4 NAG CA . -18.59 16.02 18.22
C5 NAG CA . -17.57 14.93 17.90
C6 NAG CA . -17.55 14.67 16.40
C7 NAG CA . -16.24 18.11 21.98
C8 NAG CA . -15.54 19.01 21.01
N2 NAG CA . -16.92 17.07 21.48
O3 NAG CA . -19.11 17.85 19.70
O4 NAG CA . -19.89 15.47 18.08
O5 NAG CA . -16.27 15.28 18.32
O6 NAG CA . -16.44 13.86 16.06
O7 NAG CA . -16.16 18.32 23.19
C1 NAG DA . 20.15 -39.12 32.37
C2 NAG DA . 20.50 -40.18 31.36
C3 NAG DA . 19.43 -41.26 31.34
C4 NAG DA . 19.27 -41.82 32.76
C5 NAG DA . 19.09 -40.71 33.82
C6 NAG DA . 19.19 -41.29 35.23
C7 NAG DA . 21.71 -39.88 29.28
C8 NAG DA . 22.76 -40.80 29.82
N2 NAG DA . 20.65 -39.61 30.04
O3 NAG DA . 19.88 -42.25 30.45
O4 NAG DA . 18.18 -42.71 32.84
O5 NAG DA . 20.04 -39.67 33.68
O6 NAG DA . 19.89 -40.40 36.07
O7 NAG DA . 21.85 -39.39 28.14
C1 NAG EA . -9.48 -24.05 19.32
C2 NAG EA . -10.42 -24.64 18.27
C3 NAG EA . -10.68 -26.10 18.58
C4 NAG EA . -9.36 -26.84 18.71
C5 NAG EA . -8.35 -26.10 19.59
C6 NAG EA . -6.95 -26.67 19.41
C7 NAG EA . -11.86 -23.17 17.02
C8 NAG EA . -10.81 -23.22 15.96
N2 NAG EA . -11.65 -23.87 18.14
O3 NAG EA . -11.43 -26.66 17.52
O4 NAG EA . -9.65 -28.06 19.32
O5 NAG EA . -8.26 -24.74 19.27
O6 NAG EA . -6.09 -26.13 20.39
O7 NAG EA . -12.87 -22.49 16.84
C1 NAG FA . 11.59 17.36 26.16
C2 NAG FA . 12.35 18.65 25.83
C3 NAG FA . 12.78 19.45 27.06
C4 NAG FA . 11.70 19.46 28.14
C5 NAG FA . 11.23 18.03 28.38
C6 NAG FA . 10.19 17.93 29.49
C7 NAG FA . 13.51 18.77 23.73
C8 NAG FA . 12.38 19.66 23.28
N2 NAG FA . 13.47 18.30 24.97
O3 NAG FA . 13.08 20.77 26.69
O4 NAG FA . 12.19 20.00 29.34
O5 NAG FA . 10.66 17.56 27.20
O6 NAG FA . 9.65 16.63 29.48
O7 NAG FA . 14.43 18.52 22.95
C1 NAG GA . 14.85 -15.66 44.98
C2 NAG GA . 14.97 -15.62 46.49
C3 NAG GA . 13.84 -14.91 47.19
C4 NAG GA . 13.45 -13.63 46.49
C5 NAG GA . 13.42 -13.79 44.99
C6 NAG GA . 13.21 -12.46 44.27
C7 NAG GA . 16.07 -17.46 47.60
C8 NAG GA . 17.26 -16.54 47.81
N2 NAG GA . 15.02 -16.96 46.98
O3 NAG GA . 14.30 -14.60 48.49
O4 NAG GA . 12.15 -13.32 46.94
O5 NAG GA . 14.65 -14.34 44.54
O6 NAG GA . 14.45 -11.80 44.14
O7 NAG GA . 16.06 -18.62 48.00
C1 NAG HA . 24.71 -8.76 47.98
C2 NAG HA . 25.90 -8.27 48.80
C3 NAG HA . 25.77 -8.93 50.17
C4 NAG HA . 24.56 -8.35 50.84
C5 NAG HA . 23.30 -8.56 50.01
C6 NAG HA . 22.26 -7.58 50.54
C7 NAG HA . 27.91 -7.85 47.37
C8 NAG HA . 27.33 -6.54 46.90
N2 NAG HA . 27.19 -8.60 48.23
O3 NAG HA . 26.92 -8.69 50.95
O4 NAG HA . 24.38 -8.95 52.09
O5 NAG HA . 23.49 -8.38 48.60
O6 NAG HA . 21.20 -7.41 49.62
O7 NAG HA . 29.00 -8.21 46.94
C1 NAG IA . 6.59 8.92 38.79
C2 NAG IA . 5.46 8.04 39.33
C3 NAG IA . 4.55 8.90 40.21
C4 NAG IA . 5.35 9.70 41.24
C5 NAG IA . 6.51 10.48 40.61
C6 NAG IA . 7.45 11.04 41.67
C7 NAG IA . 4.78 6.16 37.86
C8 NAG IA . 5.65 5.21 38.64
N2 NAG IA . 4.73 7.45 38.21
O3 NAG IA . 3.57 8.10 40.84
O4 NAG IA . 4.51 10.59 41.95
O5 NAG IA . 7.29 9.65 39.78
O6 NAG IA . 8.64 11.46 41.03
O7 NAG IA . 4.14 5.71 36.90
N ARG JA . 13.97 -9.91 19.81
CA ARG JA . 13.19 -10.95 19.15
C ARG JA . 13.27 -10.83 17.63
O ARG JA . 13.73 -9.83 17.09
CB ARG JA . 11.72 -10.87 19.60
CG ARG JA . 10.84 -12.00 19.08
CD ARG JA . 11.48 -13.31 19.43
NE ARG JA . 10.85 -14.49 18.81
CZ ARG JA . 11.19 -14.98 17.62
NH1 ARG JA . 12.13 -14.39 16.88
NH2 ARG JA . 10.57 -16.05 17.17
OXT ARG JA . 12.87 -11.72 16.90
NA NA KA . -8.53 10.44 24.46
NA NA LA . 15.24 2.43 12.18
C1 NAG MA . -10.43 -20.93 -0.66
C2 NAG MA . -11.08 -21.94 0.27
C3 NAG MA . -11.27 -23.30 -0.41
C4 NAG MA . -11.95 -23.16 -1.77
C5 NAG MA . -11.15 -22.13 -2.57
C6 NAG MA . -11.69 -21.94 -3.99
C7 NAG MA . -10.75 -21.65 2.65
C8 NAG MA . -12.02 -20.85 2.65
N2 NAG MA . -10.32 -22.14 1.49
O3 NAG MA . -12.02 -24.15 0.44
O4 NAG MA . -11.99 -24.41 -2.41
O5 NAG MA . -11.14 -20.90 -1.88
O6 NAG MA . -12.95 -21.30 -3.99
O7 NAG MA . -10.14 -21.83 3.71
C1 NAG NA . 24.65 3.25 -26.29
C2 NAG NA . 24.90 3.51 -24.80
C3 NAG NA . 25.36 4.93 -24.54
C4 NAG NA . 26.58 5.21 -25.39
C5 NAG NA . 26.32 4.98 -26.88
C6 NAG NA . 27.68 4.88 -27.55
C7 NAG NA . 23.63 2.18 -23.18
C8 NAG NA . 24.85 1.33 -23.01
N2 NAG NA . 23.70 3.20 -24.04
O3 NAG NA . 25.72 5.05 -23.18
O4 NAG NA . 26.95 6.55 -25.24
O5 NAG NA . 25.57 3.81 -27.20
O6 NAG NA . 27.60 5.47 -28.83
O7 NAG NA . 22.60 1.93 -22.54
C1 NAG OA . 45.74 -17.01 -23.87
C2 NAG OA . 44.78 -17.90 -24.66
C3 NAG OA . 44.91 -19.40 -24.46
C4 NAG OA . 46.38 -19.79 -24.37
C5 NAG OA . 47.00 -18.93 -23.26
C6 NAG OA . 48.39 -19.45 -22.86
C7 NAG OA . 42.70 -16.72 -25.12
C8 NAG OA . 43.28 -16.34 -26.46
N2 NAG OA . 43.44 -17.46 -24.31
O3 NAG OA . 44.25 -20.04 -25.54
O4 NAG OA . 46.53 -21.16 -24.06
O5 NAG OA . 47.03 -17.58 -23.70
O6 NAG OA . 49.18 -19.65 -24.00
O7 NAG OA . 41.57 -16.36 -24.78
C1 NAG PA . 13.27 -34.53 -22.58
C2 NAG PA . 13.94 -35.91 -22.61
C3 NAG PA . 12.74 -36.82 -22.86
C4 NAG PA . 11.72 -36.68 -21.71
C5 NAG PA . 11.36 -35.20 -21.52
C6 NAG PA . 10.38 -35.02 -20.35
C7 NAG PA . 15.94 -37.03 -23.52
C8 NAG PA . 16.06 -37.88 -22.28
N2 NAG PA . 14.95 -36.14 -23.62
O3 NAG PA . 13.07 -38.19 -23.05
O4 NAG PA . 10.56 -37.43 -22.01
O5 NAG PA . 12.55 -34.47 -21.36
O6 NAG PA . 9.97 -33.67 -20.25
O7 NAG PA . 16.76 -37.20 -24.43
N ARG QA . 25.08 -14.16 -6.78
CA ARG QA . 24.74 -12.83 -6.33
CA ARG QA . 24.63 -12.83 -6.42
C ARG QA . 23.62 -12.87 -5.27
O ARG QA . 23.30 -11.88 -4.63
CB ARG QA . 24.36 -11.95 -7.56
CB ARG QA . 24.00 -12.11 -7.63
CG ARG QA . 23.83 -10.54 -7.24
CG ARG QA . 24.96 -11.49 -8.66
CD ARG QA . 24.93 -9.47 -7.08
CD ARG QA . 26.26 -12.28 -8.89
NE ARG QA . 24.46 -8.18 -6.55
NE ARG QA . 26.50 -12.63 -10.28
CZ ARG QA . 23.98 -8.01 -5.32
CZ ARG QA . 26.98 -11.78 -11.19
NH1 ARG QA . 23.86 -9.03 -4.49
NH1 ARG QA . 27.27 -10.55 -10.84
NH2 ARG QA . 23.60 -6.81 -4.90
NH2 ARG QA . 27.17 -12.17 -12.45
OXT ARG QA . 23.03 -13.92 -4.96
NA NA RA . 4.34 -19.92 -29.50
CL CL SA . 18.12 -7.60 -8.78
CA CA TA . 51.78 -22.84 47.40
#